data_7FRV
#
_entry.id   7FRV
#
_cell.length_a   208.043
_cell.length_b   112.707
_cell.length_c   188.415
_cell.angle_alpha   90.000
_cell.angle_beta   91.590
_cell.angle_gamma   90.000
#
_symmetry.space_group_name_H-M   'C 1 2 1'
#
loop_
_entity.id
_entity.type
_entity.pdbx_description
1 polymer 'Pyruvate kinase PKLR'
2 non-polymer 1,6-di-O-phosphono-beta-D-fructofuranose
3 non-polymer 'OXALATE ION'
4 non-polymer 'MAGNESIUM ION'
5 non-polymer 'POTASSIUM ION'
6 non-polymer "4,4'-sulfonyldi(benzene-1,2-diol)"
7 water water
#
_entity_poly.entity_id   1
_entity_poly.type   'polypeptide(L)'
_entity_poly.pdbx_seq_one_letter_code
;GSMEGPAGYLRRADVAQLTQELGTAFFQQQQLPAAMADTFLEHLCLLDIDSEPVAARSTSIIATIGPASRSVERLKEMIK
AGMNIARLNFSHGSHEYHAESIANVREAVESFAGSPLSYRPVAIALDTKGPGSGPGLSEQDVRDLRFGVEHGVDIVFASF
VRKASDVAAVRAALGPEGHGIKIISKIENHEGVKRFDEILEVSDGIMVARGDLGIEIPAEKVFLAQKMMIGRCNLAGKPV
VCATQMLESMITKPRPTRAETSDVANAVLDGADCIMLSGETAKGNFPVEAVKMQHAIAREAEAAVYHRQLFEELRRAAPL
SRDPTEVTAIGAVEAAFKCCAAAIIVLTTTGRSAQLLSRYRPRAAVIAVTRSAQAARQVHLCRGVFPLLYREPPEAIWAD
DVDRRVQFGIESGKLRGFLRVGDLVIVVTGWRPGSGYTNIMRVLSIS
;
_entity_poly.pdbx_strand_id   A,B,C,D,E,F,G,H
#
loop_
_chem_comp.id
_chem_comp.type
_chem_comp.name
_chem_comp.formula
FBP D-saccharide, beta linking 1,6-di-O-phosphono-beta-D-fructofuranose 'C6 H14 O12 P2'
K non-polymer 'POTASSIUM ION' 'K 1'
MG non-polymer 'MAGNESIUM ION' 'Mg 2'
OD5 non-polymer 4,4'-sulfonyldi(benzene-1,2-diol) 'C12 H10 O6 S'
OXL non-polymer 'OXALATE ION' 'C2 O4 -2'
#
# COMPACT_ATOMS: atom_id res chain seq x y z
N ALA A 25 6.56 0.12 -34.42
CA ALA A 25 6.48 -1.30 -34.77
C ALA A 25 7.85 -1.86 -35.15
N PHE A 26 8.66 -1.06 -35.87
CA PHE A 26 10.01 -1.46 -36.30
C PHE A 26 10.86 -1.82 -35.08
N PHE A 27 10.80 -1.00 -34.02
CA PHE A 27 11.60 -1.19 -32.82
C PHE A 27 11.08 -2.28 -31.87
N GLN A 28 9.92 -2.90 -32.15
CA GLN A 28 9.43 -4.00 -31.32
C GLN A 28 9.84 -5.36 -31.93
N GLN A 29 10.06 -5.42 -33.27
CA GLN A 29 10.45 -6.61 -34.01
C GLN A 29 11.95 -6.95 -33.82
N GLN A 30 12.38 -8.12 -34.34
CA GLN A 30 13.73 -8.68 -34.36
C GLN A 30 14.53 -8.50 -33.03
N GLN A 31 13.82 -8.63 -31.90
CA GLN A 31 14.39 -8.48 -30.55
C GLN A 31 15.13 -7.18 -30.35
N LEU A 32 14.69 -6.09 -31.01
CA LEU A 32 15.36 -4.81 -30.87
C LEU A 32 15.35 -4.27 -29.44
N PRO A 33 14.29 -4.40 -28.61
CA PRO A 33 14.41 -3.98 -27.19
C PRO A 33 15.55 -4.74 -26.46
N ALA A 34 15.67 -6.06 -26.68
CA ALA A 34 16.74 -6.85 -26.07
C ALA A 34 18.13 -6.46 -26.63
N ALA A 35 18.19 -6.03 -27.90
CA ALA A 35 19.44 -5.63 -28.54
C ALA A 35 19.97 -4.31 -27.98
N MET A 36 19.07 -3.41 -27.56
CA MET A 36 19.48 -2.11 -27.00
C MET A 36 19.83 -2.18 -25.50
N ALA A 37 19.70 -3.35 -24.85
CA ALA A 37 19.94 -3.47 -23.41
C ALA A 37 21.36 -3.11 -23.00
N ASP A 38 21.51 -2.56 -21.79
CA ASP A 38 22.78 -2.11 -21.26
C ASP A 38 23.65 -3.22 -20.68
N THR A 39 23.04 -4.34 -20.31
CA THR A 39 23.78 -5.49 -19.78
C THR A 39 23.27 -6.77 -20.45
N PHE A 40 24.06 -7.84 -20.42
CA PHE A 40 23.64 -9.13 -20.96
C PHE A 40 22.43 -9.67 -20.17
N LEU A 41 22.42 -9.47 -18.86
CA LEU A 41 21.30 -9.90 -18.01
C LEU A 41 20.00 -9.21 -18.45
N GLU A 42 20.04 -7.88 -18.67
CA GLU A 42 18.86 -7.14 -19.12
C GLU A 42 18.46 -7.56 -20.53
N HIS A 43 19.44 -7.91 -21.37
CA HIS A 43 19.20 -8.42 -22.72
C HIS A 43 18.36 -9.70 -22.65
N LEU A 44 18.73 -10.64 -21.75
CA LEU A 44 17.98 -11.88 -21.58
C LEU A 44 16.56 -11.59 -21.11
N CYS A 45 16.41 -10.70 -20.12
CA CYS A 45 15.12 -10.31 -19.55
C CYS A 45 14.18 -9.71 -20.59
N LEU A 46 14.73 -9.05 -21.61
CA LEU A 46 13.92 -8.41 -22.65
C LEU A 46 13.62 -9.28 -23.86
N LEU A 47 14.11 -10.54 -23.90
CA LEU A 47 13.80 -11.43 -25.03
C LEU A 47 12.29 -11.71 -25.04
N ASP A 48 11.67 -11.61 -26.22
CA ASP A 48 10.24 -11.67 -26.35
C ASP A 48 9.78 -12.65 -27.43
N ILE A 49 8.98 -13.65 -27.03
CA ILE A 49 8.45 -14.63 -28.00
C ILE A 49 7.54 -13.99 -29.06
N ASP A 50 6.97 -12.80 -28.79
CA ASP A 50 6.12 -12.08 -29.73
C ASP A 50 6.91 -11.14 -30.66
N SER A 51 8.22 -10.99 -30.45
CA SER A 51 9.05 -10.14 -31.30
C SER A 51 9.47 -10.97 -32.50
N GLU A 52 8.84 -10.72 -33.65
CA GLU A 52 9.08 -11.52 -34.85
C GLU A 52 10.37 -11.22 -35.59
N PRO A 53 11.07 -12.27 -36.05
CA PRO A 53 12.28 -12.03 -36.85
C PRO A 53 11.91 -11.41 -38.19
N VAL A 54 12.69 -10.44 -38.65
CA VAL A 54 12.41 -9.79 -39.93
C VAL A 54 13.54 -10.01 -40.91
N ALA A 55 14.78 -9.97 -40.44
CA ALA A 55 15.93 -10.18 -41.30
C ALA A 55 15.97 -11.59 -41.88
N ALA A 56 16.63 -11.73 -43.03
CA ALA A 56 16.79 -13.03 -43.66
C ALA A 56 17.70 -13.90 -42.79
N ARG A 57 17.50 -15.22 -42.85
CA ARG A 57 18.28 -16.15 -42.07
C ARG A 57 19.75 -16.15 -42.54
N SER A 58 20.66 -15.79 -41.61
CA SER A 58 22.11 -15.63 -41.79
C SER A 58 22.96 -16.88 -41.68
N THR A 59 22.60 -17.84 -40.82
CA THR A 59 23.42 -19.03 -40.60
C THR A 59 23.12 -20.05 -41.67
N SER A 60 24.13 -20.48 -42.46
CA SER A 60 23.89 -21.45 -43.52
C SER A 60 23.57 -22.84 -43.02
N ILE A 61 22.74 -23.55 -43.79
CA ILE A 61 22.37 -24.90 -43.46
C ILE A 61 23.09 -25.85 -44.40
N ILE A 62 23.82 -26.81 -43.84
CA ILE A 62 24.50 -27.84 -44.61
C ILE A 62 23.64 -29.10 -44.48
N ALA A 63 23.20 -29.68 -45.62
CA ALA A 63 22.40 -30.90 -45.57
C ALA A 63 23.17 -32.02 -46.20
N THR A 64 23.25 -33.17 -45.52
CA THR A 64 23.95 -34.32 -46.06
C THR A 64 23.06 -35.03 -47.07
N ILE A 65 23.61 -35.30 -48.26
CA ILE A 65 22.89 -35.97 -49.32
C ILE A 65 22.96 -37.49 -49.14
N GLY A 66 21.81 -38.13 -49.29
CA GLY A 66 21.70 -39.58 -49.20
C GLY A 66 20.44 -40.10 -49.85
N PRO A 67 20.08 -41.37 -49.59
CA PRO A 67 18.85 -41.93 -50.19
C PRO A 67 17.58 -41.11 -49.97
N ALA A 68 17.46 -40.43 -48.81
CA ALA A 68 16.28 -39.63 -48.52
C ALA A 68 16.27 -38.25 -49.17
N SER A 69 17.40 -37.81 -49.74
CA SER A 69 17.51 -36.47 -50.31
C SER A 69 18.29 -36.45 -51.63
N ARG A 70 18.24 -37.54 -52.40
CA ARG A 70 19.00 -37.61 -53.65
C ARG A 70 18.23 -37.24 -54.92
N SER A 71 16.90 -37.44 -54.94
CA SER A 71 16.11 -37.12 -56.13
C SER A 71 16.05 -35.63 -56.40
N VAL A 72 15.98 -35.26 -57.68
CA VAL A 72 15.93 -33.88 -58.14
C VAL A 72 14.73 -33.13 -57.55
N GLU A 73 13.57 -33.79 -57.49
CA GLU A 73 12.35 -33.18 -56.95
C GLU A 73 12.48 -32.92 -55.44
N ARG A 74 13.16 -33.84 -54.73
CA ARG A 74 13.39 -33.71 -53.28
C ARG A 74 14.37 -32.57 -53.03
N LEU A 75 15.44 -32.51 -53.83
CA LEU A 75 16.46 -31.47 -53.74
C LEU A 75 15.89 -30.07 -54.00
N LYS A 76 14.90 -29.94 -54.90
CA LYS A 76 14.26 -28.64 -55.16
C LYS A 76 13.51 -28.17 -53.92
N GLU A 77 12.85 -29.10 -53.20
CA GLU A 77 12.14 -28.77 -51.98
C GLU A 77 13.11 -28.37 -50.88
N MET A 78 14.28 -29.04 -50.82
CA MET A 78 15.29 -28.72 -49.81
CA MET A 78 15.29 -28.72 -49.81
C MET A 78 15.93 -27.37 -50.06
N ILE A 79 16.09 -26.98 -51.34
CA ILE A 79 16.64 -25.67 -51.69
C ILE A 79 15.63 -24.60 -51.25
N LYS A 80 14.34 -24.82 -51.52
CA LYS A 80 13.27 -23.89 -51.12
C LYS A 80 13.14 -23.81 -49.59
N ALA A 81 13.40 -24.93 -48.89
CA ALA A 81 13.35 -24.96 -47.42
C ALA A 81 14.55 -24.22 -46.78
N GLY A 82 15.65 -24.06 -47.50
CA GLY A 82 16.80 -23.31 -47.02
C GLY A 82 18.17 -23.94 -47.08
N MET A 83 18.32 -25.11 -47.73
CA MET A 83 19.63 -25.75 -47.85
C MET A 83 20.58 -24.86 -48.66
N ASN A 84 21.76 -24.55 -48.10
CA ASN A 84 22.74 -23.69 -48.79
C ASN A 84 23.94 -24.49 -49.27
N ILE A 85 24.28 -25.58 -48.56
CA ILE A 85 25.43 -26.40 -48.87
C ILE A 85 25.01 -27.87 -48.85
N ALA A 86 25.34 -28.60 -49.91
CA ALA A 86 25.04 -30.02 -50.02
C ALA A 86 26.30 -30.76 -49.64
N ARG A 87 26.22 -31.64 -48.63
CA ARG A 87 27.38 -32.40 -48.17
C ARG A 87 27.36 -33.82 -48.70
N LEU A 88 28.46 -34.25 -49.31
CA LEU A 88 28.59 -35.61 -49.81
C LEU A 88 29.47 -36.35 -48.85
N ASN A 89 28.92 -37.36 -48.15
CA ASN A 89 29.70 -38.11 -47.19
C ASN A 89 30.42 -39.26 -47.88
N PHE A 90 31.73 -39.09 -48.13
CA PHE A 90 32.51 -40.12 -48.79
C PHE A 90 32.85 -41.34 -47.91
N SER A 91 32.28 -41.41 -46.70
CA SER A 91 32.42 -42.60 -45.87
C SER A 91 31.51 -43.73 -46.44
N HIS A 92 30.48 -43.39 -47.24
CA HIS A 92 29.55 -44.34 -47.85
C HIS A 92 29.38 -44.02 -49.33
N GLY A 93 29.08 -45.05 -50.12
CA GLY A 93 28.84 -44.88 -51.55
C GLY A 93 30.08 -44.81 -52.42
N SER A 94 29.91 -45.16 -53.69
CA SER A 94 31.00 -45.16 -54.66
C SER A 94 31.13 -43.80 -55.35
N HIS A 95 32.19 -43.61 -56.15
CA HIS A 95 32.38 -42.40 -56.93
C HIS A 95 31.21 -42.21 -57.92
N GLU A 96 30.68 -43.31 -58.48
CA GLU A 96 29.55 -43.25 -59.40
C GLU A 96 28.30 -42.71 -58.69
N TYR A 97 28.08 -43.16 -57.44
CA TYR A 97 26.96 -42.73 -56.60
C TYR A 97 27.06 -41.22 -56.32
N HIS A 98 28.24 -40.74 -55.91
CA HIS A 98 28.45 -39.33 -55.60
C HIS A 98 28.38 -38.43 -56.82
N ALA A 99 28.85 -38.91 -58.00
CA ALA A 99 28.74 -38.13 -59.25
C ALA A 99 27.27 -37.91 -59.62
N GLU A 100 26.41 -38.91 -59.34
CA GLU A 100 24.99 -38.80 -59.62
C GLU A 100 24.36 -37.79 -58.65
N SER A 101 24.78 -37.81 -57.37
CA SER A 101 24.30 -36.87 -56.36
C SER A 101 24.65 -35.43 -56.79
N ILE A 102 25.89 -35.21 -57.24
CA ILE A 102 26.36 -33.90 -57.72
C ILE A 102 25.51 -33.42 -58.90
N ALA A 103 25.29 -34.31 -59.89
CA ALA A 103 24.48 -33.98 -61.06
C ALA A 103 23.05 -33.60 -60.68
N ASN A 104 22.46 -34.35 -59.72
CA ASN A 104 21.10 -34.07 -59.25
C ASN A 104 21.01 -32.74 -58.50
N VAL A 105 22.03 -32.42 -57.69
CA VAL A 105 22.07 -31.15 -56.97
C VAL A 105 22.14 -30.01 -57.99
N ARG A 106 23.06 -30.12 -58.96
CA ARG A 106 23.19 -29.09 -60.00
C ARG A 106 21.92 -28.93 -60.84
N GLU A 107 21.24 -30.04 -61.15
CA GLU A 107 19.99 -29.97 -61.92
C GLU A 107 18.91 -29.23 -61.12
N ALA A 108 18.77 -29.57 -59.83
CA ALA A 108 17.80 -28.91 -58.97
C ALA A 108 18.12 -27.42 -58.78
N VAL A 109 19.41 -27.08 -58.60
CA VAL A 109 19.83 -25.68 -58.43
C VAL A 109 19.56 -24.87 -59.69
N GLU A 110 19.94 -25.43 -60.86
CA GLU A 110 19.76 -24.72 -62.12
C GLU A 110 18.31 -24.61 -62.58
N SER A 111 17.39 -25.39 -62.00
CA SER A 111 15.99 -25.26 -62.34
C SER A 111 15.40 -23.89 -61.92
N PHE A 112 16.11 -23.12 -61.06
CA PHE A 112 15.70 -21.80 -60.60
C PHE A 112 16.47 -20.64 -61.29
N ALA A 113 17.41 -20.96 -62.21
CA ALA A 113 18.24 -19.97 -62.90
C ALA A 113 17.50 -19.06 -63.88
N GLY A 114 16.29 -19.44 -64.26
CA GLY A 114 15.44 -18.65 -65.16
C GLY A 114 15.07 -17.29 -64.61
N SER A 115 15.12 -17.13 -63.28
CA SER A 115 14.85 -15.86 -62.62
C SER A 115 16.13 -15.45 -61.88
N PRO A 116 17.01 -14.69 -62.55
CA PRO A 116 18.30 -14.34 -61.92
C PRO A 116 18.22 -13.50 -60.64
N LEU A 117 17.15 -12.70 -60.49
CA LEU A 117 16.99 -11.87 -59.29
C LEU A 117 16.62 -12.70 -58.04
N SER A 118 16.22 -13.97 -58.19
CA SER A 118 15.88 -14.81 -57.05
C SER A 118 16.69 -16.13 -56.96
N TYR A 119 17.55 -16.42 -57.96
CA TYR A 119 18.37 -17.62 -58.01
C TYR A 119 19.26 -17.76 -56.77
N ARG A 120 19.22 -18.95 -56.15
CA ARG A 120 20.04 -19.21 -54.97
C ARG A 120 21.15 -20.20 -55.26
N PRO A 121 22.41 -19.74 -55.21
CA PRO A 121 23.53 -20.68 -55.40
C PRO A 121 23.58 -21.71 -54.24
N VAL A 122 24.04 -22.93 -54.52
CA VAL A 122 24.16 -23.98 -53.50
C VAL A 122 25.56 -24.58 -53.61
N ALA A 123 26.35 -24.56 -52.54
CA ALA A 123 27.70 -25.11 -52.57
C ALA A 123 27.69 -26.63 -52.48
N ILE A 124 28.76 -27.28 -52.96
CA ILE A 124 28.88 -28.73 -52.86
C ILE A 124 30.15 -29.01 -52.07
N ALA A 125 29.99 -29.72 -50.95
CA ALA A 125 31.10 -30.03 -50.06
C ALA A 125 31.38 -31.53 -50.04
N LEU A 126 32.65 -31.91 -50.10
CA LEU A 126 33.05 -33.29 -50.05
C LEU A 126 33.57 -33.58 -48.66
N ASP A 127 32.95 -34.51 -47.93
CA ASP A 127 33.39 -34.88 -46.59
C ASP A 127 34.18 -36.19 -46.71
N THR A 128 35.48 -36.14 -46.41
CA THR A 128 36.35 -37.31 -46.57
C THR A 128 36.09 -38.44 -45.57
N LYS A 129 36.45 -39.66 -45.97
CA LYS A 129 36.31 -40.87 -45.17
C LYS A 129 37.23 -40.79 -43.94
N GLY A 130 38.44 -40.30 -44.12
CA GLY A 130 39.37 -40.14 -43.01
C GLY A 130 40.57 -41.05 -43.05
N PRO A 131 41.48 -40.86 -42.07
CA PRO A 131 42.71 -41.67 -42.05
C PRO A 131 42.56 -43.08 -41.49
N GLY A 132 41.51 -43.32 -40.69
CA GLY A 132 41.28 -44.59 -40.03
C GLY A 132 42.39 -44.87 -39.04
N SER A 133 43.01 -46.05 -39.15
CA SER A 133 44.14 -46.41 -38.28
C SER A 133 45.48 -45.77 -38.69
N GLY A 134 45.54 -45.17 -39.89
CA GLY A 134 46.73 -44.53 -40.43
C GLY A 134 47.17 -43.27 -39.71
N GLY A 136 48.31 -40.45 -41.42
CA GLY A 136 48.01 -39.29 -42.24
C GLY A 136 47.02 -39.58 -43.34
N LEU A 137 47.14 -38.87 -44.46
CA LEU A 137 46.24 -39.00 -45.61
C LEU A 137 46.21 -40.40 -46.22
N SER A 138 45.05 -41.03 -46.16
CA SER A 138 44.85 -42.37 -46.72
C SER A 138 44.82 -42.36 -48.25
N GLU A 139 45.03 -43.52 -48.89
CA GLU A 139 45.00 -43.62 -50.34
C GLU A 139 43.60 -43.38 -50.88
N GLN A 140 42.55 -43.80 -50.14
CA GLN A 140 41.18 -43.56 -50.58
C GLN A 140 40.88 -42.06 -50.55
N ASP A 141 41.38 -41.35 -49.53
CA ASP A 141 41.20 -39.89 -49.45
C ASP A 141 41.86 -39.19 -50.62
N VAL A 142 43.05 -39.64 -51.05
CA VAL A 142 43.72 -39.05 -52.21
C VAL A 142 42.87 -39.20 -53.47
N ARG A 143 42.27 -40.38 -53.65
CA ARG A 143 41.41 -40.64 -54.80
C ARG A 143 40.11 -39.85 -54.74
N ASP A 144 39.51 -39.74 -53.56
CA ASP A 144 38.27 -38.99 -53.35
C ASP A 144 38.48 -37.49 -53.55
N LEU A 145 39.63 -36.97 -53.10
CA LEU A 145 39.98 -35.56 -53.26
C LEU A 145 40.18 -35.24 -54.73
N ARG A 146 40.82 -36.15 -55.50
CA ARG A 146 41.01 -35.97 -56.93
C ARG A 146 39.64 -35.97 -57.63
N PHE A 147 38.71 -36.85 -57.18
CA PHE A 147 37.34 -36.90 -57.70
C PHE A 147 36.66 -35.54 -57.49
N GLY A 148 36.84 -34.95 -56.30
CA GLY A 148 36.27 -33.66 -55.96
C GLY A 148 36.75 -32.55 -56.88
N VAL A 149 38.05 -32.52 -57.16
CA VAL A 149 38.63 -31.52 -58.07
C VAL A 149 38.06 -31.70 -59.47
N GLU A 150 38.01 -32.96 -59.96
CA GLU A 150 37.50 -33.27 -61.29
C GLU A 150 36.01 -32.93 -61.44
N HIS A 151 35.24 -33.06 -60.35
CA HIS A 151 33.82 -32.75 -60.39
C HIS A 151 33.47 -31.33 -59.94
N GLY A 152 34.46 -30.50 -59.67
CA GLY A 152 34.27 -29.11 -59.30
C GLY A 152 33.61 -28.83 -57.96
N VAL A 153 33.96 -29.60 -56.92
CA VAL A 153 33.41 -29.33 -55.59
C VAL A 153 33.98 -28.00 -55.06
N ASP A 154 33.22 -27.34 -54.20
CA ASP A 154 33.60 -26.03 -53.68
C ASP A 154 34.37 -26.12 -52.37
N ILE A 155 34.03 -27.10 -51.54
CA ILE A 155 34.58 -27.24 -50.20
C ILE A 155 34.97 -28.68 -49.90
N VAL A 156 35.98 -28.86 -49.06
CA VAL A 156 36.37 -30.17 -48.55
C VAL A 156 36.24 -30.09 -47.02
N PHE A 157 35.49 -31.02 -46.41
CA PHE A 157 35.43 -31.15 -44.97
C PHE A 157 36.43 -32.27 -44.69
N ALA A 158 37.65 -31.91 -44.26
CA ALA A 158 38.70 -32.89 -44.02
C ALA A 158 38.57 -33.60 -42.68
N SER A 159 38.29 -34.92 -42.69
CA SER A 159 38.11 -35.70 -41.48
C SER A 159 39.38 -35.88 -40.66
N PHE A 160 39.21 -35.98 -39.34
CA PHE A 160 40.25 -36.21 -38.33
C PHE A 160 41.54 -35.41 -38.52
N VAL A 161 41.43 -34.07 -38.62
CA VAL A 161 42.61 -33.24 -38.74
C VAL A 161 43.22 -33.13 -37.34
N ARG A 162 44.50 -33.51 -37.19
CA ARG A 162 45.19 -33.49 -35.89
C ARG A 162 46.34 -32.50 -35.81
N LYS A 163 46.81 -31.97 -36.94
CA LYS A 163 47.95 -31.06 -36.97
C LYS A 163 47.98 -30.32 -38.31
N ALA A 164 48.80 -29.27 -38.40
CA ALA A 164 48.93 -28.47 -39.62
C ALA A 164 49.37 -29.28 -40.84
N SER A 165 50.21 -30.29 -40.66
CA SER A 165 50.68 -31.11 -41.79
C SER A 165 49.56 -31.95 -42.42
N ASP A 166 48.49 -32.27 -41.66
CA ASP A 166 47.34 -32.99 -42.21
C ASP A 166 46.64 -32.10 -43.24
N VAL A 167 46.54 -30.79 -42.96
CA VAL A 167 45.92 -29.81 -43.87
C VAL A 167 46.77 -29.67 -45.13
N ALA A 168 48.10 -29.60 -44.96
CA ALA A 168 49.02 -29.48 -46.09
C ALA A 168 48.91 -30.69 -47.01
N ALA A 169 48.73 -31.89 -46.44
CA ALA A 169 48.56 -33.10 -47.23
C ALA A 169 47.27 -33.05 -48.05
N VAL A 170 46.18 -32.54 -47.46
CA VAL A 170 44.90 -32.40 -48.17
C VAL A 170 45.06 -31.38 -49.31
N ARG A 171 45.73 -30.28 -49.03
CA ARG A 171 45.98 -29.22 -50.00
C ARG A 171 46.82 -29.77 -51.19
N ALA A 172 47.84 -30.58 -50.89
CA ALA A 172 48.68 -31.18 -51.92
C ALA A 172 47.90 -32.18 -52.77
N ALA A 173 47.03 -33.00 -52.15
CA ALA A 173 46.20 -33.97 -52.89
C ALA A 173 45.20 -33.29 -53.82
N LEU A 174 44.79 -32.05 -53.51
CA LEU A 174 43.89 -31.29 -54.39
C LEU A 174 44.62 -30.79 -55.67
N GLY A 175 45.94 -30.68 -55.61
CA GLY A 175 46.79 -30.27 -56.73
C GLY A 175 46.61 -28.85 -57.21
N PRO A 176 47.19 -28.55 -58.38
CA PRO A 176 47.07 -27.17 -58.93
C PRO A 176 45.67 -26.80 -59.41
N GLU A 177 44.86 -27.78 -59.85
CA GLU A 177 43.50 -27.49 -60.31
C GLU A 177 42.52 -27.20 -59.15
N GLY A 178 42.82 -27.72 -57.96
CA GLY A 178 41.97 -27.53 -56.78
C GLY A 178 42.47 -26.47 -55.81
N HIS A 179 43.17 -25.45 -56.31
CA HIS A 179 43.71 -24.35 -55.50
C HIS A 179 42.62 -23.51 -54.83
N GLY A 180 41.51 -23.32 -55.53
CA GLY A 180 40.39 -22.49 -55.07
C GLY A 180 39.40 -23.17 -54.16
N ILE A 181 39.55 -24.47 -53.93
CA ILE A 181 38.66 -25.22 -53.04
C ILE A 181 38.93 -24.86 -51.56
N LYS A 182 37.87 -24.61 -50.78
CA LYS A 182 38.04 -24.27 -49.37
C LYS A 182 38.26 -25.53 -48.54
N ILE A 183 39.23 -25.52 -47.63
CA ILE A 183 39.47 -26.66 -46.75
C ILE A 183 38.97 -26.33 -45.34
N ILE A 184 37.94 -27.03 -44.89
CA ILE A 184 37.38 -26.90 -43.55
C ILE A 184 37.88 -28.10 -42.76
N SER A 185 38.76 -27.89 -41.79
CA SER A 185 39.29 -28.99 -40.99
C SER A 185 38.31 -29.46 -39.92
N LYS A 186 38.02 -30.76 -39.89
CA LYS A 186 37.14 -31.33 -38.88
C LYS A 186 37.96 -31.66 -37.64
N ILE A 187 37.59 -31.10 -36.48
CA ILE A 187 38.29 -31.37 -35.23
C ILE A 187 37.48 -32.48 -34.56
N GLU A 188 38.07 -33.67 -34.46
CA GLU A 188 37.34 -34.84 -33.97
C GLU A 188 37.98 -35.57 -32.80
N ASN A 189 39.13 -35.11 -32.30
CA ASN A 189 39.80 -35.80 -31.21
C ASN A 189 40.58 -34.84 -30.30
N HIS A 190 41.16 -35.36 -29.20
CA HIS A 190 41.91 -34.55 -28.26
C HIS A 190 43.06 -33.80 -28.91
N GLU A 191 43.82 -34.48 -29.80
CA GLU A 191 44.97 -33.83 -30.45
C GLU A 191 44.56 -32.62 -31.31
N GLY A 192 43.46 -32.76 -32.04
CA GLY A 192 42.95 -31.66 -32.86
C GLY A 192 42.56 -30.47 -32.02
N VAL A 193 41.97 -30.72 -30.83
CA VAL A 193 41.59 -29.64 -29.92
C VAL A 193 42.84 -28.96 -29.37
N LYS A 194 43.83 -29.75 -28.94
CA LYS A 194 45.08 -29.22 -28.38
C LYS A 194 45.94 -28.49 -29.39
N ARG A 195 45.94 -28.94 -30.64
CA ARG A 195 46.69 -28.26 -31.70
C ARG A 195 45.82 -27.35 -32.56
N PHE A 196 44.65 -26.93 -32.04
CA PHE A 196 43.69 -26.09 -32.74
C PHE A 196 44.29 -24.86 -33.41
N ASP A 197 45.09 -24.08 -32.69
CA ASP A 197 45.65 -22.85 -33.24
C ASP A 197 46.48 -23.06 -34.49
N GLU A 198 47.31 -24.11 -34.52
CA GLU A 198 48.12 -24.40 -35.71
C GLU A 198 47.28 -24.91 -36.88
N ILE A 199 46.18 -25.62 -36.58
CA ILE A 199 45.27 -26.13 -37.59
C ILE A 199 44.48 -24.98 -38.21
N LEU A 200 43.91 -24.10 -37.37
CA LEU A 200 43.13 -22.96 -37.86
C LEU A 200 43.97 -22.03 -38.73
N GLU A 201 45.22 -21.80 -38.34
CA GLU A 201 46.13 -20.93 -39.09
C GLU A 201 46.29 -21.32 -40.55
N VAL A 202 46.32 -22.63 -40.85
CA VAL A 202 46.47 -23.11 -42.22
C VAL A 202 45.17 -23.55 -42.89
N SER A 203 44.04 -23.56 -42.16
CA SER A 203 42.76 -23.98 -42.74
C SER A 203 41.94 -22.77 -43.16
N ASP A 204 40.94 -22.98 -44.03
CA ASP A 204 40.01 -21.90 -44.36
C ASP A 204 38.93 -21.75 -43.27
N GLY A 205 38.67 -22.81 -42.52
CA GLY A 205 37.68 -22.86 -41.46
C GLY A 205 37.70 -24.17 -40.70
N ILE A 206 36.75 -24.33 -39.78
CA ILE A 206 36.73 -25.51 -38.91
C ILE A 206 35.33 -26.11 -38.81
N MET A 207 35.26 -27.42 -38.60
CA MET A 207 34.00 -28.07 -38.30
C MET A 207 34.16 -28.70 -36.92
N VAL A 208 33.22 -28.44 -36.01
CA VAL A 208 33.21 -29.05 -34.70
C VAL A 208 32.43 -30.35 -34.92
N ALA A 209 33.16 -31.45 -35.19
CA ALA A 209 32.59 -32.76 -35.49
C ALA A 209 32.32 -33.47 -34.18
N ARG A 210 31.16 -33.15 -33.58
CA ARG A 210 30.81 -33.61 -32.25
C ARG A 210 30.62 -35.11 -32.08
N GLY A 211 30.31 -35.83 -33.17
CA GLY A 211 30.13 -37.29 -33.13
C GLY A 211 31.37 -38.00 -32.64
N ASP A 212 32.46 -37.91 -33.39
CA ASP A 212 33.71 -38.54 -32.98
C ASP A 212 34.32 -37.84 -31.77
N LEU A 213 34.22 -36.50 -31.70
CA LEU A 213 34.75 -35.75 -30.55
C LEU A 213 34.16 -36.25 -29.22
N GLY A 214 32.87 -36.56 -29.23
CA GLY A 214 32.15 -37.08 -28.07
C GLY A 214 32.49 -38.49 -27.66
N ILE A 215 33.23 -39.22 -28.51
CA ILE A 215 33.72 -40.57 -28.23
C ILE A 215 35.22 -40.47 -27.83
N GLU A 216 35.98 -39.56 -28.47
CA GLU A 216 37.40 -39.35 -28.23
C GLU A 216 37.68 -38.66 -26.89
N ILE A 217 36.80 -37.73 -26.50
CA ILE A 217 36.92 -37.03 -25.22
C ILE A 217 35.63 -37.29 -24.41
N PRO A 218 35.61 -37.10 -23.08
CA PRO A 218 34.34 -37.30 -22.32
C PRO A 218 33.20 -36.47 -22.92
N ALA A 219 32.01 -37.09 -23.08
CA ALA A 219 30.85 -36.43 -23.69
C ALA A 219 30.49 -35.10 -23.03
N GLU A 220 30.64 -35.03 -21.69
CA GLU A 220 30.34 -33.83 -20.91
C GLU A 220 31.32 -32.68 -21.14
N LYS A 221 32.38 -32.87 -21.94
CA LYS A 221 33.35 -31.82 -22.25
C LYS A 221 33.21 -31.27 -23.67
N VAL A 222 32.38 -31.88 -24.52
CA VAL A 222 32.23 -31.44 -25.90
C VAL A 222 31.77 -29.99 -26.01
N PHE A 223 30.83 -29.54 -25.15
CA PHE A 223 30.36 -28.16 -25.19
C PHE A 223 31.50 -27.15 -24.97
N LEU A 224 32.51 -27.51 -24.15
CA LEU A 224 33.65 -26.61 -23.90
C LEU A 224 34.49 -26.49 -25.18
N ALA A 225 34.72 -27.62 -25.87
CA ALA A 225 35.49 -27.63 -27.11
C ALA A 225 34.73 -26.86 -28.19
N GLN A 226 33.40 -27.04 -28.28
CA GLN A 226 32.58 -26.33 -29.25
C GLN A 226 32.63 -24.82 -29.02
N LYS A 227 32.39 -24.37 -27.77
CA LYS A 227 32.37 -22.94 -27.49
C LYS A 227 33.73 -22.29 -27.69
N MET A 228 34.82 -23.00 -27.32
CA MET A 228 36.17 -22.49 -27.50
C MET A 228 36.50 -22.34 -28.99
N MET A 229 36.23 -23.39 -29.79
CA MET A 229 36.55 -23.36 -31.21
C MET A 229 35.75 -22.33 -31.97
N ILE A 230 34.46 -22.16 -31.60
CA ILE A 230 33.64 -21.15 -32.24
C ILE A 230 34.17 -19.75 -31.90
N GLY A 231 34.50 -19.52 -30.63
CA GLY A 231 35.08 -18.25 -30.20
C GLY A 231 36.39 -17.95 -30.92
N ARG A 232 37.29 -18.93 -31.03
CA ARG A 232 38.57 -18.72 -31.71
C ARG A 232 38.40 -18.48 -33.22
N CYS A 233 37.41 -19.15 -33.85
CA CYS A 233 37.14 -18.92 -35.27
C CYS A 233 36.55 -17.54 -35.49
N ASN A 234 35.66 -17.10 -34.57
CA ASN A 234 35.07 -15.76 -34.65
C ASN A 234 36.19 -14.71 -34.50
N LEU A 235 37.15 -14.95 -33.60
CA LEU A 235 38.28 -14.06 -33.39
CA LEU A 235 38.29 -14.07 -33.38
C LEU A 235 39.14 -13.98 -34.65
N ALA A 236 39.41 -15.12 -35.28
CA ALA A 236 40.20 -15.21 -36.50
C ALA A 236 39.47 -14.73 -37.76
N GLY A 237 38.15 -14.61 -37.71
CA GLY A 237 37.35 -14.23 -38.86
C GLY A 237 37.25 -15.35 -39.88
N LYS A 238 37.26 -16.60 -39.41
CA LYS A 238 37.19 -17.77 -40.28
C LYS A 238 35.93 -18.59 -39.98
N PRO A 239 35.30 -19.16 -41.02
CA PRO A 239 34.06 -19.92 -40.79
C PRO A 239 34.16 -21.12 -39.86
N VAL A 240 33.09 -21.34 -39.08
CA VAL A 240 33.03 -22.48 -38.18
C VAL A 240 31.65 -23.16 -38.33
N VAL A 241 31.66 -24.48 -38.43
CA VAL A 241 30.45 -25.27 -38.61
C VAL A 241 30.17 -26.06 -37.34
N CYS A 242 28.90 -26.06 -36.88
CA CYS A 242 28.54 -26.95 -35.78
C CYS A 242 27.85 -28.15 -36.40
N ALA A 243 28.28 -29.35 -36.01
CA ALA A 243 27.77 -30.56 -36.64
C ALA A 243 27.41 -31.68 -35.66
N THR A 244 26.53 -32.61 -36.13
CA THR A 244 26.15 -33.91 -35.57
C THR A 244 25.08 -33.89 -34.47
N GLN A 245 24.00 -34.64 -34.74
CA GLN A 245 22.88 -34.90 -33.84
C GLN A 245 22.13 -33.66 -33.41
N MET A 246 22.17 -32.58 -34.20
CA MET A 246 21.48 -31.35 -33.87
C MET A 246 19.98 -31.53 -33.80
N LEU A 247 19.39 -32.33 -34.73
CA LEU A 247 17.95 -32.63 -34.74
C LEU A 247 17.77 -34.15 -34.92
N GLU A 248 18.62 -34.97 -34.30
CA GLU A 248 18.66 -36.42 -34.42
C GLU A 248 17.31 -37.14 -34.41
N SER A 249 16.44 -36.82 -33.46
CA SER A 249 15.13 -37.46 -33.35
C SER A 249 14.25 -37.28 -34.61
N MET A 250 14.53 -36.23 -35.41
CA MET A 250 13.79 -36.00 -36.64
C MET A 250 14.10 -37.02 -37.76
N ILE A 251 15.01 -37.99 -37.50
CA ILE A 251 15.25 -39.07 -38.45
C ILE A 251 13.95 -39.94 -38.53
N THR A 252 13.26 -40.14 -37.39
CA THR A 252 12.02 -40.91 -37.37
C THR A 252 10.77 -40.09 -36.97
N LYS A 253 10.96 -38.96 -36.25
CA LYS A 253 9.82 -38.18 -35.78
C LYS A 253 9.63 -36.85 -36.52
N PRO A 254 8.37 -36.40 -36.69
CA PRO A 254 8.13 -35.14 -37.44
C PRO A 254 8.56 -33.86 -36.72
N ARG A 255 8.67 -33.90 -35.38
CA ARG A 255 9.07 -32.75 -34.58
C ARG A 255 10.29 -33.13 -33.72
N PRO A 256 11.21 -32.18 -33.49
CA PRO A 256 12.39 -32.51 -32.65
C PRO A 256 12.10 -32.40 -31.15
N THR A 257 13.06 -32.84 -30.32
CA THR A 257 12.92 -32.72 -28.87
C THR A 257 13.26 -31.27 -28.44
N ARG A 258 12.96 -30.93 -27.17
CA ARG A 258 13.26 -29.62 -26.62
C ARG A 258 14.78 -29.37 -26.54
N ALA A 259 15.57 -30.44 -26.33
CA ALA A 259 17.02 -30.31 -26.27
C ALA A 259 17.60 -30.02 -27.65
N GLU A 260 16.99 -30.58 -28.71
CA GLU A 260 17.45 -30.38 -30.08
C GLU A 260 17.23 -28.96 -30.58
N THR A 261 16.06 -28.37 -30.33
CA THR A 261 15.83 -26.98 -30.76
C THR A 261 16.77 -26.03 -30.00
N SER A 262 16.98 -26.32 -28.70
CA SER A 262 17.87 -25.57 -27.84
C SER A 262 19.31 -25.65 -28.38
N ASP A 263 19.75 -26.84 -28.80
CA ASP A 263 21.09 -27.05 -29.34
C ASP A 263 21.34 -26.24 -30.60
N VAL A 264 20.35 -26.18 -31.50
CA VAL A 264 20.47 -25.41 -32.73
C VAL A 264 20.55 -23.93 -32.39
N ALA A 265 19.66 -23.46 -31.51
CA ALA A 265 19.65 -22.05 -31.12
C ALA A 265 20.94 -21.64 -30.44
N ASN A 266 21.48 -22.52 -29.57
CA ASN A 266 22.71 -22.25 -28.84
C ASN A 266 23.93 -22.29 -29.73
N ALA A 267 23.94 -23.11 -30.79
CA ALA A 267 25.08 -23.13 -31.73
C ALA A 267 25.14 -21.77 -32.46
N VAL A 268 23.98 -21.23 -32.83
CA VAL A 268 23.88 -19.93 -33.49
C VAL A 268 24.30 -18.83 -32.50
N LEU A 269 23.80 -18.88 -31.26
CA LEU A 269 24.17 -17.89 -30.25
C LEU A 269 25.67 -17.97 -29.89
N ASP A 270 26.28 -19.18 -29.97
CA ASP A 270 27.71 -19.38 -29.73
C ASP A 270 28.54 -18.60 -30.78
N GLY A 271 28.03 -18.52 -32.00
CA GLY A 271 28.68 -17.80 -33.09
C GLY A 271 28.98 -18.65 -34.32
N ALA A 272 28.33 -19.83 -34.45
CA ALA A 272 28.57 -20.71 -35.60
C ALA A 272 28.13 -20.05 -36.91
N ASP A 273 28.96 -20.16 -37.94
CA ASP A 273 28.62 -19.63 -39.25
C ASP A 273 27.63 -20.57 -39.96
N CYS A 274 27.78 -21.89 -39.77
CA CYS A 274 26.94 -22.91 -40.38
C CYS A 274 26.48 -23.92 -39.35
N ILE A 275 25.31 -24.50 -39.61
CA ILE A 275 24.77 -25.59 -38.83
C ILE A 275 24.53 -26.76 -39.80
N MET A 276 24.65 -27.99 -39.31
CA MET A 276 24.60 -29.16 -40.18
C MET A 276 23.56 -30.19 -39.82
N LEU A 277 23.09 -30.92 -40.85
CA LEU A 277 22.18 -32.05 -40.74
C LEU A 277 22.88 -33.24 -41.38
N SER A 278 22.91 -34.37 -40.68
CA SER A 278 23.55 -35.58 -41.20
C SER A 278 22.49 -36.65 -41.56
N GLY A 279 22.23 -37.62 -40.69
CA GLY A 279 21.20 -38.63 -40.90
C GLY A 279 19.83 -38.04 -41.09
N GLU A 280 19.57 -36.86 -40.50
CA GLU A 280 18.28 -36.17 -40.60
C GLU A 280 17.89 -35.92 -42.05
N THR A 281 18.88 -35.62 -42.92
CA THR A 281 18.63 -35.37 -44.33
C THR A 281 19.09 -36.51 -45.24
N ALA A 282 20.14 -37.25 -44.83
CA ALA A 282 20.67 -38.32 -45.63
C ALA A 282 19.77 -39.55 -45.67
N LYS A 283 19.21 -39.97 -44.52
CA LYS A 283 18.42 -41.20 -44.47
C LYS A 283 17.09 -41.11 -43.75
N GLY A 284 16.80 -39.98 -43.13
CA GLY A 284 15.60 -39.82 -42.34
C GLY A 284 14.30 -39.72 -43.11
N ASN A 285 13.19 -39.82 -42.38
CA ASN A 285 11.86 -39.74 -42.96
C ASN A 285 11.37 -38.31 -43.17
N PHE A 286 12.05 -37.31 -42.58
CA PHE A 286 11.61 -35.91 -42.70
C PHE A 286 12.77 -34.95 -43.10
N PRO A 287 13.45 -35.19 -44.23
CA PRO A 287 14.59 -34.33 -44.59
C PRO A 287 14.24 -32.86 -44.81
N VAL A 288 13.14 -32.59 -45.52
CA VAL A 288 12.71 -31.21 -45.78
C VAL A 288 12.30 -30.52 -44.49
N GLU A 289 11.58 -31.23 -43.62
CA GLU A 289 11.12 -30.68 -42.35
C GLU A 289 12.31 -30.35 -41.42
N ALA A 290 13.38 -31.16 -41.48
CA ALA A 290 14.58 -30.93 -40.67
C ALA A 290 15.26 -29.63 -41.14
N VAL A 291 15.31 -29.39 -42.46
CA VAL A 291 15.88 -28.16 -43.00
C VAL A 291 15.02 -26.97 -42.57
N LYS A 292 13.69 -27.09 -42.68
CA LYS A 292 12.76 -26.04 -42.28
C LYS A 292 12.89 -25.69 -40.79
N MET A 293 13.09 -26.71 -39.95
CA MET A 293 13.23 -26.51 -38.52
C MET A 293 14.53 -25.76 -38.20
N GLN A 294 15.65 -26.13 -38.84
CA GLN A 294 16.91 -25.41 -38.63
C GLN A 294 16.79 -23.97 -39.09
N HIS A 295 16.10 -23.75 -40.23
CA HIS A 295 15.86 -22.40 -40.74
C HIS A 295 15.07 -21.57 -39.73
N ALA A 296 13.96 -22.12 -39.21
CA ALA A 296 13.09 -21.42 -38.26
C ALA A 296 13.82 -21.06 -36.99
N ILE A 297 14.60 -22.00 -36.42
CA ILE A 297 15.35 -21.76 -35.19
C ILE A 297 16.47 -20.74 -35.40
N ALA A 298 17.29 -20.90 -36.46
CA ALA A 298 18.39 -19.97 -36.74
C ALA A 298 17.91 -18.54 -36.87
N ARG A 299 16.78 -18.32 -37.54
CA ARG A 299 16.22 -16.98 -37.69
C ARG A 299 15.88 -16.36 -36.33
N GLU A 300 15.26 -17.14 -35.43
CA GLU A 300 14.90 -16.67 -34.11
C GLU A 300 16.16 -16.39 -33.29
N ALA A 301 17.17 -17.27 -33.37
CA ALA A 301 18.40 -17.14 -32.60
C ALA A 301 19.28 -16.01 -33.06
N GLU A 302 19.32 -15.72 -34.36
CA GLU A 302 20.11 -14.61 -34.90
C GLU A 302 19.60 -13.27 -34.39
N ALA A 303 18.28 -13.11 -34.27
CA ALA A 303 17.70 -11.88 -33.74
C ALA A 303 18.01 -11.74 -32.24
N ALA A 304 18.17 -12.85 -31.51
CA ALA A 304 18.46 -12.86 -30.07
C ALA A 304 19.96 -12.64 -29.76
N VAL A 305 20.82 -12.47 -30.77
CA VAL A 305 22.24 -12.20 -30.55
C VAL A 305 22.37 -10.81 -29.90
N TYR A 306 23.21 -10.69 -28.87
CA TYR A 306 23.40 -9.43 -28.17
C TYR A 306 24.47 -8.62 -28.92
N HIS A 307 24.09 -8.00 -30.05
CA HIS A 307 25.02 -7.25 -30.90
C HIS A 307 25.78 -6.15 -30.18
N ARG A 308 25.17 -5.49 -29.21
CA ARG A 308 25.83 -4.40 -28.49
C ARG A 308 27.18 -4.83 -27.89
N GLN A 309 27.20 -5.96 -27.17
CA GLN A 309 28.44 -6.45 -26.59
C GLN A 309 29.28 -7.18 -27.63
N LEU A 310 28.64 -8.00 -28.47
CA LEU A 310 29.34 -8.75 -29.51
C LEU A 310 30.16 -7.85 -30.45
N PHE A 311 29.56 -6.80 -31.01
CA PHE A 311 30.27 -5.90 -31.91
C PHE A 311 31.38 -5.21 -31.18
N GLU A 312 31.13 -4.74 -29.96
CA GLU A 312 32.19 -4.10 -29.19
C GLU A 312 33.40 -5.01 -28.97
N GLU A 313 33.15 -6.27 -28.61
CA GLU A 313 34.23 -7.21 -28.39
C GLU A 313 34.94 -7.61 -29.66
N LEU A 314 34.20 -7.82 -30.76
CA LEU A 314 34.81 -8.18 -32.04
C LEU A 314 35.64 -7.03 -32.56
N ARG A 315 35.12 -5.81 -32.46
CA ARG A 315 35.79 -4.60 -32.86
C ARG A 315 37.09 -4.42 -32.06
N ARG A 316 37.04 -4.58 -30.73
CA ARG A 316 38.21 -4.41 -29.88
C ARG A 316 39.26 -5.49 -30.15
N ALA A 317 38.81 -6.74 -30.35
CA ALA A 317 39.72 -7.85 -30.55
C ALA A 317 40.36 -7.94 -31.94
N ALA A 318 39.70 -7.44 -32.99
CA ALA A 318 40.27 -7.48 -34.33
C ALA A 318 41.46 -6.52 -34.38
N PRO A 319 42.65 -6.98 -34.78
CA PRO A 319 43.83 -6.13 -34.73
C PRO A 319 43.81 -4.92 -35.61
N LEU A 320 44.63 -3.90 -35.27
CA LEU A 320 44.79 -2.71 -36.12
C LEU A 320 45.36 -3.17 -37.47
N SER A 321 44.96 -2.51 -38.55
CA SER A 321 45.36 -2.98 -39.88
C SER A 321 45.59 -1.89 -40.83
N ARG A 322 46.53 -2.09 -41.74
CA ARG A 322 46.76 -1.13 -42.81
CA ARG A 322 46.78 -1.13 -42.80
C ARG A 322 46.24 -1.64 -44.18
N ASP A 323 45.48 -2.75 -44.18
CA ASP A 323 44.88 -3.32 -45.37
C ASP A 323 43.58 -2.55 -45.62
N PRO A 324 43.45 -1.87 -46.78
CA PRO A 324 42.23 -1.07 -47.03
C PRO A 324 40.93 -1.85 -47.04
N THR A 325 40.93 -3.13 -47.40
CA THR A 325 39.70 -3.92 -47.38
C THR A 325 39.26 -4.11 -45.92
N GLU A 326 40.22 -4.41 -45.03
CA GLU A 326 39.98 -4.59 -43.59
C GLU A 326 39.49 -3.26 -42.96
N VAL A 327 40.11 -2.15 -43.32
CA VAL A 327 39.75 -0.82 -42.84
C VAL A 327 38.35 -0.41 -43.30
N THR A 328 38.05 -0.66 -44.58
CA THR A 328 36.73 -0.33 -45.14
C THR A 328 35.66 -1.18 -44.48
N ALA A 329 35.94 -2.46 -44.26
CA ALA A 329 34.98 -3.38 -43.65
C ALA A 329 34.48 -2.92 -42.27
N ILE A 330 35.41 -2.48 -41.38
CA ILE A 330 35.05 -2.00 -40.04
C ILE A 330 34.25 -0.70 -40.16
N GLY A 331 34.67 0.19 -41.05
CA GLY A 331 33.95 1.44 -41.28
C GLY A 331 32.53 1.21 -41.76
N ALA A 332 32.35 0.25 -42.67
CA ALA A 332 31.05 -0.09 -43.24
C ALA A 332 30.10 -0.73 -42.22
N VAL A 333 30.60 -1.65 -41.37
CA VAL A 333 29.78 -2.28 -40.36
C VAL A 333 29.36 -1.27 -39.28
N GLU A 334 30.27 -0.36 -38.92
CA GLU A 334 29.98 0.69 -37.97
C GLU A 334 28.89 1.62 -38.55
N ALA A 335 29.05 2.02 -39.83
CA ALA A 335 28.07 2.86 -40.52
C ALA A 335 26.70 2.18 -40.60
N ALA A 336 26.66 0.87 -40.87
CA ALA A 336 25.42 0.11 -40.95
C ALA A 336 24.66 0.11 -39.62
N PHE A 337 25.38 -0.06 -38.49
CA PHE A 337 24.72 -0.04 -37.19
C PHE A 337 24.19 1.37 -36.84
N LYS A 338 24.93 2.40 -37.22
CA LYS A 338 24.54 3.79 -36.96
C LYS A 338 23.17 4.16 -37.54
N CYS A 339 22.89 3.68 -38.76
CA CYS A 339 21.64 4.03 -39.44
C CYS A 339 20.64 2.90 -39.52
N CYS A 340 20.89 1.73 -38.87
CA CYS A 340 20.00 0.57 -38.97
C CYS A 340 19.85 0.17 -40.43
N ALA A 341 20.99 0.16 -41.17
CA ALA A 341 21.00 -0.17 -42.59
C ALA A 341 20.37 -1.53 -42.85
N ALA A 342 19.54 -1.61 -43.88
CA ALA A 342 18.88 -2.86 -44.23
C ALA A 342 19.89 -3.87 -44.78
N ALA A 343 20.92 -3.39 -45.48
CA ALA A 343 21.92 -4.27 -46.06
C ALA A 343 23.25 -3.54 -46.31
N ILE A 344 24.32 -4.32 -46.47
CA ILE A 344 25.62 -3.86 -46.89
C ILE A 344 25.79 -4.59 -48.24
N ILE A 345 25.84 -3.84 -49.35
CA ILE A 345 26.01 -4.44 -50.66
C ILE A 345 27.48 -4.36 -50.98
N VAL A 346 28.12 -5.50 -51.24
CA VAL A 346 29.55 -5.51 -51.51
C VAL A 346 29.86 -6.20 -52.83
N LEU A 347 30.80 -5.64 -53.61
CA LEU A 347 31.22 -6.27 -54.85
C LEU A 347 32.43 -7.09 -54.48
N THR A 348 32.43 -8.37 -54.86
CA THR A 348 33.56 -9.24 -54.53
C THR A 348 33.87 -10.23 -55.64
N THR A 349 35.17 -10.49 -55.86
CA THR A 349 35.59 -11.42 -56.88
C THR A 349 35.81 -12.78 -56.26
N THR A 350 36.52 -12.84 -55.13
CA THR A 350 36.83 -14.08 -54.42
C THR A 350 35.95 -14.37 -53.21
N GLY A 351 35.18 -13.38 -52.76
CA GLY A 351 34.39 -13.50 -51.55
C GLY A 351 35.04 -12.83 -50.34
N ARG A 352 36.36 -12.49 -50.44
CA ARG A 352 37.12 -11.91 -49.33
C ARG A 352 36.54 -10.62 -48.73
N SER A 353 36.11 -9.65 -49.56
CA SER A 353 35.54 -8.40 -49.03
C SER A 353 34.26 -8.70 -48.21
N ALA A 354 33.47 -9.69 -48.63
CA ALA A 354 32.25 -10.08 -47.91
C ALA A 354 32.61 -10.78 -46.60
N GLN A 355 33.65 -11.62 -46.62
CA GLN A 355 34.12 -12.33 -45.43
C GLN A 355 34.60 -11.34 -44.34
N LEU A 356 35.33 -10.28 -44.76
CA LEU A 356 35.81 -9.28 -43.82
C LEU A 356 34.67 -8.43 -43.22
N LEU A 357 33.55 -8.31 -43.92
CA LEU A 357 32.38 -7.61 -43.38
C LEU A 357 31.68 -8.55 -42.37
N SER A 358 31.54 -9.84 -42.73
CA SER A 358 30.90 -10.90 -41.96
C SER A 358 31.55 -11.14 -40.59
N ARG A 359 32.86 -10.99 -40.52
CA ARG A 359 33.60 -11.21 -39.28
C ARG A 359 33.18 -10.26 -38.13
N TYR A 360 32.60 -9.11 -38.47
CA TYR A 360 32.09 -8.15 -37.48
C TYR A 360 30.64 -8.37 -37.08
N ARG A 361 30.03 -9.43 -37.60
CA ARG A 361 28.66 -9.80 -37.31
C ARG A 361 27.65 -8.66 -37.40
N PRO A 362 27.57 -7.97 -38.56
CA PRO A 362 26.55 -6.92 -38.68
C PRO A 362 25.13 -7.51 -38.60
N ARG A 363 24.17 -6.72 -38.16
CA ARG A 363 22.77 -7.13 -38.18
C ARG A 363 22.28 -7.01 -39.66
N ALA A 364 22.81 -6.02 -40.41
CA ALA A 364 22.52 -5.80 -41.82
C ALA A 364 23.01 -6.98 -42.64
N ALA A 365 22.17 -7.46 -43.57
CA ALA A 365 22.53 -8.56 -44.45
C ALA A 365 23.70 -8.12 -45.34
N VAL A 366 24.67 -8.99 -45.59
CA VAL A 366 25.78 -8.64 -46.48
C VAL A 366 25.43 -9.25 -47.85
N ILE A 367 24.97 -8.42 -48.78
CA ILE A 367 24.60 -8.88 -50.11
C ILE A 367 25.84 -8.84 -50.98
N ALA A 368 26.39 -10.01 -51.31
CA ALA A 368 27.63 -10.08 -52.09
C ALA A 368 27.35 -10.31 -53.57
N VAL A 369 27.55 -9.27 -54.41
CA VAL A 369 27.37 -9.35 -55.87
C VAL A 369 28.69 -9.81 -56.49
N THR A 370 28.71 -11.01 -57.11
CA THR A 370 29.91 -11.57 -57.70
C THR A 370 29.62 -12.19 -59.06
N ARG A 371 30.63 -12.18 -59.94
CA ARG A 371 30.54 -12.84 -61.25
C ARG A 371 30.97 -14.29 -61.13
N SER A 372 31.85 -14.62 -60.15
CA SER A 372 32.31 -15.98 -59.93
C SER A 372 31.21 -16.87 -59.37
N ALA A 373 30.89 -17.98 -60.05
CA ALA A 373 29.90 -18.92 -59.56
C ALA A 373 30.47 -19.69 -58.35
N GLN A 374 31.77 -20.01 -58.35
CA GLN A 374 32.39 -20.70 -57.24
C GLN A 374 32.39 -19.84 -55.97
N ALA A 375 32.80 -18.55 -56.07
CA ALA A 375 32.81 -17.65 -54.92
C ALA A 375 31.39 -17.48 -54.37
N ALA A 376 30.39 -17.41 -55.26
CA ALA A 376 28.99 -17.28 -54.84
C ALA A 376 28.56 -18.50 -53.99
N ARG A 377 29.03 -19.69 -54.35
CA ARG A 377 28.72 -20.89 -53.60
C ARG A 377 29.50 -20.93 -52.28
N GLN A 378 30.78 -20.60 -52.32
CA GLN A 378 31.64 -20.67 -51.14
C GLN A 378 31.33 -19.66 -50.05
N VAL A 379 30.80 -18.45 -50.38
CA VAL A 379 30.52 -17.46 -49.34
C VAL A 379 29.38 -17.87 -48.41
N HIS A 380 28.67 -18.97 -48.72
CA HIS A 380 27.67 -19.52 -47.79
C HIS A 380 28.36 -19.95 -46.46
N LEU A 381 29.69 -20.19 -46.49
CA LEU A 381 30.42 -20.54 -45.29
C LEU A 381 30.46 -19.37 -44.28
N CYS A 382 30.31 -18.11 -44.73
CA CYS A 382 30.37 -16.94 -43.87
C CYS A 382 28.99 -16.46 -43.46
N ARG A 383 28.73 -16.40 -42.14
CA ARG A 383 27.42 -15.95 -41.66
C ARG A 383 27.00 -14.59 -42.20
N GLY A 384 25.75 -14.50 -42.61
CA GLY A 384 25.15 -13.26 -43.06
C GLY A 384 25.55 -12.77 -44.44
N VAL A 385 26.22 -13.63 -45.23
CA VAL A 385 26.56 -13.26 -46.61
C VAL A 385 25.55 -13.94 -47.52
N PHE A 386 24.83 -13.13 -48.30
CA PHE A 386 23.81 -13.56 -49.26
C PHE A 386 24.38 -13.37 -50.67
N PRO A 387 24.84 -14.46 -51.29
CA PRO A 387 25.45 -14.34 -52.62
C PRO A 387 24.47 -14.14 -53.77
N LEU A 388 24.79 -13.20 -54.65
CA LEU A 388 24.02 -12.92 -55.85
C LEU A 388 24.96 -13.11 -57.01
N LEU A 389 24.65 -14.08 -57.90
CA LEU A 389 25.49 -14.34 -59.05
C LEU A 389 25.07 -13.44 -60.20
N TYR A 390 25.96 -12.53 -60.60
CA TYR A 390 25.74 -11.52 -61.63
C TYR A 390 25.86 -12.10 -63.05
N ARG A 391 24.75 -12.10 -63.79
CA ARG A 391 24.68 -12.62 -65.17
C ARG A 391 24.02 -11.59 -66.11
N GLU A 392 24.22 -10.30 -65.85
CA GLU A 392 23.65 -9.26 -66.70
CA GLU A 392 23.66 -9.23 -66.69
C GLU A 392 24.71 -8.79 -67.69
N PRO A 393 24.31 -8.24 -68.86
CA PRO A 393 25.31 -7.80 -69.84
C PRO A 393 26.33 -6.81 -69.27
N PRO A 394 27.59 -6.93 -69.70
CA PRO A 394 28.62 -6.01 -69.21
C PRO A 394 28.43 -4.60 -69.74
N GLU A 395 28.99 -3.63 -69.01
CA GLU A 395 28.99 -2.23 -69.43
C GLU A 395 30.41 -1.91 -69.94
N ALA A 396 30.51 -0.98 -70.89
CA ALA A 396 31.79 -0.61 -71.49
C ALA A 396 32.64 0.20 -70.49
N ILE A 397 31.99 1.10 -69.75
CA ILE A 397 32.66 1.93 -68.74
C ILE A 397 32.70 1.19 -67.40
N TRP A 398 33.92 0.89 -66.86
CA TRP A 398 34.08 0.16 -65.59
C TRP A 398 33.23 0.77 -64.45
N ALA A 399 33.21 2.10 -64.32
CA ALA A 399 32.40 2.78 -63.31
C ALA A 399 30.90 2.50 -63.49
N ASP A 400 30.41 2.49 -64.75
CA ASP A 400 29.01 2.16 -65.07
C ASP A 400 28.74 0.67 -64.79
N ASP A 401 29.73 -0.19 -64.98
CA ASP A 401 29.58 -1.61 -64.74
C ASP A 401 29.43 -1.88 -63.22
N VAL A 402 30.21 -1.15 -62.40
CA VAL A 402 30.20 -1.21 -60.95
C VAL A 402 28.82 -0.74 -60.48
N ASP A 403 28.37 0.45 -60.94
CA ASP A 403 27.05 1.00 -60.57
CA ASP A 403 27.06 1.00 -60.56
C ASP A 403 25.90 0.08 -60.94
N ARG A 404 26.06 -0.69 -62.03
CA ARG A 404 25.02 -1.61 -62.46
C ARG A 404 24.94 -2.84 -61.53
N ARG A 405 26.11 -3.32 -61.07
CA ARG A 405 26.15 -4.43 -60.12
C ARG A 405 25.53 -4.00 -58.77
N VAL A 406 25.73 -2.74 -58.36
CA VAL A 406 25.14 -2.18 -57.15
C VAL A 406 23.61 -2.14 -57.30
N GLN A 407 23.10 -1.59 -58.44
CA GLN A 407 21.65 -1.54 -58.71
C GLN A 407 21.05 -2.96 -58.81
N PHE A 408 21.84 -3.94 -59.27
CA PHE A 408 21.41 -5.31 -59.32
C PHE A 408 21.19 -5.87 -57.90
N GLY A 409 22.11 -5.53 -56.98
CA GLY A 409 22.03 -5.94 -55.58
C GLY A 409 20.79 -5.37 -54.94
N ILE A 410 20.47 -4.10 -55.26
CA ILE A 410 19.28 -3.41 -54.81
C ILE A 410 17.98 -4.03 -55.36
N GLU A 411 17.94 -4.36 -56.67
CA GLU A 411 16.75 -4.97 -57.26
C GLU A 411 16.53 -6.37 -56.71
N SER A 412 17.60 -7.20 -56.62
CA SER A 412 17.47 -8.53 -56.01
C SER A 412 17.04 -8.41 -54.53
N GLY A 413 17.57 -7.40 -53.84
CA GLY A 413 17.24 -7.14 -52.45
C GLY A 413 15.78 -6.79 -52.28
N LYS A 414 15.24 -5.98 -53.18
CA LYS A 414 13.84 -5.58 -53.14
C LYS A 414 12.95 -6.78 -53.41
N LEU A 415 13.26 -7.58 -54.43
CA LEU A 415 12.47 -8.75 -54.79
C LEU A 415 12.44 -9.78 -53.65
N ARG A 416 13.58 -9.99 -52.99
CA ARG A 416 13.66 -10.97 -51.91
C ARG A 416 13.20 -10.48 -50.54
N GLY A 417 12.81 -9.21 -50.43
CA GLY A 417 12.32 -8.66 -49.17
C GLY A 417 13.37 -8.07 -48.25
N PHE A 418 14.65 -8.06 -48.68
CA PHE A 418 15.73 -7.48 -47.89
C PHE A 418 15.62 -5.97 -47.80
N LEU A 419 15.16 -5.32 -48.89
CA LEU A 419 15.12 -3.86 -49.00
C LEU A 419 13.78 -3.34 -49.44
N ARG A 420 13.47 -2.11 -49.03
CA ARG A 420 12.28 -1.36 -49.42
C ARG A 420 12.70 0.09 -49.71
N VAL A 421 11.87 0.83 -50.46
CA VAL A 421 12.13 2.24 -50.75
C VAL A 421 12.17 3.03 -49.44
N GLY A 422 13.17 3.89 -49.30
CA GLY A 422 13.35 4.63 -48.06
C GLY A 422 14.41 4.05 -47.14
N ASP A 423 14.80 2.77 -47.35
CA ASP A 423 15.84 2.13 -46.54
C ASP A 423 17.20 2.75 -46.85
N LEU A 424 18.13 2.64 -45.89
CA LEU A 424 19.50 3.04 -46.11
C LEU A 424 20.33 1.77 -46.30
N VAL A 425 21.28 1.83 -47.21
CA VAL A 425 22.20 0.71 -47.44
C VAL A 425 23.61 1.25 -47.42
N ILE A 426 24.57 0.38 -47.13
CA ILE A 426 25.98 0.72 -47.20
C ILE A 426 26.50 -0.02 -48.40
N VAL A 427 27.23 0.65 -49.30
CA VAL A 427 27.75 0.01 -50.51
C VAL A 427 29.28 0.00 -50.45
N VAL A 428 29.87 -1.19 -50.58
CA VAL A 428 31.30 -1.40 -50.49
C VAL A 428 31.87 -1.81 -51.84
N THR A 429 32.75 -0.96 -52.41
CA THR A 429 33.39 -1.17 -53.71
C THR A 429 34.92 -0.87 -53.61
N GLY A 430 35.64 -1.01 -54.73
CA GLY A 430 37.06 -0.74 -54.82
C GLY A 430 37.37 0.33 -55.86
N TRP A 431 38.63 0.77 -55.91
CA TRP A 431 39.02 1.86 -56.79
C TRP A 431 39.43 1.43 -58.21
N ARG A 432 39.69 0.12 -58.42
CA ARG A 432 40.09 -0.42 -59.71
C ARG A 432 39.61 -1.87 -59.86
N PRO A 433 39.50 -2.42 -61.10
CA PRO A 433 39.08 -3.82 -61.27
C PRO A 433 40.08 -4.82 -60.67
N GLY A 434 39.63 -6.04 -60.46
CA GLY A 434 40.47 -7.09 -59.89
C GLY A 434 40.34 -7.19 -58.38
N SER A 435 40.61 -8.36 -57.84
CA SER A 435 40.53 -8.65 -56.40
C SER A 435 41.60 -7.88 -55.61
N GLY A 436 41.28 -7.52 -54.37
CA GLY A 436 42.21 -6.90 -53.44
C GLY A 436 42.24 -5.39 -53.36
N TYR A 437 41.32 -4.71 -54.05
CA TYR A 437 41.34 -3.24 -54.06
C TYR A 437 40.14 -2.58 -53.43
N THR A 438 39.36 -3.30 -52.61
CA THR A 438 38.21 -2.68 -51.91
C THR A 438 38.73 -1.56 -50.99
N ASN A 439 38.16 -0.36 -51.11
CA ASN A 439 38.59 0.77 -50.30
C ASN A 439 37.51 1.85 -50.16
N ILE A 440 36.27 1.59 -50.63
CA ILE A 440 35.23 2.61 -50.63
C ILE A 440 33.96 2.16 -49.95
N MET A 441 33.38 3.06 -49.14
CA MET A 441 32.11 2.82 -48.49
CA MET A 441 32.13 2.85 -48.43
C MET A 441 31.19 4.01 -48.77
N ARG A 442 29.95 3.73 -49.18
CA ARG A 442 29.00 4.78 -49.53
C ARG A 442 27.65 4.56 -48.82
N VAL A 443 27.01 5.65 -48.41
CA VAL A 443 25.69 5.56 -47.78
C VAL A 443 24.66 5.90 -48.85
N LEU A 444 23.81 4.94 -49.21
CA LEU A 444 22.83 5.11 -50.28
C LEU A 444 21.39 4.94 -49.80
N SER A 445 20.51 5.86 -50.20
CA SER A 445 19.09 5.79 -49.87
C SER A 445 18.38 5.03 -50.99
N ILE A 446 17.60 4.00 -50.65
CA ILE A 446 16.90 3.20 -51.64
C ILE A 446 15.74 3.94 -52.30
N SER A 447 15.81 4.01 -53.65
CA SER A 447 14.89 4.61 -54.62
C SER A 447 14.74 6.12 -54.46
N ARG B 12 48.28 -7.21 -26.64
CA ARG B 12 49.35 -7.23 -27.61
C ARG B 12 48.93 -7.84 -28.96
N ALA B 13 48.10 -8.89 -28.97
CA ALA B 13 47.67 -9.52 -30.22
C ALA B 13 46.90 -8.57 -31.15
N ASP B 14 46.16 -7.61 -30.58
CA ASP B 14 45.41 -6.63 -31.36
C ASP B 14 46.31 -5.52 -31.97
N VAL B 15 47.58 -5.41 -31.54
CA VAL B 15 48.49 -4.40 -32.07
C VAL B 15 49.80 -4.98 -32.61
N ALA B 16 50.02 -6.31 -32.51
CA ALA B 16 51.27 -6.96 -32.86
C ALA B 16 51.71 -6.75 -34.33
N GLN B 17 50.84 -7.02 -35.32
CA GLN B 17 51.19 -6.84 -36.72
C GLN B 17 51.48 -5.39 -37.04
N LEU B 18 50.66 -4.45 -36.52
CA LEU B 18 50.91 -3.03 -36.77
C LEU B 18 52.15 -2.52 -36.05
N THR B 19 52.53 -3.14 -34.93
CA THR B 19 53.75 -2.78 -34.20
C THR B 19 54.96 -3.24 -35.01
N GLN B 20 54.90 -4.44 -35.57
CA GLN B 20 55.96 -4.95 -36.42
C GLN B 20 56.14 -4.06 -37.67
N GLU B 21 55.04 -3.58 -38.26
CA GLU B 21 55.06 -2.73 -39.44
C GLU B 21 55.48 -1.27 -39.20
N LEU B 22 54.87 -0.63 -38.20
CA LEU B 22 55.17 0.77 -37.92
C LEU B 22 56.34 0.97 -36.94
N GLY B 23 56.69 -0.05 -36.19
CA GLY B 23 57.81 0.00 -35.25
C GLY B 23 57.42 0.31 -33.83
N THR B 24 58.22 -0.16 -32.86
CA THR B 24 57.98 0.09 -31.46
C THR B 24 58.12 1.57 -31.15
N ALA B 25 59.00 2.33 -31.85
CA ALA B 25 59.11 3.76 -31.59
C ALA B 25 57.80 4.51 -31.83
N PHE B 26 57.07 4.15 -32.91
CA PHE B 26 55.79 4.75 -33.24
C PHE B 26 54.79 4.55 -32.09
N PHE B 27 54.73 3.34 -31.54
CA PHE B 27 53.80 2.98 -30.48
C PHE B 27 54.23 3.46 -29.09
N GLN B 28 55.40 4.09 -28.94
CA GLN B 28 55.81 4.65 -27.65
C GLN B 28 55.45 6.15 -27.59
N GLN B 29 55.34 6.83 -28.75
CA GLN B 29 55.00 8.23 -28.87
C GLN B 29 53.51 8.50 -28.66
N GLN B 30 53.13 9.79 -28.59
CA GLN B 30 51.77 10.35 -28.44
C GLN B 30 50.88 9.57 -27.42
N GLN B 31 51.48 9.13 -26.31
CA GLN B 31 50.81 8.39 -25.25
C GLN B 31 50.05 7.18 -25.75
N LEU B 32 50.54 6.54 -26.83
CA LEU B 32 49.86 5.37 -27.38
C LEU B 32 49.77 4.22 -26.38
N PRO B 33 50.76 3.90 -25.51
CA PRO B 33 50.54 2.83 -24.52
C PRO B 33 49.36 3.18 -23.59
N ALA B 34 49.24 4.44 -23.17
CA ALA B 34 48.14 4.87 -22.31
C ALA B 34 46.80 4.84 -23.07
N ALA B 35 46.83 5.11 -24.37
CA ALA B 35 45.63 5.09 -25.22
C ALA B 35 45.09 3.67 -25.42
N MET B 36 45.96 2.65 -25.45
CA MET B 36 45.52 1.27 -25.64
C MET B 36 45.11 0.58 -24.32
N ALA B 37 45.18 1.28 -23.17
CA ALA B 37 44.88 0.66 -21.88
C ALA B 37 43.43 0.16 -21.79
N ASP B 38 43.22 -0.92 -21.03
CA ASP B 38 41.89 -1.51 -20.88
C ASP B 38 40.99 -0.78 -19.89
N THR B 39 41.58 -0.01 -18.96
CA THR B 39 40.81 0.75 -17.96
C THR B 39 41.34 2.17 -17.86
N PHE B 40 40.54 3.11 -17.33
CA PHE B 40 40.97 4.49 -17.14
C PHE B 40 42.13 4.55 -16.11
N LEU B 41 42.06 3.72 -15.07
CA LEU B 41 43.13 3.63 -14.07
C LEU B 41 44.45 3.22 -14.72
N GLU B 42 44.43 2.17 -15.58
CA GLU B 42 45.64 1.73 -16.27
C GLU B 42 46.12 2.80 -17.26
N HIS B 43 45.18 3.54 -17.88
CA HIS B 43 45.51 4.63 -18.79
C HIS B 43 46.33 5.69 -18.03
N LEU B 44 45.91 6.07 -16.81
CA LEU B 44 46.64 7.05 -15.99
C LEU B 44 48.02 6.52 -15.66
N CYS B 45 48.11 5.26 -15.19
CA CYS B 45 49.36 4.61 -14.81
C CYS B 45 50.37 4.56 -15.96
N LEU B 46 49.89 4.52 -17.22
CA LEU B 46 50.76 4.44 -18.39
C LEU B 46 51.13 5.78 -18.99
N LEU B 47 50.66 6.90 -18.44
CA LEU B 47 51.02 8.23 -18.95
C LEU B 47 52.53 8.43 -18.74
N ASP B 48 53.23 8.91 -19.76
CA ASP B 48 54.67 8.95 -19.77
C ASP B 48 55.21 10.30 -20.20
N ILE B 49 56.01 10.95 -19.32
CA ILE B 49 56.62 12.25 -19.68
C ILE B 49 57.61 12.12 -20.86
N ASP B 50 58.14 10.90 -21.12
CA ASP B 50 59.05 10.69 -22.25
C ASP B 50 58.31 10.36 -23.57
N SER B 51 56.98 10.22 -23.54
CA SER B 51 56.19 9.95 -24.73
C SER B 51 55.88 11.27 -25.39
N GLU B 52 56.57 11.58 -26.48
CA GLU B 52 56.43 12.87 -27.15
C GLU B 52 55.19 13.01 -28.02
N PRO B 53 54.54 14.19 -27.99
CA PRO B 53 53.40 14.41 -28.89
C PRO B 53 53.89 14.51 -30.35
N VAL B 54 53.15 13.90 -31.27
CA VAL B 54 53.52 13.90 -32.69
C VAL B 54 52.47 14.66 -33.50
N ALA B 55 51.19 14.45 -33.19
CA ALA B 55 50.10 15.10 -33.92
C ALA B 55 50.12 16.61 -33.81
N ALA B 56 49.56 17.30 -34.83
CA ALA B 56 49.41 18.75 -34.82
C ALA B 56 48.40 19.12 -33.70
N ARG B 57 48.57 20.31 -33.13
CA ARG B 57 47.72 20.74 -32.03
C ARG B 57 46.30 20.98 -32.53
N SER B 58 45.36 20.26 -31.94
CA SER B 58 43.98 20.29 -32.37
C SER B 58 43.03 21.26 -31.63
N THR B 59 43.33 21.67 -30.38
CA THR B 59 42.47 22.61 -29.64
C THR B 59 42.83 24.02 -30.07
N SER B 60 41.88 24.81 -30.56
CA SER B 60 42.18 26.17 -31.01
C SER B 60 42.47 27.12 -29.89
N ILE B 61 43.32 28.10 -30.17
CA ILE B 61 43.65 29.13 -29.21
C ILE B 61 43.00 30.41 -29.62
N ILE B 62 42.21 30.99 -28.69
CA ILE B 62 41.58 32.28 -28.91
C ILE B 62 42.42 33.30 -28.14
N ALA B 63 42.92 34.34 -28.84
CA ALA B 63 43.72 35.37 -28.17
C ALA B 63 42.97 36.68 -28.23
N THR B 64 42.82 37.36 -27.07
CA THR B 64 42.14 38.63 -27.03
C THR B 64 43.09 39.73 -27.52
N ILE B 65 42.61 40.55 -28.46
CA ILE B 65 43.40 41.62 -29.04
C ILE B 65 43.30 42.85 -28.16
N GLY B 66 44.45 43.48 -27.94
CA GLY B 66 44.53 44.71 -27.15
C GLY B 66 45.84 45.43 -27.41
N PRO B 67 46.18 46.42 -26.57
CA PRO B 67 47.44 47.16 -26.77
C PRO B 67 48.69 46.30 -26.85
N ALA B 68 48.72 45.16 -26.14
CA ALA B 68 49.88 44.28 -26.16
C ALA B 68 49.96 43.38 -27.43
N SER B 69 48.89 43.31 -28.22
CA SER B 69 48.83 42.39 -29.35
C SER B 69 48.14 43.00 -30.59
N ARG B 70 48.26 44.32 -30.77
CA ARG B 70 47.56 45.00 -31.85
C ARG B 70 48.38 45.27 -33.10
N SER B 71 49.69 45.44 -32.97
CA SER B 71 50.54 45.75 -34.11
C SER B 71 50.63 44.57 -35.07
N VAL B 72 50.78 44.87 -36.38
CA VAL B 72 50.86 43.88 -37.44
C VAL B 72 52.01 42.91 -37.23
N GLU B 73 53.17 43.43 -36.80
CA GLU B 73 54.35 42.62 -36.58
C GLU B 73 54.17 41.67 -35.38
N ARG B 74 53.46 42.14 -34.33
CA ARG B 74 53.16 41.35 -33.14
C ARG B 74 52.15 40.25 -33.50
N LEU B 75 51.14 40.60 -34.30
CA LEU B 75 50.11 39.67 -34.77
C LEU B 75 50.70 38.56 -35.64
N LYS B 76 51.74 38.86 -36.44
CA LYS B 76 52.39 37.83 -37.25
C LYS B 76 53.08 36.81 -36.35
N GLU B 77 53.69 37.28 -35.24
CA GLU B 77 54.35 36.37 -34.29
C GLU B 77 53.31 35.52 -33.56
N MET B 78 52.13 36.09 -33.24
CA MET B 78 51.07 35.35 -32.57
CA MET B 78 51.07 35.35 -32.57
C MET B 78 50.45 34.30 -33.48
N ILE B 79 50.38 34.58 -34.80
CA ILE B 79 49.85 33.61 -35.76
C ILE B 79 50.85 32.45 -35.84
N LYS B 80 52.15 32.75 -35.90
CA LYS B 80 53.20 31.73 -35.93
C LYS B 80 53.24 30.91 -34.64
N ALA B 81 52.93 31.55 -33.48
CA ALA B 81 52.89 30.89 -32.16
C ALA B 81 51.68 29.94 -32.02
N GLY B 82 50.62 30.18 -32.80
CA GLY B 82 49.45 29.31 -32.79
C GLY B 82 48.07 29.92 -32.63
N MET B 83 47.96 31.26 -32.63
CA MET B 83 46.65 31.91 -32.50
C MET B 83 45.75 31.54 -33.71
N ASN B 84 44.55 31.02 -33.44
CA ASN B 84 43.61 30.62 -34.49
C ASN B 84 42.43 31.56 -34.59
N ILE B 85 42.05 32.19 -33.47
CA ILE B 85 40.92 33.10 -33.39
C ILE B 85 41.33 34.35 -32.65
N ALA B 86 41.05 35.52 -33.23
CA ALA B 86 41.35 36.80 -32.63
C ALA B 86 40.05 37.30 -32.01
N ARG B 87 40.06 37.58 -30.70
CA ARG B 87 38.87 38.05 -30.01
C ARG B 87 38.91 39.56 -29.78
N LEU B 88 37.85 40.26 -30.18
CA LEU B 88 37.73 41.69 -29.98
C LEU B 88 36.78 41.89 -28.83
N ASN B 89 37.27 42.43 -27.71
CA ASN B 89 36.43 42.64 -26.54
C ASN B 89 35.75 43.99 -26.63
N PHE B 90 34.46 43.99 -26.99
CA PHE B 90 33.70 45.24 -27.12
C PHE B 90 33.32 45.89 -25.78
N SER B 91 33.82 45.35 -24.65
CA SER B 91 33.65 46.00 -23.36
C SER B 91 34.58 47.24 -23.27
N HIS B 92 35.65 47.28 -24.08
CA HIS B 92 36.62 48.37 -24.12
C HIS B 92 36.86 48.83 -25.57
N GLY B 93 37.20 50.10 -25.75
CA GLY B 93 37.50 50.64 -27.06
C GLY B 93 36.32 51.02 -27.91
N SER B 94 36.53 51.95 -28.84
CA SER B 94 35.49 52.44 -29.73
C SER B 94 35.42 51.57 -31.00
N HIS B 95 34.40 51.82 -31.86
CA HIS B 95 34.28 51.13 -33.15
C HIS B 95 35.51 51.41 -34.02
N GLU B 96 36.06 52.63 -33.95
CA GLU B 96 37.26 53.00 -34.72
C GLU B 96 38.46 52.16 -34.28
N TYR B 97 38.60 51.94 -32.97
CA TYR B 97 39.67 51.14 -32.38
C TYR B 97 39.56 49.68 -32.87
N HIS B 98 38.36 49.09 -32.81
CA HIS B 98 38.14 47.71 -33.24
C HIS B 98 38.29 47.52 -34.74
N ALA B 99 37.90 48.51 -35.55
CA ALA B 99 38.09 48.42 -37.01
C ALA B 99 39.58 48.39 -37.35
N GLU B 100 40.41 49.11 -36.59
CA GLU B 100 41.85 49.10 -36.80
C GLU B 100 42.43 47.75 -36.41
N SER B 101 41.94 47.16 -35.30
CA SER B 101 42.36 45.83 -34.85
C SER B 101 42.05 44.79 -35.93
N ILE B 102 40.84 44.83 -36.51
CA ILE B 102 40.42 43.93 -37.58
C ILE B 102 41.34 44.07 -38.79
N ALA B 103 41.60 45.33 -39.22
CA ALA B 103 42.47 45.58 -40.37
C ALA B 103 43.89 45.05 -40.14
N ASN B 104 44.42 45.22 -38.91
CA ASN B 104 45.76 44.73 -38.57
C ASN B 104 45.81 43.21 -38.54
N VAL B 105 44.75 42.56 -38.05
CA VAL B 105 44.68 41.09 -38.04
C VAL B 105 44.67 40.59 -39.48
N ARG B 106 43.79 41.17 -40.32
CA ARG B 106 43.72 40.79 -41.73
C ARG B 106 45.04 41.02 -42.48
N GLU B 107 45.73 42.13 -42.20
CA GLU B 107 47.02 42.39 -42.83
C GLU B 107 48.05 41.33 -42.45
N ALA B 108 48.12 41.00 -41.15
CA ALA B 108 49.05 39.98 -40.65
C ALA B 108 48.72 38.59 -41.23
N VAL B 109 47.42 38.24 -41.31
CA VAL B 109 46.99 36.95 -41.85
C VAL B 109 47.31 36.86 -43.34
N GLU B 110 47.00 37.92 -44.10
CA GLU B 110 47.24 37.91 -45.54
C GLU B 110 48.70 38.00 -45.92
N SER B 111 49.59 38.37 -44.99
CA SER B 111 51.03 38.38 -45.28
C SER B 111 51.58 36.96 -45.57
N PHE B 112 50.82 35.89 -45.23
CA PHE B 112 51.22 34.51 -45.47
C PHE B 112 50.47 33.86 -46.68
N ALA B 113 49.55 34.62 -47.35
CA ALA B 113 48.73 34.12 -48.48
C ALA B 113 49.48 33.81 -49.75
N GLY B 114 50.72 34.30 -49.86
CA GLY B 114 51.58 34.06 -51.02
C GLY B 114 51.87 32.59 -51.25
N SER B 115 51.80 31.79 -50.18
CA SER B 115 52.02 30.35 -50.27
C SER B 115 50.73 29.68 -49.83
N PRO B 116 49.83 29.36 -50.77
CA PRO B 116 48.54 28.75 -50.41
C PRO B 116 48.60 27.38 -49.72
N LEU B 117 49.66 26.60 -49.98
CA LEU B 117 49.79 25.29 -49.34
C LEU B 117 50.15 25.39 -47.83
N SER B 118 50.57 26.56 -47.35
CA SER B 118 50.91 26.73 -45.93
C SER B 118 50.12 27.85 -45.21
N TYR B 119 49.28 28.61 -45.94
CA TYR B 119 48.47 29.71 -45.41
C TYR B 119 47.57 29.25 -44.26
N ARG B 120 47.57 30.00 -43.15
CA ARG B 120 46.74 29.67 -42.02
C ARG B 120 45.61 30.68 -41.82
N PRO B 121 44.36 30.28 -42.04
CA PRO B 121 43.24 31.20 -41.78
C PRO B 121 43.11 31.54 -40.29
N VAL B 122 42.65 32.76 -39.95
CA VAL B 122 42.45 33.17 -38.57
C VAL B 122 41.06 33.78 -38.44
N ALA B 123 40.22 33.26 -37.55
CA ALA B 123 38.86 33.79 -37.38
C ALA B 123 38.86 35.08 -36.56
N ILE B 124 37.82 35.91 -36.73
CA ILE B 124 37.68 37.13 -35.96
C ILE B 124 36.37 37.02 -35.20
N ALA B 125 36.44 37.11 -33.87
CA ALA B 125 35.28 36.99 -33.01
C ALA B 125 34.99 38.29 -32.29
N LEU B 126 33.72 38.66 -32.22
CA LEU B 126 33.31 39.88 -31.53
C LEU B 126 32.70 39.47 -30.21
N ASP B 127 33.28 39.92 -29.09
CA ASP B 127 32.74 39.61 -27.77
C ASP B 127 31.95 40.83 -27.29
N THR B 128 30.63 40.68 -27.12
CA THR B 128 29.78 41.79 -26.73
C THR B 128 29.96 42.29 -25.30
N LYS B 129 29.62 43.57 -25.08
CA LYS B 129 29.70 44.23 -23.79
C LYS B 129 28.72 43.59 -22.80
N GLY B 130 27.52 43.27 -23.27
CA GLY B 130 26.53 42.62 -22.43
C GLY B 130 25.31 43.45 -22.09
N PRO B 131 24.36 42.84 -21.37
CA PRO B 131 23.11 43.56 -21.03
C PRO B 131 23.22 44.53 -19.86
N GLY B 132 24.22 44.35 -18.99
CA GLY B 132 24.38 45.18 -17.81
C GLY B 132 23.23 44.94 -16.85
N SER B 133 22.58 46.02 -16.39
CA SER B 133 21.41 45.88 -15.52
C SER B 133 20.10 45.54 -16.28
N GLY B 134 20.13 45.63 -17.60
CA GLY B 134 18.97 45.38 -18.46
C GLY B 134 18.51 43.94 -18.53
N PRO B 135 17.25 43.72 -18.97
CA PRO B 135 16.72 42.35 -19.05
C PRO B 135 17.11 41.56 -20.29
N GLY B 136 17.54 42.25 -21.35
CA GLY B 136 17.90 41.62 -22.61
C GLY B 136 18.94 42.40 -23.39
N LEU B 137 18.88 42.32 -24.73
CA LEU B 137 19.84 42.98 -25.61
C LEU B 137 19.88 44.50 -25.46
N SER B 138 21.03 45.02 -25.06
CA SER B 138 21.24 46.46 -24.88
C SER B 138 21.37 47.18 -26.22
N GLU B 139 21.17 48.51 -26.23
CA GLU B 139 21.28 49.31 -27.44
C GLU B 139 22.71 49.34 -27.96
N GLN B 140 23.71 49.33 -27.06
CA GLN B 140 25.12 49.31 -27.48
C GLN B 140 25.42 47.97 -28.17
N ASP B 141 24.87 46.86 -27.66
CA ASP B 141 25.07 45.55 -28.28
C ASP B 141 24.49 45.51 -29.67
N VAL B 142 23.30 46.13 -29.89
CA VAL B 142 22.69 46.18 -31.23
C VAL B 142 23.63 46.91 -32.21
N ARG B 143 24.22 48.03 -31.77
CA ARG B 143 25.14 48.79 -32.61
C ARG B 143 26.45 48.03 -32.88
N ASP B 144 26.97 47.35 -31.86
CA ASP B 144 28.21 46.58 -31.97
C ASP B 144 28.02 45.36 -32.88
N LEU B 145 26.85 44.72 -32.80
CA LEU B 145 26.53 43.57 -33.64
C LEU B 145 26.40 44.00 -35.10
N ARG B 146 25.81 45.18 -35.35
CA ARG B 146 25.71 45.72 -36.71
C ARG B 146 27.11 46.02 -37.24
N PHE B 147 28.01 46.55 -36.37
CA PHE B 147 29.41 46.81 -36.73
C PHE B 147 30.09 45.50 -37.16
N GLY B 148 29.85 44.42 -36.41
CA GLY B 148 30.40 43.11 -36.71
C GLY B 148 29.99 42.59 -38.07
N VAL B 149 28.72 42.72 -38.41
CA VAL B 149 28.20 42.29 -39.72
C VAL B 149 28.85 43.13 -40.83
N GLU B 150 28.92 44.46 -40.64
CA GLU B 150 29.52 45.36 -41.62
C GLU B 150 31.00 45.11 -41.82
N HIS B 151 31.71 44.67 -40.77
CA HIS B 151 33.13 44.39 -40.89
C HIS B 151 33.47 42.92 -41.15
N GLY B 152 32.45 42.08 -41.38
CA GLY B 152 32.63 40.67 -41.72
C GLY B 152 33.23 39.77 -40.65
N VAL B 153 32.80 39.95 -39.37
CA VAL B 153 33.30 39.07 -38.31
C VAL B 153 32.73 37.66 -38.52
N ASP B 154 33.46 36.66 -38.06
CA ASP B 154 33.04 35.26 -38.25
C ASP B 154 32.21 34.73 -37.12
N ILE B 155 32.48 35.19 -35.89
CA ILE B 155 31.84 34.68 -34.67
C ILE B 155 31.43 35.79 -33.73
N VAL B 156 30.36 35.57 -32.98
CA VAL B 156 29.94 36.48 -31.93
C VAL B 156 29.97 35.68 -30.61
N PHE B 157 30.67 36.19 -29.59
CA PHE B 157 30.66 35.61 -28.25
C PHE B 157 29.64 36.47 -27.53
N ALA B 158 28.40 35.98 -27.37
CA ALA B 158 27.33 36.76 -26.75
C ALA B 158 27.38 36.72 -25.24
N SER B 159 27.64 37.87 -24.60
CA SER B 159 27.73 37.97 -23.15
C SER B 159 26.41 37.76 -22.41
N PHE B 160 26.50 37.20 -21.20
CA PHE B 160 25.40 36.93 -20.28
C PHE B 160 24.12 36.35 -20.93
N VAL B 161 24.25 35.23 -21.65
CA VAL B 161 23.08 34.58 -22.22
C VAL B 161 22.39 33.82 -21.09
N ARG B 162 21.09 34.10 -20.85
CA ARG B 162 20.33 33.48 -19.76
C ARG B 162 19.19 32.57 -20.22
N LYS B 163 18.79 32.67 -21.49
CA LYS B 163 17.67 31.91 -22.02
C LYS B 163 17.72 31.92 -23.55
N ALA B 164 16.92 31.05 -24.18
CA ALA B 164 16.87 30.94 -25.64
C ALA B 164 16.51 32.25 -26.35
N SER B 165 15.64 33.07 -25.74
CA SER B 165 15.24 34.34 -26.36
C SER B 165 16.38 35.35 -26.44
N ASP B 166 17.39 35.23 -25.57
CA ASP B 166 18.55 36.12 -25.63
C ASP B 166 19.34 35.85 -26.91
N VAL B 167 19.47 34.57 -27.30
CA VAL B 167 20.24 34.26 -28.51
C VAL B 167 19.40 34.69 -29.74
N ALA B 168 18.05 34.51 -29.71
CA ALA B 168 17.19 34.95 -30.81
C ALA B 168 17.32 36.47 -31.02
N ALA B 169 17.45 37.24 -29.93
CA ALA B 169 17.65 38.68 -30.02
C ALA B 169 18.98 39.01 -30.69
N VAL B 170 20.04 38.26 -30.37
CA VAL B 170 21.35 38.46 -31.00
C VAL B 170 21.27 38.13 -32.50
N ARG B 171 20.58 37.04 -32.84
CA ARG B 171 20.39 36.62 -34.22
CA ARG B 171 20.40 36.62 -34.23
C ARG B 171 19.62 37.68 -35.02
N ALA B 172 18.59 38.28 -34.40
CA ALA B 172 17.78 39.32 -35.03
C ALA B 172 18.63 40.59 -35.25
N ALA B 173 19.45 40.97 -34.27
CA ALA B 173 20.32 42.15 -34.40
C ALA B 173 21.37 41.99 -35.50
N LEU B 174 21.78 40.75 -35.80
CA LEU B 174 22.73 40.50 -36.89
C LEU B 174 22.07 40.71 -38.30
N GLY B 175 20.74 40.61 -38.36
CA GLY B 175 19.97 40.82 -39.58
C GLY B 175 20.16 39.80 -40.66
N PRO B 176 19.62 40.08 -41.85
CA PRO B 176 19.73 39.13 -42.97
C PRO B 176 21.14 38.95 -43.50
N GLU B 177 21.99 40.00 -43.40
CA GLU B 177 23.36 39.89 -43.90
C GLU B 177 24.32 39.13 -42.96
N GLY B 178 23.92 38.91 -41.71
CA GLY B 178 24.77 38.21 -40.76
C GLY B 178 24.31 36.80 -40.44
N HIS B 179 23.61 36.17 -41.37
CA HIS B 179 23.08 34.81 -41.18
C HIS B 179 24.18 33.75 -41.04
N GLY B 180 25.32 33.97 -41.66
CA GLY B 180 26.43 33.02 -41.62
C GLY B 180 27.33 33.11 -40.40
N ILE B 181 27.16 34.16 -39.57
CA ILE B 181 27.97 34.36 -38.38
C ILE B 181 27.60 33.34 -37.28
N LYS B 182 28.62 32.73 -36.65
CA LYS B 182 28.37 31.76 -35.58
C LYS B 182 28.08 32.46 -34.26
N ILE B 183 27.04 32.06 -33.54
CA ILE B 183 26.75 32.64 -32.23
C ILE B 183 27.17 31.66 -31.12
N ILE B 184 28.16 32.05 -30.33
CA ILE B 184 28.64 31.26 -29.19
C ILE B 184 28.09 31.94 -27.94
N SER B 185 27.15 31.30 -27.25
CA SER B 185 26.57 31.88 -26.04
C SER B 185 27.49 31.76 -24.83
N LYS B 186 27.76 32.87 -24.15
CA LYS B 186 28.58 32.86 -22.93
C LYS B 186 27.68 32.57 -21.74
N ILE B 187 27.98 31.49 -20.98
CA ILE B 187 27.20 31.15 -19.78
C ILE B 187 27.96 31.76 -18.62
N GLU B 188 27.34 32.76 -17.97
CA GLU B 188 28.03 33.53 -16.94
C GLU B 188 27.31 33.61 -15.62
N ASN B 189 26.14 32.99 -15.47
CA ASN B 189 25.39 33.06 -14.22
C ASN B 189 24.56 31.81 -13.95
N HIS B 190 23.90 31.73 -12.79
CA HIS B 190 23.11 30.57 -12.40
C HIS B 190 21.99 30.29 -13.38
N GLU B 191 21.29 31.32 -13.87
CA GLU B 191 20.19 31.11 -14.81
C GLU B 191 20.66 30.47 -16.13
N GLY B 192 21.79 30.92 -16.65
CA GLY B 192 22.37 30.35 -17.86
C GLY B 192 22.72 28.88 -17.68
N VAL B 193 23.23 28.50 -16.50
CA VAL B 193 23.57 27.12 -16.20
C VAL B 193 22.28 26.28 -16.13
N LYS B 194 21.27 26.78 -15.42
CA LYS B 194 20.00 26.07 -15.27
C LYS B 194 19.19 25.95 -16.55
N ARG B 195 19.28 26.94 -17.42
CA ARG B 195 18.60 26.89 -18.71
C ARG B 195 19.54 26.50 -19.85
N PHE B 196 20.66 25.84 -19.53
CA PHE B 196 21.69 25.45 -20.50
C PHE B 196 21.14 24.72 -21.72
N ASP B 197 20.30 23.69 -21.52
CA ASP B 197 19.81 22.90 -22.65
C ASP B 197 19.05 23.72 -23.68
N GLU B 198 18.22 24.66 -23.24
CA GLU B 198 17.48 25.50 -24.18
C GLU B 198 18.39 26.50 -24.89
N ILE B 199 19.46 26.95 -24.22
CA ILE B 199 20.43 27.86 -24.81
C ILE B 199 21.27 27.14 -25.86
N LEU B 200 21.79 25.96 -25.53
CA LEU B 200 22.62 25.19 -26.45
C LEU B 200 21.86 24.83 -27.72
N GLU B 201 20.58 24.45 -27.57
CA GLU B 201 19.74 24.07 -28.71
C GLU B 201 19.68 25.13 -29.80
N VAL B 202 19.63 26.42 -29.42
CA VAL B 202 19.55 27.50 -30.40
C VAL B 202 20.89 28.19 -30.68
N SER B 203 21.96 27.83 -29.98
CA SER B 203 23.28 28.45 -30.20
C SER B 203 24.14 27.57 -31.11
N ASP B 204 25.18 28.14 -31.72
CA ASP B 204 26.15 27.33 -32.47
C ASP B 204 27.17 26.65 -31.53
N GLY B 205 27.36 27.21 -30.34
CA GLY B 205 28.29 26.72 -29.34
C GLY B 205 28.21 27.51 -28.05
N ILE B 206 29.08 27.19 -27.11
CA ILE B 206 29.05 27.79 -25.78
C ILE B 206 30.42 28.22 -25.32
N MET B 207 30.47 29.26 -24.49
CA MET B 207 31.70 29.66 -23.84
C MET B 207 31.45 29.54 -22.35
N VAL B 208 32.35 28.85 -21.63
CA VAL B 208 32.26 28.78 -20.17
C VAL B 208 33.05 30.01 -19.69
N ALA B 209 32.34 31.10 -19.44
CA ALA B 209 32.95 32.37 -19.02
C ALA B 209 33.08 32.29 -17.52
N ARG B 210 34.22 31.78 -17.05
CA ARG B 210 34.48 31.53 -15.64
C ARG B 210 34.66 32.75 -14.75
N GLY B 211 35.04 33.89 -15.31
CA GLY B 211 35.19 35.13 -14.55
C GLY B 211 33.89 35.54 -13.87
N ASP B 212 32.85 35.85 -14.64
CA ASP B 212 31.55 36.21 -14.08
C ASP B 212 30.88 35.03 -13.41
N LEU B 213 31.01 33.82 -13.99
CA LEU B 213 30.40 32.62 -13.39
C LEU B 213 30.90 32.40 -11.95
N GLY B 214 32.19 32.64 -11.72
CA GLY B 214 32.83 32.52 -10.41
C GLY B 214 32.40 33.57 -9.39
N ILE B 215 31.73 34.63 -9.83
CA ILE B 215 31.19 35.69 -8.96
C ILE B 215 29.68 35.44 -8.75
N GLU B 216 28.97 34.95 -9.80
CA GLU B 216 27.54 34.67 -9.76
C GLU B 216 27.19 33.42 -8.97
N ILE B 217 28.05 32.39 -9.04
CA ILE B 217 27.87 31.16 -8.26
C ILE B 217 29.10 30.96 -7.37
N PRO B 218 29.04 30.14 -6.30
CA PRO B 218 30.25 29.95 -5.45
C PRO B 218 31.43 29.49 -6.28
N ALA B 219 32.59 30.08 -6.08
CA ALA B 219 33.78 29.78 -6.86
C ALA B 219 34.16 28.29 -6.84
N GLU B 220 33.90 27.60 -5.72
CA GLU B 220 34.19 26.18 -5.61
C GLU B 220 33.25 25.30 -6.46
N LYS B 221 32.23 25.87 -7.10
CA LYS B 221 31.30 25.12 -7.95
C LYS B 221 31.56 25.34 -9.43
N VAL B 222 32.43 26.29 -9.83
CA VAL B 222 32.68 26.57 -11.25
C VAL B 222 33.17 25.34 -12.02
N PHE B 223 34.04 24.51 -11.43
CA PHE B 223 34.52 23.31 -12.13
C PHE B 223 33.38 22.36 -12.49
N LEU B 224 32.31 22.31 -11.66
CA LEU B 224 31.16 21.43 -11.94
C LEU B 224 30.42 21.97 -13.16
N ALA B 225 30.22 23.28 -13.24
CA ALA B 225 29.53 23.91 -14.35
C ALA B 225 30.36 23.74 -15.62
N GLN B 226 31.69 23.93 -15.53
CA GLN B 226 32.57 23.76 -16.67
C GLN B 226 32.52 22.33 -17.22
N LYS B 227 32.69 21.33 -16.34
CA LYS B 227 32.68 19.93 -16.79
C LYS B 227 31.33 19.50 -17.34
N MET B 228 30.23 19.96 -16.71
CA MET B 228 28.88 19.64 -17.20
C MET B 228 28.64 20.24 -18.60
N MET B 229 28.97 21.52 -18.78
CA MET B 229 28.74 22.19 -20.06
C MET B 229 29.60 21.65 -21.16
N ILE B 230 30.86 21.31 -20.86
CA ILE B 230 31.74 20.71 -21.87
C ILE B 230 31.20 19.34 -22.28
N GLY B 231 30.78 18.54 -21.29
CA GLY B 231 30.21 17.23 -21.55
C GLY B 231 28.95 17.31 -22.42
N ARG B 232 28.05 18.26 -22.10
CA ARG B 232 26.82 18.41 -22.89
C ARG B 232 27.10 18.92 -24.30
N CYS B 233 28.10 19.80 -24.48
CA CYS B 233 28.47 20.28 -25.80
C CYS B 233 29.10 19.16 -26.61
N ASN B 234 29.93 18.31 -25.98
CA ASN B 234 30.52 17.16 -26.65
C ASN B 234 29.42 16.18 -27.09
N LEU B 235 28.43 15.96 -26.24
CA LEU B 235 27.30 15.09 -26.53
C LEU B 235 26.50 15.65 -27.73
N ALA B 236 26.25 16.96 -27.74
CA ALA B 236 25.53 17.66 -28.83
C ALA B 236 26.36 17.85 -30.11
N GLY B 237 27.65 17.69 -30.03
CA GLY B 237 28.54 17.90 -31.17
C GLY B 237 28.69 19.37 -31.52
N LYS B 238 28.62 20.25 -30.51
CA LYS B 238 28.75 21.68 -30.72
C LYS B 238 29.98 22.23 -30.01
N PRO B 239 30.68 23.21 -30.61
CA PRO B 239 31.89 23.74 -29.97
C PRO B 239 31.71 24.35 -28.59
N VAL B 240 32.72 24.16 -27.73
CA VAL B 240 32.71 24.71 -26.39
C VAL B 240 34.10 25.33 -26.12
N VAL B 241 34.10 26.54 -25.59
CA VAL B 241 35.30 27.29 -25.28
C VAL B 241 35.49 27.36 -23.77
N CYS B 242 36.72 27.12 -23.29
CA CYS B 242 37.02 27.33 -21.88
C CYS B 242 37.73 28.68 -21.79
N ALA B 243 37.26 29.56 -20.89
CA ALA B 243 37.80 30.91 -20.82
C ALA B 243 38.08 31.40 -19.40
N THR B 244 38.98 32.42 -19.29
CA THR B 244 39.31 33.28 -18.14
C THR B 244 40.28 32.71 -17.11
N GLN B 245 41.38 33.46 -16.90
CA GLN B 245 42.43 33.21 -15.93
C GLN B 245 43.17 31.90 -16.12
N MET B 246 43.17 31.36 -17.35
CA MET B 246 43.86 30.11 -17.62
C MET B 246 45.36 30.20 -17.37
N LEU B 247 45.99 31.33 -17.77
CA LEU B 247 47.42 31.55 -17.55
C LEU B 247 47.61 32.95 -16.95
N GLU B 248 46.68 33.39 -16.06
CA GLU B 248 46.63 34.72 -15.44
C GLU B 248 47.96 35.30 -15.03
N SER B 249 48.80 34.53 -14.30
CA SER B 249 50.09 35.04 -13.83
C SER B 249 51.02 35.47 -14.97
N MET B 250 50.81 34.97 -16.19
CA MET B 250 51.61 35.36 -17.33
C MET B 250 51.32 36.81 -17.82
N ILE B 251 50.39 37.53 -17.18
CA ILE B 251 50.15 38.94 -17.46
C ILE B 251 51.41 39.72 -17.04
N THR B 252 52.06 39.33 -15.92
CA THR B 252 53.29 39.98 -15.45
C THR B 252 54.51 39.07 -15.44
N LYS B 253 54.33 37.74 -15.39
CA LYS B 253 55.48 36.82 -15.32
C LYS B 253 55.72 36.04 -16.60
N PRO B 254 56.99 35.67 -16.89
CA PRO B 254 57.28 34.93 -18.13
C PRO B 254 56.85 33.47 -18.12
N ARG B 255 56.66 32.87 -16.94
CA ARG B 255 56.25 31.48 -16.82
C ARG B 255 54.99 31.37 -15.96
N PRO B 256 54.08 30.43 -16.28
CA PRO B 256 52.85 30.31 -15.47
C PRO B 256 53.05 29.45 -14.20
N THR B 257 52.06 29.46 -13.31
CA THR B 257 52.11 28.65 -12.10
C THR B 257 51.76 27.18 -12.44
N ARG B 258 51.97 26.26 -11.48
CA ARG B 258 51.63 24.85 -11.65
C ARG B 258 50.13 24.64 -11.79
N ALA B 259 49.32 25.50 -11.13
CA ALA B 259 47.87 25.40 -11.23
C ALA B 259 47.37 25.82 -12.61
N GLU B 260 48.04 26.80 -13.23
CA GLU B 260 47.68 27.31 -14.54
C GLU B 260 47.94 26.32 -15.66
N THR B 261 49.09 25.65 -15.67
CA THR B 261 49.35 24.64 -16.70
C THR B 261 48.37 23.47 -16.54
N SER B 262 48.09 23.10 -15.28
CA SER B 262 47.14 22.05 -14.95
C SER B 262 45.74 22.41 -15.48
N ASP B 263 45.31 23.66 -15.29
CA ASP B 263 44.00 24.14 -15.73
C ASP B 263 43.85 24.05 -17.26
N VAL B 264 44.90 24.40 -17.99
CA VAL B 264 44.86 24.33 -19.45
C VAL B 264 44.77 22.87 -19.88
N ALA B 265 45.60 22.01 -19.28
CA ALA B 265 45.60 20.60 -19.63
C ALA B 265 44.25 19.95 -19.31
N ASN B 266 43.66 20.30 -18.16
CA ASN B 266 42.40 19.74 -17.74
C ASN B 266 41.23 20.24 -18.57
N ALA B 267 41.30 21.47 -19.10
CA ALA B 267 40.22 21.97 -19.97
C ALA B 267 40.21 21.15 -21.27
N VAL B 268 41.39 20.83 -21.79
CA VAL B 268 41.52 20.00 -22.98
C VAL B 268 41.04 18.59 -22.68
N LEU B 269 41.47 18.01 -21.54
CA LEU B 269 41.03 16.67 -21.16
C LEU B 269 39.52 16.62 -20.91
N ASP B 270 38.92 17.70 -20.40
CA ASP B 270 37.48 17.80 -20.17
C ASP B 270 36.72 17.66 -21.51
N GLY B 271 37.30 18.16 -22.61
CA GLY B 271 36.73 18.08 -23.94
C GLY B 271 36.53 19.41 -24.63
N ALA B 272 37.18 20.48 -24.13
CA ALA B 272 36.99 21.81 -24.73
C ALA B 272 37.53 21.86 -26.16
N ASP B 273 36.77 22.47 -27.06
CA ASP B 273 37.22 22.63 -28.45
C ASP B 273 38.24 23.75 -28.56
N CYS B 274 38.05 24.84 -27.78
CA CYS B 274 38.92 26.01 -27.76
C CYS B 274 39.31 26.37 -26.35
N ILE B 275 40.49 26.96 -26.21
CA ILE B 275 40.96 27.54 -24.96
C ILE B 275 41.25 29.02 -25.23
N MET B 276 41.08 29.88 -24.22
CA MET B 276 41.19 31.31 -24.43
C MET B 276 42.18 32.02 -23.53
N LEU B 277 42.72 33.13 -24.05
CA LEU B 277 43.62 34.05 -23.37
C LEU B 277 42.96 35.42 -23.40
N SER B 278 42.85 36.08 -22.23
CA SER B 278 42.23 37.39 -22.15
C SER B 278 43.30 38.48 -21.89
N GLY B 279 43.46 38.93 -20.64
CA GLY B 279 44.48 39.90 -20.25
C GLY B 279 45.87 39.45 -20.61
N GLU B 280 46.10 38.12 -20.63
CA GLU B 280 47.36 37.49 -20.98
C GLU B 280 47.86 37.91 -22.36
N THR B 281 46.94 38.25 -23.28
CA THR B 281 47.31 38.67 -24.63
C THR B 281 46.94 40.12 -24.87
N ALA B 282 45.82 40.57 -24.31
CA ALA B 282 45.33 41.91 -24.52
C ALA B 282 46.20 43.00 -23.92
N LYS B 283 46.62 42.84 -22.66
CA LYS B 283 47.38 43.86 -21.97
C LYS B 283 48.63 43.40 -21.27
N GLY B 284 48.85 42.09 -21.22
CA GLY B 284 49.98 41.54 -20.49
C GLY B 284 51.32 41.84 -21.12
N ASN B 285 52.39 41.45 -20.44
CA ASN B 285 53.75 41.66 -20.92
C ASN B 285 54.29 40.53 -21.76
N PHE B 286 53.62 39.37 -21.77
CA PHE B 286 54.10 38.23 -22.53
C PHE B 286 52.99 37.59 -23.41
N PRO B 287 52.45 38.32 -24.41
CA PRO B 287 51.36 37.73 -25.22
C PRO B 287 51.75 36.55 -26.10
N VAL B 288 52.89 36.62 -26.79
CA VAL B 288 53.34 35.53 -27.64
C VAL B 288 53.69 34.30 -26.83
N GLU B 289 54.34 34.50 -25.67
CA GLU B 289 54.72 33.39 -24.79
C GLU B 289 53.50 32.69 -24.20
N ALA B 290 52.43 33.43 -23.93
CA ALA B 290 51.19 32.87 -23.42
C ALA B 290 50.56 31.97 -24.46
N VAL B 291 50.58 32.39 -25.77
CA VAL B 291 50.06 31.59 -26.87
C VAL B 291 50.90 30.32 -27.00
N LYS B 292 52.24 30.46 -26.95
CA LYS B 292 53.15 29.32 -27.07
C LYS B 292 52.94 28.30 -25.93
N MET B 293 52.66 28.80 -24.72
CA MET B 293 52.44 27.94 -23.56
C MET B 293 51.15 27.15 -23.73
N GLN B 294 50.06 27.80 -24.13
CA GLN B 294 48.80 27.10 -24.39
C GLN B 294 48.96 26.06 -25.50
N HIS B 295 49.74 26.38 -26.55
CA HIS B 295 50.00 25.45 -27.64
C HIS B 295 50.73 24.21 -27.12
N ALA B 296 51.80 24.42 -26.32
CA ALA B 296 52.59 23.31 -25.78
C ALA B 296 51.77 22.41 -24.87
N ILE B 297 50.96 23.00 -23.98
CA ILE B 297 50.14 22.21 -23.06
C ILE B 297 49.02 21.45 -23.80
N ALA B 298 48.30 22.13 -24.71
CA ALA B 298 47.24 21.47 -25.48
C ALA B 298 47.73 20.26 -26.26
N ARG B 299 48.93 20.33 -26.86
CA ARG B 299 49.50 19.18 -27.57
C ARG B 299 49.76 17.99 -26.64
N GLU B 300 50.25 18.27 -25.44
CA GLU B 300 50.53 17.22 -24.48
C GLU B 300 49.21 16.60 -24.00
N ALA B 301 48.21 17.45 -23.71
CA ALA B 301 46.91 17.00 -23.19
C ALA B 301 46.07 16.25 -24.21
N GLU B 302 46.15 16.64 -25.50
CA GLU B 302 45.40 15.94 -26.55
C GLU B 302 45.87 14.52 -26.70
N ALA B 303 47.18 14.29 -26.58
CA ALA B 303 47.73 12.93 -26.67
C ALA B 303 47.32 12.09 -25.45
N ALA B 304 47.09 12.73 -24.28
CA ALA B 304 46.70 12.04 -23.05
C ALA B 304 45.20 11.74 -22.97
N VAL B 305 44.41 12.10 -23.99
CA VAL B 305 42.98 11.80 -24.01
C VAL B 305 42.80 10.29 -24.12
N TYR B 306 41.91 9.70 -23.32
CA TYR B 306 41.68 8.27 -23.33
C TYR B 306 40.67 7.95 -24.44
N HIS B 307 41.13 7.94 -25.69
CA HIS B 307 40.27 7.71 -26.85
C HIS B 307 39.48 6.42 -26.82
N ARG B 308 40.05 5.35 -26.29
CA ARG B 308 39.36 4.06 -26.22
C ARG B 308 37.98 4.16 -25.55
N GLN B 309 37.89 4.79 -24.36
CA GLN B 309 36.61 4.94 -23.70
C GLN B 309 35.81 6.09 -24.30
N LEU B 310 36.47 7.21 -24.62
CA LEU B 310 35.82 8.37 -25.20
C LEU B 310 35.05 8.01 -26.49
N PHE B 311 35.70 7.33 -27.45
CA PHE B 311 35.04 6.96 -28.70
C PHE B 311 33.87 6.02 -28.45
N GLU B 312 34.05 5.01 -27.55
CA GLU B 312 33.00 4.07 -27.19
C GLU B 312 31.79 4.80 -26.63
N GLU B 313 32.01 5.78 -25.73
CA GLU B 313 30.92 6.53 -25.13
C GLU B 313 30.25 7.50 -26.10
N LEU B 314 31.03 8.15 -26.98
CA LEU B 314 30.45 9.08 -27.96
C LEU B 314 29.58 8.30 -28.93
N ARG B 315 30.05 7.14 -29.36
CA ARG B 315 29.36 6.22 -30.25
C ARG B 315 28.04 5.74 -29.61
N ARG B 316 28.08 5.31 -28.37
CA ARG B 316 26.91 4.80 -27.66
C ARG B 316 25.90 5.91 -27.35
N ALA B 317 26.37 7.12 -27.01
CA ALA B 317 25.49 8.22 -26.66
C ALA B 317 24.87 8.90 -27.88
N ALA B 318 25.58 8.90 -29.02
CA ALA B 318 25.07 9.55 -30.23
C ALA B 318 23.88 8.73 -30.73
N PRO B 319 22.73 9.40 -30.91
CA PRO B 319 21.54 8.66 -31.35
C PRO B 319 21.71 8.09 -32.74
N LEU B 320 20.90 7.06 -33.08
CA LEU B 320 20.92 6.48 -34.42
C LEU B 320 20.58 7.55 -35.44
N SER B 321 21.20 7.51 -36.61
CA SER B 321 20.96 8.58 -37.58
C SER B 321 20.73 8.09 -38.95
N ARG B 322 19.83 8.75 -39.65
CA ARG B 322 19.59 8.44 -41.05
C ARG B 322 20.20 9.53 -41.97
N ASP B 323 20.98 10.47 -41.41
CA ASP B 323 21.64 11.52 -42.17
C ASP B 323 22.94 10.93 -42.71
N PRO B 324 23.10 10.86 -44.03
CA PRO B 324 24.32 10.28 -44.60
C PRO B 324 25.63 10.95 -44.19
N THR B 325 25.64 12.26 -43.92
CA THR B 325 26.86 12.95 -43.48
C THR B 325 27.26 12.40 -42.10
N GLU B 326 26.29 12.24 -41.21
CA GLU B 326 26.48 11.71 -39.87
C GLU B 326 26.95 10.24 -39.92
N VAL B 327 26.33 9.43 -40.79
CA VAL B 327 26.69 8.02 -40.96
C VAL B 327 28.10 7.86 -41.53
N THR B 328 28.45 8.70 -42.52
CA THR B 328 29.77 8.66 -43.14
C THR B 328 30.83 9.09 -42.12
N ALA B 329 30.53 10.12 -41.32
CA ALA B 329 31.45 10.62 -40.33
C ALA B 329 31.89 9.57 -39.31
N ILE B 330 30.95 8.78 -38.75
CA ILE B 330 31.30 7.75 -37.79
C ILE B 330 32.05 6.60 -38.45
N GLY B 331 31.70 6.26 -39.69
CA GLY B 331 32.41 5.23 -40.43
C GLY B 331 33.85 5.64 -40.70
N ALA B 332 34.05 6.91 -41.05
CA ALA B 332 35.38 7.46 -41.35
C ALA B 332 36.26 7.51 -40.09
N VAL B 333 35.70 7.92 -38.94
CA VAL B 333 36.45 7.99 -37.69
C VAL B 333 36.81 6.59 -37.22
N GLU B 334 35.90 5.63 -37.37
CA GLU B 334 36.16 4.23 -37.03
C GLU B 334 37.30 3.69 -37.93
N ALA B 335 37.24 3.98 -39.23
CA ALA B 335 38.27 3.53 -40.17
C ALA B 335 39.64 4.16 -39.82
N ALA B 336 39.65 5.45 -39.47
CA ALA B 336 40.87 6.14 -39.08
C ALA B 336 41.54 5.48 -37.85
N PHE B 337 40.75 5.10 -36.82
CA PHE B 337 41.31 4.45 -35.65
C PHE B 337 41.87 3.06 -35.99
N LYS B 338 41.19 2.32 -36.87
CA LYS B 338 41.58 0.97 -37.26
C LYS B 338 42.98 0.91 -37.87
N CYS B 339 43.34 1.91 -38.66
CA CYS B 339 44.64 1.91 -39.34
C CYS B 339 45.63 2.92 -38.82
N CYS B 340 45.30 3.64 -37.72
CA CYS B 340 46.15 4.71 -37.18
C CYS B 340 46.36 5.77 -38.27
N ALA B 341 45.29 6.11 -39.01
CA ALA B 341 45.35 7.07 -40.12
C ALA B 341 45.98 8.37 -39.69
N ALA B 342 46.85 8.89 -40.53
CA ALA B 342 47.54 10.15 -40.24
C ALA B 342 46.55 11.32 -40.31
N ALA B 343 45.54 11.24 -41.18
CA ALA B 343 44.57 12.31 -41.35
C ALA B 343 43.23 11.82 -41.99
N ILE B 344 42.19 12.62 -41.90
CA ILE B 344 40.91 12.42 -42.55
C ILE B 344 40.77 13.70 -43.40
N ILE B 345 40.76 13.57 -44.73
CA ILE B 345 40.63 14.73 -45.61
C ILE B 345 39.18 14.85 -45.99
N VAL B 346 38.56 15.98 -45.72
CA VAL B 346 37.14 16.16 -46.01
C VAL B 346 36.88 17.39 -46.85
N LEU B 347 35.99 17.28 -47.84
CA LEU B 347 35.60 18.42 -48.67
C LEU B 347 34.37 18.99 -48.00
N THR B 348 34.35 20.31 -47.76
CA THR B 348 33.21 20.92 -47.07
C THR B 348 32.93 22.33 -47.58
N THR B 349 31.65 22.69 -47.65
CA THR B 349 31.25 24.01 -48.12
C THR B 349 31.00 24.91 -46.92
N THR B 350 30.24 24.42 -45.94
CA THR B 350 29.91 25.19 -44.75
C THR B 350 30.74 24.84 -43.51
N GLY B 351 31.50 23.76 -43.56
CA GLY B 351 32.25 23.26 -42.42
C GLY B 351 31.54 22.11 -41.72
N ARG B 352 30.24 21.87 -42.01
CA ARG B 352 29.43 20.85 -41.35
C ARG B 352 29.99 19.41 -41.42
N SER B 353 30.47 18.95 -42.58
CA SER B 353 31.01 17.59 -42.67
C SER B 353 32.25 17.43 -41.76
N ALA B 354 33.07 18.50 -41.63
CA ALA B 354 34.24 18.47 -40.77
C ALA B 354 33.80 18.49 -39.30
N GLN B 355 32.75 19.24 -38.96
CA GLN B 355 32.21 19.30 -37.60
C GLN B 355 31.68 17.94 -37.16
N LEU B 356 31.01 17.21 -38.06
CA LEU B 356 30.49 15.89 -37.73
C LEU B 356 31.61 14.85 -37.55
N LEU B 357 32.76 15.04 -38.18
CA LEU B 357 33.91 14.17 -37.98
C LEU B 357 34.52 14.49 -36.60
N SER B 358 34.69 15.79 -36.32
CA SER B 358 35.26 16.35 -35.10
C SER B 358 34.49 15.92 -33.82
N ARG B 359 33.16 15.76 -33.89
CA ARG B 359 32.36 15.37 -32.74
C ARG B 359 32.72 13.96 -32.21
N TYR B 360 33.29 13.08 -33.05
CA TYR B 360 33.70 11.76 -32.61
C TYR B 360 35.12 11.71 -32.07
N ARG B 361 35.79 12.88 -32.00
CA ARG B 361 37.12 13.06 -31.45
C ARG B 361 38.16 12.09 -32.01
N PRO B 362 38.35 12.06 -33.34
CA PRO B 362 39.40 11.18 -33.89
C PRO B 362 40.78 11.68 -33.47
N ARG B 363 41.72 10.76 -33.39
CA ARG B 363 43.11 11.11 -33.14
C ARG B 363 43.71 11.71 -34.47
N ALA B 364 43.25 11.21 -35.64
CA ALA B 364 43.65 11.69 -36.94
C ALA B 364 43.23 13.13 -37.13
N ALA B 365 44.10 13.96 -37.69
CA ALA B 365 43.80 15.35 -38.00
C ALA B 365 42.70 15.40 -39.07
N VAL B 366 41.72 16.28 -38.94
CA VAL B 366 40.67 16.43 -39.94
C VAL B 366 41.09 17.61 -40.82
N ILE B 367 41.61 17.32 -42.02
CA ILE B 367 42.03 18.34 -42.97
C ILE B 367 40.82 18.75 -43.81
N ALA B 368 40.29 19.94 -43.57
CA ALA B 368 39.07 20.38 -44.25
C ALA B 368 39.37 21.30 -45.44
N VAL B 369 39.10 20.82 -46.66
CA VAL B 369 39.32 21.58 -47.89
C VAL B 369 38.07 22.30 -48.28
N THR B 370 38.11 23.64 -48.31
CA THR B 370 36.95 24.44 -48.63
C THR B 370 37.30 25.64 -49.52
N ARG B 371 36.32 26.09 -50.31
CA ARG B 371 36.47 27.31 -51.11
C ARG B 371 35.96 28.53 -50.32
N SER B 372 35.17 28.30 -49.25
CA SER B 372 34.64 29.37 -48.43
C SER B 372 35.68 29.87 -47.44
N ALA B 373 36.11 31.14 -47.58
CA ALA B 373 37.07 31.75 -46.66
C ALA B 373 36.46 31.86 -45.25
N GLN B 374 35.17 32.15 -45.16
CA GLN B 374 34.49 32.24 -43.88
C GLN B 374 34.42 30.88 -43.18
N ALA B 375 34.04 29.81 -43.91
CA ALA B 375 33.98 28.47 -43.32
C ALA B 375 35.37 28.02 -42.88
N ALA B 376 36.42 28.37 -43.65
CA ALA B 376 37.79 28.04 -43.27
C ALA B 376 38.17 28.70 -41.92
N ARG B 377 37.71 29.93 -41.68
CA ARG B 377 37.97 30.61 -40.41
C ARG B 377 37.11 30.02 -39.28
N GLN B 378 35.82 29.79 -39.54
CA GLN B 378 34.91 29.29 -38.53
C GLN B 378 35.17 27.85 -38.06
N VAL B 379 35.75 26.96 -38.89
CA VAL B 379 35.99 25.59 -38.45
C VAL B 379 37.05 25.48 -37.36
N HIS B 380 37.76 26.59 -37.05
CA HIS B 380 38.69 26.61 -35.92
C HIS B 380 37.92 26.39 -34.59
N LEU B 381 36.59 26.62 -34.57
CA LEU B 381 35.79 26.37 -33.39
C LEU B 381 35.71 24.85 -33.07
N CYS B 382 35.95 23.97 -34.05
CA CYS B 382 35.84 22.52 -33.90
C CYS B 382 37.17 21.88 -33.69
N ARG B 383 37.35 21.17 -32.56
CA ARG B 383 38.63 20.53 -32.28
C ARG B 383 39.12 19.60 -33.38
N GLY B 384 40.38 19.74 -33.73
CA GLY B 384 41.03 18.85 -34.68
C GLY B 384 40.75 19.10 -36.14
N VAL B 385 40.12 20.23 -36.46
CA VAL B 385 39.87 20.58 -37.86
C VAL B 385 40.93 21.60 -38.31
N PHE B 386 41.69 21.23 -39.36
CA PHE B 386 42.75 22.03 -39.97
C PHE B 386 42.26 22.55 -41.33
N PRO B 387 41.82 23.82 -41.38
CA PRO B 387 41.26 24.35 -42.63
C PRO B 387 42.27 24.69 -43.72
N LEU B 388 41.96 24.29 -44.96
CA LEU B 388 42.77 24.60 -46.13
C LEU B 388 41.87 25.34 -47.09
N LEU B 389 42.21 26.59 -47.38
CA LEU B 389 41.42 27.40 -48.30
C LEU B 389 41.88 27.14 -49.75
N TYR B 390 41.00 26.57 -50.58
CA TYR B 390 41.24 26.24 -51.98
C TYR B 390 40.88 27.48 -52.82
N ARG B 391 41.86 28.03 -53.54
CA ARG B 391 41.64 29.25 -54.32
C ARG B 391 41.43 29.00 -55.84
N GLU B 392 41.71 27.79 -56.33
CA GLU B 392 41.58 27.48 -57.76
C GLU B 392 40.15 27.50 -58.30
N PRO B 393 39.98 27.93 -59.57
CA PRO B 393 38.62 27.95 -60.16
C PRO B 393 38.15 26.54 -60.54
N PRO B 394 36.83 26.32 -60.53
CA PRO B 394 36.32 24.98 -60.83
C PRO B 394 36.69 24.37 -62.18
N GLU B 395 37.00 23.06 -62.16
CA GLU B 395 37.24 22.25 -63.36
C GLU B 395 35.89 22.07 -64.07
N ALA B 396 35.93 21.79 -65.38
CA ALA B 396 34.71 21.59 -66.15
C ALA B 396 33.97 20.34 -65.69
N ILE B 397 34.71 19.26 -65.41
CA ILE B 397 34.11 18.04 -64.92
C ILE B 397 34.15 18.03 -63.38
N TRP B 398 32.97 17.99 -62.74
CA TRP B 398 32.85 18.02 -61.27
C TRP B 398 33.68 16.93 -60.58
N ALA B 399 33.68 15.68 -61.09
CA ALA B 399 34.48 14.62 -60.50
C ALA B 399 35.98 14.95 -60.50
N ASP B 400 36.47 15.66 -61.53
CA ASP B 400 37.87 16.07 -61.60
C ASP B 400 38.16 17.20 -60.60
N ASP B 401 37.20 18.10 -60.39
CA ASP B 401 37.31 19.21 -59.45
C ASP B 401 37.42 18.65 -58.02
N VAL B 402 36.62 17.60 -57.70
CA VAL B 402 36.65 16.91 -56.41
C VAL B 402 38.03 16.29 -56.20
N ASP B 403 38.52 15.54 -57.20
CA ASP B 403 39.84 14.89 -57.14
C ASP B 403 40.96 15.89 -56.96
N ARG B 404 40.87 17.05 -57.61
CA ARG B 404 41.90 18.08 -57.47
C ARG B 404 41.95 18.62 -56.05
N ARG B 405 40.79 18.81 -55.44
CA ARG B 405 40.68 19.30 -54.07
C ARG B 405 41.24 18.28 -53.07
N VAL B 406 41.02 16.99 -53.31
CA VAL B 406 41.55 15.92 -52.46
C VAL B 406 43.06 15.89 -52.57
N GLN B 407 43.58 15.99 -53.81
CA GLN B 407 45.03 16.02 -54.05
C GLN B 407 45.68 17.25 -53.44
N PHE B 408 44.97 18.39 -53.43
CA PHE B 408 45.44 19.61 -52.78
C PHE B 408 45.62 19.36 -51.27
N GLY B 409 44.67 18.63 -50.66
CA GLY B 409 44.73 18.27 -49.25
C GLY B 409 45.88 17.34 -48.95
N ILE B 410 46.16 16.38 -49.85
CA ILE B 410 47.27 15.44 -49.69
C ILE B 410 48.62 16.14 -49.84
N GLU B 411 48.75 17.00 -50.87
CA GLU B 411 49.97 17.74 -51.11
C GLU B 411 50.21 18.74 -50.00
N SER B 412 49.17 19.42 -49.51
CA SER B 412 49.34 20.34 -48.38
C SER B 412 49.66 19.55 -47.09
N GLY B 413 49.08 18.36 -46.95
CA GLY B 413 49.30 17.48 -45.82
C GLY B 413 50.73 16.99 -45.77
N LYS B 414 51.33 16.74 -46.93
CA LYS B 414 52.73 16.32 -47.04
C LYS B 414 53.63 17.52 -46.74
N LEU B 415 53.28 18.68 -47.31
CA LEU B 415 54.02 19.93 -47.12
C LEU B 415 54.06 20.33 -45.69
N ARG B 416 52.94 20.25 -44.94
CA ARG B 416 52.94 20.66 -43.54
C ARG B 416 53.42 19.60 -42.54
N GLY B 417 53.75 18.40 -43.01
CA GLY B 417 54.22 17.34 -42.13
C GLY B 417 53.15 16.44 -41.55
N PHE B 418 51.87 16.67 -41.91
CA PHE B 418 50.76 15.82 -41.45
C PHE B 418 50.85 14.43 -42.06
N LEU B 419 51.32 14.33 -43.31
CA LEU B 419 51.35 13.07 -44.03
C LEU B 419 52.72 12.75 -44.61
N ARG B 420 53.05 11.47 -44.61
CA ARG B 420 54.29 10.92 -45.17
C ARG B 420 53.95 9.77 -46.13
N VAL B 421 54.85 9.43 -47.07
CA VAL B 421 54.63 8.33 -47.99
C VAL B 421 54.49 7.02 -47.18
N GLY B 422 53.49 6.22 -47.51
CA GLY B 422 53.20 4.99 -46.77
C GLY B 422 52.06 5.14 -45.77
N ASP B 423 51.70 6.39 -45.43
CA ASP B 423 50.60 6.65 -44.51
C ASP B 423 49.26 6.28 -45.14
N LEU B 424 48.28 5.99 -44.30
CA LEU B 424 46.92 5.78 -44.76
C LEU B 424 46.14 7.03 -44.38
N VAL B 425 45.28 7.40 -45.29
CA VAL B 425 44.43 8.58 -45.14
C VAL B 425 42.97 8.17 -45.44
N ILE B 426 42.02 8.82 -44.77
CA ILE B 426 40.61 8.55 -45.00
C ILE B 426 40.09 9.78 -45.72
N VAL B 427 39.38 9.61 -46.85
CA VAL B 427 38.90 10.75 -47.63
C VAL B 427 37.38 10.77 -47.62
N VAL B 428 36.79 11.88 -47.22
CA VAL B 428 35.36 12.05 -47.09
C VAL B 428 34.83 13.06 -48.11
N THR B 429 33.96 12.59 -49.02
CA THR B 429 33.37 13.40 -50.11
C THR B 429 31.84 13.11 -50.24
N GLY B 430 31.16 13.78 -51.17
CA GLY B 430 29.74 13.59 -51.43
C GLY B 430 29.46 13.16 -52.86
N TRP B 431 28.20 12.81 -53.14
CA TRP B 431 27.82 12.28 -54.44
C TRP B 431 27.42 13.36 -55.48
N ARG B 432 27.17 14.60 -55.04
CA ARG B 432 26.79 15.69 -55.93
C ARG B 432 27.27 17.04 -55.37
N PRO B 433 27.38 18.10 -56.20
CA PRO B 433 27.80 19.41 -55.66
C PRO B 433 26.80 20.01 -54.68
N GLY B 434 27.26 20.97 -53.90
CA GLY B 434 26.42 21.64 -52.92
C GLY B 434 26.54 21.01 -51.54
N SER B 435 26.24 21.80 -50.53
CA SER B 435 26.30 21.38 -49.14
C SER B 435 25.21 20.36 -48.82
N GLY B 436 25.50 19.44 -47.89
CA GLY B 436 24.55 18.46 -47.40
C GLY B 436 24.53 17.09 -48.04
N TYR B 437 25.46 16.80 -48.96
CA TYR B 437 25.44 15.52 -49.66
C TYR B 437 26.62 14.61 -49.42
N THR B 438 27.38 14.84 -48.33
CA THR B 438 28.51 13.94 -47.99
C THR B 438 27.98 12.55 -47.72
N ASN B 439 28.55 11.54 -48.37
CA ASN B 439 28.08 10.17 -48.19
C ASN B 439 29.16 9.13 -48.55
N ILE B 440 30.40 9.55 -48.82
CA ILE B 440 31.44 8.63 -49.25
C ILE B 440 32.69 8.69 -48.38
N MET B 441 33.24 7.53 -48.08
CA MET B 441 34.48 7.42 -47.34
CA MET B 441 34.46 7.37 -47.30
C MET B 441 35.41 6.48 -48.13
N ARG B 442 36.66 6.91 -48.32
CA ARG B 442 37.65 6.14 -49.07
C ARG B 442 38.94 5.96 -48.29
N VAL B 443 39.58 4.80 -48.40
CA VAL B 443 40.85 4.55 -47.73
C VAL B 443 41.93 4.69 -48.80
N LEU B 444 42.82 5.69 -48.65
CA LEU B 444 43.89 5.92 -49.63
CA LEU B 444 43.87 5.93 -49.63
C LEU B 444 45.28 5.81 -49.03
N SER B 445 46.19 5.12 -49.75
CA SER B 445 47.58 4.96 -49.32
C SER B 445 48.40 6.10 -49.94
N ILE B 446 49.16 6.83 -49.14
CA ILE B 446 49.95 7.95 -49.63
C ILE B 446 51.18 7.50 -50.41
N SER B 447 51.30 7.95 -51.66
CA SER B 447 52.45 7.59 -52.50
C SER B 447 53.31 8.82 -52.80
N GLU C 21 51.82 -20.00 -2.89
CA GLU C 21 50.92 -20.18 -1.76
C GLU C 21 49.81 -21.22 -2.05
N LEU C 22 49.18 -21.12 -3.23
CA LEU C 22 48.14 -22.07 -3.69
C LEU C 22 48.67 -23.02 -4.77
N GLY C 23 49.68 -22.58 -5.52
CA GLY C 23 50.28 -23.36 -6.59
C GLY C 23 49.77 -22.99 -7.97
N THR C 24 50.62 -23.18 -8.99
CA THR C 24 50.26 -22.92 -10.38
C THR C 24 49.16 -23.88 -10.86
N ALA C 25 49.17 -25.13 -10.35
CA ALA C 25 48.16 -26.13 -10.71
C ALA C 25 46.76 -25.68 -10.32
N PHE C 26 46.63 -24.98 -9.17
CA PHE C 26 45.36 -24.46 -8.69
C PHE C 26 44.74 -23.52 -9.73
N PHE C 27 45.56 -22.63 -10.32
CA PHE C 27 45.09 -21.64 -11.28
C PHE C 27 44.85 -22.18 -12.70
N GLN C 28 45.16 -23.45 -12.95
CA GLN C 28 44.88 -24.06 -14.26
C GLN C 28 43.53 -24.84 -14.25
N GLN C 29 43.10 -25.31 -13.05
CA GLN C 29 41.86 -26.04 -12.82
C GLN C 29 40.63 -25.12 -12.84
N GLN C 30 39.42 -25.73 -12.82
CA GLN C 30 38.07 -25.12 -12.76
C GLN C 30 37.92 -23.89 -13.69
N GLN C 31 38.52 -23.96 -14.89
CA GLN C 31 38.46 -22.89 -15.91
C GLN C 31 38.88 -21.53 -15.37
N LEU C 32 39.82 -21.50 -14.40
CA LEU C 32 40.27 -20.24 -13.83
C LEU C 32 40.90 -19.31 -14.89
N PRO C 33 41.70 -19.76 -15.88
CA PRO C 33 42.15 -18.82 -16.93
C PRO C 33 40.98 -18.15 -17.67
N ALA C 34 39.94 -18.93 -18.02
CA ALA C 34 38.75 -18.39 -18.69
C ALA C 34 37.94 -17.46 -17.78
N ALA C 35 37.96 -17.72 -16.47
CA ALA C 35 37.26 -16.90 -15.48
C ALA C 35 37.88 -15.53 -15.32
N MET C 36 39.21 -15.43 -15.46
CA MET C 36 39.91 -14.15 -15.32
C MET C 36 39.90 -13.31 -16.61
N ALA C 37 39.31 -13.80 -17.71
CA ALA C 37 39.33 -13.07 -18.98
C ALA C 37 38.66 -11.70 -18.92
N ASP C 38 39.16 -10.75 -19.72
CA ASP C 38 38.64 -9.38 -19.74
C ASP C 38 37.39 -9.20 -20.58
N THR C 39 37.12 -10.12 -21.53
CA THR C 39 35.92 -10.05 -22.35
C THR C 39 35.27 -11.44 -22.41
N PHE C 40 33.98 -11.51 -22.76
CA PHE C 40 33.29 -12.77 -22.92
C PHE C 40 33.91 -13.58 -24.07
N LEU C 41 34.30 -12.92 -25.17
CA LEU C 41 34.95 -13.57 -26.30
C LEU C 41 36.26 -14.25 -25.86
N GLU C 42 37.10 -13.53 -25.09
CA GLU C 42 38.36 -14.10 -24.59
C GLU C 42 38.07 -15.23 -23.60
N HIS C 43 36.99 -15.11 -22.81
CA HIS C 43 36.56 -16.16 -21.87
C HIS C 43 36.28 -17.45 -22.64
N LEU C 44 35.53 -17.36 -23.77
CA LEU C 44 35.23 -18.54 -24.59
C LEU C 44 36.52 -19.14 -25.15
N CYS C 45 37.41 -18.29 -25.70
CA CYS C 45 38.68 -18.72 -26.30
C CYS C 45 39.57 -19.46 -25.30
N LEU C 46 39.46 -19.13 -24.00
CA LEU C 46 40.28 -19.75 -22.96
C LEU C 46 39.67 -21.00 -22.31
N LEU C 47 38.44 -21.41 -22.71
CA LEU C 47 37.84 -22.62 -22.15
C LEU C 47 38.70 -23.83 -22.54
N ASP C 48 38.97 -24.71 -21.59
CA ASP C 48 39.92 -25.79 -21.77
C ASP C 48 39.37 -27.12 -21.34
N ILE C 49 39.29 -28.10 -22.27
CA ILE C 49 38.82 -29.44 -21.94
C ILE C 49 39.72 -30.16 -20.92
N ASP C 50 40.98 -29.74 -20.78
CA ASP C 50 41.90 -30.33 -19.81
C ASP C 50 41.83 -29.65 -18.42
N SER C 51 41.07 -28.56 -18.29
CA SER C 51 40.91 -27.86 -17.02
C SER C 51 39.82 -28.58 -16.23
N GLU C 52 40.20 -29.36 -15.22
CA GLU C 52 39.26 -30.19 -14.48
C GLU C 52 38.43 -29.44 -13.45
N PRO C 53 37.12 -29.79 -13.36
CA PRO C 53 36.29 -29.15 -12.32
C PRO C 53 36.72 -29.64 -10.94
N VAL C 54 36.76 -28.75 -9.97
CA VAL C 54 37.16 -29.13 -8.62
C VAL C 54 36.03 -28.92 -7.63
N ALA C 55 35.28 -27.82 -7.80
CA ALA C 55 34.17 -27.52 -6.91
C ALA C 55 33.07 -28.58 -6.97
N ALA C 56 32.33 -28.71 -5.87
CA ALA C 56 31.19 -29.62 -5.81
C ALA C 56 30.10 -29.10 -6.79
N ARG C 57 29.33 -30.02 -7.36
CA ARG C 57 28.28 -29.67 -8.31
C ARG C 57 27.19 -28.85 -7.60
N SER C 58 26.96 -27.66 -8.09
CA SER C 58 26.05 -26.71 -7.47
C SER C 58 24.61 -26.68 -8.03
N THR C 59 24.36 -27.12 -9.28
CA THR C 59 22.99 -27.12 -9.84
C THR C 59 22.29 -28.39 -9.39
N SER C 60 21.17 -28.27 -8.68
CA SER C 60 20.46 -29.47 -8.20
C SER C 60 19.82 -30.30 -9.31
N ILE C 61 19.75 -31.60 -9.09
CA ILE C 61 19.14 -32.50 -10.03
C ILE C 61 17.80 -32.96 -9.47
N ILE C 62 16.72 -32.74 -10.24
CA ILE C 62 15.41 -33.21 -9.87
C ILE C 62 15.15 -34.48 -10.69
N ALA C 63 14.83 -35.59 -10.01
CA ALA C 63 14.55 -36.83 -10.73
C ALA C 63 13.10 -37.21 -10.50
N THR C 64 12.38 -37.53 -11.58
CA THR C 64 10.99 -37.94 -11.46
C THR C 64 10.93 -39.40 -11.05
N ILE C 65 10.15 -39.68 -10.00
CA ILE C 65 10.00 -41.03 -9.48
C ILE C 65 8.92 -41.77 -10.28
N GLY C 66 9.21 -43.00 -10.66
CA GLY C 66 8.30 -43.87 -11.38
C GLY C 66 8.68 -45.32 -11.24
N PRO C 67 8.09 -46.20 -12.05
CA PRO C 67 8.44 -47.63 -11.97
C PRO C 67 9.93 -47.95 -12.07
N ALA C 68 10.69 -47.17 -12.87
CA ALA C 68 12.13 -47.40 -13.03
C ALA C 68 12.99 -46.87 -11.88
N SER C 69 12.40 -46.12 -10.93
CA SER C 69 13.18 -45.48 -9.87
C SER C 69 12.43 -45.45 -8.54
N ARG C 70 11.58 -46.43 -8.28
CA ARG C 70 10.75 -46.45 -7.08
C ARG C 70 11.26 -47.29 -5.95
N SER C 71 11.98 -48.37 -6.27
CA SER C 71 12.49 -49.26 -5.24
C SER C 71 13.56 -48.57 -4.38
N VAL C 72 13.62 -48.95 -3.11
CA VAL C 72 14.54 -48.39 -2.12
C VAL C 72 15.99 -48.56 -2.58
N GLU C 73 16.33 -49.73 -3.12
CA GLU C 73 17.70 -49.98 -3.58
C GLU C 73 18.07 -49.12 -4.79
N ARG C 74 17.11 -48.88 -5.68
CA ARG C 74 17.33 -48.03 -6.86
C ARG C 74 17.47 -46.56 -6.42
N LEU C 75 16.64 -46.12 -5.46
CA LEU C 75 16.69 -44.77 -4.91
C LEU C 75 18.02 -44.48 -4.20
N LYS C 76 18.62 -45.49 -3.53
CA LYS C 76 19.92 -45.32 -2.88
C LYS C 76 20.99 -45.05 -3.93
N GLU C 77 20.92 -45.72 -5.08
CA GLU C 77 21.87 -45.51 -6.17
C GLU C 77 21.69 -44.12 -6.79
N MET C 78 20.44 -43.65 -6.89
CA MET C 78 20.15 -42.34 -7.45
CA MET C 78 20.15 -42.34 -7.45
C MET C 78 20.60 -41.22 -6.53
N ILE C 79 20.53 -41.44 -5.19
CA ILE C 79 21.00 -40.47 -4.23
C ILE C 79 22.53 -40.38 -4.37
N LYS C 80 23.21 -41.53 -4.49
CA LYS C 80 24.66 -41.57 -4.66
C LYS C 80 25.11 -40.94 -5.97
N ALA C 81 24.29 -41.07 -7.01
CA ALA C 81 24.58 -40.49 -8.32
C ALA C 81 24.40 -38.95 -8.32
N GLY C 82 23.62 -38.41 -7.38
CA GLY C 82 23.43 -36.97 -7.26
C GLY C 82 22.02 -36.41 -7.23
N MET C 83 20.98 -37.25 -7.16
CA MET C 83 19.60 -36.76 -7.05
C MET C 83 19.41 -35.94 -5.76
N ASN C 84 18.92 -34.70 -5.89
CA ASN C 84 18.70 -33.83 -4.72
C ASN C 84 17.23 -33.65 -4.40
N ILE C 85 16.37 -33.74 -5.46
CA ILE C 85 14.94 -33.54 -5.32
C ILE C 85 14.22 -34.68 -6.04
N ALA C 86 13.28 -35.32 -5.33
CA ALA C 86 12.47 -36.38 -5.90
C ALA C 86 11.15 -35.77 -6.32
N ARG C 87 10.80 -35.89 -7.60
CA ARG C 87 9.56 -35.34 -8.12
C ARG C 87 8.48 -36.42 -8.25
N LEU C 88 7.31 -36.16 -7.66
CA LEU C 88 6.16 -37.07 -7.75
C LEU C 88 5.21 -36.46 -8.77
N ASN C 89 5.01 -37.14 -9.91
CA ASN C 89 4.13 -36.63 -10.94
C ASN C 89 2.71 -37.07 -10.69
N PHE C 90 1.86 -36.16 -10.15
CA PHE C 90 0.49 -36.48 -9.82
C PHE C 90 -0.44 -36.58 -11.05
N SER C 91 0.12 -36.49 -12.27
CA SER C 91 -0.64 -36.76 -13.48
C SER C 91 -0.92 -38.28 -13.59
N HIS C 92 -0.13 -39.13 -12.92
CA HIS C 92 -0.29 -40.58 -12.96
C HIS C 92 -0.22 -41.14 -11.54
N GLY C 93 -0.87 -42.28 -11.30
CA GLY C 93 -0.83 -42.96 -10.02
C GLY C 93 -1.79 -42.40 -8.99
N SER C 94 -2.14 -43.25 -8.04
CA SER C 94 -3.07 -42.87 -6.98
C SER C 94 -2.33 -42.27 -5.77
N HIS C 95 -3.08 -41.76 -4.78
CA HIS C 95 -2.49 -41.27 -3.53
C HIS C 95 -1.71 -42.38 -2.82
N GLU C 96 -2.21 -43.62 -2.88
CA GLU C 96 -1.56 -44.76 -2.25
C GLU C 96 -0.21 -45.04 -2.92
N TYR C 97 -0.15 -44.94 -4.25
CA TYR C 97 1.07 -45.14 -5.02
C TYR C 97 2.12 -44.06 -4.64
N HIS C 98 1.70 -42.78 -4.58
CA HIS C 98 2.61 -41.68 -4.22
C HIS C 98 3.07 -41.73 -2.77
N ALA C 99 2.20 -42.18 -1.84
CA ALA C 99 2.61 -42.31 -0.44
C ALA C 99 3.70 -43.37 -0.31
N GLU C 100 3.63 -44.44 -1.13
CA GLU C 100 4.65 -45.47 -1.11
C GLU C 100 5.96 -44.93 -1.68
N SER C 101 5.89 -44.12 -2.75
CA SER C 101 7.06 -43.47 -3.34
C SER C 101 7.75 -42.57 -2.29
N ILE C 102 6.97 -41.77 -1.54
CA ILE C 102 7.47 -40.90 -0.48
C ILE C 102 8.17 -41.73 0.61
N ALA C 103 7.52 -42.81 1.07
CA ALA C 103 8.09 -43.67 2.10
C ALA C 103 9.41 -44.31 1.62
N ASN C 104 9.47 -44.74 0.35
CA ASN C 104 10.69 -45.34 -0.21
C ASN C 104 11.80 -44.32 -0.33
N VAL C 105 11.48 -43.06 -0.70
CA VAL C 105 12.48 -42.00 -0.80
C VAL C 105 13.03 -41.74 0.61
N ARG C 106 12.15 -41.57 1.61
CA ARG C 106 12.59 -41.34 2.98
C ARG C 106 13.41 -42.50 3.55
N GLU C 107 13.04 -43.76 3.22
CA GLU C 107 13.81 -44.91 3.67
C GLU C 107 15.21 -44.91 3.05
N ALA C 108 15.31 -44.65 1.74
CA ALA C 108 16.60 -44.59 1.06
C ALA C 108 17.46 -43.44 1.60
N VAL C 109 16.86 -42.27 1.86
CA VAL C 109 17.60 -41.12 2.40
C VAL C 109 18.12 -41.42 3.81
N GLU C 110 17.25 -41.98 4.67
CA GLU C 110 17.63 -42.27 6.04
C GLU C 110 18.60 -43.44 6.20
N SER C 111 18.77 -44.27 5.16
CA SER C 111 19.75 -45.35 5.21
C SER C 111 21.21 -44.83 5.30
N PHE C 112 21.44 -43.52 5.02
CA PHE C 112 22.75 -42.90 5.10
C PHE C 112 22.95 -42.05 6.34
N ALA C 113 21.98 -42.02 7.28
CA ALA C 113 22.14 -41.22 8.51
C ALA C 113 23.35 -41.65 9.37
N GLY C 114 23.92 -42.82 9.09
CA GLY C 114 25.07 -43.34 9.84
C GLY C 114 26.38 -42.73 9.42
N SER C 115 26.50 -42.37 8.14
CA SER C 115 27.73 -41.78 7.62
C SER C 115 27.54 -40.31 7.23
N PRO C 116 28.16 -39.37 7.97
CA PRO C 116 28.03 -37.94 7.63
C PRO C 116 28.56 -37.60 6.23
N LEU C 117 29.52 -38.38 5.73
CA LEU C 117 30.15 -38.23 4.42
C LEU C 117 29.18 -38.61 3.27
N SER C 118 28.24 -39.53 3.54
CA SER C 118 27.29 -39.99 2.53
C SER C 118 25.86 -39.49 2.72
N TYR C 119 25.49 -39.07 3.94
CA TYR C 119 24.13 -38.58 4.20
C TYR C 119 23.88 -37.29 3.45
N ARG C 120 22.72 -37.22 2.80
CA ARG C 120 22.33 -36.01 2.09
C ARG C 120 20.83 -35.84 2.17
N PRO C 121 20.36 -34.65 2.58
CA PRO C 121 18.92 -34.39 2.55
C PRO C 121 18.40 -34.46 1.11
N VAL C 122 17.16 -34.92 0.93
CA VAL C 122 16.56 -35.00 -0.41
C VAL C 122 15.18 -34.40 -0.30
N ALA C 123 14.88 -33.36 -1.09
CA ALA C 123 13.57 -32.73 -1.06
C ALA C 123 12.52 -33.57 -1.80
N ILE C 124 11.25 -33.43 -1.43
CA ILE C 124 10.17 -34.11 -2.12
C ILE C 124 9.25 -33.06 -2.72
N ALA C 125 9.08 -33.11 -4.03
CA ALA C 125 8.26 -32.15 -4.75
C ALA C 125 7.03 -32.83 -5.35
N LEU C 126 5.86 -32.18 -5.20
CA LEU C 126 4.61 -32.70 -5.76
C LEU C 126 4.31 -31.92 -7.03
N ASP C 127 4.24 -32.59 -8.18
CA ASP C 127 3.93 -31.92 -9.45
C ASP C 127 2.46 -32.17 -9.74
N THR C 128 1.65 -31.12 -9.74
CA THR C 128 0.21 -31.26 -9.92
C THR C 128 -0.24 -31.66 -11.32
N LYS C 129 -1.42 -32.30 -11.37
CA LYS C 129 -2.04 -32.74 -12.62
C LYS C 129 -2.40 -31.55 -13.50
N GLY C 130 -2.91 -30.49 -12.90
CA GLY C 130 -3.24 -29.28 -13.64
C GLY C 130 -4.71 -28.98 -13.76
N PRO C 131 -5.03 -27.84 -14.38
CA PRO C 131 -6.45 -27.44 -14.50
C PRO C 131 -7.21 -28.19 -15.60
N GLY C 134 -10.44 -26.76 -17.31
CA GLY C 134 -11.00 -25.86 -16.31
C GLY C 134 -10.34 -24.50 -16.29
N PRO C 135 -11.04 -23.52 -15.67
CA PRO C 135 -10.49 -22.14 -15.62
C PRO C 135 -9.45 -21.88 -14.53
N GLY C 136 -9.49 -22.67 -13.47
CA GLY C 136 -8.58 -22.49 -12.34
C GLY C 136 -8.26 -23.80 -11.65
N LEU C 137 -8.10 -23.76 -10.31
CA LEU C 137 -7.73 -24.93 -9.52
C LEU C 137 -8.76 -26.06 -9.58
N SER C 138 -8.36 -27.20 -10.13
CA SER C 138 -9.24 -28.35 -10.24
C SER C 138 -9.46 -29.04 -8.88
N GLU C 139 -10.52 -29.84 -8.80
CA GLU C 139 -10.89 -30.58 -7.59
C GLU C 139 -9.79 -31.60 -7.24
N GLN C 140 -9.21 -32.24 -8.25
CA GLN C 140 -8.16 -33.22 -8.01
C GLN C 140 -6.91 -32.51 -7.46
N ASP C 141 -6.57 -31.30 -7.97
CA ASP C 141 -5.44 -30.53 -7.48
C ASP C 141 -5.62 -30.14 -6.03
N VAL C 142 -6.84 -29.76 -5.61
CA VAL C 142 -7.11 -29.44 -4.20
C VAL C 142 -6.83 -30.65 -3.32
N ARG C 143 -7.27 -31.83 -3.76
CA ARG C 143 -7.08 -33.06 -3.00
C ARG C 143 -5.61 -33.47 -2.96
N ASP C 144 -4.90 -33.34 -4.08
CA ASP C 144 -3.50 -33.69 -4.19
C ASP C 144 -2.63 -32.75 -3.35
N LEU C 145 -2.97 -31.44 -3.33
CA LEU C 145 -2.26 -30.44 -2.52
C LEU C 145 -2.47 -30.74 -1.04
N ARG C 146 -3.68 -31.17 -0.64
CA ARG C 146 -3.97 -31.55 0.74
C ARG C 146 -3.13 -32.79 1.11
N PHE C 147 -3.01 -33.74 0.18
CA PHE C 147 -2.20 -34.94 0.37
C PHE C 147 -0.72 -34.52 0.63
N GLY C 148 -0.23 -33.55 -0.15
CA GLY C 148 1.12 -33.05 -0.01
C GLY C 148 1.38 -32.45 1.36
N VAL C 149 0.44 -31.65 1.88
CA VAL C 149 0.57 -31.06 3.21
C VAL C 149 0.58 -32.16 4.26
N GLU C 150 -0.34 -33.13 4.14
CA GLU C 150 -0.43 -34.23 5.11
C GLU C 150 0.79 -35.12 5.09
N HIS C 151 1.44 -35.28 3.93
CA HIS C 151 2.63 -36.11 3.84
C HIS C 151 3.95 -35.34 3.97
N GLY C 152 3.88 -34.04 4.27
CA GLY C 152 5.04 -33.18 4.49
C GLY C 152 5.93 -32.93 3.31
N VAL C 153 5.34 -32.70 2.11
CA VAL C 153 6.15 -32.40 0.93
C VAL C 153 6.78 -31.02 1.11
N ASP C 154 7.91 -30.81 0.44
CA ASP C 154 8.65 -29.56 0.59
C ASP C 154 8.29 -28.54 -0.46
N ILE C 155 7.97 -29.01 -1.67
CA ILE C 155 7.76 -28.15 -2.82
C ILE C 155 6.55 -28.60 -3.62
N VAL C 156 5.89 -27.64 -4.28
CA VAL C 156 4.82 -27.92 -5.20
C VAL C 156 5.23 -27.35 -6.55
N PHE C 157 5.21 -28.16 -7.61
CA PHE C 157 5.46 -27.68 -8.95
C PHE C 157 4.02 -27.51 -9.49
N ALA C 158 3.51 -26.27 -9.52
CA ALA C 158 2.12 -26.01 -9.93
C ALA C 158 1.98 -25.95 -11.45
N SER C 159 1.24 -26.92 -12.02
CA SER C 159 1.04 -26.99 -13.46
C SER C 159 0.20 -25.87 -14.03
N PHE C 160 0.51 -25.48 -15.28
CA PHE C 160 -0.21 -24.49 -16.07
C PHE C 160 -0.58 -23.20 -15.32
N VAL C 161 0.41 -22.54 -14.70
CA VAL C 161 0.14 -21.28 -14.02
C VAL C 161 0.07 -20.22 -15.12
N ARG C 162 -1.04 -19.47 -15.15
CA ARG C 162 -1.25 -18.47 -16.20
C ARG C 162 -1.31 -17.05 -15.71
N LYS C 163 -1.56 -16.86 -14.41
CA LYS C 163 -1.72 -15.54 -13.81
C LYS C 163 -1.49 -15.63 -12.31
N ALA C 164 -1.35 -14.46 -11.64
CA ALA C 164 -1.11 -14.40 -10.19
C ALA C 164 -2.19 -15.07 -9.37
N SER C 165 -3.46 -15.02 -9.81
CA SER C 165 -4.54 -15.64 -9.05
C SER C 165 -4.46 -17.17 -9.03
N ASP C 166 -3.82 -17.78 -10.04
CA ASP C 166 -3.61 -19.23 -10.03
C ASP C 166 -2.68 -19.62 -8.87
N VAL C 167 -1.65 -18.80 -8.61
CA VAL C 167 -0.71 -19.04 -7.52
C VAL C 167 -1.40 -18.85 -6.19
N ALA C 168 -2.25 -17.81 -6.07
CA ALA C 168 -2.99 -17.54 -4.85
C ALA C 168 -3.92 -18.71 -4.53
N ALA C 169 -4.52 -19.32 -5.56
CA ALA C 169 -5.40 -20.47 -5.36
C ALA C 169 -4.62 -21.67 -4.82
N VAL C 170 -3.41 -21.91 -5.35
CA VAL C 170 -2.55 -23.00 -4.87
C VAL C 170 -2.12 -22.73 -3.44
N ARG C 171 -1.75 -21.50 -3.15
CA ARG C 171 -1.32 -21.06 -1.82
C ARG C 171 -2.46 -21.24 -0.81
N ALA C 172 -3.70 -20.89 -1.20
CA ALA C 172 -4.89 -21.06 -0.34
C ALA C 172 -5.14 -22.53 -0.09
N ALA C 173 -4.90 -23.38 -1.09
CA ALA C 173 -5.07 -24.84 -0.97
C ALA C 173 -4.01 -25.50 -0.06
N LEU C 174 -2.87 -24.82 0.18
CA LEU C 174 -1.87 -25.40 1.09
C LEU C 174 -2.30 -25.30 2.59
N GLY C 175 -3.59 -25.07 2.81
CA GLY C 175 -4.34 -25.14 4.07
C GLY C 175 -3.71 -24.41 5.19
N PRO C 176 -4.13 -24.71 6.43
CA PRO C 176 -3.55 -24.00 7.58
C PRO C 176 -2.12 -24.46 7.93
N GLU C 177 -1.77 -25.70 7.59
CA GLU C 177 -0.48 -26.29 7.97
C GLU C 177 0.63 -26.23 6.93
N GLY C 178 0.36 -25.74 5.71
CA GLY C 178 1.35 -25.83 4.63
C GLY C 178 1.90 -24.56 4.03
N HIS C 179 1.86 -23.45 4.76
CA HIS C 179 2.38 -22.17 4.29
C HIS C 179 3.91 -22.14 4.07
N GLY C 180 4.64 -23.06 4.68
CA GLY C 180 6.08 -23.16 4.47
C GLY C 180 6.49 -23.92 3.21
N ILE C 181 5.52 -24.55 2.50
CA ILE C 181 5.82 -25.29 1.27
C ILE C 181 6.14 -24.29 0.13
N LYS C 182 7.19 -24.55 -0.64
CA LYS C 182 7.58 -23.65 -1.72
C LYS C 182 6.72 -23.90 -2.94
N ILE C 183 6.22 -22.85 -3.58
CA ILE C 183 5.43 -22.98 -4.79
C ILE C 183 6.26 -22.55 -5.97
N ILE C 184 6.58 -23.50 -6.84
CA ILE C 184 7.31 -23.26 -8.07
C ILE C 184 6.26 -23.28 -9.19
N SER C 185 5.98 -22.12 -9.82
CA SER C 185 4.99 -22.06 -10.89
C SER C 185 5.54 -22.57 -12.19
N LYS C 186 4.84 -23.51 -12.83
CA LYS C 186 5.25 -24.03 -14.12
C LYS C 186 4.68 -23.14 -15.22
N ILE C 187 5.54 -22.57 -16.07
CA ILE C 187 5.10 -21.73 -17.18
C ILE C 187 5.03 -22.64 -18.37
N GLU C 188 3.81 -22.90 -18.85
CA GLU C 188 3.59 -23.88 -19.91
C GLU C 188 2.86 -23.37 -21.14
N ASN C 189 2.47 -22.10 -21.17
CA ASN C 189 1.73 -21.58 -22.34
C ASN C 189 2.02 -20.10 -22.59
N HIS C 190 1.45 -19.54 -23.69
CA HIS C 190 1.67 -18.15 -24.06
C HIS C 190 1.26 -17.19 -22.95
N GLU C 191 0.10 -17.43 -22.32
CA GLU C 191 -0.37 -16.54 -21.25
C GLU C 191 0.58 -16.48 -20.04
N GLY C 192 1.11 -17.61 -19.60
CA GLY C 192 2.08 -17.64 -18.51
C GLY C 192 3.33 -16.85 -18.85
N VAL C 193 3.82 -16.98 -20.11
CA VAL C 193 4.99 -16.20 -20.54
C VAL C 193 4.68 -14.71 -20.53
N LYS C 194 3.52 -14.31 -21.06
CA LYS C 194 3.13 -12.91 -21.11
C LYS C 194 2.84 -12.30 -19.76
N ARG C 195 2.31 -13.10 -18.82
CA ARG C 195 2.04 -12.61 -17.48
C ARG C 195 3.14 -13.04 -16.48
N PHE C 196 4.33 -13.39 -16.98
CA PHE C 196 5.46 -13.86 -16.17
C PHE C 196 5.76 -12.99 -14.96
N ASP C 197 5.90 -11.67 -15.12
CA ASP C 197 6.26 -10.80 -14.01
C ASP C 197 5.29 -10.87 -12.83
N GLU C 198 3.98 -10.90 -13.11
CA GLU C 198 3.00 -10.99 -12.03
C GLU C 198 3.01 -12.38 -11.37
N ILE C 199 3.35 -13.42 -12.13
CA ILE C 199 3.43 -14.78 -11.60
C ILE C 199 4.67 -14.92 -10.69
N LEU C 200 5.83 -14.45 -11.17
CA LEU C 200 7.08 -14.53 -10.39
C LEU C 200 6.97 -13.78 -9.08
N GLU C 201 6.33 -12.60 -9.09
CA GLU C 201 6.17 -11.79 -7.90
C GLU C 201 5.53 -12.54 -6.73
N VAL C 202 4.54 -13.41 -7.02
CA VAL C 202 3.84 -14.15 -5.97
C VAL C 202 4.32 -15.61 -5.79
N SER C 203 5.19 -16.10 -6.68
CA SER C 203 5.69 -17.46 -6.59
C SER C 203 7.04 -17.50 -5.85
N ASP C 204 7.43 -18.68 -5.35
CA ASP C 204 8.76 -18.84 -4.77
C ASP C 204 9.82 -19.07 -5.87
N GLY C 205 9.39 -19.54 -7.02
CA GLY C 205 10.26 -19.83 -8.14
C GLY C 205 9.49 -20.27 -9.37
N ILE C 206 10.20 -20.64 -10.42
CA ILE C 206 9.58 -20.96 -11.71
C ILE C 206 10.15 -22.23 -12.30
N MET C 207 9.33 -22.97 -13.04
CA MET C 207 9.81 -24.09 -13.82
C MET C 207 9.51 -23.76 -15.28
N VAL C 208 10.52 -23.87 -16.15
CA VAL C 208 10.34 -23.69 -17.58
C VAL C 208 9.94 -25.07 -18.08
N ALA C 209 8.63 -25.30 -18.16
CA ALA C 209 8.04 -26.59 -18.55
C ALA C 209 8.01 -26.65 -20.07
N ARG C 210 9.14 -27.02 -20.68
CA ARG C 210 9.32 -26.98 -22.12
C ARG C 210 8.43 -27.93 -22.94
N GLY C 211 7.95 -29.00 -22.33
CA GLY C 211 7.08 -29.95 -23.03
C GLY C 211 5.79 -29.31 -23.54
N ASP C 212 4.96 -28.82 -22.63
CA ASP C 212 3.73 -28.13 -23.00
C ASP C 212 4.02 -26.81 -23.66
N LEU C 213 5.03 -26.07 -23.21
CA LEU C 213 5.39 -24.78 -23.80
C LEU C 213 5.70 -24.93 -25.31
N GLY C 214 6.39 -26.00 -25.68
CA GLY C 214 6.73 -26.31 -27.07
C GLY C 214 5.57 -26.71 -27.96
N ILE C 215 4.40 -26.99 -27.35
CA ILE C 215 3.16 -27.32 -28.06
C ILE C 215 2.27 -26.05 -28.11
N GLU C 216 2.26 -25.27 -27.02
CA GLU C 216 1.47 -24.04 -26.89
C GLU C 216 2.01 -22.89 -27.72
N ILE C 217 3.32 -22.79 -27.85
CA ILE C 217 3.97 -21.76 -28.66
C ILE C 217 4.84 -22.46 -29.73
N PRO C 218 5.24 -21.77 -30.82
CA PRO C 218 6.11 -22.44 -31.82
C PRO C 218 7.38 -23.01 -31.16
N ALA C 219 7.75 -24.25 -31.50
CA ALA C 219 8.89 -24.93 -30.92
C ALA C 219 10.19 -24.13 -31.02
N GLU C 220 10.37 -23.40 -32.13
CA GLU C 220 11.56 -22.59 -32.36
C GLU C 220 11.65 -21.35 -31.47
N LYS C 221 10.61 -21.05 -30.66
CA LYS C 221 10.61 -19.91 -29.76
C LYS C 221 10.84 -20.30 -28.29
N VAL C 222 10.83 -21.61 -27.96
CA VAL C 222 10.99 -22.05 -26.58
C VAL C 222 12.30 -21.57 -25.94
N PHE C 223 13.41 -21.57 -26.69
CA PHE C 223 14.69 -21.11 -26.14
C PHE C 223 14.64 -19.64 -25.69
N LEU C 224 13.81 -18.80 -26.37
CA LEU C 224 13.68 -17.39 -26.00
C LEU C 224 12.96 -17.30 -24.69
N ALA C 225 11.89 -18.09 -24.50
CA ALA C 225 11.12 -18.09 -23.26
C ALA C 225 11.99 -18.63 -22.11
N GLN C 226 12.77 -19.70 -22.37
CA GLN C 226 13.66 -20.27 -21.36
C GLN C 226 14.71 -19.24 -20.90
N LYS C 227 15.43 -18.62 -21.85
CA LYS C 227 16.47 -17.67 -21.50
C LYS C 227 15.91 -16.44 -20.80
N MET C 228 14.73 -15.97 -21.23
CA MET C 228 14.11 -14.81 -20.61
C MET C 228 13.71 -15.10 -19.17
N MET C 229 13.03 -16.21 -18.94
CA MET C 229 12.57 -16.58 -17.61
C MET C 229 13.70 -16.85 -16.66
N ILE C 230 14.77 -17.52 -17.13
CA ILE C 230 15.94 -17.76 -16.29
C ILE C 230 16.60 -16.42 -15.91
N GLY C 231 16.74 -15.53 -16.87
CA GLY C 231 17.31 -14.21 -16.62
C GLY C 231 16.51 -13.41 -15.60
N ARG C 232 15.16 -13.42 -15.75
CA ARG C 232 14.31 -12.68 -14.83
C ARG C 232 14.32 -13.29 -13.43
N CYS C 233 14.41 -14.62 -13.32
CA CYS C 233 14.49 -15.29 -12.01
C CYS C 233 15.82 -14.99 -11.35
N ASN C 234 16.92 -14.96 -12.12
CA ASN C 234 18.25 -14.61 -11.59
C ASN C 234 18.23 -13.17 -11.09
N LEU C 235 17.57 -12.26 -11.83
CA LEU C 235 17.46 -10.85 -11.44
C LEU C 235 16.66 -10.73 -10.13
N ALA C 236 15.57 -11.49 -10.00
CA ALA C 236 14.72 -11.50 -8.80
C ALA C 236 15.31 -12.27 -7.61
N GLY C 237 16.31 -13.11 -7.86
CA GLY C 237 16.91 -13.94 -6.82
C GLY C 237 16.03 -15.10 -6.43
N LYS C 238 15.24 -15.62 -7.38
CA LYS C 238 14.32 -16.73 -7.10
C LYS C 238 14.70 -17.94 -7.94
N PRO C 239 14.55 -19.16 -7.36
CA PRO C 239 14.93 -20.35 -8.12
C PRO C 239 14.21 -20.61 -9.43
N VAL C 240 14.93 -21.15 -10.40
CA VAL C 240 14.36 -21.45 -11.71
C VAL C 240 14.84 -22.84 -12.13
N VAL C 241 13.90 -23.66 -12.61
CA VAL C 241 14.16 -25.03 -13.00
C VAL C 241 14.05 -25.15 -14.51
N CYS C 242 15.01 -25.83 -15.16
CA CYS C 242 14.87 -26.13 -16.57
C CYS C 242 14.39 -27.57 -16.65
N ALA C 243 13.32 -27.81 -17.43
CA ALA C 243 12.73 -29.14 -17.47
C ALA C 243 12.39 -29.61 -18.89
N THR C 244 12.28 -30.96 -19.03
CA THR C 244 11.74 -31.76 -20.14
C THR C 244 12.68 -32.00 -21.33
N GLN C 245 12.88 -33.29 -21.62
CA GLN C 245 13.65 -33.83 -22.74
C GLN C 245 15.12 -33.46 -22.74
N MET C 246 15.68 -33.14 -21.56
CA MET C 246 17.10 -32.77 -21.46
C MET C 246 18.03 -33.88 -21.88
N LEU C 247 17.70 -35.14 -21.51
CA LEU C 247 18.49 -36.32 -21.91
C LEU C 247 17.53 -37.41 -22.44
N GLU C 248 16.49 -37.01 -23.19
CA GLU C 248 15.42 -37.87 -23.67
C GLU C 248 15.86 -39.21 -24.26
N SER C 249 16.86 -39.23 -25.13
CA SER C 249 17.35 -40.46 -25.73
C SER C 249 17.84 -41.49 -24.70
N MET C 250 18.22 -41.05 -23.49
CA MET C 250 18.66 -41.97 -22.44
C MET C 250 17.51 -42.80 -21.84
N ILE C 251 16.26 -42.61 -22.31
CA ILE C 251 15.16 -43.48 -21.89
C ILE C 251 15.45 -44.92 -22.42
N THR C 252 16.00 -45.03 -23.65
CA THR C 252 16.33 -46.33 -24.23
C THR C 252 17.83 -46.54 -24.47
N LYS C 253 18.63 -45.47 -24.60
CA LYS C 253 20.05 -45.59 -24.89
C LYS C 253 20.97 -45.29 -23.70
N PRO C 254 22.13 -45.97 -23.59
CA PRO C 254 23.02 -45.75 -22.44
C PRO C 254 23.76 -44.41 -22.43
N ARG C 255 23.90 -43.77 -23.60
CA ARG C 255 24.58 -42.48 -23.73
C ARG C 255 23.65 -41.49 -24.43
N PRO C 256 23.72 -40.21 -24.06
CA PRO C 256 22.85 -39.22 -24.73
C PRO C 256 23.41 -38.70 -26.05
N THR C 257 22.62 -37.94 -26.80
CA THR C 257 23.07 -37.35 -28.06
C THR C 257 23.93 -36.08 -27.75
N ARG C 258 24.62 -35.54 -28.76
CA ARG C 258 25.40 -34.33 -28.63
C ARG C 258 24.52 -33.11 -28.33
N ALA C 259 23.28 -33.10 -28.84
CA ALA C 259 22.36 -32.00 -28.56
C ALA C 259 21.88 -32.01 -27.11
N GLU C 260 21.72 -33.21 -26.54
CA GLU C 260 21.27 -33.37 -25.16
C GLU C 260 22.30 -32.91 -24.14
N THR C 261 23.59 -33.26 -24.31
CA THR C 261 24.62 -32.79 -23.38
C THR C 261 24.76 -31.26 -23.49
N SER C 262 24.65 -30.74 -24.72
CA SER C 262 24.71 -29.32 -24.99
C SER C 262 23.56 -28.59 -24.28
N ASP C 263 22.35 -29.16 -24.34
CA ASP C 263 21.16 -28.60 -23.72
C ASP C 263 21.32 -28.48 -22.19
N VAL C 264 21.87 -29.54 -21.56
CA VAL C 264 22.09 -29.52 -20.12
C VAL C 264 23.12 -28.45 -19.77
N ALA C 265 24.24 -28.41 -20.51
CA ALA C 265 25.29 -27.44 -20.25
C ALA C 265 24.80 -26.02 -20.43
N ASN C 266 24.00 -25.78 -21.49
CA ASN C 266 23.48 -24.46 -21.77
C ASN C 266 22.42 -24.02 -20.77
N ALA C 267 21.65 -24.95 -20.19
CA ALA C 267 20.66 -24.58 -19.16
C ALA C 267 21.41 -24.05 -17.93
N VAL C 268 22.55 -24.69 -17.57
CA VAL C 268 23.37 -24.28 -16.44
C VAL C 268 24.02 -22.92 -16.77
N LEU C 269 24.58 -22.77 -17.99
CA LEU C 269 25.19 -21.50 -18.38
C LEU C 269 24.14 -20.36 -18.45
N ASP C 270 22.88 -20.68 -18.82
CA ASP C 270 21.77 -19.70 -18.85
C ASP C 270 21.52 -19.13 -17.46
N GLY C 271 21.70 -19.95 -16.42
CA GLY C 271 21.51 -19.54 -15.04
C GLY C 271 20.51 -20.35 -14.25
N ALA C 272 20.14 -21.54 -14.75
CA ALA C 272 19.17 -22.38 -14.04
C ALA C 272 19.70 -22.87 -12.70
N ASP C 273 18.86 -22.81 -11.67
CA ASP C 273 19.22 -23.31 -10.36
C ASP C 273 19.13 -24.84 -10.32
N CYS C 274 18.14 -25.41 -11.01
CA CYS C 274 17.91 -26.86 -11.06
C CYS C 274 17.73 -27.32 -12.48
N ILE C 275 18.09 -28.57 -12.73
CA ILE C 275 17.85 -29.25 -13.99
C ILE C 275 17.01 -30.49 -13.65
N MET C 276 16.17 -30.94 -14.60
CA MET C 276 15.24 -32.01 -14.33
C MET C 276 15.32 -33.18 -15.30
N LEU C 277 14.94 -34.36 -14.79
CA LEU C 277 14.81 -35.59 -15.55
C LEU C 277 13.37 -36.07 -15.35
N SER C 278 12.69 -36.42 -16.44
CA SER C 278 11.29 -36.89 -16.37
C SER C 278 11.23 -38.41 -16.72
N GLY C 279 10.89 -38.75 -17.96
CA GLY C 279 10.86 -40.14 -18.41
C GLY C 279 12.20 -40.84 -18.26
N GLU C 280 13.31 -40.07 -18.33
CA GLU C 280 14.68 -40.59 -18.16
C GLU C 280 14.85 -41.34 -16.87
N THR C 281 14.19 -40.91 -15.80
CA THR C 281 14.30 -41.53 -14.49
C THR C 281 13.01 -42.24 -14.06
N ALA C 282 11.85 -41.78 -14.55
CA ALA C 282 10.57 -42.36 -14.19
C ALA C 282 10.31 -43.74 -14.85
N LYS C 283 10.62 -43.86 -16.14
CA LYS C 283 10.31 -45.08 -16.88
C LYS C 283 11.42 -45.65 -17.76
N GLY C 284 12.51 -44.92 -17.94
CA GLY C 284 13.58 -45.35 -18.81
C GLY C 284 14.40 -46.52 -18.30
N ASN C 285 15.29 -47.03 -19.14
CA ASN C 285 16.16 -48.16 -18.82
C ASN C 285 17.47 -47.77 -18.14
N PHE C 286 17.81 -46.46 -18.10
CA PHE C 286 19.06 -46.00 -17.48
C PHE C 286 18.84 -44.82 -16.51
N PRO C 287 17.99 -44.96 -15.47
CA PRO C 287 17.74 -43.83 -14.57
C PRO C 287 18.96 -43.30 -13.83
N VAL C 288 19.79 -44.21 -13.29
CA VAL C 288 20.99 -43.83 -12.54
C VAL C 288 22.01 -43.16 -13.47
N GLU C 289 22.17 -43.70 -14.67
CA GLU C 289 23.11 -43.15 -15.64
C GLU C 289 22.68 -41.75 -16.11
N ALA C 290 21.36 -41.51 -16.20
CA ALA C 290 20.85 -40.19 -16.58
C ALA C 290 21.21 -39.16 -15.49
N VAL C 291 21.08 -39.55 -14.22
CA VAL C 291 21.45 -38.68 -13.09
C VAL C 291 22.96 -38.40 -13.14
N LYS C 292 23.78 -39.44 -13.36
CA LYS C 292 25.24 -39.32 -13.43
C LYS C 292 25.66 -38.40 -14.55
N MET C 293 24.97 -38.47 -15.69
CA MET C 293 25.28 -37.65 -16.83
C MET C 293 24.97 -36.17 -16.55
N GLN C 294 23.82 -35.88 -15.93
CA GLN C 294 23.49 -34.49 -15.56
C GLN C 294 24.48 -33.94 -14.55
N HIS C 295 24.91 -34.78 -13.60
CA HIS C 295 25.89 -34.38 -12.60
C HIS C 295 27.22 -34.01 -13.29
N ALA C 296 27.70 -34.88 -14.21
CA ALA C 296 28.96 -34.66 -14.89
C ALA C 296 28.94 -33.39 -15.73
N ILE C 297 27.84 -33.16 -16.49
CA ILE C 297 27.73 -31.97 -17.33
C ILE C 297 27.62 -30.69 -16.49
N ALA C 298 26.75 -30.68 -15.46
CA ALA C 298 26.55 -29.49 -14.62
C ALA C 298 27.87 -29.04 -13.98
N ARG C 299 28.68 -29.99 -13.50
CA ARG C 299 29.98 -29.67 -12.91
C ARG C 299 30.89 -28.95 -13.91
N GLU C 300 30.94 -29.44 -15.16
CA GLU C 300 31.77 -28.83 -16.19
C GLU C 300 31.25 -27.44 -16.55
N ALA C 301 29.93 -27.31 -16.66
CA ALA C 301 29.28 -26.04 -17.05
C ALA C 301 29.37 -24.97 -15.98
N GLU C 302 29.31 -25.35 -14.71
CA GLU C 302 29.40 -24.39 -13.62
C GLU C 302 30.79 -23.73 -13.58
N ALA C 303 31.85 -24.51 -13.86
CA ALA C 303 33.20 -23.95 -13.90
C ALA C 303 33.37 -23.00 -15.10
N ALA C 304 32.61 -23.22 -16.19
CA ALA C 304 32.66 -22.38 -17.40
C ALA C 304 31.82 -21.11 -17.31
N VAL C 305 31.16 -20.85 -16.18
CA VAL C 305 30.37 -19.64 -16.01
C VAL C 305 31.35 -18.43 -15.95
N TYR C 306 31.03 -17.34 -16.66
CA TYR C 306 31.87 -16.16 -16.69
C TYR C 306 31.52 -15.26 -15.51
N HIS C 307 31.97 -15.64 -14.32
CA HIS C 307 31.70 -14.94 -13.07
C HIS C 307 32.06 -13.47 -13.09
N ARG C 308 33.14 -13.09 -13.76
CA ARG C 308 33.57 -11.68 -13.80
C ARG C 308 32.47 -10.75 -14.28
N GLN C 309 31.81 -11.07 -15.40
CA GLN C 309 30.74 -10.23 -15.92
C GLN C 309 29.44 -10.49 -15.15
N LEU C 310 29.14 -11.77 -14.86
CA LEU C 310 27.93 -12.16 -14.14
C LEU C 310 27.79 -11.45 -12.80
N PHE C 311 28.84 -11.48 -11.96
CA PHE C 311 28.79 -10.82 -10.66
C PHE C 311 28.62 -9.31 -10.82
N GLU C 312 29.34 -8.69 -11.76
CA GLU C 312 29.24 -7.25 -12.03
C GLU C 312 27.80 -6.86 -12.41
N GLU C 313 27.17 -7.65 -13.27
CA GLU C 313 25.81 -7.38 -13.71
C GLU C 313 24.77 -7.66 -12.65
N LEU C 314 24.94 -8.72 -11.85
CA LEU C 314 23.99 -9.01 -10.76
C LEU C 314 24.06 -7.91 -9.72
N ARG C 315 25.28 -7.44 -9.41
CA ARG C 315 25.56 -6.35 -8.49
C ARG C 315 24.87 -5.07 -8.96
N ARG C 316 25.06 -4.70 -10.22
CA ARG C 316 24.50 -3.49 -10.80
C ARG C 316 22.97 -3.54 -10.92
N ALA C 317 22.42 -4.70 -11.25
CA ALA C 317 20.98 -4.84 -11.42
C ALA C 317 20.23 -4.94 -10.10
N ALA C 318 20.86 -5.51 -9.07
CA ALA C 318 20.21 -5.66 -7.78
C ALA C 318 20.03 -4.27 -7.17
N PRO C 319 18.80 -3.92 -6.79
CA PRO C 319 18.56 -2.58 -6.24
C PRO C 319 19.30 -2.37 -4.92
N LEU C 320 19.56 -1.11 -4.56
CA LEU C 320 20.17 -0.78 -3.28
C LEU C 320 19.25 -1.26 -2.16
N SER C 321 19.84 -1.72 -1.07
CA SER C 321 19.04 -2.31 -0.02
C SER C 321 19.46 -1.88 1.33
N ARG C 322 18.49 -1.69 2.21
CA ARG C 322 18.77 -1.42 3.61
C ARG C 322 18.47 -2.67 4.48
N ASP C 323 18.28 -3.84 3.87
CA ASP C 323 18.07 -5.10 4.59
C ASP C 323 19.47 -5.65 4.89
N PRO C 324 19.80 -5.79 6.17
CA PRO C 324 21.14 -6.28 6.52
C PRO C 324 21.50 -7.65 5.97
N THR C 325 20.52 -8.57 5.75
CA THR C 325 20.83 -9.88 5.19
C THR C 325 21.31 -9.71 3.75
N GLU C 326 20.63 -8.85 2.99
CA GLU C 326 21.01 -8.58 1.60
CA GLU C 326 20.98 -8.56 1.61
C GLU C 326 22.36 -7.87 1.52
N VAL C 327 22.62 -6.91 2.41
CA VAL C 327 23.88 -6.18 2.47
C VAL C 327 25.04 -7.12 2.84
N THR C 328 24.82 -7.99 3.85
CA THR C 328 25.85 -8.94 4.27
C THR C 328 26.13 -9.94 3.17
N ALA C 329 25.09 -10.42 2.47
CA ALA C 329 25.26 -11.39 1.41
C ALA C 329 26.18 -10.91 0.29
N ILE C 330 26.01 -9.65 -0.19
CA ILE C 330 26.86 -9.14 -1.25
C ILE C 330 28.29 -8.90 -0.77
N GLY C 331 28.45 -8.46 0.47
CA GLY C 331 29.76 -8.28 1.09
C GLY C 331 30.49 -9.61 1.20
N ALA C 332 29.77 -10.68 1.61
CA ALA C 332 30.34 -12.02 1.76
C ALA C 332 30.75 -12.64 0.42
N VAL C 333 29.94 -12.46 -0.61
CA VAL C 333 30.24 -12.99 -1.94
C VAL C 333 31.44 -12.24 -2.53
N GLU C 334 31.52 -10.92 -2.32
CA GLU C 334 32.67 -10.12 -2.76
CA GLU C 334 32.67 -10.12 -2.76
C GLU C 334 33.93 -10.61 -2.05
N ALA C 335 33.85 -10.82 -0.72
CA ALA C 335 34.98 -11.31 0.07
C ALA C 335 35.42 -12.72 -0.39
N ALA C 336 34.46 -13.60 -0.73
CA ALA C 336 34.78 -14.94 -1.18
C ALA C 336 35.56 -14.91 -2.51
N PHE C 337 35.17 -14.03 -3.45
CA PHE C 337 35.89 -13.90 -4.72
C PHE C 337 37.31 -13.37 -4.51
N LYS C 338 37.48 -12.41 -3.59
CA LYS C 338 38.77 -11.79 -3.30
C LYS C 338 39.83 -12.78 -2.86
N CYS C 339 39.46 -13.76 -2.04
CA CYS C 339 40.42 -14.72 -1.50
C CYS C 339 40.30 -16.12 -2.08
N CYS C 340 39.43 -16.34 -3.10
CA CYS C 340 39.18 -17.67 -3.67
C CYS C 340 38.73 -18.62 -2.55
N ALA C 341 37.84 -18.13 -1.64
CA ALA C 341 37.38 -18.89 -0.48
C ALA C 341 36.84 -20.23 -0.88
N ALA C 342 37.20 -21.26 -0.13
CA ALA C 342 36.75 -22.61 -0.39
C ALA C 342 35.22 -22.76 -0.16
N ALA C 343 34.64 -21.94 0.72
CA ALA C 343 33.21 -22.00 1.03
C ALA C 343 32.76 -20.73 1.76
N ILE C 344 31.43 -20.51 1.77
CA ILE C 344 30.76 -19.52 2.57
C ILE C 344 29.87 -20.34 3.49
N ILE C 345 30.10 -20.32 4.80
CA ILE C 345 29.29 -21.07 5.75
C ILE C 345 28.27 -20.12 6.33
N VAL C 346 27.00 -20.44 6.20
CA VAL C 346 25.94 -19.57 6.66
C VAL C 346 25.00 -20.26 7.63
N LEU C 347 24.61 -19.57 8.69
CA LEU C 347 23.64 -20.09 9.64
C LEU C 347 22.29 -19.56 9.18
N THR C 348 21.35 -20.47 8.91
CA THR C 348 20.03 -20.11 8.43
C THR C 348 18.94 -21.01 8.99
N THR C 349 17.83 -20.41 9.40
CA THR C 349 16.68 -21.14 9.94
C THR C 349 15.66 -21.42 8.87
N THR C 350 15.41 -20.46 8.00
CA THR C 350 14.44 -20.63 6.92
C THR C 350 15.11 -20.92 5.58
N GLY C 351 16.44 -20.71 5.46
CA GLY C 351 17.13 -20.85 4.19
C GLY C 351 17.33 -19.52 3.48
N ARG C 352 16.67 -18.44 3.96
CA ARG C 352 16.72 -17.13 3.30
C ARG C 352 18.13 -16.54 3.21
N SER C 353 18.93 -16.59 4.28
CA SER C 353 20.30 -16.06 4.21
C SER C 353 21.14 -16.80 3.15
N ALA C 354 20.92 -18.12 2.99
CA ALA C 354 21.62 -18.91 1.98
C ALA C 354 21.14 -18.55 0.56
N GLN C 355 19.83 -18.31 0.41
CA GLN C 355 19.24 -17.90 -0.86
C GLN C 355 19.79 -16.56 -1.33
N LEU C 356 19.93 -15.60 -0.40
CA LEU C 356 20.49 -14.28 -0.74
C LEU C 356 21.98 -14.33 -1.10
N LEU C 357 22.73 -15.34 -0.60
CA LEU C 357 24.11 -15.52 -1.00
C LEU C 357 24.14 -16.11 -2.42
N SER C 358 23.28 -17.12 -2.65
CA SER C 358 23.14 -17.84 -3.91
C SER C 358 22.77 -16.93 -5.10
N ARG C 359 21.97 -15.89 -4.87
CA ARG C 359 21.53 -14.99 -5.92
C ARG C 359 22.71 -14.23 -6.57
N TYR C 360 23.85 -14.06 -5.85
CA TYR C 360 25.02 -13.41 -6.43
C TYR C 360 25.97 -14.37 -7.14
N ARG C 361 25.58 -15.65 -7.23
CA ARG C 361 26.31 -16.70 -7.92
C ARG C 361 27.79 -16.79 -7.55
N PRO C 362 28.12 -16.97 -6.25
CA PRO C 362 29.53 -17.14 -5.88
C PRO C 362 30.09 -18.44 -6.44
N ARG C 363 31.39 -18.46 -6.68
CA ARG C 363 32.06 -19.70 -7.08
C ARG C 363 32.23 -20.57 -5.79
N ALA C 364 32.41 -19.96 -4.62
CA ALA C 364 32.53 -20.69 -3.36
C ALA C 364 31.20 -21.40 -3.05
N ALA C 365 31.26 -22.63 -2.57
CA ALA C 365 30.10 -23.40 -2.13
C ALA C 365 29.45 -22.71 -0.95
N VAL C 366 28.12 -22.63 -0.92
CA VAL C 366 27.43 -22.02 0.22
C VAL C 366 26.99 -23.19 1.11
N ILE C 367 27.67 -23.39 2.24
CA ILE C 367 27.33 -24.45 3.17
C ILE C 367 26.33 -23.90 4.17
N ALA C 368 25.08 -24.36 4.11
CA ALA C 368 24.02 -23.81 4.96
C ALA C 368 23.74 -24.71 6.14
N VAL C 369 23.99 -24.23 7.33
CA VAL C 369 23.79 -25.01 8.55
C VAL C 369 22.47 -24.58 9.14
N THR C 370 21.58 -25.53 9.29
CA THR C 370 20.25 -25.26 9.80
C THR C 370 19.78 -26.35 10.74
N ARG C 371 18.92 -25.97 11.70
CA ARG C 371 18.24 -26.95 12.56
C ARG C 371 16.92 -27.43 11.89
N SER C 372 16.46 -26.77 10.80
CA SER C 372 15.22 -27.10 10.14
C SER C 372 15.39 -28.12 9.05
N ALA C 373 14.80 -29.32 9.21
CA ALA C 373 14.93 -30.38 8.20
C ALA C 373 14.23 -29.94 6.89
N GLN C 374 13.13 -29.19 6.98
CA GLN C 374 12.43 -28.70 5.79
C GLN C 374 13.28 -27.69 5.02
N ALA C 375 13.88 -26.71 5.73
CA ALA C 375 14.75 -25.72 5.09
C ALA C 375 15.95 -26.39 4.45
N ALA C 376 16.50 -27.42 5.12
CA ALA C 376 17.62 -28.17 4.55
C ALA C 376 17.25 -28.83 3.22
N ARG C 377 16.02 -29.38 3.12
CA ARG C 377 15.57 -29.99 1.87
C ARG C 377 15.25 -28.91 0.82
N GLN C 378 14.60 -27.82 1.23
CA GLN C 378 14.18 -26.78 0.30
C GLN C 378 15.30 -25.96 -0.30
N VAL C 379 16.44 -25.78 0.41
CA VAL C 379 17.54 -24.98 -0.16
C VAL C 379 18.20 -25.64 -1.36
N HIS C 380 17.88 -26.92 -1.69
CA HIS C 380 18.34 -27.54 -2.91
C HIS C 380 17.80 -26.78 -4.14
N LEU C 381 16.72 -25.99 -3.99
CA LEU C 381 16.20 -25.17 -5.08
C LEU C 381 17.18 -24.05 -5.46
N CYS C 382 18.08 -23.63 -4.56
CA CYS C 382 19.03 -22.55 -4.81
C CYS C 382 20.38 -23.05 -5.23
N ARG C 383 20.86 -22.59 -6.42
CA ARG C 383 22.17 -23.04 -6.90
C ARG C 383 23.31 -22.79 -5.90
N GLY C 384 24.11 -23.82 -5.71
CA GLY C 384 25.32 -23.74 -4.90
C GLY C 384 25.12 -23.77 -3.41
N VAL C 385 23.92 -24.14 -2.94
CA VAL C 385 23.67 -24.24 -1.51
C VAL C 385 23.74 -25.73 -1.11
N PHE C 386 24.62 -26.05 -0.14
CA PHE C 386 24.82 -27.43 0.32
C PHE C 386 24.34 -27.48 1.75
N PRO C 387 23.14 -28.03 1.98
CA PRO C 387 22.58 -28.01 3.33
C PRO C 387 23.16 -29.03 4.28
N LEU C 388 23.27 -28.65 5.55
CA LEU C 388 23.72 -29.54 6.62
C LEU C 388 22.70 -29.40 7.72
N LEU C 389 21.99 -30.47 8.04
CA LEU C 389 21.02 -30.46 9.12
C LEU C 389 21.75 -30.68 10.45
N TYR C 390 21.55 -29.78 11.41
CA TYR C 390 22.18 -29.80 12.70
C TYR C 390 21.18 -30.20 13.77
N ARG C 391 21.47 -31.27 14.50
CA ARG C 391 20.54 -31.79 15.49
C ARG C 391 21.05 -31.80 16.92
N GLU C 392 22.14 -31.09 17.20
CA GLU C 392 22.69 -31.06 18.55
C GLU C 392 21.78 -30.26 19.45
N PRO C 393 21.73 -30.61 20.74
CA PRO C 393 20.88 -29.82 21.65
C PRO C 393 21.43 -28.41 21.81
N PRO C 394 20.50 -27.43 21.90
CA PRO C 394 20.94 -26.03 21.99
C PRO C 394 21.76 -25.71 23.23
N GLU C 395 22.80 -24.92 23.07
CA GLU C 395 23.64 -24.49 24.20
C GLU C 395 22.92 -23.35 24.95
N ALA C 396 23.12 -23.28 26.27
CA ALA C 396 22.53 -22.25 27.12
C ALA C 396 23.08 -20.87 26.73
N ILE C 397 24.39 -20.79 26.36
CA ILE C 397 24.98 -19.55 25.90
C ILE C 397 24.88 -19.49 24.36
N TRP C 398 24.11 -18.55 23.86
CA TRP C 398 23.85 -18.42 22.43
C TRP C 398 25.11 -18.31 21.57
N ALA C 399 26.09 -17.45 21.92
CA ALA C 399 27.33 -17.36 21.16
C ALA C 399 28.05 -18.71 21.05
N ASP C 400 27.93 -19.59 22.06
CA ASP C 400 28.52 -20.94 22.00
C ASP C 400 27.79 -21.81 21.02
N ASP C 401 26.46 -21.72 20.99
CA ASP C 401 25.64 -22.48 20.05
C ASP C 401 25.99 -22.08 18.61
N VAL C 402 26.26 -20.78 18.39
CA VAL C 402 26.62 -20.26 17.10
C VAL C 402 27.98 -20.85 16.68
N ASP C 403 28.99 -20.76 17.58
CA ASP C 403 30.31 -21.29 17.33
C ASP C 403 30.29 -22.78 17.05
N ARG C 404 29.47 -23.54 17.80
CA ARG C 404 29.36 -24.98 17.53
C ARG C 404 28.82 -25.25 16.14
N ARG C 405 27.84 -24.46 15.66
CA ARG C 405 27.30 -24.66 14.31
C ARG C 405 28.27 -24.26 13.24
N VAL C 406 29.07 -23.23 13.48
CA VAL C 406 30.09 -22.82 12.51
C VAL C 406 31.14 -23.92 12.40
N GLN C 407 31.61 -24.46 13.55
CA GLN C 407 32.58 -25.57 13.51
C GLN C 407 32.00 -26.85 12.94
N PHE C 408 30.71 -27.06 13.10
CA PHE C 408 30.06 -28.22 12.48
C PHE C 408 30.12 -28.10 10.94
N GLY C 409 29.91 -26.89 10.44
CA GLY C 409 29.99 -26.65 9.01
C GLY C 409 31.42 -26.82 8.51
N ILE C 410 32.40 -26.38 9.31
CA ILE C 410 33.82 -26.52 8.93
C ILE C 410 34.23 -28.02 8.92
N GLU C 411 33.85 -28.78 9.96
CA GLU C 411 34.21 -30.19 10.06
C GLU C 411 33.51 -31.03 9.03
N SER C 412 32.21 -30.72 8.72
CA SER C 412 31.55 -31.44 7.62
C SER C 412 32.26 -31.09 6.28
N GLY C 413 32.63 -29.82 6.11
CA GLY C 413 33.35 -29.37 4.93
C GLY C 413 34.67 -30.10 4.73
N LYS C 414 35.41 -30.33 5.82
CA LYS C 414 36.69 -31.07 5.80
C LYS C 414 36.42 -32.53 5.42
N LEU C 415 35.42 -33.15 6.06
CA LEU C 415 35.04 -34.52 5.78
C LEU C 415 34.61 -34.76 4.32
N ARG C 416 33.87 -33.80 3.75
CA ARG C 416 33.35 -33.94 2.40
C ARG C 416 34.30 -33.46 1.30
N GLY C 417 35.46 -32.92 1.65
CA GLY C 417 36.42 -32.48 0.64
C GLY C 417 36.34 -31.03 0.22
N PHE C 418 35.35 -30.29 0.73
CA PHE C 418 35.19 -28.85 0.46
C PHE C 418 36.39 -28.05 1.06
N LEU C 419 36.86 -28.44 2.27
CA LEU C 419 37.85 -27.68 3.03
C LEU C 419 39.07 -28.45 3.53
N ARG C 420 40.16 -27.73 3.73
CA ARG C 420 41.39 -28.26 4.29
C ARG C 420 41.95 -27.20 5.25
N VAL C 421 42.82 -27.62 6.18
CA VAL C 421 43.53 -26.70 7.08
C VAL C 421 44.36 -25.71 6.24
N GLY C 422 44.27 -24.43 6.55
CA GLY C 422 44.94 -23.40 5.77
C GLY C 422 44.02 -22.69 4.77
N ASP C 423 42.86 -23.26 4.46
CA ASP C 423 41.89 -22.62 3.57
C ASP C 423 41.26 -21.40 4.23
N LEU C 424 40.74 -20.47 3.41
CA LEU C 424 39.97 -19.36 3.92
C LEU C 424 38.50 -19.64 3.64
N VAL C 425 37.64 -19.36 4.63
CA VAL C 425 36.20 -19.47 4.49
C VAL C 425 35.56 -18.18 4.96
N ILE C 426 34.39 -17.86 4.40
CA ILE C 426 33.61 -16.70 4.82
C ILE C 426 32.49 -17.24 5.67
N VAL C 427 32.21 -16.62 6.80
CA VAL C 427 31.16 -17.09 7.69
C VAL C 427 30.13 -16.00 7.84
N VAL C 428 28.88 -16.36 7.59
CA VAL C 428 27.77 -15.46 7.69
C VAL C 428 26.84 -15.84 8.83
N THR C 429 26.68 -14.93 9.79
CA THR C 429 25.85 -15.12 10.99
C THR C 429 25.03 -13.82 11.28
N GLY C 430 24.24 -13.82 12.35
CA GLY C 430 23.47 -12.67 12.77
C GLY C 430 23.82 -12.24 14.17
N TRP C 431 23.28 -11.10 14.61
CA TRP C 431 23.64 -10.52 15.90
C TRP C 431 22.81 -11.02 17.07
N ARG C 432 21.67 -11.68 16.80
CA ARG C 432 20.78 -12.22 17.83
C ARG C 432 20.05 -13.47 17.29
N PRO C 433 19.51 -14.34 18.17
CA PRO C 433 18.79 -15.52 17.69
C PRO C 433 17.51 -15.16 16.95
N GLY C 434 17.03 -16.10 16.17
CA GLY C 434 15.82 -15.92 15.40
C GLY C 434 16.16 -15.59 13.98
N SER C 435 15.25 -15.91 13.10
CA SER C 435 15.36 -15.64 11.69
C SER C 435 15.24 -14.12 11.42
N GLY C 436 15.92 -13.65 10.38
CA GLY C 436 15.84 -12.25 9.95
C GLY C 436 16.87 -11.28 10.45
N TYR C 437 17.88 -11.72 11.21
CA TYR C 437 18.89 -10.84 11.78
C TYR C 437 20.31 -11.02 11.24
N THR C 438 20.49 -11.67 10.08
CA THR C 438 21.82 -11.85 9.49
C THR C 438 22.47 -10.48 9.21
N ASN C 439 23.65 -10.23 9.80
CA ASN C 439 24.31 -8.94 9.58
C ASN C 439 25.83 -9.03 9.74
N ILE C 440 26.41 -10.24 9.85
CA ILE C 440 27.84 -10.38 10.10
C ILE C 440 28.51 -11.26 9.07
N MET C 441 29.67 -10.82 8.63
CA MET C 441 30.49 -11.58 7.72
C MET C 441 31.90 -11.60 8.32
N ARG C 442 32.45 -12.79 8.50
CA ARG C 442 33.79 -12.96 9.05
C ARG C 442 34.64 -13.74 8.07
N VAL C 443 35.96 -13.49 8.10
CA VAL C 443 36.94 -14.22 7.29
C VAL C 443 37.67 -15.13 8.26
N LEU C 444 37.53 -16.44 8.09
CA LEU C 444 38.18 -17.40 8.98
C LEU C 444 39.19 -18.24 8.24
N SER C 445 40.27 -18.50 8.91
CA SER C 445 41.32 -19.38 8.41
CA SER C 445 41.33 -19.37 8.41
C SER C 445 41.03 -20.74 9.03
N ILE C 446 40.93 -21.79 8.23
CA ILE C 446 40.62 -23.12 8.72
C ILE C 446 41.77 -23.73 9.52
N SER C 447 41.51 -24.14 10.76
CA SER C 447 42.51 -24.76 11.61
C SER C 447 42.11 -26.22 11.94
N GLY D 23 14.22 9.31 1.41
CA GLY D 23 13.59 10.46 0.76
C GLY D 23 14.13 10.80 -0.62
N THR D 24 13.31 11.51 -1.41
CA THR D 24 13.69 11.95 -2.75
C THR D 24 14.84 12.98 -2.70
N ALA D 25 14.83 13.84 -1.67
CA ALA D 25 15.84 14.87 -1.48
C ALA D 25 17.23 14.24 -1.32
N PHE D 26 17.31 13.08 -0.63
CA PHE D 26 18.57 12.36 -0.43
C PHE D 26 19.23 12.02 -1.77
N PHE D 27 18.43 11.56 -2.73
CA PHE D 27 18.96 11.15 -4.02
C PHE D 27 19.27 12.30 -5.01
N GLN D 28 18.97 13.56 -4.62
CA GLN D 28 19.33 14.71 -5.45
C GLN D 28 20.68 15.33 -4.99
N GLN D 29 21.04 15.16 -3.69
CA GLN D 29 22.27 15.65 -3.07
C GLN D 29 23.50 14.82 -3.47
N GLN D 30 24.71 15.32 -3.10
CA GLN D 30 26.03 14.72 -3.29
C GLN D 30 26.25 14.09 -4.69
N GLN D 31 25.73 14.75 -5.73
CA GLN D 31 25.84 14.34 -7.12
C GLN D 31 25.41 12.89 -7.34
N LEU D 32 24.40 12.42 -6.57
CA LEU D 32 23.91 11.04 -6.71
C LEU D 32 23.36 10.75 -8.13
N PRO D 33 22.63 11.66 -8.81
CA PRO D 33 22.24 11.35 -10.21
C PRO D 33 23.47 11.12 -11.12
N ALA D 34 24.52 11.94 -10.97
CA ALA D 34 25.76 11.79 -11.77
C ALA D 34 26.51 10.51 -11.38
N ALA D 35 26.41 10.08 -10.12
CA ALA D 35 27.07 8.88 -9.61
C ALA D 35 26.44 7.61 -10.18
N MET D 36 25.13 7.63 -10.43
CA MET D 36 24.43 6.46 -10.98
C MET D 36 24.53 6.34 -12.52
N ALA D 37 25.18 7.30 -13.21
CA ALA D 37 25.26 7.29 -14.66
C ALA D 37 25.95 6.06 -15.23
N ASP D 38 25.51 5.62 -16.42
CA ASP D 38 26.03 4.43 -17.08
C ASP D 38 27.35 4.66 -17.82
N THR D 39 27.67 5.91 -18.17
CA THR D 39 28.91 6.24 -18.84
C THR D 39 29.54 7.47 -18.16
N PHE D 40 30.84 7.68 -18.35
CA PHE D 40 31.52 8.85 -17.82
C PHE D 40 30.96 10.13 -18.47
N LEU D 41 30.63 10.08 -19.77
CA LEU D 41 30.07 11.24 -20.47
C LEU D 41 28.72 11.63 -19.84
N GLU D 42 27.85 10.66 -19.58
CA GLU D 42 26.56 10.93 -18.95
C GLU D 42 26.76 11.44 -17.52
N HIS D 43 27.79 10.91 -16.81
CA HIS D 43 28.16 11.37 -15.47
C HIS D 43 28.48 12.88 -15.50
N LEU D 44 29.28 13.33 -16.48
CA LEU D 44 29.63 14.75 -16.60
C LEU D 44 28.37 15.58 -16.88
N CYS D 45 27.52 15.13 -17.82
CA CYS D 45 26.29 15.79 -18.20
C CYS D 45 25.32 15.96 -17.02
N LEU D 46 25.37 15.06 -16.04
CA LEU D 46 24.48 15.11 -14.88
C LEU D 46 25.05 15.88 -13.67
N LEU D 47 26.28 16.41 -13.76
CA LEU D 47 26.85 17.17 -12.65
C LEU D 47 26.02 18.43 -12.43
N ASP D 48 25.68 18.71 -11.17
CA ASP D 48 24.74 19.77 -10.86
C ASP D 48 25.27 20.72 -9.79
N ILE D 49 25.38 22.02 -10.12
CA ILE D 49 25.84 23.02 -9.17
C ILE D 49 24.88 23.16 -7.97
N ASP D 50 23.61 22.76 -8.12
CA ASP D 50 22.63 22.80 -7.02
C ASP D 50 22.63 21.55 -6.17
N SER D 51 23.40 20.50 -6.53
CA SER D 51 23.46 19.28 -5.76
C SER D 51 24.51 19.50 -4.67
N GLU D 52 24.04 19.70 -3.42
CA GLU D 52 24.94 20.02 -2.32
C GLU D 52 25.70 18.84 -1.75
N PRO D 53 26.99 19.05 -1.44
CA PRO D 53 27.76 17.96 -0.81
C PRO D 53 27.23 17.71 0.60
N VAL D 54 27.14 16.45 0.99
CA VAL D 54 26.63 16.08 2.32
C VAL D 54 27.71 15.39 3.12
N ALA D 55 28.49 14.53 2.48
CA ALA D 55 29.56 13.81 3.13
C ALA D 55 30.62 14.75 3.69
N ALA D 56 31.32 14.30 4.73
CA ALA D 56 32.41 15.06 5.29
C ALA D 56 33.56 15.09 4.28
N ARG D 57 34.37 16.15 4.31
CA ARG D 57 35.47 16.30 3.37
C ARG D 57 36.52 15.25 3.64
N SER D 58 36.84 14.44 2.66
CA SER D 58 37.71 13.30 2.81
C SER D 58 39.19 13.51 2.39
N THR D 59 39.50 14.49 1.51
CA THR D 59 40.89 14.74 1.14
C THR D 59 41.56 15.61 2.23
N SER D 60 42.67 15.15 2.81
CA SER D 60 43.34 15.90 3.85
CA SER D 60 43.36 15.90 3.86
C SER D 60 44.01 17.16 3.35
N ILE D 61 44.07 18.18 4.22
CA ILE D 61 44.74 19.42 3.88
C ILE D 61 46.05 19.49 4.68
N ILE D 62 47.17 19.65 3.99
CA ILE D 62 48.46 19.87 4.64
C ILE D 62 48.74 21.38 4.57
N ALA D 63 48.96 22.01 5.72
CA ALA D 63 49.27 23.44 5.76
C ALA D 63 50.72 23.59 6.19
N THR D 64 51.55 24.32 5.44
CA THR D 64 52.94 24.58 5.85
C THR D 64 52.96 25.70 6.90
N ILE D 65 53.70 25.49 7.99
CA ILE D 65 53.82 26.42 9.11
C ILE D 65 54.89 27.46 8.82
N GLY D 66 54.60 28.68 9.18
CA GLY D 66 55.56 29.77 9.01
C GLY D 66 55.14 30.97 9.82
N PRO D 67 55.76 32.14 9.58
CA PRO D 67 55.36 33.35 10.30
C PRO D 67 53.85 33.69 10.27
N ALA D 68 53.15 33.35 9.19
CA ALA D 68 51.70 33.60 9.09
C ALA D 68 50.84 32.59 9.85
N SER D 69 51.42 31.49 10.35
CA SER D 69 50.62 30.44 10.95
C SER D 69 51.22 29.82 12.20
N ARG D 70 52.05 30.56 12.93
CA ARG D 70 52.69 30.03 14.12
C ARG D 70 52.02 30.41 15.40
N SER D 71 51.22 31.47 15.40
CA SER D 71 50.51 31.88 16.60
C SER D 71 49.57 30.74 17.07
N VAL D 72 49.59 30.38 18.37
CA VAL D 72 48.69 29.35 18.91
C VAL D 72 47.22 29.68 18.59
N GLU D 73 46.84 30.96 18.67
CA GLU D 73 45.48 31.38 18.37
C GLU D 73 45.13 31.23 16.89
N ARG D 74 46.11 31.50 16.01
CA ARG D 74 45.95 31.35 14.56
C ARG D 74 45.87 29.82 14.23
N LEU D 75 46.69 29.00 14.85
CA LEU D 75 46.67 27.54 14.65
C LEU D 75 45.32 26.91 15.07
N LYS D 76 44.66 27.44 16.11
CA LYS D 76 43.34 26.96 16.51
C LYS D 76 42.32 27.23 15.43
N GLU D 77 42.42 28.41 14.77
CA GLU D 77 41.49 28.73 13.70
C GLU D 77 41.74 27.85 12.48
N MET D 78 42.99 27.53 12.20
CA MET D 78 43.34 26.66 11.06
CA MET D 78 43.34 26.66 11.07
C MET D 78 42.88 25.23 11.29
N ILE D 79 42.90 24.76 12.54
CA ILE D 79 42.43 23.42 12.86
C ILE D 79 40.90 23.39 12.63
N LYS D 80 40.19 24.43 13.09
CA LYS D 80 38.75 24.53 12.88
C LYS D 80 38.38 24.64 11.39
N ALA D 81 39.22 25.33 10.58
CA ALA D 81 39.03 25.48 9.14
C ALA D 81 39.26 24.17 8.37
N GLY D 82 39.98 23.22 8.97
CA GLY D 82 40.19 21.94 8.32
C GLY D 82 41.63 21.45 8.13
N MET D 83 42.64 22.13 8.70
CA MET D 83 44.02 21.67 8.59
C MET D 83 44.17 20.31 9.30
N ASN D 84 44.71 19.33 8.59
CA ASN D 84 44.89 17.99 9.17
C ASN D 84 46.34 17.67 9.46
N ILE D 85 47.26 18.25 8.67
CA ILE D 85 48.67 17.98 8.79
C ILE D 85 49.41 19.30 8.76
N ALA D 86 50.29 19.51 9.73
CA ALA D 86 51.12 20.69 9.80
C ALA D 86 52.49 20.31 9.23
N ARG D 87 52.93 21.01 8.19
CA ARG D 87 54.20 20.73 7.57
C ARG D 87 55.28 21.73 8.04
N LEU D 88 56.41 21.19 8.50
CA LEU D 88 57.56 21.99 8.91
C LEU D 88 58.56 21.94 7.78
N ASN D 89 58.81 23.09 7.13
CA ASN D 89 59.72 23.09 6.01
C ASN D 89 61.12 23.34 6.52
N PHE D 90 61.96 22.29 6.61
CA PHE D 90 63.32 22.41 7.10
C PHE D 90 64.28 23.12 6.10
N SER D 91 63.78 23.63 4.96
CA SER D 91 64.57 24.47 4.08
C SER D 91 64.75 25.88 4.69
N HIS D 92 63.88 26.27 5.67
CA HIS D 92 63.92 27.57 6.35
C HIS D 92 63.88 27.38 7.87
N GLY D 93 64.58 28.24 8.61
CA GLY D 93 64.58 28.19 10.06
C GLY D 93 65.53 27.18 10.69
N SER D 94 65.89 27.41 11.92
CA SER D 94 66.77 26.53 12.70
C SER D 94 65.97 25.48 13.46
N HIS D 95 66.66 24.56 14.17
CA HIS D 95 66.01 23.56 15.01
C HIS D 95 65.19 24.22 16.12
N GLU D 96 65.68 25.34 16.65
CA GLU D 96 64.98 26.08 17.70
C GLU D 96 63.66 26.65 17.15
N TYR D 97 63.67 27.13 15.91
CA TYR D 97 62.46 27.66 15.27
C TYR D 97 61.43 26.52 15.11
N HIS D 98 61.86 25.38 14.60
CA HIS D 98 60.96 24.24 14.38
C HIS D 98 60.44 23.62 15.66
N ALA D 99 61.25 23.59 16.73
CA ALA D 99 60.79 23.08 18.04
C ALA D 99 59.68 23.97 18.59
N GLU D 100 59.77 25.29 18.36
CA GLU D 100 58.72 26.22 18.79
C GLU D 100 57.46 25.99 17.96
N SER D 101 57.60 25.71 16.65
CA SER D 101 56.44 25.45 15.77
C SER D 101 55.71 24.22 16.26
N ILE D 102 56.47 23.15 16.58
CA ILE D 102 55.92 21.91 17.08
C ILE D 102 55.16 22.15 18.38
N ALA D 103 55.79 22.89 19.33
CA ALA D 103 55.14 23.20 20.61
C ALA D 103 53.84 23.98 20.41
N ASN D 104 53.84 24.96 19.48
CA ASN D 104 52.63 25.76 19.22
C ASN D 104 51.53 24.94 18.59
N VAL D 105 51.90 24.06 17.65
CA VAL D 105 50.91 23.17 17.02
C VAL D 105 50.29 22.25 18.08
N ARG D 106 51.13 21.62 18.90
CA ARG D 106 50.64 20.73 19.95
C ARG D 106 49.77 21.47 20.97
N GLU D 107 50.14 22.71 21.34
CA GLU D 107 49.33 23.50 22.27
C GLU D 107 47.96 23.78 21.67
N ALA D 108 47.91 24.21 20.40
CA ALA D 108 46.63 24.48 19.73
C ALA D 108 45.79 23.21 19.59
N VAL D 109 46.41 22.09 19.20
CA VAL D 109 45.69 20.83 19.05
C VAL D 109 45.13 20.35 20.40
N GLU D 110 45.96 20.39 21.44
CA GLU D 110 45.54 19.92 22.77
C GLU D 110 44.56 20.84 23.47
N SER D 111 44.38 22.08 23.00
CA SER D 111 43.38 22.97 23.57
C SER D 111 41.95 22.46 23.35
N PHE D 112 41.75 21.51 22.42
CA PHE D 112 40.45 20.92 22.13
C PHE D 112 40.28 19.52 22.75
N ALA D 113 41.28 19.01 23.48
CA ALA D 113 41.23 17.68 24.07
C ALA D 113 40.21 17.51 25.22
N GLY D 114 39.74 18.61 25.79
CA GLY D 114 38.74 18.58 26.85
C GLY D 114 37.39 18.04 26.40
N SER D 115 37.14 18.02 25.09
CA SER D 115 35.93 17.44 24.52
C SER D 115 36.38 16.30 23.59
N PRO D 116 36.51 15.07 24.13
CA PRO D 116 37.00 13.96 23.30
C PRO D 116 36.14 13.58 22.10
N LEU D 117 34.82 13.84 22.15
CA LEU D 117 33.95 13.50 21.02
C LEU D 117 34.15 14.41 19.80
N SER D 118 34.85 15.55 19.97
CA SER D 118 35.07 16.46 18.84
C SER D 118 36.56 16.75 18.58
N TYR D 119 37.46 16.24 19.42
CA TYR D 119 38.91 16.45 19.29
C TYR D 119 39.43 16.00 17.92
N ARG D 120 40.18 16.86 17.23
CA ARG D 120 40.75 16.51 15.95
C ARG D 120 42.23 16.35 16.05
N PRO D 121 42.75 15.13 15.83
CA PRO D 121 44.22 14.96 15.80
C PRO D 121 44.81 15.70 14.60
N VAL D 122 46.04 16.20 14.73
CA VAL D 122 46.71 16.90 13.66
C VAL D 122 48.10 16.33 13.56
N ALA D 123 48.49 15.81 12.38
CA ALA D 123 49.82 15.23 12.22
C ALA D 123 50.89 16.31 12.06
N ILE D 124 52.14 15.97 12.39
CA ILE D 124 53.26 16.89 12.18
C ILE D 124 54.22 16.22 11.21
N ALA D 125 54.46 16.87 10.07
CA ALA D 125 55.33 16.33 9.05
C ALA D 125 56.59 17.17 8.91
N LEU D 126 57.74 16.51 8.77
CA LEU D 126 59.01 17.20 8.61
C LEU D 126 59.38 17.12 7.15
N ASP D 127 59.53 18.26 6.48
CA ASP D 127 59.89 18.27 5.07
C ASP D 127 61.40 18.63 5.01
N THR D 128 62.22 17.71 4.53
CA THR D 128 63.66 17.90 4.52
C THR D 128 64.16 18.91 3.52
N LYS D 129 65.34 19.49 3.82
CA LYS D 129 66.01 20.48 2.98
C LYS D 129 66.42 19.85 1.64
N GLY D 130 66.92 18.63 1.70
CA GLY D 130 67.29 17.92 0.48
C GLY D 130 68.78 17.71 0.30
N PRO D 131 69.14 17.01 -0.78
CA PRO D 131 70.55 16.69 -1.02
C PRO D 131 71.38 17.82 -1.60
N GLY D 132 70.74 18.80 -2.25
CA GLY D 132 71.42 19.90 -2.91
C GLY D 132 72.26 19.37 -4.07
N SER D 133 73.55 19.73 -4.10
CA SER D 133 74.45 19.22 -5.13
C SER D 133 74.97 17.78 -4.85
N GLY D 134 74.70 17.26 -3.66
CA GLY D 134 75.16 15.93 -3.25
C GLY D 134 74.44 14.78 -3.92
N PRO D 135 75.07 13.59 -3.86
CA PRO D 135 74.47 12.41 -4.51
C PRO D 135 73.39 11.67 -3.71
N GLY D 136 73.38 11.89 -2.40
CA GLY D 136 72.44 11.23 -1.51
C GLY D 136 72.14 12.05 -0.28
N LEU D 137 71.88 11.37 0.84
CA LEU D 137 71.53 12.02 2.11
C LEU D 137 72.61 12.97 2.63
N SER D 138 72.27 14.25 2.72
CA SER D 138 73.18 15.28 3.21
C SER D 138 73.34 15.19 4.74
N GLU D 139 74.42 15.80 5.26
CA GLU D 139 74.66 15.79 6.70
C GLU D 139 73.62 16.60 7.45
N GLN D 140 73.12 17.71 6.85
CA GLN D 140 72.06 18.50 7.50
C GLN D 140 70.78 17.67 7.59
N ASP D 141 70.46 16.87 6.56
CA ASP D 141 69.28 16.01 6.58
C ASP D 141 69.39 14.98 7.67
N VAL D 142 70.58 14.40 7.89
CA VAL D 142 70.77 13.44 8.99
C VAL D 142 70.47 14.08 10.35
N ARG D 143 70.94 15.31 10.55
CA ARG D 143 70.70 16.03 11.80
C ARG D 143 69.21 16.42 11.97
N ASP D 144 68.58 16.85 10.88
CA ASP D 144 67.15 17.23 10.89
C ASP D 144 66.27 16.02 11.13
N LEU D 145 66.61 14.88 10.55
CA LEU D 145 65.87 13.64 10.76
C LEU D 145 65.96 13.18 12.19
N ARG D 146 67.17 13.30 12.80
CA ARG D 146 67.33 12.94 14.21
CA ARG D 146 67.32 12.93 14.20
C ARG D 146 66.49 13.87 15.09
N PHE D 147 66.42 15.16 14.72
CA PHE D 147 65.60 16.14 15.45
C PHE D 147 64.12 15.70 15.39
N GLY D 148 63.67 15.27 14.22
CA GLY D 148 62.31 14.79 14.03
C GLY D 148 61.95 13.62 14.92
N VAL D 149 62.83 12.64 15.00
CA VAL D 149 62.62 11.48 15.89
C VAL D 149 62.57 11.94 17.35
N GLU D 150 63.52 12.79 17.77
CA GLU D 150 63.55 13.28 19.14
C GLU D 150 62.33 14.11 19.51
N HIS D 151 61.74 14.83 18.54
CA HIS D 151 60.55 15.63 18.81
C HIS D 151 59.22 14.94 18.45
N GLY D 152 59.27 13.66 18.09
CA GLY D 152 58.09 12.86 17.81
C GLY D 152 57.28 13.22 16.57
N VAL D 153 57.95 13.59 15.46
CA VAL D 153 57.20 13.88 14.22
C VAL D 153 56.56 12.59 13.70
N ASP D 154 55.46 12.73 12.97
CA ASP D 154 54.71 11.57 12.48
C ASP D 154 55.12 11.15 11.08
N ILE D 155 55.49 12.11 10.27
CA ILE D 155 55.77 11.88 8.86
C ILE D 155 57.02 12.63 8.43
N VAL D 156 57.73 12.08 7.45
CA VAL D 156 58.84 12.76 6.83
C VAL D 156 58.49 12.89 5.34
N PHE D 157 58.56 14.11 4.80
CA PHE D 157 58.42 14.33 3.38
C PHE D 157 59.87 14.43 2.92
N ALA D 158 60.40 13.35 2.34
CA ALA D 158 61.80 13.32 1.92
C ALA D 158 62.03 13.99 0.58
N SER D 159 62.78 15.10 0.58
CA SER D 159 63.05 15.84 -0.64
C SER D 159 63.95 15.10 -1.63
N PHE D 160 63.73 15.37 -2.93
CA PHE D 160 64.47 14.87 -4.08
C PHE D 160 64.81 13.37 -4.01
N VAL D 161 63.81 12.52 -3.82
CA VAL D 161 64.04 11.08 -3.82
C VAL D 161 64.20 10.66 -5.30
N ARG D 162 65.33 10.03 -5.63
CA ARG D 162 65.64 9.61 -7.00
C ARG D 162 65.69 8.11 -7.20
N LYS D 163 65.78 7.33 -6.12
CA LYS D 163 65.91 5.88 -6.19
C LYS D 163 65.58 5.25 -4.85
N ALA D 164 65.38 3.94 -4.81
CA ALA D 164 65.04 3.21 -3.59
C ALA D 164 66.08 3.39 -2.47
N SER D 165 67.38 3.49 -2.81
CA SER D 165 68.43 3.64 -1.81
C SER D 165 68.35 5.00 -1.07
N ASP D 166 67.76 6.03 -1.70
CA ASP D 166 67.54 7.31 -1.03
C ASP D 166 66.56 7.12 0.13
N VAL D 167 65.52 6.29 -0.05
CA VAL D 167 64.53 6.01 0.98
C VAL D 167 65.18 5.22 2.11
N ALA D 168 66.01 4.22 1.75
CA ALA D 168 66.70 3.40 2.77
C ALA D 168 67.62 4.27 3.63
N ALA D 169 68.29 5.27 3.01
CA ALA D 169 69.16 6.17 3.76
C ALA D 169 68.33 7.02 4.74
N VAL D 170 67.14 7.48 4.34
CA VAL D 170 66.26 8.24 5.24
C VAL D 170 65.80 7.36 6.39
N ARG D 171 65.44 6.13 6.08
CA ARG D 171 65.00 5.16 7.08
C ARG D 171 66.13 4.87 8.09
N ALA D 172 67.38 4.74 7.61
CA ALA D 172 68.54 4.50 8.48
C ALA D 172 68.82 5.70 9.37
N ALA D 173 68.70 6.94 8.83
CA ALA D 173 68.93 8.15 9.62
C ALA D 173 67.87 8.32 10.73
N LEU D 174 66.67 7.77 10.54
CA LEU D 174 65.63 7.82 11.57
C LEU D 174 65.96 6.87 12.75
N GLY D 175 66.78 5.85 12.50
CA GLY D 175 67.24 4.91 13.54
C GLY D 175 66.18 4.00 14.08
N PRO D 176 66.52 3.24 15.13
CA PRO D 176 65.55 2.32 15.74
C PRO D 176 64.37 3.01 16.42
N GLU D 177 64.59 4.24 16.93
CA GLU D 177 63.50 4.97 17.60
C GLU D 177 62.45 5.57 16.64
N GLY D 178 62.80 5.71 15.36
CA GLY D 178 61.89 6.29 14.38
C GLY D 178 61.27 5.29 13.42
N HIS D 179 61.14 4.00 13.83
CA HIS D 179 60.57 2.95 12.97
CA HIS D 179 60.57 2.96 12.96
C HIS D 179 59.13 3.21 12.55
N GLY D 180 58.35 3.84 13.43
CA GLY D 180 56.94 4.12 13.14
C GLY D 180 56.66 5.36 12.32
N ILE D 181 57.67 6.16 12.00
CA ILE D 181 57.48 7.39 11.21
C ILE D 181 57.21 7.02 9.73
N LYS D 182 56.21 7.66 9.12
CA LYS D 182 55.90 7.40 7.71
C LYS D 182 56.84 8.17 6.81
N ILE D 183 57.37 7.53 5.77
CA ILE D 183 58.23 8.22 4.82
C ILE D 183 57.46 8.43 3.50
N ILE D 184 57.24 9.69 3.16
CA ILE D 184 56.56 10.06 1.93
C ILE D 184 57.67 10.61 1.03
N SER D 185 57.96 9.90 -0.07
CA SER D 185 59.00 10.34 -0.97
C SER D 185 58.53 11.43 -1.91
N LYS D 186 59.27 12.56 -1.96
CA LYS D 186 58.92 13.64 -2.86
C LYS D 186 59.56 13.37 -4.22
N ILE D 187 58.75 13.32 -5.29
CA ILE D 187 59.25 13.12 -6.63
C ILE D 187 59.40 14.49 -7.23
N GLU D 188 60.64 14.92 -7.48
CA GLU D 188 60.91 16.29 -7.92
C GLU D 188 61.72 16.41 -9.19
N ASN D 189 62.12 15.30 -9.81
CA ASN D 189 62.93 15.37 -11.03
C ASN D 189 62.66 14.20 -11.97
N HIS D 190 63.28 14.21 -13.16
CA HIS D 190 63.11 13.16 -14.15
C HIS D 190 63.48 11.79 -13.64
N GLU D 191 64.59 11.67 -12.90
CA GLU D 191 65.01 10.36 -12.39
C GLU D 191 64.00 9.75 -11.41
N GLY D 192 63.43 10.58 -10.54
CA GLY D 192 62.40 10.12 -9.61
C GLY D 192 61.16 9.62 -10.33
N VAL D 193 60.77 10.30 -11.43
CA VAL D 193 59.62 9.88 -12.24
C VAL D 193 59.93 8.53 -12.92
N LYS D 194 61.13 8.40 -13.51
CA LYS D 194 61.55 7.18 -14.20
C LYS D 194 61.74 5.99 -13.27
N ARG D 195 62.23 6.24 -12.06
CA ARG D 195 62.39 5.16 -11.09
C ARG D 195 61.23 5.11 -10.07
N PHE D 196 60.07 5.70 -10.42
CA PHE D 196 58.89 5.75 -9.57
C PHE D 196 58.50 4.42 -8.93
N ASP D 197 58.40 3.34 -9.73
CA ASP D 197 57.98 2.05 -9.17
C ASP D 197 58.87 1.53 -8.06
N GLU D 198 60.19 1.65 -8.20
CA GLU D 198 61.09 1.19 -7.16
C GLU D 198 61.02 2.09 -5.90
N ILE D 199 60.75 3.39 -6.09
CA ILE D 199 60.63 4.32 -4.97
C ILE D 199 59.33 4.04 -4.20
N LEU D 200 58.20 3.89 -4.90
CA LEU D 200 56.91 3.61 -4.28
C LEU D 200 56.92 2.33 -3.48
N GLU D 201 57.57 1.29 -4.03
CA GLU D 201 57.68 -0.01 -3.36
C GLU D 201 58.23 0.06 -1.96
N VAL D 202 59.24 0.92 -1.73
CA VAL D 202 59.87 1.05 -0.41
C VAL D 202 59.38 2.25 0.41
N SER D 203 58.55 3.12 -0.17
CA SER D 203 58.04 4.29 0.55
C SER D 203 56.65 4.02 1.12
N ASP D 204 56.24 4.79 2.11
CA ASP D 204 54.85 4.70 2.61
C ASP D 204 53.87 5.44 1.68
N GLY D 205 54.36 6.39 0.91
CA GLY D 205 53.57 7.20 0.01
C GLY D 205 54.42 8.15 -0.79
N ILE D 206 53.77 9.04 -1.58
CA ILE D 206 54.48 9.92 -2.48
C ILE D 206 53.94 11.34 -2.42
N MET D 207 54.80 12.31 -2.66
CA MET D 207 54.37 13.68 -2.84
C MET D 207 54.74 14.08 -4.27
N VAL D 208 53.79 14.62 -5.03
CA VAL D 208 54.07 15.16 -6.36
C VAL D 208 54.47 16.61 -6.10
N ALA D 209 55.79 16.84 -5.99
CA ALA D 209 56.38 18.13 -5.66
C ALA D 209 56.52 18.93 -6.95
N ARG D 210 55.43 19.57 -7.38
CA ARG D 210 55.34 20.23 -8.67
C ARG D 210 56.25 21.42 -8.88
N GLY D 211 56.69 22.06 -7.79
CA GLY D 211 57.59 23.21 -7.88
C GLY D 211 58.89 22.85 -8.59
N ASP D 212 59.67 21.96 -7.99
CA ASP D 212 60.92 21.51 -8.57
C ASP D 212 60.67 20.68 -9.81
N LEU D 213 59.65 19.81 -9.81
CA LEU D 213 59.33 19.00 -10.98
C LEU D 213 59.11 19.87 -12.25
N GLY D 214 58.43 20.98 -12.10
CA GLY D 214 58.18 21.93 -13.18
C GLY D 214 59.38 22.71 -13.69
N ILE D 215 60.51 22.63 -12.97
CA ILE D 215 61.79 23.24 -13.35
C ILE D 215 62.70 22.13 -13.93
N GLU D 216 62.63 20.90 -13.37
CA GLU D 216 63.44 19.77 -13.80
C GLU D 216 62.97 19.16 -15.12
N ILE D 217 61.66 19.18 -15.38
CA ILE D 217 61.07 18.69 -16.62
C ILE D 217 60.26 19.82 -17.25
N PRO D 218 59.92 19.76 -18.56
CA PRO D 218 59.12 20.86 -19.16
C PRO D 218 57.81 21.07 -18.39
N ALA D 219 57.45 22.32 -18.12
CA ALA D 219 56.27 22.66 -17.34
C ALA D 219 55.00 22.05 -17.88
N GLU D 220 54.88 21.97 -19.21
CA GLU D 220 53.71 21.41 -19.88
C GLU D 220 53.57 19.89 -19.71
N LYS D 221 54.56 19.21 -19.12
CA LYS D 221 54.51 17.76 -18.89
C LYS D 221 54.19 17.41 -17.41
N VAL D 222 54.20 18.38 -16.48
CA VAL D 222 53.95 18.10 -15.07
C VAL D 222 52.61 17.41 -14.83
N PHE D 223 51.54 17.84 -15.53
CA PHE D 223 50.23 17.19 -15.35
C PHE D 223 50.25 15.70 -15.67
N LEU D 224 51.09 15.27 -16.63
CA LEU D 224 51.20 13.86 -16.98
C LEU D 224 51.85 13.10 -15.83
N ALA D 225 52.93 13.67 -15.24
CA ALA D 225 53.62 13.04 -14.12
C ALA D 225 52.67 12.98 -12.90
N GLN D 226 51.95 14.06 -12.63
CA GLN D 226 50.98 14.10 -11.53
C GLN D 226 49.90 13.02 -11.69
N LYS D 227 49.23 12.96 -12.86
CA LYS D 227 48.18 11.98 -13.09
C LYS D 227 48.69 10.54 -13.04
N MET D 228 49.90 10.30 -13.58
CA MET D 228 50.48 8.96 -13.57
C MET D 228 50.77 8.51 -12.14
N MET D 229 51.45 9.37 -11.36
CA MET D 229 51.83 9.02 -10.00
C MET D 229 50.63 8.83 -9.10
N ILE D 230 49.59 9.65 -9.26
CA ILE D 230 48.39 9.51 -8.47
C ILE D 230 47.70 8.18 -8.80
N GLY D 231 47.60 7.86 -10.10
CA GLY D 231 47.04 6.59 -10.55
C GLY D 231 47.79 5.39 -10.00
N ARG D 232 49.14 5.42 -10.04
CA ARG D 232 49.95 4.31 -9.54
C ARG D 232 49.87 4.17 -8.02
N CYS D 233 49.76 5.31 -7.29
CA CYS D 233 49.59 5.26 -5.83
C CYS D 233 48.22 4.73 -5.49
N ASN D 234 47.18 5.09 -6.25
CA ASN D 234 45.83 4.58 -6.01
C ASN D 234 45.82 3.07 -6.26
N LEU D 235 46.50 2.60 -7.32
CA LEU D 235 46.59 1.18 -7.63
C LEU D 235 47.30 0.42 -6.47
N ALA D 236 48.40 0.96 -5.96
CA ALA D 236 49.17 0.38 -4.87
C ALA D 236 48.49 0.53 -3.49
N GLY D 237 47.48 1.39 -3.38
CA GLY D 237 46.82 1.64 -2.10
C GLY D 237 47.69 2.43 -1.13
N LYS D 238 48.54 3.30 -1.67
CA LYS D 238 49.45 4.11 -0.86
C LYS D 238 49.15 5.59 -1.02
N PRO D 239 49.27 6.38 0.08
CA PRO D 239 48.91 7.81 -0.03
C PRO D 239 49.73 8.63 -1.01
N VAL D 240 49.04 9.61 -1.65
CA VAL D 240 49.70 10.49 -2.60
C VAL D 240 49.25 11.93 -2.32
N VAL D 241 50.21 12.83 -2.25
CA VAL D 241 49.97 14.24 -1.97
C VAL D 241 50.17 15.07 -3.22
N CYS D 242 49.26 16.00 -3.52
CA CYS D 242 49.49 16.94 -4.61
C CYS D 242 49.96 18.23 -3.94
N ALA D 243 51.06 18.81 -4.44
CA ALA D 243 51.64 19.98 -3.82
C ALA D 243 52.04 21.07 -4.79
N THR D 244 52.13 22.32 -4.27
CA THR D 244 52.72 23.55 -4.81
C THR D 244 51.86 24.36 -5.76
N GLN D 245 51.67 25.63 -5.38
CA GLN D 245 50.95 26.67 -6.13
C GLN D 245 49.50 26.37 -6.40
N MET D 246 48.88 25.52 -5.57
CA MET D 246 47.48 25.17 -5.76
C MET D 246 46.56 26.38 -5.63
N LEU D 247 46.83 27.27 -4.65
CA LEU D 247 46.03 28.50 -4.47
C LEU D 247 47.01 29.69 -4.32
N GLU D 248 48.10 29.71 -5.10
CA GLU D 248 49.19 30.68 -5.03
C GLU D 248 48.76 32.15 -4.86
N SER D 249 47.79 32.59 -5.66
CA SER D 249 47.33 33.97 -5.61
C SER D 249 46.76 34.34 -4.24
N MET D 250 46.31 33.34 -3.44
CA MET D 250 45.79 33.64 -2.10
C MET D 250 46.89 34.02 -1.10
N ILE D 251 48.18 34.01 -1.51
CA ILE D 251 49.26 34.52 -0.66
C ILE D 251 49.00 36.06 -0.43
N THR D 252 48.45 36.77 -1.45
CA THR D 252 48.11 38.19 -1.28
C THR D 252 46.64 38.57 -1.54
N LYS D 253 45.88 37.75 -2.27
CA LYS D 253 44.48 38.04 -2.57
C LYS D 253 43.48 37.19 -1.77
N PRO D 254 42.30 37.77 -1.45
CA PRO D 254 41.33 37.04 -0.61
C PRO D 254 40.63 35.87 -1.31
N ARG D 255 40.59 35.89 -2.66
CA ARG D 255 39.96 34.83 -3.43
C ARG D 255 40.96 34.31 -4.47
N PRO D 256 40.91 33.01 -4.78
CA PRO D 256 41.84 32.47 -5.77
C PRO D 256 41.37 32.68 -7.23
N THR D 257 42.24 32.41 -8.19
CA THR D 257 41.89 32.52 -9.61
C THR D 257 41.04 31.29 -10.04
N ARG D 258 40.44 31.35 -11.24
CA ARG D 258 39.66 30.25 -11.78
C ARG D 258 40.52 29.02 -12.04
N ALA D 259 41.79 29.22 -12.41
CA ALA D 259 42.72 28.12 -12.67
C ALA D 259 43.10 27.40 -11.36
N GLU D 260 43.20 28.16 -10.25
CA GLU D 260 43.54 27.61 -8.95
C GLU D 260 42.45 26.73 -8.36
N THR D 261 41.18 27.16 -8.41
CA THR D 261 40.09 26.31 -7.90
C THR D 261 39.98 25.05 -8.74
N SER D 262 40.15 25.19 -10.06
CA SER D 262 40.13 24.09 -11.00
C SER D 262 41.25 23.09 -10.66
N ASP D 263 42.46 23.58 -10.38
CA ASP D 263 43.61 22.75 -10.04
C ASP D 263 43.35 21.91 -8.78
N VAL D 264 42.74 22.52 -7.75
CA VAL D 264 42.42 21.81 -6.51
C VAL D 264 41.38 20.73 -6.81
N ALA D 265 40.31 21.11 -7.54
CA ALA D 265 39.25 20.16 -7.86
C ALA D 265 39.77 18.99 -8.68
N ASN D 266 40.64 19.29 -9.64
CA ASN D 266 41.21 18.25 -10.50
C ASN D 266 42.19 17.35 -9.78
N ALA D 267 42.93 17.84 -8.79
CA ALA D 267 43.85 17.00 -8.01
C ALA D 267 43.02 15.97 -7.20
N VAL D 268 41.87 16.40 -6.65
CA VAL D 268 40.96 15.51 -5.95
C VAL D 268 40.33 14.51 -6.92
N LEU D 269 39.86 14.97 -8.09
CA LEU D 269 39.30 14.07 -9.10
C LEU D 269 40.35 13.08 -9.62
N ASP D 270 41.63 13.49 -9.71
CA ASP D 270 42.73 12.63 -10.14
C ASP D 270 42.88 11.43 -9.16
N GLY D 271 42.62 11.66 -7.88
CA GLY D 271 42.71 10.63 -6.85
C GLY D 271 43.67 10.94 -5.72
N ALA D 272 44.10 12.23 -5.59
CA ALA D 272 45.03 12.58 -4.51
C ALA D 272 44.43 12.35 -3.14
N ASP D 273 45.19 11.75 -2.22
CA ASP D 273 44.75 11.57 -0.84
C ASP D 273 44.82 12.90 -0.10
N CYS D 274 45.86 13.72 -0.36
CA CYS D 274 46.10 14.99 0.33
C CYS D 274 46.35 16.09 -0.68
N ILE D 275 45.99 17.31 -0.29
CA ILE D 275 46.31 18.50 -1.04
C ILE D 275 47.11 19.41 -0.10
N MET D 276 48.00 20.23 -0.65
CA MET D 276 48.90 21.01 0.18
C MET D 276 48.88 22.51 -0.08
N LEU D 277 49.18 23.27 0.98
CA LEU D 277 49.34 24.70 0.96
C LEU D 277 50.77 25.00 1.46
N SER D 278 51.50 25.84 0.75
CA SER D 278 52.86 26.20 1.09
C SER D 278 52.90 27.68 1.51
N GLY D 279 53.24 28.60 0.60
CA GLY D 279 53.25 30.03 0.93
C GLY D 279 51.92 30.54 1.39
N GLU D 280 50.81 29.93 0.90
CA GLU D 280 49.44 30.31 1.25
C GLU D 280 49.23 30.26 2.73
N THR D 281 49.86 29.29 3.45
CA THR D 281 49.72 29.24 4.90
C THR D 281 51.00 29.65 5.63
N ALA D 282 52.19 29.50 5.02
CA ALA D 282 53.45 29.81 5.69
C ALA D 282 53.71 31.32 5.80
N LYS D 283 53.47 32.07 4.72
CA LYS D 283 53.80 33.48 4.70
C LYS D 283 52.72 34.43 4.23
N GLY D 284 51.62 33.92 3.72
CA GLY D 284 50.59 34.76 3.18
C GLY D 284 49.72 35.50 4.15
N ASN D 285 48.81 36.27 3.58
CA ASN D 285 47.89 37.08 4.37
C ASN D 285 46.54 36.41 4.62
N PHE D 286 46.26 35.26 3.97
CA PHE D 286 45.00 34.55 4.15
C PHE D 286 45.19 33.03 4.47
N PRO D 287 46.05 32.64 5.46
CA PRO D 287 46.24 31.21 5.74
C PRO D 287 44.96 30.47 6.12
N VAL D 288 44.06 31.09 6.93
CA VAL D 288 42.82 30.43 7.32
C VAL D 288 41.89 30.33 6.14
N GLU D 289 41.78 31.42 5.33
CA GLU D 289 40.90 31.42 4.18
C GLU D 289 41.38 30.43 3.10
N ALA D 290 42.69 30.24 2.97
CA ALA D 290 43.25 29.29 1.99
C ALA D 290 42.87 27.86 2.42
N VAL D 291 42.90 27.56 3.73
CA VAL D 291 42.50 26.25 4.24
C VAL D 291 41.00 26.05 3.98
N LYS D 292 40.17 27.09 4.26
CA LYS D 292 38.73 27.02 4.05
C LYS D 292 38.39 26.82 2.58
N MET D 293 39.14 27.44 1.68
CA MET D 293 38.91 27.31 0.23
C MET D 293 39.24 25.88 -0.24
N GLN D 294 40.36 25.30 0.20
CA GLN D 294 40.69 23.92 -0.14
C GLN D 294 39.64 22.96 0.39
N HIS D 295 39.14 23.22 1.61
CA HIS D 295 38.08 22.41 2.21
C HIS D 295 36.81 22.47 1.34
N ALA D 296 36.36 23.69 0.97
CA ALA D 296 35.17 23.86 0.15
C ALA D 296 35.27 23.16 -1.20
N ILE D 297 36.41 23.32 -1.88
CA ILE D 297 36.60 22.72 -3.20
C ILE D 297 36.65 21.20 -3.12
N ALA D 298 37.46 20.66 -2.19
CA ALA D 298 37.62 19.21 -2.04
C ALA D 298 36.28 18.52 -1.79
N ARG D 299 35.42 19.12 -0.97
CA ARG D 299 34.09 18.57 -0.71
C ARG D 299 33.27 18.47 -1.97
N GLU D 300 33.27 19.52 -2.81
CA GLU D 300 32.52 19.52 -4.06
C GLU D 300 33.07 18.47 -5.02
N ALA D 301 34.41 18.40 -5.12
CA ALA D 301 35.06 17.48 -6.06
C ALA D 301 34.92 16.02 -5.66
N GLU D 302 34.91 15.73 -4.35
CA GLU D 302 34.75 14.33 -3.89
C GLU D 302 33.37 13.79 -4.26
N ALA D 303 32.33 14.63 -4.19
CA ALA D 303 30.98 14.18 -4.58
C ALA D 303 30.90 13.94 -6.10
N ALA D 304 31.71 14.67 -6.90
CA ALA D 304 31.75 14.54 -8.35
C ALA D 304 32.61 13.37 -8.85
N VAL D 305 33.18 12.57 -7.95
CA VAL D 305 33.96 11.39 -8.34
C VAL D 305 33.00 10.34 -8.90
N TYR D 306 33.34 9.74 -10.05
CA TYR D 306 32.51 8.73 -10.68
C TYR D 306 32.80 7.36 -10.04
N HIS D 307 32.25 7.13 -8.82
CA HIS D 307 32.49 5.90 -8.05
C HIS D 307 32.13 4.63 -8.79
N ARG D 308 31.09 4.67 -9.64
CA ARG D 308 30.68 3.46 -10.38
C ARG D 308 31.85 2.85 -11.16
N GLN D 309 32.58 3.67 -11.94
CA GLN D 309 33.72 3.14 -12.69
C GLN D 309 34.95 2.98 -11.79
N LEU D 310 35.21 3.96 -10.93
CA LEU D 310 36.36 3.92 -10.01
C LEU D 310 36.38 2.63 -9.14
N PHE D 311 35.27 2.31 -8.47
CA PHE D 311 35.22 1.09 -7.63
C PHE D 311 35.43 -0.15 -8.45
N GLU D 312 34.78 -0.24 -9.63
CA GLU D 312 34.92 -1.38 -10.54
C GLU D 312 36.38 -1.58 -10.93
N GLU D 313 37.08 -0.49 -11.30
CA GLU D 313 38.47 -0.59 -11.70
C GLU D 313 39.41 -0.89 -10.55
N LEU D 314 39.16 -0.33 -9.35
CA LEU D 314 40.01 -0.61 -8.19
C LEU D 314 39.87 -2.08 -7.79
N ARG D 315 38.64 -2.62 -7.80
CA ARG D 315 38.39 -4.03 -7.47
C ARG D 315 39.09 -4.94 -8.48
N ARG D 316 38.93 -4.65 -9.77
CA ARG D 316 39.50 -5.48 -10.82
C ARG D 316 41.02 -5.45 -10.79
N ALA D 317 41.61 -4.29 -10.52
CA ALA D 317 43.05 -4.13 -10.51
C ALA D 317 43.70 -4.67 -9.25
N ALA D 318 42.99 -4.64 -8.12
CA ALA D 318 43.54 -5.13 -6.87
C ALA D 318 43.73 -6.64 -6.95
N PRO D 319 44.95 -7.12 -6.67
CA PRO D 319 45.19 -8.57 -6.75
C PRO D 319 44.40 -9.37 -5.71
N LEU D 320 44.22 -10.66 -5.98
CA LEU D 320 43.59 -11.58 -5.04
C LEU D 320 44.40 -11.61 -3.77
N SER D 321 43.74 -11.79 -2.63
CA SER D 321 44.45 -11.76 -1.37
C SER D 321 44.01 -12.81 -0.41
N ARG D 322 44.94 -13.35 0.35
CA ARG D 322 44.62 -14.27 1.43
C ARG D 322 44.73 -13.60 2.82
N ASP D 323 44.91 -12.27 2.87
CA ASP D 323 45.03 -11.54 4.11
C ASP D 323 43.62 -11.19 4.55
N PRO D 324 43.18 -11.64 5.73
CA PRO D 324 41.82 -11.35 6.19
C PRO D 324 41.48 -9.88 6.33
N THR D 325 42.45 -9.00 6.64
CA THR D 325 42.16 -7.56 6.72
C THR D 325 41.80 -7.04 5.34
N GLU D 326 42.53 -7.45 4.32
CA GLU D 326 42.30 -7.05 2.95
C GLU D 326 40.94 -7.58 2.44
N VAL D 327 40.64 -8.85 2.77
CA VAL D 327 39.39 -9.49 2.36
C VAL D 327 38.19 -8.82 3.06
N THR D 328 38.31 -8.53 4.36
CA THR D 328 37.25 -7.85 5.10
C THR D 328 37.04 -6.46 4.54
N ALA D 329 38.13 -5.74 4.22
CA ALA D 329 38.03 -4.37 3.70
C ALA D 329 37.19 -4.27 2.42
N ILE D 330 37.42 -5.16 1.43
CA ILE D 330 36.65 -5.11 0.18
C ILE D 330 35.20 -5.54 0.40
N GLY D 331 34.95 -6.49 1.30
CA GLY D 331 33.60 -6.90 1.64
C GLY D 331 32.86 -5.75 2.31
N ALA D 332 33.52 -5.02 3.22
CA ALA D 332 32.93 -3.89 3.94
C ALA D 332 32.63 -2.72 2.99
N VAL D 333 33.52 -2.42 2.04
CA VAL D 333 33.31 -1.33 1.08
C VAL D 333 32.16 -1.68 0.14
N GLU D 334 32.07 -2.95 -0.28
CA GLU D 334 30.98 -3.41 -1.13
CA GLU D 334 30.98 -3.42 -1.13
C GLU D 334 29.66 -3.30 -0.36
N ALA D 335 29.64 -3.75 0.91
CA ALA D 335 28.44 -3.63 1.76
C ALA D 335 28.05 -2.16 1.95
N ALA D 336 29.01 -1.26 2.15
CA ALA D 336 28.73 0.16 2.35
C ALA D 336 28.04 0.78 1.12
N PHE D 337 28.49 0.43 -0.07
CA PHE D 337 27.88 0.94 -1.31
C PHE D 337 26.45 0.39 -1.49
N LYS D 338 26.23 -0.88 -1.13
CA LYS D 338 24.94 -1.54 -1.27
C LYS D 338 23.83 -0.86 -0.49
N CYS D 339 24.13 -0.38 0.71
CA CYS D 339 23.12 0.23 1.57
C CYS D 339 23.25 1.72 1.72
N CYS D 340 24.17 2.38 0.97
CA CYS D 340 24.42 3.82 1.11
C CYS D 340 24.80 4.14 2.55
N ALA D 341 25.68 3.29 3.15
CA ALA D 341 26.09 3.47 4.55
C ALA D 341 26.66 4.88 4.79
N ALA D 342 26.28 5.51 5.91
CA ALA D 342 26.78 6.85 6.25
C ALA D 342 28.25 6.78 6.64
N ALA D 343 28.70 5.63 7.21
CA ALA D 343 30.08 5.46 7.66
C ALA D 343 30.47 3.98 7.76
N ILE D 344 31.78 3.72 7.70
CA ILE D 344 32.40 2.46 8.02
C ILE D 344 33.21 2.78 9.28
N ILE D 345 32.84 2.21 10.45
CA ILE D 345 33.55 2.45 11.68
C ILE D 345 34.57 1.32 11.83
N VAL D 346 35.85 1.63 11.93
CA VAL D 346 36.89 0.61 12.03
C VAL D 346 37.76 0.81 13.25
N LEU D 347 38.06 -0.28 13.96
CA LEU D 347 38.98 -0.21 15.09
C LEU D 347 40.36 -0.51 14.50
N THR D 348 41.37 0.31 14.85
CA THR D 348 42.70 0.12 14.30
C THR D 348 43.79 0.51 15.28
N THR D 349 44.90 -0.25 15.32
CA THR D 349 46.00 0.03 16.22
C THR D 349 47.05 0.83 15.48
N THR D 350 47.39 0.42 14.26
CA THR D 350 48.44 1.07 13.47
C THR D 350 47.87 1.98 12.36
N GLY D 351 46.57 1.91 12.08
CA GLY D 351 45.94 2.60 10.97
C GLY D 351 45.76 1.71 9.73
N ARG D 352 46.44 0.55 9.68
CA ARG D 352 46.40 -0.33 8.50
C ARG D 352 44.99 -0.78 8.05
N SER D 353 44.09 -1.17 8.99
CA SER D 353 42.75 -1.59 8.61
C SER D 353 41.99 -0.43 7.93
N ALA D 354 42.20 0.80 8.40
CA ALA D 354 41.55 1.97 7.82
C ALA D 354 42.14 2.27 6.44
N GLN D 355 43.46 2.11 6.28
CA GLN D 355 44.11 2.32 4.99
C GLN D 355 43.59 1.35 3.93
N LEU D 356 43.38 0.08 4.31
CA LEU D 356 42.87 -0.92 3.37
C LEU D 356 41.42 -0.67 2.98
N LEU D 357 40.64 0.00 3.83
CA LEU D 357 39.27 0.38 3.48
C LEU D 357 39.33 1.57 2.51
N SER D 358 40.18 2.55 2.81
CA SER D 358 40.40 3.79 2.06
C SER D 358 40.85 3.52 0.60
N ARG D 359 41.65 2.47 0.37
CA ARG D 359 42.17 2.18 -0.96
C ARG D 359 41.06 1.82 -1.97
N TYR D 360 39.88 1.37 -1.49
CA TYR D 360 38.75 1.08 -2.37
C TYR D 360 37.85 2.29 -2.61
N ARG D 361 38.23 3.47 -2.06
CA ARG D 361 37.53 4.73 -2.25
C ARG D 361 36.03 4.66 -1.99
N PRO D 362 35.62 4.21 -0.78
CA PRO D 362 34.20 4.23 -0.48
C PRO D 362 33.67 5.68 -0.42
N ARG D 363 32.39 5.85 -0.71
CA ARG D 363 31.72 7.14 -0.52
C ARG D 363 31.49 7.33 0.99
N ALA D 364 31.22 6.23 1.76
CA ALA D 364 31.03 6.27 3.20
C ALA D 364 32.31 6.72 3.88
N ALA D 365 32.21 7.58 4.90
CA ALA D 365 33.35 8.06 5.67
C ALA D 365 33.93 6.86 6.43
N VAL D 366 35.25 6.73 6.50
CA VAL D 366 35.88 5.67 7.29
C VAL D 366 36.25 6.29 8.65
N ILE D 367 35.47 6.03 9.68
CA ILE D 367 35.72 6.55 11.01
C ILE D 367 36.65 5.58 11.72
N ALA D 368 37.90 5.97 11.94
CA ALA D 368 38.89 5.09 12.54
C ALA D 368 39.09 5.37 14.02
N VAL D 369 38.72 4.43 14.86
CA VAL D 369 38.89 4.58 16.30
C VAL D 369 40.17 3.91 16.74
N THR D 370 41.07 4.68 17.35
CA THR D 370 42.34 4.13 17.80
C THR D 370 42.76 4.69 19.15
N ARG D 371 43.56 3.92 19.89
CA ARG D 371 44.19 4.41 21.13
C ARG D 371 45.58 5.03 20.83
N SER D 372 46.16 4.74 19.65
CA SER D 372 47.47 5.26 19.32
C SER D 372 47.32 6.70 18.82
N ALA D 373 47.89 7.65 19.55
CA ALA D 373 47.86 9.05 19.15
C ALA D 373 48.64 9.23 17.84
N GLN D 374 49.74 8.50 17.66
CA GLN D 374 50.51 8.58 16.42
C GLN D 374 49.74 8.05 15.21
N ALA D 375 49.09 6.89 15.33
CA ALA D 375 48.29 6.33 14.24
C ALA D 375 47.14 7.26 13.90
N ALA D 376 46.52 7.88 14.91
CA ALA D 376 45.42 8.81 14.70
C ALA D 376 45.89 10.01 13.84
N ARG D 377 47.11 10.49 14.07
CA ARG D 377 47.68 11.56 13.28
C ARG D 377 48.06 11.10 11.87
N GLN D 378 48.71 9.95 11.76
CA GLN D 378 49.17 9.44 10.48
C GLN D 378 48.07 9.02 9.50
N VAL D 379 46.88 8.54 9.98
CA VAL D 379 45.85 8.13 9.04
C VAL D 379 45.26 9.27 8.22
N HIS D 380 45.56 10.55 8.57
CA HIS D 380 45.15 11.68 7.74
C HIS D 380 45.79 11.57 6.34
N LEU D 381 46.88 10.77 6.18
CA LEU D 381 47.46 10.55 4.85
C LEU D 381 46.51 9.79 3.93
N CYS D 382 45.53 9.06 4.46
CA CYS D 382 44.61 8.25 3.64
C CYS D 382 43.29 8.91 3.43
N ARG D 383 42.89 9.06 2.16
CA ARG D 383 41.62 9.73 1.86
C ARG D 383 40.41 9.09 2.52
N GLY D 384 39.58 9.93 3.13
CA GLY D 384 38.33 9.48 3.71
C GLY D 384 38.43 8.82 5.05
N VAL D 385 39.60 8.89 5.69
CA VAL D 385 39.76 8.34 7.04
C VAL D 385 39.67 9.49 8.04
N PHE D 386 38.71 9.42 8.96
CA PHE D 386 38.46 10.38 10.01
C PHE D 386 38.89 9.75 11.35
N PRO D 387 40.08 10.11 11.84
CA PRO D 387 40.58 9.50 13.08
C PRO D 387 39.94 10.04 14.37
N LEU D 388 39.61 9.10 15.28
CA LEU D 388 39.10 9.44 16.58
C LEU D 388 40.05 8.82 17.58
N LEU D 389 40.61 9.63 18.48
CA LEU D 389 41.53 9.13 19.50
C LEU D 389 40.77 8.77 20.75
N TYR D 390 40.79 7.48 21.10
CA TYR D 390 40.13 6.94 22.28
C TYR D 390 41.10 7.00 23.48
N ARG D 391 40.72 7.68 24.55
CA ARG D 391 41.62 7.86 25.69
C ARG D 391 41.37 6.95 26.88
N GLU D 392 40.19 6.33 26.95
CA GLU D 392 39.82 5.47 28.08
C GLU D 392 40.68 4.23 28.23
N PRO D 393 41.01 3.84 29.47
CA PRO D 393 41.80 2.61 29.66
C PRO D 393 40.94 1.37 29.37
N PRO D 394 41.57 0.27 28.97
CA PRO D 394 40.80 -0.92 28.61
C PRO D 394 39.86 -1.47 29.65
N GLU D 395 38.67 -1.89 29.20
CA GLU D 395 37.68 -2.61 29.99
C GLU D 395 38.27 -3.99 30.28
N ALA D 396 37.82 -4.64 31.36
CA ALA D 396 38.33 -5.98 31.71
C ALA D 396 37.88 -6.99 30.67
N ILE D 397 36.66 -6.87 30.14
CA ILE D 397 36.18 -7.78 29.13
C ILE D 397 36.47 -7.19 27.76
N TRP D 398 37.32 -7.86 26.96
CA TRP D 398 37.73 -7.38 25.64
C TRP D 398 36.55 -7.07 24.71
N ALA D 399 35.53 -7.93 24.66
CA ALA D 399 34.34 -7.66 23.86
C ALA D 399 33.64 -6.37 24.28
N ASP D 400 33.63 -6.02 25.57
CA ASP D 400 33.04 -4.75 26.02
C ASP D 400 33.91 -3.56 25.64
N ASP D 401 35.25 -3.74 25.63
CA ASP D 401 36.17 -2.66 25.26
C ASP D 401 36.00 -2.35 23.75
N VAL D 402 35.75 -3.38 22.94
CA VAL D 402 35.52 -3.23 21.51
C VAL D 402 34.22 -2.46 21.32
N ASP D 403 33.14 -2.88 21.99
CA ASP D 403 31.83 -2.23 21.92
C ASP D 403 31.88 -0.77 22.38
N ARG D 404 32.62 -0.47 23.45
CA ARG D 404 32.74 0.91 23.92
C ARG D 404 33.41 1.79 22.87
N ARG D 405 34.43 1.26 22.20
CA ARG D 405 35.13 1.99 21.16
C ARG D 405 34.23 2.25 19.95
N VAL D 406 33.39 1.28 19.56
CA VAL D 406 32.44 1.41 18.46
C VAL D 406 31.41 2.48 18.83
N GLN D 407 30.91 2.46 20.08
CA GLN D 407 29.94 3.45 20.57
C GLN D 407 30.56 4.84 20.59
N PHE D 408 31.84 4.95 20.90
CA PHE D 408 32.54 6.21 20.87
C PHE D 408 32.60 6.77 19.43
N GLY D 409 32.79 5.88 18.44
CA GLY D 409 32.77 6.24 17.03
C GLY D 409 31.39 6.73 16.60
N ILE D 410 30.34 6.07 17.07
CA ILE D 410 28.96 6.47 16.78
C ILE D 410 28.62 7.84 17.42
N GLU D 411 28.96 8.01 18.69
CA GLU D 411 28.69 9.26 19.41
C GLU D 411 29.50 10.43 18.84
N SER D 412 30.77 10.22 18.45
CA SER D 412 31.55 11.29 17.81
C SER D 412 30.94 11.61 16.47
N GLY D 413 30.61 10.57 15.70
CA GLY D 413 29.97 10.70 14.40
C GLY D 413 28.67 11.47 14.42
N LYS D 414 27.83 11.24 15.45
CA LYS D 414 26.57 11.95 15.63
C LYS D 414 26.84 13.42 15.96
N LEU D 415 27.74 13.70 16.89
CA LEU D 415 28.09 15.06 17.28
C LEU D 415 28.65 15.86 16.10
N ARG D 416 29.48 15.23 15.27
CA ARG D 416 30.10 15.91 14.13
C ARG D 416 29.23 15.96 12.87
N GLY D 417 28.04 15.37 12.88
CA GLY D 417 27.15 15.39 11.74
C GLY D 417 27.32 14.29 10.71
N PHE D 418 28.23 13.33 10.96
CA PHE D 418 28.44 12.20 10.05
C PHE D 418 27.26 11.23 10.07
N LEU D 419 26.62 11.08 11.23
CA LEU D 419 25.58 10.08 11.44
C LEU D 419 24.37 10.65 12.11
N ARG D 420 23.23 10.03 11.82
CA ARG D 420 21.94 10.32 12.43
C ARG D 420 21.24 9.01 12.74
N VAL D 421 20.24 9.04 13.64
CA VAL D 421 19.42 7.87 13.97
C VAL D 421 18.72 7.37 12.69
N GLY D 422 18.78 6.06 12.45
CA GLY D 422 18.21 5.49 11.24
C GLY D 422 19.22 5.20 10.16
N ASP D 423 20.41 5.80 10.25
CA ASP D 423 21.48 5.52 9.27
C ASP D 423 22.00 4.08 9.42
N LEU D 424 22.55 3.54 8.35
CA LEU D 424 23.21 2.25 8.39
C LEU D 424 24.72 2.53 8.41
N VAL D 425 25.44 1.75 9.16
CA VAL D 425 26.87 1.85 9.32
C VAL D 425 27.48 0.42 9.19
N ILE D 426 28.68 0.30 8.61
CA ILE D 426 29.41 -0.97 8.54
C ILE D 426 30.48 -0.89 9.64
N VAL D 427 30.59 -1.91 10.51
CA VAL D 427 31.54 -1.89 11.61
C VAL D 427 32.59 -2.99 11.36
N VAL D 428 33.86 -2.58 11.32
CA VAL D 428 34.99 -3.46 11.01
C VAL D 428 35.85 -3.65 12.25
N THR D 429 35.92 -4.90 12.74
CA THR D 429 36.67 -5.29 13.93
C THR D 429 37.48 -6.58 13.66
N GLY D 430 38.23 -7.06 14.66
CA GLY D 430 39.00 -8.29 14.59
C GLY D 430 38.61 -9.31 15.63
N TRP D 431 39.19 -10.50 15.55
CA TRP D 431 38.81 -11.62 16.43
C TRP D 431 39.62 -11.70 17.74
N ARG D 432 40.71 -10.96 17.85
CA ARG D 432 41.53 -10.91 19.05
C ARG D 432 42.24 -9.55 19.19
N PRO D 433 42.71 -9.19 20.41
CA PRO D 433 43.46 -7.91 20.55
C PRO D 433 44.78 -7.90 19.78
N GLY D 434 45.32 -6.72 19.54
CA GLY D 434 46.56 -6.57 18.80
C GLY D 434 46.33 -6.32 17.33
N SER D 435 47.31 -5.68 16.70
CA SER D 435 47.28 -5.32 15.29
CA SER D 435 47.22 -5.35 15.27
C SER D 435 47.35 -6.57 14.38
N GLY D 436 46.71 -6.52 13.23
CA GLY D 436 46.79 -7.57 12.23
C GLY D 436 45.71 -8.61 12.20
N TYR D 437 44.68 -8.50 13.05
CA TYR D 437 43.66 -9.54 13.14
C TYR D 437 42.26 -9.12 12.74
N THR D 438 42.13 -7.99 11.98
CA THR D 438 40.82 -7.58 11.47
C THR D 438 40.24 -8.69 10.56
N ASN D 439 39.01 -9.10 10.80
CA ASN D 439 38.40 -10.15 9.99
C ASN D 439 36.86 -10.13 10.05
N ILE D 440 36.25 -9.11 10.68
CA ILE D 440 34.80 -9.10 10.85
C ILE D 440 34.21 -7.80 10.29
N MET D 441 33.09 -7.91 9.60
CA MET D 441 32.34 -6.82 9.05
C MET D 441 30.86 -7.02 9.54
N ARG D 442 30.25 -5.98 10.14
CA ARG D 442 28.88 -6.10 10.61
C ARG D 442 27.99 -4.87 10.19
N VAL D 443 26.74 -5.14 9.80
CA VAL D 443 25.81 -4.08 9.37
C VAL D 443 25.03 -3.60 10.58
N LEU D 444 25.17 -2.32 10.95
CA LEU D 444 24.57 -1.79 12.16
C LEU D 444 23.65 -0.61 11.89
N SER D 445 22.47 -0.62 12.49
CA SER D 445 21.51 0.47 12.35
C SER D 445 21.74 1.45 13.51
N ILE D 446 21.89 2.74 13.21
CA ILE D 446 22.11 3.74 14.26
C ILE D 446 20.87 4.03 15.09
N SER D 447 20.98 3.87 16.41
CA SER D 447 19.85 4.14 17.31
C SER D 447 20.13 5.37 18.22
N ALA E 25 -7.80 17.64 29.67
CA ALA E 25 -9.05 18.30 29.31
C ALA E 25 -10.23 17.74 30.12
N PHE E 26 -11.26 18.58 30.30
CA PHE E 26 -12.49 18.21 31.01
C PHE E 26 -13.15 17.01 30.31
N PHE E 27 -13.21 17.04 28.98
CA PHE E 27 -13.86 15.99 28.20
C PHE E 27 -13.04 14.71 28.02
N GLN E 28 -11.80 14.67 28.52
CA GLN E 28 -11.00 13.44 28.48
C GLN E 28 -11.09 12.65 29.80
N GLN E 29 -11.39 13.35 30.92
CA GLN E 29 -11.54 12.77 32.26
C GLN E 29 -12.90 12.04 32.43
N GLN E 30 -13.06 11.34 33.57
CA GLN E 30 -14.23 10.60 34.03
C GLN E 30 -14.94 9.78 32.91
N GLN E 31 -14.13 9.16 32.02
CA GLN E 31 -14.59 8.35 30.89
C GLN E 31 -15.64 9.05 30.04
N LEU E 32 -15.53 10.40 29.89
CA LEU E 32 -16.49 11.15 29.10
C LEU E 32 -16.52 10.71 27.63
N PRO E 33 -15.39 10.38 26.94
CA PRO E 33 -15.52 9.86 25.56
C PRO E 33 -16.35 8.57 25.52
N ALA E 34 -16.16 7.64 26.49
CA ALA E 34 -16.94 6.40 26.54
C ALA E 34 -18.40 6.67 26.89
N ALA E 35 -18.67 7.72 27.67
CA ALA E 35 -20.04 8.09 28.07
C ALA E 35 -20.84 8.66 26.88
N MET E 36 -20.18 9.34 25.95
CA MET E 36 -20.84 9.92 24.78
C MET E 36 -21.02 8.93 23.61
N ALA E 37 -20.53 7.68 23.74
CA ALA E 37 -20.60 6.70 22.66
C ALA E 37 -22.03 6.38 22.22
N ASP E 38 -22.19 6.06 20.93
CA ASP E 38 -23.50 5.77 20.35
C ASP E 38 -24.00 4.35 20.61
N THR E 39 -23.09 3.42 20.90
CA THR E 39 -23.48 2.03 21.20
C THR E 39 -22.72 1.56 22.44
N PHE E 40 -23.22 0.50 23.10
CA PHE E 40 -22.54 -0.08 24.25
C PHE E 40 -21.19 -0.65 23.84
N LEU E 41 -21.11 -1.28 22.66
CA LEU E 41 -19.84 -1.82 22.16
C LEU E 41 -18.80 -0.69 21.99
N GLU E 42 -19.20 0.44 21.38
CA GLU E 42 -18.30 1.59 21.22
CA GLU E 42 -18.29 1.58 21.23
C GLU E 42 -17.91 2.16 22.60
N HIS E 43 -18.85 2.15 23.55
CA HIS E 43 -18.60 2.62 24.92
C HIS E 43 -17.47 1.78 25.55
N LEU E 44 -17.52 0.45 25.40
CA LEU E 44 -16.48 -0.43 25.93
C LEU E 44 -15.13 -0.11 25.27
N CYS E 45 -15.13 0.03 23.93
CA CYS E 45 -13.93 0.31 23.15
C CYS E 45 -13.26 1.61 23.56
N LEU E 46 -14.03 2.59 24.06
CA LEU E 46 -13.52 3.89 24.46
C LEU E 46 -13.11 3.99 25.93
N LEU E 47 -13.26 2.92 26.72
CA LEU E 47 -12.87 2.97 28.15
C LEU E 47 -11.34 3.13 28.21
N ASP E 48 -10.87 4.06 29.05
CA ASP E 48 -9.47 4.45 29.06
C ASP E 48 -8.88 4.43 30.46
N ILE E 49 -7.82 3.63 30.67
CA ILE E 49 -7.15 3.56 31.97
C ILE E 49 -6.49 4.89 32.38
N ASP E 50 -6.22 5.77 31.40
CA ASP E 50 -5.66 7.10 31.68
C ASP E 50 -6.72 8.17 31.96
N SER E 51 -8.01 7.85 31.81
CA SER E 51 -9.09 8.80 32.06
C SER E 51 -9.38 8.78 33.55
N GLU E 52 -8.94 9.80 34.27
CA GLU E 52 -9.08 9.82 35.72
C GLU E 52 -10.46 10.18 36.24
N PRO E 53 -10.92 9.46 37.29
CA PRO E 53 -12.22 9.80 37.88
C PRO E 53 -12.11 11.16 38.57
N VAL E 54 -13.14 12.00 38.43
CA VAL E 54 -13.14 13.31 39.06
C VAL E 54 -14.27 13.43 40.06
N ALA E 55 -15.44 12.87 39.76
CA ALA E 55 -16.58 12.90 40.65
C ALA E 55 -16.31 12.17 41.97
N ALA E 56 -17.01 12.59 43.03
CA ALA E 56 -16.91 11.96 44.33
C ALA E 56 -17.51 10.54 44.23
N ARG E 57 -16.98 9.62 45.05
CA ARG E 57 -17.44 8.24 45.03
C ARG E 57 -18.89 8.17 45.52
N SER E 58 -19.77 7.65 44.68
CA SER E 58 -21.21 7.63 44.93
C SER E 58 -21.77 6.33 45.52
N THR E 59 -21.11 5.17 45.34
CA THR E 59 -21.60 3.89 45.90
C THR E 59 -21.14 3.81 47.34
N SER E 60 -22.07 3.68 48.30
CA SER E 60 -21.70 3.60 49.71
C SER E 60 -21.00 2.31 50.10
N ILE E 61 -20.11 2.42 51.07
CA ILE E 61 -19.40 1.26 51.60
C ILE E 61 -19.94 0.90 52.98
N ILE E 62 -20.36 -0.36 53.14
CA ILE E 62 -20.83 -0.86 54.42
C ILE E 62 -19.69 -1.70 54.99
N ALA E 63 -19.24 -1.39 56.21
CA ALA E 63 -18.17 -2.15 56.83
C ALA E 63 -18.69 -2.84 58.08
N THR E 64 -18.44 -4.14 58.20
CA THR E 64 -18.89 -4.90 59.37
C THR E 64 -17.95 -4.65 60.53
N ILE E 65 -18.51 -4.29 61.68
CA ILE E 65 -17.72 -4.02 62.88
C ILE E 65 -17.41 -5.33 63.61
N GLY E 66 -16.18 -5.46 64.04
CA GLY E 66 -15.72 -6.61 64.81
C GLY E 66 -14.42 -6.32 65.52
N PRO E 67 -13.73 -7.36 66.04
CA PRO E 67 -12.47 -7.14 66.76
C PRO E 67 -11.41 -6.34 66.00
N ALA E 68 -11.37 -6.47 64.67
CA ALA E 68 -10.39 -5.74 63.85
C ALA E 68 -10.75 -4.29 63.58
N SER E 69 -11.99 -3.87 63.85
CA SER E 69 -12.45 -2.53 63.52
C SER E 69 -13.28 -1.88 64.63
N ARG E 70 -13.09 -2.28 65.88
CA ARG E 70 -13.91 -1.81 66.98
C ARG E 70 -13.40 -0.60 67.73
N SER E 71 -12.07 -0.40 67.79
CA SER E 71 -11.50 0.73 68.52
C SER E 71 -11.83 2.06 67.87
N VAL E 72 -11.96 3.11 68.67
CA VAL E 72 -12.29 4.47 68.23
C VAL E 72 -11.26 5.00 67.24
N GLU E 73 -9.98 4.76 67.48
CA GLU E 73 -8.90 5.21 66.60
C GLU E 73 -8.95 4.50 65.25
N ARG E 74 -9.30 3.18 65.26
CA ARG E 74 -9.41 2.39 64.04
C ARG E 74 -10.65 2.85 63.24
N LEU E 75 -11.75 3.11 63.93
CA LEU E 75 -12.98 3.61 63.31
C LEU E 75 -12.80 4.98 62.66
N LYS E 76 -11.96 5.86 63.23
CA LYS E 76 -11.68 7.16 62.63
C LYS E 76 -10.95 6.98 61.30
N GLU E 77 -10.03 6.00 61.23
CA GLU E 77 -9.30 5.71 59.99
C GLU E 77 -10.25 5.13 58.94
N MET E 78 -11.21 4.29 59.36
CA MET E 78 -12.18 3.71 58.45
CA MET E 78 -12.18 3.71 58.45
C MET E 78 -13.16 4.73 57.90
N ILE E 79 -13.50 5.75 58.72
CA ILE E 79 -14.38 6.83 58.27
C ILE E 79 -13.62 7.64 57.22
N LYS E 80 -12.35 7.94 57.47
CA LYS E 80 -11.51 8.69 56.51
C LYS E 80 -11.26 7.88 55.22
N ALA E 81 -11.19 6.55 55.32
CA ALA E 81 -11.00 5.68 54.17
C ALA E 81 -12.29 5.60 53.29
N GLY E 82 -13.45 5.86 53.87
CA GLY E 82 -14.69 5.88 53.11
C GLY E 82 -15.88 5.13 53.64
N MET E 83 -15.80 4.56 54.86
CA MET E 83 -16.93 3.82 55.42
C MET E 83 -18.12 4.77 55.65
N ASN E 84 -19.29 4.40 55.09
CA ASN E 84 -20.51 5.22 55.21
C ASN E 84 -21.52 4.59 56.16
N ILE E 85 -21.52 3.25 56.26
CA ILE E 85 -22.46 2.50 57.08
C ILE E 85 -21.69 1.47 57.90
N ALA E 86 -21.93 1.45 59.22
CA ALA E 86 -21.31 0.48 60.11
C ALA E 86 -22.32 -0.62 60.35
N ARG E 87 -21.96 -1.85 60.03
CA ARG E 87 -22.85 -3.00 60.20
C ARG E 87 -22.53 -3.79 61.47
N LEU E 88 -23.54 -4.03 62.29
CA LEU E 88 -23.40 -4.82 63.52
C LEU E 88 -23.99 -6.17 63.24
N ASN E 89 -23.16 -7.21 63.23
CA ASN E 89 -23.66 -8.56 62.95
C ASN E 89 -24.13 -9.22 64.23
N PHE E 90 -25.46 -9.27 64.44
CA PHE E 90 -26.03 -9.87 65.63
C PHE E 90 -25.99 -11.40 65.66
N SER E 91 -25.33 -12.03 64.68
CA SER E 91 -25.09 -13.47 64.72
C SER E 91 -24.00 -13.80 65.78
N HIS E 92 -23.17 -12.81 66.15
CA HIS E 92 -22.10 -12.97 67.13
C HIS E 92 -22.13 -11.82 68.14
N GLY E 93 -21.68 -12.07 69.35
CA GLY E 93 -21.60 -11.05 70.38
C GLY E 93 -22.89 -10.79 71.12
N SER E 94 -22.76 -10.29 72.33
CA SER E 94 -23.90 -9.99 73.18
C SER E 94 -24.41 -8.56 72.95
N HIS E 95 -25.55 -8.19 73.57
CA HIS E 95 -26.08 -6.84 73.50
C HIS E 95 -25.07 -5.84 74.09
N GLU E 96 -24.34 -6.24 75.15
CA GLU E 96 -23.33 -5.38 75.76
C GLU E 96 -22.19 -5.10 74.78
N TYR E 97 -21.77 -6.12 74.04
CA TYR E 97 -20.72 -6.00 73.03
C TYR E 97 -21.15 -5.02 71.91
N HIS E 98 -22.38 -5.17 71.40
CA HIS E 98 -22.89 -4.31 70.34
C HIS E 98 -23.14 -2.88 70.80
N ALA E 99 -23.57 -2.68 72.06
CA ALA E 99 -23.76 -1.32 72.59
C ALA E 99 -22.41 -0.59 72.65
N GLU E 100 -21.33 -1.31 72.96
CA GLU E 100 -20.00 -0.72 73.00
C GLU E 100 -19.54 -0.37 71.60
N SER E 101 -19.83 -1.23 70.60
CA SER E 101 -19.52 -0.98 69.19
C SER E 101 -20.22 0.29 68.72
N ILE E 102 -21.53 0.44 69.05
CA ILE E 102 -22.32 1.62 68.70
C ILE E 102 -21.71 2.87 69.31
N ALA E 103 -21.37 2.83 70.62
CA ALA E 103 -20.76 3.96 71.30
C ALA E 103 -19.43 4.36 70.67
N ASN E 104 -18.60 3.38 70.29
CA ASN E 104 -17.32 3.64 69.65
C ASN E 104 -17.48 4.25 68.26
N VAL E 105 -18.49 3.77 67.49
CA VAL E 105 -18.77 4.33 66.16
C VAL E 105 -19.21 5.78 66.33
N ARG E 106 -20.16 6.04 67.23
CA ARG E 106 -20.62 7.40 67.50
C ARG E 106 -19.51 8.32 67.98
N GLU E 107 -18.60 7.83 68.83
CA GLU E 107 -17.49 8.65 69.29
C GLU E 107 -16.57 9.02 68.14
N ALA E 108 -16.23 8.04 67.28
CA ALA E 108 -15.39 8.30 66.11
C ALA E 108 -16.05 9.25 65.12
N VAL E 109 -17.37 9.08 64.88
CA VAL E 109 -18.11 9.95 63.95
C VAL E 109 -18.18 11.37 64.48
N GLU E 110 -18.52 11.52 65.78
CA GLU E 110 -18.66 12.84 66.37
C GLU E 110 -17.35 13.56 66.59
N SER E 111 -16.20 12.87 66.50
CA SER E 111 -14.90 13.54 66.59
C SER E 111 -14.65 14.51 65.41
N PHE E 112 -15.45 14.41 64.32
CA PHE E 112 -15.34 15.28 63.16
C PHE E 112 -16.47 16.35 63.11
N ALA E 113 -17.40 16.37 64.10
CA ALA E 113 -18.54 17.31 64.15
C ALA E 113 -18.18 18.77 64.39
N GLY E 114 -16.96 19.02 64.85
CA GLY E 114 -16.46 20.37 65.09
C GLY E 114 -16.40 21.23 63.83
N SER E 115 -16.32 20.57 62.67
CA SER E 115 -16.31 21.27 61.38
C SER E 115 -17.56 20.80 60.62
N PRO E 116 -18.69 21.51 60.77
CA PRO E 116 -19.93 21.09 60.11
C PRO E 116 -19.92 21.04 58.58
N LEU E 117 -19.07 21.86 57.93
CA LEU E 117 -18.97 21.87 56.48
C LEU E 117 -18.27 20.61 55.91
N SER E 118 -17.59 19.82 56.75
CA SER E 118 -16.91 18.62 56.28
C SER E 118 -17.34 17.32 57.03
N TYR E 119 -18.21 17.45 58.04
CA TYR E 119 -18.70 16.31 58.84
C TYR E 119 -19.39 15.26 57.97
N ARG E 120 -18.99 14.00 58.14
CA ARG E 120 -19.60 12.92 57.38
C ARG E 120 -20.45 12.05 58.27
N PRO E 121 -21.78 12.07 58.04
CA PRO E 121 -22.66 11.17 58.80
C PRO E 121 -22.33 9.70 58.49
N VAL E 122 -22.50 8.81 59.48
CA VAL E 122 -22.26 7.38 59.30
C VAL E 122 -23.47 6.64 59.85
N ALA E 123 -24.15 5.84 59.01
CA ALA E 123 -25.32 5.10 59.45
C ALA E 123 -24.92 3.88 60.29
N ILE E 124 -25.83 3.41 61.15
CA ILE E 124 -25.60 2.20 61.93
C ILE E 124 -26.68 1.20 61.55
N ALA E 125 -26.27 0.03 61.07
CA ALA E 125 -27.19 -0.99 60.61
C ALA E 125 -27.09 -2.23 61.50
N LEU E 126 -28.25 -2.79 61.86
CA LEU E 126 -28.30 -3.99 62.68
C LEU E 126 -28.62 -5.16 61.77
N ASP E 127 -27.72 -6.14 61.69
CA ASP E 127 -27.95 -7.31 60.86
C ASP E 127 -28.41 -8.44 61.77
N THR E 128 -29.65 -8.90 61.61
CA THR E 128 -30.22 -9.92 62.48
C THR E 128 -29.62 -11.31 62.33
N LYS E 129 -29.71 -12.11 63.40
CA LYS E 129 -29.22 -13.48 63.45
C LYS E 129 -30.01 -14.36 62.49
N GLY E 130 -31.32 -14.16 62.42
CA GLY E 130 -32.17 -14.90 61.50
C GLY E 130 -33.11 -15.88 62.17
N PRO E 131 -33.93 -16.56 61.35
CA PRO E 131 -34.90 -17.51 61.90
C PRO E 131 -34.32 -18.86 62.31
N GLY E 136 -40.46 -18.38 61.02
CA GLY E 136 -40.58 -16.93 60.99
C GLY E 136 -39.67 -16.23 61.98
N LEU E 137 -40.08 -15.05 62.47
CA LEU E 137 -39.30 -14.25 63.41
C LEU E 137 -38.99 -14.96 64.73
N SER E 138 -37.70 -15.18 64.99
CA SER E 138 -37.25 -15.85 66.20
C SER E 138 -37.35 -14.93 67.43
N GLU E 139 -37.33 -15.52 68.63
CA GLU E 139 -37.40 -14.76 69.88
C GLU E 139 -36.17 -13.89 70.08
N GLN E 140 -34.99 -14.37 69.67
CA GLN E 140 -33.76 -13.60 69.77
C GLN E 140 -33.83 -12.38 68.84
N ASP E 141 -34.40 -12.55 67.63
CA ASP E 141 -34.56 -11.43 66.70
C ASP E 141 -35.46 -10.37 67.27
N VAL E 142 -36.56 -10.76 67.97
CA VAL E 142 -37.46 -9.78 68.59
C VAL E 142 -36.69 -8.95 69.64
N ARG E 143 -35.86 -9.61 70.45
CA ARG E 143 -35.06 -8.91 71.46
C ARG E 143 -33.99 -8.01 70.85
N ASP E 144 -33.33 -8.49 69.79
CA ASP E 144 -32.28 -7.74 69.08
C ASP E 144 -32.86 -6.52 68.37
N LEU E 145 -34.05 -6.67 67.78
CA LEU E 145 -34.74 -5.56 67.12
C LEU E 145 -35.15 -4.50 68.12
N ARG E 146 -35.60 -4.93 69.31
CA ARG E 146 -35.94 -4.00 70.38
C ARG E 146 -34.69 -3.24 70.84
N PHE E 147 -33.56 -3.94 70.92
CA PHE E 147 -32.27 -3.33 71.28
C PHE E 147 -31.91 -2.25 70.24
N GLY E 148 -32.12 -2.54 68.96
CA GLY E 148 -31.86 -1.60 67.88
C GLY E 148 -32.65 -0.32 67.99
N VAL E 149 -33.96 -0.44 68.29
CA VAL E 149 -34.82 0.71 68.48
C VAL E 149 -34.35 1.54 69.68
N GLU E 150 -34.03 0.86 70.80
CA GLU E 150 -33.57 1.53 72.01
C GLU E 150 -32.24 2.23 71.83
N HIS E 151 -31.36 1.68 70.98
CA HIS E 151 -30.06 2.29 70.72
C HIS E 151 -30.02 3.21 69.49
N GLY E 152 -31.16 3.45 68.87
CA GLY E 152 -31.28 4.35 67.73
C GLY E 152 -30.60 3.95 66.44
N VAL E 153 -30.67 2.65 66.07
CA VAL E 153 -30.08 2.21 64.81
C VAL E 153 -30.89 2.79 63.65
N ASP E 154 -30.23 2.99 62.51
CA ASP E 154 -30.88 3.59 61.35
C ASP E 154 -31.48 2.58 60.41
N ILE E 155 -30.86 1.41 60.30
CA ILE E 155 -31.25 0.40 59.34
C ILE E 155 -31.24 -0.99 59.98
N VAL E 156 -32.11 -1.86 59.48
CA VAL E 156 -32.12 -3.26 59.86
C VAL E 156 -31.87 -4.07 58.58
N PHE E 157 -30.89 -4.95 58.59
CA PHE E 157 -30.65 -5.88 57.49
C PHE E 157 -31.33 -7.15 58.00
N ALA E 158 -32.55 -7.44 57.54
CA ALA E 158 -33.31 -8.60 58.01
C ALA E 158 -32.89 -9.90 57.34
N SER E 159 -32.30 -10.83 58.10
CA SER E 159 -31.84 -12.10 57.57
C SER E 159 -32.93 -13.04 57.11
N PHE E 160 -32.62 -13.84 56.09
CA PHE E 160 -33.46 -14.88 55.50
C PHE E 160 -34.92 -14.45 55.27
N VAL E 161 -35.16 -13.33 54.58
CA VAL E 161 -36.52 -12.91 54.27
C VAL E 161 -37.02 -13.80 53.13
N ARG E 162 -38.15 -14.50 53.34
CA ARG E 162 -38.70 -15.42 52.34
C ARG E 162 -40.05 -14.99 51.76
N LYS E 163 -40.73 -14.04 52.39
CA LYS E 163 -42.05 -13.58 51.97
C LYS E 163 -42.38 -12.24 52.61
N ALA E 164 -43.43 -11.56 52.12
CA ALA E 164 -43.85 -10.26 52.63
C ALA E 164 -44.19 -10.27 54.13
N SER E 165 -44.74 -11.40 54.65
CA SER E 165 -45.08 -11.48 56.06
C SER E 165 -43.86 -11.47 56.98
N ASP E 166 -42.69 -11.90 56.47
CA ASP E 166 -41.46 -11.84 57.26
C ASP E 166 -41.08 -10.36 57.51
N VAL E 167 -41.29 -9.50 56.51
CA VAL E 167 -40.99 -8.07 56.63
C VAL E 167 -41.96 -7.42 57.62
N ALA E 168 -43.25 -7.78 57.53
CA ALA E 168 -44.28 -7.26 58.43
C ALA E 168 -43.95 -7.62 59.87
N ALA E 169 -43.45 -8.85 60.11
CA ALA E 169 -43.08 -9.29 61.45
C ALA E 169 -41.91 -8.44 61.98
N VAL E 170 -40.92 -8.12 61.13
CA VAL E 170 -39.79 -7.29 61.54
C VAL E 170 -40.28 -5.87 61.87
N ARG E 171 -41.18 -5.34 61.04
CA ARG E 171 -41.76 -4.03 61.24
C ARG E 171 -42.55 -3.97 62.57
N ALA E 172 -43.30 -5.04 62.88
CA ALA E 172 -44.07 -5.12 64.13
C ALA E 172 -43.14 -5.20 65.35
N ALA E 173 -42.05 -5.97 65.26
CA ALA E 173 -41.08 -6.08 66.35
C ALA E 173 -40.37 -4.75 66.64
N LEU E 174 -40.24 -3.88 65.63
CA LEU E 174 -39.65 -2.56 65.83
C LEU E 174 -40.60 -1.61 66.62
N GLY E 175 -41.90 -1.89 66.59
CA GLY E 175 -42.92 -1.14 67.31
C GLY E 175 -43.17 0.25 66.82
N PRO E 176 -43.98 1.02 67.57
CA PRO E 176 -44.28 2.41 67.15
C PRO E 176 -43.08 3.35 67.22
N GLU E 177 -42.11 3.08 68.11
CA GLU E 177 -40.92 3.93 68.22
C GLU E 177 -39.89 3.72 67.10
N GLY E 178 -39.95 2.59 66.40
CA GLY E 178 -38.99 2.30 65.34
C GLY E 178 -39.55 2.42 63.93
N HIS E 179 -40.59 3.25 63.76
CA HIS E 179 -41.24 3.43 62.46
C HIS E 179 -40.31 4.05 61.39
N GLY E 180 -39.34 4.85 61.83
CA GLY E 180 -38.40 5.53 60.94
C GLY E 180 -37.22 4.68 60.49
N ILE E 181 -37.03 3.51 61.08
CA ILE E 181 -35.91 2.62 60.73
C ILE E 181 -36.14 1.97 59.36
N LYS E 182 -35.11 1.95 58.49
CA LYS E 182 -35.23 1.35 57.16
C LYS E 182 -35.06 -0.14 57.26
N ILE E 183 -35.93 -0.92 56.60
CA ILE E 183 -35.79 -2.37 56.58
C ILE E 183 -35.27 -2.82 55.22
N ILE E 184 -34.07 -3.37 55.20
CA ILE E 184 -33.44 -3.90 54.00
C ILE E 184 -33.55 -5.41 54.11
N SER E 185 -34.36 -6.04 53.26
CA SER E 185 -34.53 -7.49 53.32
C SER E 185 -33.37 -8.22 52.65
N LYS E 186 -32.79 -9.19 53.37
CA LYS E 186 -31.71 -10.01 52.83
C LYS E 186 -32.31 -11.18 52.10
N ILE E 187 -31.98 -11.33 50.81
CA ILE E 187 -32.48 -12.47 50.03
C ILE E 187 -31.38 -13.51 50.07
N GLU E 188 -31.65 -14.64 50.73
CA GLU E 188 -30.61 -15.65 50.96
C GLU E 188 -30.94 -17.06 50.50
N ASN E 189 -32.12 -17.27 49.92
CA ASN E 189 -32.50 -18.62 49.49
C ASN E 189 -33.42 -18.60 48.26
N HIS E 190 -33.76 -19.79 47.72
CA HIS E 190 -34.61 -19.90 46.54
C HIS E 190 -35.96 -19.23 46.73
N GLU E 191 -36.62 -19.44 47.89
CA GLU E 191 -37.93 -18.84 48.13
C GLU E 191 -37.90 -17.30 48.10
N GLY E 192 -36.87 -16.70 48.69
CA GLY E 192 -36.72 -15.25 48.67
C GLY E 192 -36.57 -14.72 47.27
N VAL E 193 -35.83 -15.46 46.42
CA VAL E 193 -35.64 -15.06 45.01
C VAL E 193 -36.97 -15.16 44.27
N LYS E 194 -37.69 -16.28 44.44
CA LYS E 194 -38.97 -16.50 43.79
C LYS E 194 -40.07 -15.55 44.24
N ARG E 195 -40.07 -15.17 45.51
CA ARG E 195 -41.05 -14.21 46.03
C ARG E 195 -40.49 -12.79 46.12
N PHE E 196 -39.42 -12.48 45.35
CA PHE E 196 -38.75 -11.18 45.34
C PHE E 196 -39.68 -9.99 45.19
N ASP E 197 -40.60 -10.01 44.21
CA ASP E 197 -41.48 -8.87 43.97
C ASP E 197 -42.33 -8.51 45.16
N GLU E 198 -42.89 -9.51 45.87
CA GLU E 198 -43.71 -9.22 47.03
C GLU E 198 -42.86 -8.72 48.22
N ILE E 199 -41.60 -9.18 48.32
CA ILE E 199 -40.69 -8.75 49.37
C ILE E 199 -40.26 -7.30 49.13
N LEU E 200 -39.86 -6.97 47.89
CA LEU E 200 -39.42 -5.62 47.54
C LEU E 200 -40.53 -4.59 47.75
N GLU E 201 -41.77 -4.96 47.42
CA GLU E 201 -42.92 -4.07 47.56
C GLU E 201 -43.09 -3.54 48.99
N VAL E 202 -42.84 -4.38 50.00
CA VAL E 202 -43.00 -3.97 51.38
C VAL E 202 -41.69 -3.60 52.09
N SER E 203 -40.53 -3.78 51.43
CA SER E 203 -39.25 -3.44 52.03
C SER E 203 -38.76 -2.08 51.58
N ASP E 204 -37.82 -1.48 52.33
CA ASP E 204 -37.22 -0.22 51.90
C ASP E 204 -36.10 -0.46 50.87
N GLY E 205 -35.54 -1.66 50.86
CA GLY E 205 -34.48 -2.07 49.96
C GLY E 205 -34.13 -3.53 50.13
N ILE E 206 -33.08 -3.97 49.42
CA ILE E 206 -32.69 -5.38 49.41
C ILE E 206 -31.19 -5.55 49.58
N MET E 207 -30.79 -6.67 50.18
CA MET E 207 -29.39 -7.04 50.23
C MET E 207 -29.28 -8.39 49.50
N VAL E 208 -28.36 -8.48 48.53
CA VAL E 208 -28.09 -9.73 47.85
C VAL E 208 -27.04 -10.41 48.72
N ALA E 209 -27.50 -11.28 49.63
CA ALA E 209 -26.67 -11.97 50.60
C ALA E 209 -26.09 -13.21 49.94
N ARG E 210 -25.02 -13.03 49.17
CA ARG E 210 -24.44 -14.09 48.34
C ARG E 210 -23.87 -15.30 49.08
N GLY E 211 -23.48 -15.14 50.34
CA GLY E 211 -22.94 -16.24 51.14
C GLY E 211 -23.93 -17.39 51.27
N ASP E 212 -25.08 -17.13 51.91
CA ASP E 212 -26.10 -18.16 52.06
C ASP E 212 -26.75 -18.48 50.73
N LEU E 213 -26.97 -17.48 49.87
CA LEU E 213 -27.58 -17.70 48.55
C LEU E 213 -26.77 -18.71 47.73
N GLY E 214 -25.45 -18.63 47.80
CA GLY E 214 -24.54 -19.54 47.12
C GLY E 214 -24.50 -20.96 47.66
N ILE E 215 -25.09 -21.19 48.83
CA ILE E 215 -25.22 -22.52 49.44
C ILE E 215 -26.65 -23.05 49.17
N GLU E 216 -27.67 -22.16 49.23
CA GLU E 216 -29.07 -22.51 49.02
C GLU E 216 -29.40 -22.82 47.56
N ILE E 217 -28.75 -22.11 46.62
CA ILE E 217 -28.93 -22.35 45.18
C ILE E 217 -27.56 -22.70 44.58
N PRO E 218 -27.48 -23.33 43.38
CA PRO E 218 -26.15 -23.64 42.81
C PRO E 218 -25.29 -22.38 42.70
N ALA E 219 -24.00 -22.49 43.10
CA ALA E 219 -23.09 -21.34 43.14
C ALA E 219 -23.00 -20.62 41.78
N GLU E 220 -23.06 -21.37 40.69
CA GLU E 220 -23.00 -20.83 39.34
C GLU E 220 -24.23 -20.03 38.93
N LYS E 221 -25.29 -19.99 39.76
CA LYS E 221 -26.49 -19.22 39.47
C LYS E 221 -26.60 -17.93 40.26
N VAL E 222 -25.74 -17.72 41.26
CA VAL E 222 -25.81 -16.51 42.09
C VAL E 222 -25.72 -15.20 41.28
N PHE E 223 -24.83 -15.15 40.26
CA PHE E 223 -24.73 -13.93 39.45
C PHE E 223 -26.05 -13.56 38.75
N LEU E 224 -26.87 -14.58 38.39
CA LEU E 224 -28.18 -14.30 37.75
C LEU E 224 -29.12 -13.67 38.77
N ALA E 225 -29.13 -14.20 40.01
CA ALA E 225 -29.97 -13.67 41.09
C ALA E 225 -29.52 -12.25 41.44
N GLN E 226 -28.20 -12.01 41.51
CA GLN E 226 -27.65 -10.69 41.80
C GLN E 226 -28.05 -9.68 40.74
N LYS E 227 -27.82 -9.99 39.47
CA LYS E 227 -28.14 -9.05 38.39
C LYS E 227 -29.64 -8.78 38.27
N MET E 228 -30.47 -9.82 38.47
CA MET E 228 -31.92 -9.66 38.43
C MET E 228 -32.41 -8.76 39.55
N MET E 229 -31.96 -9.02 40.79
CA MET E 229 -32.40 -8.23 41.94
C MET E 229 -31.93 -6.79 41.88
N ILE E 230 -30.68 -6.57 41.39
CA ILE E 230 -30.20 -5.20 41.25
C ILE E 230 -31.02 -4.46 40.18
N GLY E 231 -31.30 -5.12 39.07
CA GLY E 231 -32.11 -4.53 38.01
C GLY E 231 -33.52 -4.20 38.48
N ARG E 232 -34.17 -5.10 39.24
CA ARG E 232 -35.51 -4.84 39.75
C ARG E 232 -35.52 -3.73 40.81
N CYS E 233 -34.46 -3.64 41.64
CA CYS E 233 -34.39 -2.55 42.62
C CYS E 233 -34.15 -1.23 41.92
N ASN E 234 -33.32 -1.20 40.86
CA ASN E 234 -33.08 0.01 40.08
C ASN E 234 -34.39 0.45 39.41
N LEU E 235 -35.17 -0.51 38.88
CA LEU E 235 -36.46 -0.21 38.26
C LEU E 235 -37.44 0.41 39.31
N ALA E 236 -37.49 -0.18 40.52
CA ALA E 236 -38.33 0.29 41.63
C ALA E 236 -37.83 1.58 42.30
N GLY E 237 -36.58 1.95 42.06
CA GLY E 237 -35.97 3.13 42.68
C GLY E 237 -35.71 2.89 44.17
N LYS E 238 -35.40 1.65 44.56
CA LYS E 238 -35.13 1.28 45.96
C LYS E 238 -33.71 0.79 46.11
N PRO E 239 -33.04 1.12 47.23
CA PRO E 239 -31.65 0.69 47.40
C PRO E 239 -31.37 -0.81 47.37
N VAL E 240 -30.22 -1.18 46.79
CA VAL E 240 -29.81 -2.57 46.74
C VAL E 240 -28.33 -2.67 47.14
N VAL E 241 -28.01 -3.63 48.01
CA VAL E 241 -26.68 -3.85 48.52
C VAL E 241 -26.11 -5.13 47.94
N CYS E 242 -24.85 -5.10 47.49
CA CYS E 242 -24.18 -6.34 47.09
C CYS E 242 -23.30 -6.74 48.25
N ALA E 243 -23.37 -8.00 48.67
CA ALA E 243 -22.64 -8.42 49.86
C ALA E 243 -21.93 -9.76 49.70
N THR E 244 -20.89 -9.99 50.54
CA THR E 244 -20.16 -11.22 50.85
C THR E 244 -19.06 -11.62 49.87
N GLN E 245 -17.85 -11.76 50.44
CA GLN E 245 -16.63 -12.23 49.78
C GLN E 245 -16.17 -11.35 48.62
N MET E 246 -16.53 -10.06 48.63
CA MET E 246 -16.12 -9.14 47.59
C MET E 246 -14.63 -8.95 47.51
N LEU E 247 -13.95 -8.88 48.68
CA LEU E 247 -12.49 -8.75 48.76
C LEU E 247 -11.95 -9.77 49.78
N GLU E 248 -12.54 -10.99 49.79
CA GLU E 248 -12.24 -12.05 50.76
C GLU E 248 -10.77 -12.27 51.07
N SER E 249 -9.91 -12.38 50.04
CA SER E 249 -8.49 -12.62 50.23
C SER E 249 -7.81 -11.53 51.07
N MET E 250 -8.38 -10.31 51.13
CA MET E 250 -7.82 -9.23 51.94
C MET E 250 -7.99 -9.46 53.47
N ILE E 251 -8.61 -10.58 53.88
CA ILE E 251 -8.67 -10.93 55.29
C ILE E 251 -7.21 -11.25 55.76
N THR E 252 -6.39 -11.90 54.91
CA THR E 252 -5.01 -12.20 55.24
C THR E 252 -3.97 -11.50 54.35
N LYS E 253 -4.36 -11.07 53.13
CA LYS E 253 -3.42 -10.45 52.19
C LYS E 253 -3.60 -8.96 52.02
N PRO E 254 -2.51 -8.18 51.80
CA PRO E 254 -2.66 -6.73 51.67
C PRO E 254 -3.31 -6.24 50.37
N ARG E 255 -3.27 -7.06 49.31
CA ARG E 255 -3.87 -6.73 48.01
C ARG E 255 -4.87 -7.82 47.63
N PRO E 256 -5.96 -7.45 46.93
CA PRO E 256 -6.95 -8.47 46.55
C PRO E 256 -6.57 -9.19 45.24
N THR E 257 -7.31 -10.26 44.91
CA THR E 257 -7.07 -10.98 43.66
C THR E 257 -7.72 -10.17 42.49
N ARG E 258 -7.40 -10.57 41.24
CA ARG E 258 -7.97 -9.93 40.05
C ARG E 258 -9.47 -10.19 39.97
N ALA E 259 -9.96 -11.34 40.47
CA ALA E 259 -11.39 -11.64 40.47
C ALA E 259 -12.14 -10.76 41.46
N GLU E 260 -11.51 -10.42 42.58
CA GLU E 260 -12.12 -9.59 43.63
C GLU E 260 -12.32 -8.15 43.19
N THR E 261 -11.30 -7.53 42.56
CA THR E 261 -11.47 -6.15 42.08
C THR E 261 -12.55 -6.09 40.98
N SER E 262 -12.56 -7.12 40.12
CA SER E 262 -13.52 -7.28 39.05
C SER E 262 -14.93 -7.38 39.63
N ASP E 263 -15.12 -8.17 40.69
CA ASP E 263 -16.40 -8.35 41.38
C ASP E 263 -16.94 -7.04 41.94
N VAL E 264 -16.07 -6.24 42.56
CA VAL E 264 -16.50 -4.95 43.11
C VAL E 264 -16.90 -4.02 41.97
N ALA E 265 -16.09 -3.94 40.91
CA ALA E 265 -16.39 -3.08 39.78
C ALA E 265 -17.69 -3.50 39.10
N ASN E 266 -17.90 -4.82 38.95
CA ASN E 266 -19.09 -5.32 38.29
C ASN E 266 -20.34 -5.14 39.13
N ALA E 267 -20.24 -5.15 40.47
CA ALA E 267 -21.41 -4.89 41.32
C ALA E 267 -21.87 -3.44 41.12
N VAL E 268 -20.91 -2.51 40.99
CA VAL E 268 -21.20 -1.10 40.75
C VAL E 268 -21.78 -0.95 39.35
N LEU E 269 -21.18 -1.58 38.33
CA LEU E 269 -21.70 -1.51 36.97
C LEU E 269 -23.10 -2.15 36.85
N ASP E 270 -23.39 -3.20 37.64
CA ASP E 270 -24.72 -3.83 37.70
C ASP E 270 -25.79 -2.83 38.16
N GLY E 271 -25.43 -1.93 39.06
CA GLY E 271 -26.33 -0.91 39.56
C GLY E 271 -26.51 -0.90 41.07
N ALA E 272 -25.61 -1.57 41.81
CA ALA E 272 -25.72 -1.63 43.27
C ALA E 272 -25.56 -0.25 43.90
N ASP E 273 -26.43 0.07 44.85
CA ASP E 273 -26.33 1.33 45.57
C ASP E 273 -25.21 1.27 46.62
N CYS E 274 -25.02 0.10 47.25
CA CYS E 274 -24.01 -0.13 48.28
C CYS E 274 -23.23 -1.40 48.01
N ILE E 275 -21.98 -1.41 48.46
CA ILE E 275 -21.13 -2.58 48.44
C ILE E 275 -20.72 -2.85 49.90
N MET E 276 -20.50 -4.11 50.25
CA MET E 276 -20.25 -4.48 51.64
C MET E 276 -18.96 -5.25 51.88
N LEU E 277 -18.42 -5.11 53.09
CA LEU E 277 -17.26 -5.83 53.59
C LEU E 277 -17.71 -6.54 54.87
N SER E 278 -17.41 -7.84 54.97
CA SER E 278 -17.80 -8.62 56.15
C SER E 278 -16.54 -8.98 56.98
N GLY E 279 -16.00 -10.19 56.81
CA GLY E 279 -14.79 -10.61 57.49
C GLY E 279 -13.61 -9.72 57.20
N GLU E 280 -13.59 -9.09 55.99
CA GLU E 280 -12.53 -8.17 55.58
C GLU E 280 -12.33 -7.04 56.57
N THR E 281 -13.42 -6.56 57.22
CA THR E 281 -13.29 -5.48 58.21
C THR E 281 -13.56 -5.96 59.63
N ALA E 282 -14.39 -6.98 59.80
CA ALA E 282 -14.73 -7.48 61.11
C ALA E 282 -13.56 -8.19 61.79
N LYS E 283 -12.84 -9.04 61.07
CA LYS E 283 -11.78 -9.84 61.68
C LYS E 283 -10.46 -9.88 60.92
N GLY E 284 -10.41 -9.29 59.74
CA GLY E 284 -9.24 -9.36 58.90
C GLY E 284 -8.07 -8.52 59.37
N ASN E 285 -6.90 -8.74 58.76
CA ASN E 285 -5.68 -8.02 59.11
C ASN E 285 -5.53 -6.69 58.40
N PHE E 286 -6.38 -6.40 57.39
CA PHE E 286 -6.28 -5.13 56.64
C PHE E 286 -7.68 -4.45 56.49
N PRO E 287 -8.40 -4.16 57.60
CA PRO E 287 -9.73 -3.54 57.46
C PRO E 287 -9.76 -2.19 56.75
N VAL E 288 -8.82 -1.29 57.08
CA VAL E 288 -8.77 0.03 56.47
C VAL E 288 -8.42 -0.08 54.98
N GLU E 289 -7.47 -0.97 54.66
CA GLU E 289 -7.05 -1.16 53.27
C GLU E 289 -8.20 -1.76 52.41
N ALA E 290 -9.04 -2.60 53.01
CA ALA E 290 -10.18 -3.18 52.30
C ALA E 290 -11.20 -2.07 51.96
N VAL E 291 -11.42 -1.12 52.89
CA VAL E 291 -12.31 0.02 52.65
C VAL E 291 -11.72 0.89 51.54
N LYS E 292 -10.40 1.18 51.61
CA LYS E 292 -9.72 1.99 50.60
C LYS E 292 -9.80 1.38 49.21
N MET E 293 -9.68 0.05 49.13
CA MET E 293 -9.74 -0.65 47.87
C MET E 293 -11.15 -0.55 47.26
N GLN E 294 -12.21 -0.76 48.08
CA GLN E 294 -13.58 -0.62 47.57
C GLN E 294 -13.84 0.81 47.10
N HIS E 295 -13.30 1.81 47.82
CA HIS E 295 -13.46 3.20 47.44
C HIS E 295 -12.81 3.46 46.07
N ALA E 296 -11.56 3.00 45.90
CA ALA E 296 -10.81 3.20 44.66
C ALA E 296 -11.49 2.55 43.46
N ILE E 297 -11.98 1.30 43.62
CA ILE E 297 -12.66 0.58 42.56
C ILE E 297 -14.00 1.22 42.20
N ALA E 298 -14.82 1.55 43.21
CA ALA E 298 -16.14 2.14 42.97
C ALA E 298 -16.05 3.43 42.18
N ARG E 299 -15.07 4.28 42.50
CA ARG E 299 -14.86 5.53 41.79
C ARG E 299 -14.57 5.28 40.29
N GLU E 300 -13.71 4.30 40.00
CA GLU E 300 -13.37 3.98 38.62
C GLU E 300 -14.60 3.41 37.88
N ALA E 301 -15.35 2.53 38.55
CA ALA E 301 -16.52 1.88 37.96
C ALA E 301 -17.68 2.82 37.73
N GLU E 302 -17.89 3.80 38.62
CA GLU E 302 -18.97 4.78 38.45
C GLU E 302 -18.77 5.63 37.21
N ALA E 303 -17.52 6.02 36.93
CA ALA E 303 -17.23 6.79 35.73
C ALA E 303 -17.43 5.94 34.46
N ALA E 304 -17.26 4.61 34.53
CA ALA E 304 -17.43 3.70 33.40
C ALA E 304 -18.90 3.30 33.14
N VAL E 305 -19.85 3.83 33.91
CA VAL E 305 -21.27 3.53 33.71
C VAL E 305 -21.69 4.19 32.37
N TYR E 306 -22.43 3.45 31.53
CA TYR E 306 -22.89 3.97 30.23
C TYR E 306 -24.18 4.77 30.43
N HIS E 307 -24.05 6.00 30.95
CA HIS E 307 -25.20 6.86 31.26
C HIS E 307 -26.14 7.11 30.11
N ARG E 308 -25.62 7.21 28.88
CA ARG E 308 -26.49 7.46 27.72
C ARG E 308 -27.63 6.45 27.58
N GLN E 309 -27.32 5.15 27.66
CA GLN E 309 -28.35 4.14 27.56
C GLN E 309 -29.09 3.99 28.89
N LEU E 310 -28.34 3.99 30.01
CA LEU E 310 -28.91 3.85 31.34
C LEU E 310 -30.01 4.91 31.62
N PHE E 311 -29.73 6.20 31.39
CA PHE E 311 -30.72 7.24 31.61
C PHE E 311 -31.93 7.06 30.72
N GLU E 312 -31.71 6.75 29.42
CA GLU E 312 -32.81 6.50 28.49
C GLU E 312 -33.72 5.37 28.97
N GLU E 313 -33.13 4.28 29.44
CA GLU E 313 -33.92 3.15 29.92
C GLU E 313 -34.60 3.41 31.26
N LEU E 314 -33.95 4.14 32.17
CA LEU E 314 -34.55 4.45 33.47
C LEU E 314 -35.72 5.40 33.27
N ARG E 315 -35.52 6.43 32.46
CA ARG E 315 -36.51 7.41 32.04
C ARG E 315 -37.76 6.68 31.44
N ARG E 316 -37.56 5.76 30.47
CA ARG E 316 -38.62 5.03 29.79
C ARG E 316 -39.35 4.08 30.73
N ALA E 317 -38.61 3.41 31.64
CA ALA E 317 -39.23 2.46 32.54
C ALA E 317 -39.95 3.11 33.73
N ALA E 318 -39.53 4.30 34.20
CA ALA E 318 -40.17 4.93 35.35
C ALA E 318 -41.54 5.43 34.93
N PRO E 319 -42.60 5.00 35.61
CA PRO E 319 -43.94 5.35 35.17
C PRO E 319 -44.26 6.82 35.13
N LEU E 320 -45.27 7.19 34.33
CA LEU E 320 -45.78 8.55 34.28
C LEU E 320 -46.35 8.88 35.68
N SER E 321 -46.22 10.12 36.11
CA SER E 321 -46.61 10.48 37.46
C SER E 321 -47.18 11.85 37.52
N ARG E 322 -48.13 12.05 38.42
CA ARG E 322 -48.63 13.38 38.72
C ARG E 322 -48.11 13.91 40.09
N ASP E 323 -47.12 13.22 40.69
CA ASP E 323 -46.49 13.64 41.93
C ASP E 323 -45.43 14.68 41.57
N PRO E 324 -45.57 15.91 42.07
CA PRO E 324 -44.60 16.96 41.72
C PRO E 324 -43.16 16.67 42.09
N THR E 325 -42.89 15.89 43.16
CA THR E 325 -41.51 15.55 43.52
C THR E 325 -40.91 14.66 42.43
N GLU E 326 -41.68 13.67 41.96
CA GLU E 326 -41.27 12.75 40.91
C GLU E 326 -41.03 13.53 39.58
N VAL E 327 -41.94 14.47 39.26
CA VAL E 327 -41.85 15.28 38.05
C VAL E 327 -40.64 16.20 38.09
N THR E 328 -40.41 16.86 39.24
CA THR E 328 -39.26 17.75 39.41
C THR E 328 -37.97 16.96 39.33
N ALA E 329 -37.91 15.75 39.94
CA ALA E 329 -36.72 14.93 39.94
C ALA E 329 -36.21 14.58 38.52
N ILE E 330 -37.11 14.16 37.62
CA ILE E 330 -36.68 13.81 36.27
C ILE E 330 -36.28 15.06 35.48
N GLY E 331 -36.97 16.17 35.70
CA GLY E 331 -36.62 17.44 35.07
C GLY E 331 -35.25 17.93 35.52
N ALA E 332 -34.93 17.76 36.82
CA ALA E 332 -33.65 18.16 37.37
C ALA E 332 -32.50 17.30 36.86
N VAL E 333 -32.71 15.97 36.76
CA VAL E 333 -31.67 15.07 36.26
C VAL E 333 -31.41 15.32 34.78
N GLU E 334 -32.47 15.59 34.01
CA GLU E 334 -32.35 15.94 32.59
C GLU E 334 -31.55 17.24 32.44
N ALA E 335 -31.89 18.26 33.24
CA ALA E 335 -31.19 19.54 33.22
C ALA E 335 -29.71 19.35 33.61
N ALA E 336 -29.40 18.51 34.60
CA ALA E 336 -28.04 18.26 35.03
C ALA E 336 -27.20 17.66 33.91
N PHE E 337 -27.74 16.68 33.15
CA PHE E 337 -27.02 16.07 32.05
C PHE E 337 -26.77 17.07 30.91
N LYS E 338 -27.73 17.94 30.64
CA LYS E 338 -27.64 18.91 29.56
C LYS E 338 -26.49 19.89 29.73
N CYS E 339 -26.20 20.30 30.98
CA CYS E 339 -25.14 21.27 31.24
C CYS E 339 -23.93 20.69 31.93
N CYS E 340 -23.86 19.36 32.12
CA CYS E 340 -22.75 18.73 32.85
C CYS E 340 -22.64 19.32 34.25
N ALA E 341 -23.80 19.53 34.91
CA ALA E 341 -23.87 20.15 36.24
C ALA E 341 -22.96 19.43 37.23
N ALA E 342 -22.22 20.20 38.03
CA ALA E 342 -21.33 19.60 39.01
C ALA E 342 -22.12 18.90 40.12
N ALA E 343 -23.32 19.42 40.45
CA ALA E 343 -24.14 18.83 41.51
C ALA E 343 -25.62 19.22 41.39
N ILE E 344 -26.49 18.46 42.05
CA ILE E 344 -27.88 18.75 42.22
C ILE E 344 -28.01 18.95 43.73
N ILE E 345 -28.33 20.16 44.19
CA ILE E 345 -28.48 20.42 45.61
C ILE E 345 -29.96 20.31 45.94
N VAL E 346 -30.33 19.41 46.84
CA VAL E 346 -31.73 19.20 47.17
C VAL E 346 -31.98 19.36 48.69
N LEU E 347 -33.07 20.02 49.04
CA LEU E 347 -33.48 20.15 50.43
C LEU E 347 -34.44 18.99 50.68
N THR E 348 -34.20 18.21 51.75
CA THR E 348 -35.05 17.06 52.04
C THR E 348 -35.24 16.85 53.54
N THR E 349 -36.44 16.43 53.93
CA THR E 349 -36.75 16.19 55.35
C THR E 349 -36.56 14.72 55.66
N THR E 350 -37.11 13.84 54.81
CA THR E 350 -37.04 12.40 55.01
C THR E 350 -35.98 11.70 54.15
N GLY E 351 -35.43 12.39 53.17
CA GLY E 351 -34.51 11.82 52.21
C GLY E 351 -35.19 11.47 50.88
N ARG E 352 -36.56 11.48 50.83
CA ARG E 352 -37.32 11.10 49.65
C ARG E 352 -37.01 11.89 48.37
N SER E 353 -36.90 13.23 48.44
CA SER E 353 -36.59 14.02 47.24
C SER E 353 -35.21 13.64 46.68
N ALA E 354 -34.25 13.30 47.54
CA ALA E 354 -32.91 12.89 47.12
C ALA E 354 -32.96 11.50 46.50
N GLN E 355 -33.77 10.59 47.08
CA GLN E 355 -33.94 9.24 46.57
C GLN E 355 -34.56 9.26 45.17
N LEU E 356 -35.54 10.13 44.92
CA LEU E 356 -36.17 10.25 43.60
C LEU E 356 -35.22 10.81 42.55
N LEU E 357 -34.22 11.62 42.95
CA LEU E 357 -33.22 12.13 42.02
C LEU E 357 -32.23 10.98 41.71
N SER E 358 -31.80 10.27 42.75
CA SER E 358 -30.84 9.17 42.69
CA SER E 358 -30.83 9.19 42.63
C SER E 358 -31.30 7.99 41.82
N ARG E 359 -32.62 7.74 41.76
CA ARG E 359 -33.15 6.63 40.96
C ARG E 359 -32.89 6.83 39.45
N TYR E 360 -32.69 8.08 38.99
CA TYR E 360 -32.38 8.34 37.58
C TYR E 360 -30.88 8.28 37.27
N ARG E 361 -30.05 7.92 38.27
CA ARG E 361 -28.61 7.76 38.17
C ARG E 361 -27.91 8.95 37.50
N PRO E 362 -28.08 10.18 38.02
CA PRO E 362 -27.36 11.30 37.43
C PRO E 362 -25.86 11.15 37.65
N ARG E 363 -25.08 11.74 36.75
CA ARG E 363 -23.64 11.80 36.92
C ARG E 363 -23.32 12.90 37.98
N ALA E 364 -24.16 13.96 38.05
CA ALA E 364 -24.01 15.03 39.04
C ALA E 364 -24.27 14.46 40.43
N ALA E 365 -23.43 14.86 41.40
CA ALA E 365 -23.58 14.44 42.79
C ALA E 365 -24.88 15.02 43.32
N VAL E 366 -25.65 14.26 44.09
CA VAL E 366 -26.88 14.78 44.70
C VAL E 366 -26.51 15.20 46.13
N ILE E 367 -26.33 16.50 46.36
CA ILE E 367 -26.01 17.02 47.69
C ILE E 367 -27.31 17.25 48.46
N ALA E 368 -27.59 16.39 49.44
CA ALA E 368 -28.85 16.48 50.18
C ALA E 368 -28.68 17.21 51.51
N VAL E 369 -29.31 18.37 51.62
CA VAL E 369 -29.26 19.18 52.84
C VAL E 369 -30.48 18.87 53.70
N THR E 370 -30.23 18.36 54.90
CA THR E 370 -31.32 18.00 55.80
C THR E 370 -31.02 18.39 57.24
N ARG E 371 -32.08 18.67 58.01
CA ARG E 371 -31.96 18.91 59.45
C ARG E 371 -32.08 17.58 60.23
N SER E 372 -32.65 16.52 59.60
CA SER E 372 -32.82 15.24 60.23
C SER E 372 -31.49 14.46 60.24
N ALA E 373 -30.92 14.22 61.43
CA ALA E 373 -29.69 13.45 61.57
C ALA E 373 -29.91 12.02 61.08
N GLN E 374 -31.08 11.44 61.35
CA GLN E 374 -31.38 10.10 60.92
C GLN E 374 -31.48 10.01 59.40
N ALA E 375 -32.21 10.94 58.74
CA ALA E 375 -32.32 10.95 57.28
C ALA E 375 -30.94 11.13 56.64
N ALA E 376 -30.07 11.96 57.25
CA ALA E 376 -28.72 12.17 56.74
C ALA E 376 -27.93 10.86 56.76
N ARG E 377 -28.11 10.03 57.80
CA ARG E 377 -27.43 8.74 57.86
C ARG E 377 -28.04 7.73 56.89
N GLN E 378 -29.38 7.69 56.81
CA GLN E 378 -30.08 6.73 55.95
C GLN E 378 -29.94 6.96 54.45
N VAL E 379 -29.73 8.22 53.98
CA VAL E 379 -29.60 8.46 52.54
C VAL E 379 -28.31 7.87 51.95
N HIS E 380 -27.38 7.36 52.80
CA HIS E 380 -26.20 6.64 52.31
C HIS E 380 -26.64 5.37 51.56
N LEU E 381 -27.86 4.87 51.80
CA LEU E 381 -28.38 3.72 51.09
C LEU E 381 -28.62 4.03 49.60
N CYS E 382 -28.77 5.30 49.21
CA CYS E 382 -29.04 5.70 47.82
C CYS E 382 -27.81 6.16 47.11
N ARG E 383 -27.47 5.52 45.98
CA ARG E 383 -26.27 5.89 45.23
C ARG E 383 -26.24 7.36 44.83
N GLY E 384 -25.10 7.99 45.04
CA GLY E 384 -24.87 9.36 44.61
C GLY E 384 -25.46 10.44 45.48
N VAL E 385 -25.97 10.08 46.66
CA VAL E 385 -26.53 11.08 47.58
C VAL E 385 -25.47 11.35 48.66
N PHE E 386 -25.05 12.62 48.76
CA PHE E 386 -24.05 13.12 49.71
C PHE E 386 -24.78 13.94 50.78
N PRO E 387 -25.03 13.34 51.95
CA PRO E 387 -25.78 14.04 52.99
C PRO E 387 -25.02 15.12 53.74
N LEU E 388 -25.66 16.28 53.93
CA LEU E 388 -25.11 17.37 54.70
C LEU E 388 -26.10 17.65 55.82
N LEU E 389 -25.65 17.50 57.07
CA LEU E 389 -26.52 17.75 58.22
C LEU E 389 -26.45 19.22 58.60
N TYR E 390 -27.58 19.93 58.47
CA TYR E 390 -27.72 21.35 58.78
C TYR E 390 -28.11 21.48 60.26
N ARG E 391 -27.26 22.14 61.06
CA ARG E 391 -27.50 22.25 62.50
C ARG E 391 -28.08 23.60 62.95
N GLU E 392 -28.09 24.61 62.06
CA GLU E 392 -28.59 25.94 62.40
C GLU E 392 -30.09 26.01 62.68
N PRO E 393 -30.49 26.88 63.62
CA PRO E 393 -31.94 27.00 63.91
C PRO E 393 -32.67 27.79 62.81
N PRO E 394 -33.97 27.53 62.63
CA PRO E 394 -34.71 28.21 61.56
C PRO E 394 -34.73 29.72 61.60
N GLU E 395 -34.63 30.33 60.40
CA GLU E 395 -34.76 31.77 60.21
C GLU E 395 -36.24 32.14 60.40
N ALA E 396 -36.53 33.40 60.69
CA ALA E 396 -37.91 33.85 60.88
C ALA E 396 -38.70 33.76 59.58
N ILE E 397 -38.07 34.12 58.46
CA ILE E 397 -38.71 34.03 57.15
C ILE E 397 -38.31 32.71 56.51
N TRP E 398 -39.30 31.83 56.24
CA TRP E 398 -39.06 30.52 55.63
C TRP E 398 -38.25 30.57 54.33
N ALA E 399 -38.55 31.53 53.44
CA ALA E 399 -37.79 31.69 52.20
C ALA E 399 -36.29 31.94 52.47
N ASP E 400 -35.96 32.66 53.56
CA ASP E 400 -34.56 32.93 53.92
C ASP E 400 -33.90 31.68 54.49
N ASP E 401 -34.66 30.86 55.23
CA ASP E 401 -34.15 29.60 55.79
C ASP E 401 -33.82 28.63 54.64
N VAL E 402 -34.67 28.59 53.60
CA VAL E 402 -34.45 27.76 52.40
C VAL E 402 -33.16 28.21 51.71
N ASP E 403 -33.02 29.53 51.48
CA ASP E 403 -31.82 30.10 50.85
C ASP E 403 -30.57 29.83 51.65
N ARG E 404 -30.65 29.89 52.98
CA ARG E 404 -29.48 29.61 53.82
C ARG E 404 -29.04 28.18 53.69
N ARG E 405 -29.99 27.25 53.60
CA ARG E 405 -29.70 25.83 53.45
C ARG E 405 -29.08 25.53 52.08
N VAL E 406 -29.53 26.23 51.03
CA VAL E 406 -28.98 26.08 49.67
C VAL E 406 -27.54 26.60 49.68
N GLN E 407 -27.30 27.76 50.33
CA GLN E 407 -25.97 28.35 50.46
C GLN E 407 -25.03 27.45 51.27
N PHE E 408 -25.57 26.76 52.28
CA PHE E 408 -24.80 25.81 53.06
C PHE E 408 -24.34 24.64 52.17
N GLY E 409 -25.21 24.18 51.27
CA GLY E 409 -24.90 23.13 50.32
C GLY E 409 -23.83 23.57 49.35
N ILE E 410 -23.89 24.83 48.87
CA ILE E 410 -22.88 25.38 47.96
C ILE E 410 -21.52 25.51 48.66
N GLU E 411 -21.52 26.09 49.87
CA GLU E 411 -20.28 26.27 50.62
C GLU E 411 -19.67 24.94 51.02
N SER E 412 -20.48 23.94 51.41
CA SER E 412 -19.94 22.61 51.76
C SER E 412 -19.43 21.87 50.52
N GLY E 413 -20.06 22.12 49.37
CA GLY E 413 -19.63 21.53 48.11
C GLY E 413 -18.30 22.12 47.71
N LYS E 414 -18.15 23.45 47.84
CA LYS E 414 -16.89 24.13 47.51
C LYS E 414 -15.76 23.60 48.40
N LEU E 415 -16.02 23.50 49.71
CA LEU E 415 -15.04 23.02 50.67
C LEU E 415 -14.61 21.61 50.37
N ARG E 416 -15.57 20.73 50.01
CA ARG E 416 -15.23 19.34 49.74
C ARG E 416 -14.73 19.04 48.32
N GLY E 417 -14.68 20.05 47.46
CA GLY E 417 -14.18 19.87 46.10
C GLY E 417 -15.22 19.48 45.06
N PHE E 418 -16.50 19.39 45.46
CA PHE E 418 -17.60 19.07 44.54
C PHE E 418 -17.85 20.21 43.56
N LEU E 419 -17.68 21.46 44.01
CA LEU E 419 -18.00 22.64 43.23
C LEU E 419 -16.89 23.66 43.22
N ARG E 420 -16.85 24.45 42.16
CA ARG E 420 -15.93 25.57 42.01
C ARG E 420 -16.71 26.76 41.40
N VAL E 421 -16.13 27.95 41.42
CA VAL E 421 -16.76 29.13 40.81
C VAL E 421 -16.85 28.92 39.30
N GLY E 422 -18.00 29.22 38.72
CA GLY E 422 -18.21 29.01 37.30
C GLY E 422 -18.99 27.75 36.98
N ASP E 423 -19.07 26.80 37.93
CA ASP E 423 -19.83 25.57 37.74
C ASP E 423 -21.32 25.86 37.71
N LEU E 424 -22.08 24.98 37.05
CA LEU E 424 -23.53 25.07 37.07
C LEU E 424 -24.05 24.01 38.03
N VAL E 425 -25.04 24.36 38.82
CA VAL E 425 -25.69 23.42 39.72
C VAL E 425 -27.20 23.49 39.51
N ILE E 426 -27.88 22.40 39.80
CA ILE E 426 -29.33 22.36 39.74
C ILE E 426 -29.78 22.37 41.20
N VAL E 427 -30.71 23.26 41.57
CA VAL E 427 -31.19 23.35 42.95
C VAL E 427 -32.66 22.91 43.02
N VAL E 428 -32.95 21.90 43.84
CA VAL E 428 -34.28 21.35 43.99
C VAL E 428 -34.87 21.69 45.38
N THR E 429 -35.97 22.46 45.39
CA THR E 429 -36.67 22.90 46.59
C THR E 429 -38.21 22.71 46.43
N GLY E 430 -38.99 23.07 47.47
CA GLY E 430 -40.45 22.97 47.47
C GLY E 430 -41.11 24.32 47.70
N TRP E 431 -42.44 24.35 47.55
CA TRP E 431 -43.20 25.59 47.66
C TRP E 431 -43.67 25.95 49.09
N ARG E 432 -43.60 24.99 50.02
CA ARG E 432 -44.01 25.20 51.41
C ARG E 432 -43.23 24.28 52.36
N PRO E 433 -43.15 24.59 53.68
CA PRO E 433 -42.43 23.69 54.61
C PRO E 433 -43.08 22.31 54.76
N GLY E 434 -42.33 21.37 55.28
CA GLY E 434 -42.81 20.01 55.45
C GLY E 434 -42.47 19.11 54.28
N SER E 435 -42.42 17.82 54.54
CA SER E 435 -42.10 16.81 53.56
C SER E 435 -43.24 16.65 52.53
N GLY E 436 -42.86 16.32 51.29
CA GLY E 436 -43.81 16.03 50.22
C GLY E 436 -44.18 17.15 49.28
N TYR E 437 -43.54 18.32 49.39
CA TYR E 437 -43.91 19.47 48.56
C TYR E 437 -42.82 19.97 47.60
N THR E 438 -41.81 19.14 47.30
CA THR E 438 -40.77 19.51 46.34
C THR E 438 -41.44 19.72 44.95
N ASN E 439 -41.19 20.86 44.32
CA ASN E 439 -41.79 21.14 43.02
C ASN E 439 -40.99 22.17 42.20
N ILE E 440 -39.78 22.55 42.64
CA ILE E 440 -39.02 23.60 41.99
C ILE E 440 -37.61 23.16 41.63
N MET E 441 -37.19 23.50 40.41
CA MET E 441 -35.84 23.24 39.95
CA MET E 441 -35.87 23.21 39.89
C MET E 441 -35.28 24.56 39.40
N ARG E 442 -34.05 24.90 39.83
CA ARG E 442 -33.41 26.13 39.42
C ARG E 442 -32.02 25.85 38.87
N VAL E 443 -31.63 26.55 37.80
CA VAL E 443 -30.27 26.43 37.26
C VAL E 443 -29.46 27.59 37.81
N LEU E 444 -28.45 27.27 38.61
CA LEU E 444 -27.66 28.29 39.31
C LEU E 444 -26.19 28.23 38.97
N SER E 445 -25.61 29.40 38.68
CA SER E 445 -24.18 29.50 38.38
CA SER E 445 -24.18 29.51 38.38
C SER E 445 -23.45 29.79 39.69
N ILE E 446 -22.42 28.99 40.01
CA ILE E 446 -21.66 29.16 41.24
C ILE E 446 -20.79 30.42 41.21
N SER E 447 -20.98 31.31 42.19
CA SER E 447 -20.18 32.53 42.28
C SER E 447 -19.25 32.50 43.51
N ALA F 13 -47.48 -0.95 32.91
CA ALA F 13 -46.76 -0.70 34.17
C ALA F 13 -46.25 0.73 34.23
N ASP F 14 -45.72 1.25 33.11
CA ASP F 14 -45.24 2.63 33.04
C ASP F 14 -46.42 3.64 32.95
N VAL F 15 -47.63 3.18 32.63
CA VAL F 15 -48.79 4.06 32.53
C VAL F 15 -49.97 3.60 33.40
N ALA F 16 -49.84 2.49 34.16
CA ALA F 16 -50.96 1.95 34.93
C ALA F 16 -51.52 2.90 36.01
N GLN F 17 -50.68 3.52 36.83
CA GLN F 17 -51.16 4.43 37.86
C GLN F 17 -51.81 5.68 37.26
N LEU F 18 -51.20 6.25 36.22
CA LEU F 18 -51.78 7.40 35.55
C LEU F 18 -53.06 7.05 34.78
N THR F 19 -53.20 5.79 34.33
CA THR F 19 -54.42 5.34 33.66
C THR F 19 -55.53 5.21 34.69
N GLN F 20 -55.23 4.71 35.90
CA GLN F 20 -56.22 4.62 36.97
C GLN F 20 -56.71 6.02 37.35
N GLU F 21 -55.78 6.99 37.45
CA GLU F 21 -56.08 8.36 37.84
C GLU F 21 -56.79 9.18 36.80
N LEU F 22 -56.30 9.18 35.55
CA LEU F 22 -56.89 9.98 34.48
C LEU F 22 -57.98 9.26 33.71
N GLY F 23 -58.04 7.94 33.78
CA GLY F 23 -59.06 7.15 33.11
C GLY F 23 -58.64 6.58 31.77
N THR F 24 -59.29 5.49 31.36
CA THR F 24 -58.99 4.87 30.07
C THR F 24 -59.39 5.79 28.93
N ALA F 25 -60.47 6.59 29.08
CA ALA F 25 -60.88 7.48 28.00
C ALA F 25 -59.79 8.50 27.67
N PHE F 26 -59.10 9.04 28.69
CA PHE F 26 -58.01 9.99 28.47
C PHE F 26 -56.89 9.37 27.59
N PHE F 27 -56.52 8.12 27.89
CA PHE F 27 -55.46 7.42 27.18
C PHE F 27 -55.86 6.85 25.84
N GLN F 28 -57.13 6.95 25.43
CA GLN F 28 -57.57 6.54 24.10
C GLN F 28 -57.56 7.72 23.11
N GLN F 29 -57.68 8.97 23.62
CA GLN F 29 -57.69 10.18 22.83
C GLN F 29 -56.28 10.60 22.39
N GLN F 30 -56.20 11.63 21.51
CA GLN F 30 -55.01 12.27 20.97
C GLN F 30 -53.89 11.29 20.55
N GLN F 31 -54.29 10.13 19.98
CA GLN F 31 -53.37 9.09 19.54
C GLN F 31 -52.37 8.66 20.61
N LEU F 32 -52.79 8.71 21.89
CA LEU F 32 -51.90 8.30 22.98
C LEU F 32 -51.47 6.84 22.88
N PRO F 33 -52.30 5.84 22.45
CA PRO F 33 -51.75 4.48 22.30
C PRO F 33 -50.62 4.46 21.25
N ALA F 34 -50.77 5.19 20.14
CA ALA F 34 -49.72 5.26 19.11
C ALA F 34 -48.48 6.01 19.62
N ALA F 35 -48.67 6.99 20.52
CA ALA F 35 -47.57 7.76 21.10
C ALA F 35 -46.73 6.93 22.05
N MET F 36 -47.32 5.97 22.75
CA MET F 36 -46.59 5.10 23.69
C MET F 36 -45.93 3.90 23.02
N ALA F 37 -46.06 3.72 21.69
CA ALA F 37 -45.51 2.56 21.01
C ALA F 37 -43.99 2.49 21.10
N ASP F 38 -43.47 1.26 21.12
CA ASP F 38 -42.04 1.01 21.25
C ASP F 38 -41.26 1.17 19.97
N THR F 39 -41.93 1.06 18.80
CA THR F 39 -41.29 1.22 17.49
C THR F 39 -42.15 2.13 16.62
N PHE F 40 -41.56 2.72 15.58
CA PHE F 40 -42.31 3.55 14.63
C PHE F 40 -43.37 2.69 13.89
N LEU F 41 -43.04 1.44 13.55
CA LEU F 41 -43.97 0.55 12.88
C LEU F 41 -45.21 0.30 13.76
N GLU F 42 -44.99 0.03 15.06
CA GLU F 42 -46.11 -0.18 15.98
C GLU F 42 -46.89 1.12 16.16
N HIS F 43 -46.21 2.27 16.14
CA HIS F 43 -46.85 3.59 16.23
C HIS F 43 -47.83 3.77 15.06
N LEU F 44 -47.42 3.40 13.83
CA LEU F 44 -48.31 3.50 12.67
C LEU F 44 -49.51 2.57 12.81
N CYS F 45 -49.25 1.30 13.23
CA CYS F 45 -50.29 0.30 13.43
C CYS F 45 -51.33 0.71 14.45
N LEU F 46 -50.95 1.54 15.43
CA LEU F 46 -51.86 2.00 16.48
C LEU F 46 -52.59 3.30 16.19
N LEU F 47 -52.33 3.94 15.04
CA LEU F 47 -53.05 5.17 14.67
C LEU F 47 -54.55 4.83 14.52
N ASP F 48 -55.41 5.66 15.09
CA ASP F 48 -56.83 5.35 15.18
C ASP F 48 -57.70 6.51 14.75
N ILE F 49 -58.54 6.31 13.71
CA ILE F 49 -59.45 7.39 13.26
C ILE F 49 -60.48 7.80 14.35
N ASP F 50 -60.75 6.92 15.33
CA ASP F 50 -61.67 7.22 16.43
C ASP F 50 -60.98 7.90 17.63
N SER F 51 -59.65 8.08 17.59
CA SER F 51 -58.93 8.75 18.64
C SER F 51 -58.96 10.25 18.33
N GLU F 52 -59.80 10.98 19.05
CA GLU F 52 -60.01 12.40 18.79
C GLU F 52 -58.91 13.31 19.31
N PRO F 53 -58.53 14.32 18.51
CA PRO F 53 -57.52 15.29 18.99
C PRO F 53 -58.09 16.11 20.15
N VAL F 54 -57.28 16.39 21.16
CA VAL F 54 -57.72 17.17 22.30
C VAL F 54 -57.02 18.51 22.35
N ALA F 55 -55.71 18.50 22.11
CA ALA F 55 -54.89 19.67 22.25
C ALA F 55 -55.23 20.78 21.25
N ALA F 56 -54.90 22.05 21.62
CA ALA F 56 -55.10 23.18 20.73
C ALA F 56 -54.13 23.01 19.54
N ARG F 57 -54.52 23.53 18.38
CA ARG F 57 -53.74 23.39 17.17
C ARG F 57 -52.45 24.18 17.30
N SER F 58 -51.33 23.49 17.19
CA SER F 58 -50.04 24.09 17.39
C SER F 58 -49.29 24.61 16.12
N THR F 59 -49.59 24.10 14.91
CA THR F 59 -48.93 24.57 13.69
C THR F 59 -49.65 25.83 13.21
N SER F 60 -48.95 26.95 13.06
CA SER F 60 -49.60 28.19 12.61
C SER F 60 -50.02 28.18 11.17
N ILE F 61 -51.09 28.88 10.89
CA ILE F 61 -51.60 29.00 9.54
C ILE F 61 -51.30 30.39 9.02
N ILE F 62 -50.62 30.46 7.86
CA ILE F 62 -50.32 31.71 7.19
C ILE F 62 -51.34 31.84 6.06
N ALA F 63 -52.11 32.93 6.01
CA ALA F 63 -53.08 33.11 4.95
C ALA F 63 -52.69 34.31 4.11
N THR F 64 -52.67 34.16 2.79
CA THR F 64 -52.32 35.24 1.90
C THR F 64 -53.53 36.15 1.73
N ILE F 65 -53.31 37.45 1.91
CA ILE F 65 -54.38 38.43 1.77
C ILE F 65 -54.54 38.84 0.32
N GLY F 66 -55.79 38.93 -0.12
CA GLY F 66 -56.13 39.33 -1.46
C GLY F 66 -57.58 39.75 -1.57
N PRO F 67 -58.10 39.88 -2.80
CA PRO F 67 -59.51 40.28 -2.97
C PRO F 67 -60.53 39.44 -2.22
N ALA F 68 -60.27 38.14 -2.06
CA ALA F 68 -61.21 37.25 -1.36
C ALA F 68 -61.13 37.32 0.17
N SER F 69 -60.07 37.93 0.71
CA SER F 69 -59.83 37.97 2.14
C SER F 69 -59.33 39.35 2.60
N ARG F 70 -59.85 40.43 2.02
CA ARG F 70 -59.38 41.79 2.35
C ARG F 70 -60.33 42.60 3.22
N SER F 71 -61.65 42.36 3.14
CA SER F 71 -62.61 43.09 3.94
C SER F 71 -62.47 42.77 5.44
N VAL F 72 -62.77 43.75 6.30
CA VAL F 72 -62.66 43.63 7.75
C VAL F 72 -63.55 42.51 8.27
N GLU F 73 -64.76 42.38 7.71
CA GLU F 73 -65.68 41.34 8.14
C GLU F 73 -65.19 39.95 7.75
N ARG F 74 -64.57 39.83 6.57
CA ARG F 74 -64.01 38.55 6.11
C ARG F 74 -62.77 38.18 6.94
N LEU F 75 -61.94 39.16 7.26
CA LEU F 75 -60.76 38.97 8.08
C LEU F 75 -61.11 38.51 9.51
N LYS F 76 -62.25 38.99 10.08
CA LYS F 76 -62.68 38.57 11.40
C LYS F 76 -63.04 37.09 11.36
N GLU F 77 -63.68 36.62 10.27
CA GLU F 77 -64.05 35.22 10.10
CA GLU F 77 -64.03 35.22 10.17
C GLU F 77 -62.78 34.35 9.99
N MET F 78 -61.77 34.85 9.28
CA MET F 78 -60.52 34.11 9.09
CA MET F 78 -60.52 34.11 9.09
C MET F 78 -59.71 34.01 10.38
N ILE F 79 -59.79 35.06 11.23
CA ILE F 79 -59.10 35.04 12.52
C ILE F 79 -59.79 33.98 13.39
N LYS F 80 -61.15 33.95 13.38
CA LYS F 80 -61.91 32.96 14.14
C LYS F 80 -61.67 31.54 13.62
N ALA F 81 -61.46 31.38 12.30
CA ALA F 81 -61.18 30.06 11.69
C ALA F 81 -59.77 29.53 12.04
N GLY F 82 -58.85 30.44 12.40
CA GLY F 82 -57.51 30.04 12.83
C GLY F 82 -56.32 30.71 12.16
N MET F 83 -56.53 31.74 11.33
CA MET F 83 -55.39 32.44 10.71
C MET F 83 -54.51 33.10 11.78
N ASN F 84 -53.21 32.81 11.79
CA ASN F 84 -52.29 33.37 12.77
C ASN F 84 -51.37 34.43 12.17
N ILE F 85 -51.06 34.30 10.87
CA ILE F 85 -50.17 35.21 10.16
C ILE F 85 -50.82 35.62 8.85
N ALA F 86 -50.87 36.93 8.58
CA ALA F 86 -51.44 37.46 7.34
C ALA F 86 -50.26 37.75 6.42
N ARG F 87 -50.26 37.18 5.22
CA ARG F 87 -49.18 37.37 4.27
C ARG F 87 -49.57 38.36 3.18
N LEU F 88 -48.74 39.37 2.98
CA LEU F 88 -48.96 40.38 1.94
C LEU F 88 -48.00 40.05 0.81
N ASN F 89 -48.53 39.65 -0.35
CA ASN F 89 -47.69 39.30 -1.48
C ASN F 89 -47.33 40.54 -2.29
N PHE F 90 -46.11 41.06 -2.12
CA PHE F 90 -45.68 42.25 -2.84
C PHE F 90 -45.36 42.01 -4.33
N SER F 91 -45.63 40.81 -4.85
CA SER F 91 -45.53 40.55 -6.29
C SER F 91 -46.71 41.23 -7.03
N HIS F 92 -47.82 41.52 -6.32
CA HIS F 92 -49.00 42.16 -6.88
C HIS F 92 -49.45 43.32 -5.98
N GLY F 93 -50.12 44.31 -6.57
CA GLY F 93 -50.64 45.44 -5.81
C GLY F 93 -49.64 46.52 -5.48
N SER F 94 -50.14 47.73 -5.31
CA SER F 94 -49.30 48.89 -4.98
C SER F 94 -49.11 49.04 -3.46
N HIS F 95 -48.26 49.98 -3.04
CA HIS F 95 -48.06 50.28 -1.63
C HIS F 95 -49.39 50.74 -0.99
N GLU F 96 -50.21 51.47 -1.73
CA GLU F 96 -51.51 51.95 -1.26
C GLU F 96 -52.44 50.77 -0.98
N TYR F 97 -52.43 49.77 -1.87
CA TYR F 97 -53.24 48.56 -1.74
C TYR F 97 -52.83 47.78 -0.47
N HIS F 98 -51.51 47.57 -0.27
CA HIS F 98 -50.99 46.85 0.88
C HIS F 98 -51.20 47.59 2.19
N ALA F 99 -51.11 48.93 2.20
CA ALA F 99 -51.36 49.70 3.41
C ALA F 99 -52.82 49.55 3.85
N GLU F 100 -53.75 49.44 2.89
CA GLU F 100 -55.15 49.25 3.19
C GLU F 100 -55.37 47.83 3.77
N SER F 101 -54.67 46.82 3.20
CA SER F 101 -54.73 45.44 3.69
C SER F 101 -54.26 45.38 5.15
N ILE F 102 -53.13 46.04 5.45
CA ILE F 102 -52.58 46.11 6.81
C ILE F 102 -53.58 46.75 7.76
N ALA F 103 -54.16 47.90 7.37
CA ALA F 103 -55.14 48.59 8.20
C ALA F 103 -56.36 47.72 8.48
N ASN F 104 -56.85 46.99 7.46
CA ASN F 104 -58.00 46.10 7.62
C ASN F 104 -57.69 44.91 8.53
N VAL F 105 -56.47 44.36 8.43
CA VAL F 105 -56.04 43.26 9.30
C VAL F 105 -56.00 43.77 10.75
N ARG F 106 -55.35 44.92 10.98
CA ARG F 106 -55.29 45.51 12.31
C ARG F 106 -56.66 45.85 12.88
N GLU F 107 -57.58 46.35 12.05
CA GLU F 107 -58.93 46.66 12.52
C GLU F 107 -59.66 45.39 12.96
N ALA F 108 -59.57 44.31 12.14
CA ALA F 108 -60.19 43.02 12.46
C ALA F 108 -59.57 42.42 13.72
N VAL F 109 -58.24 42.49 13.88
CA VAL F 109 -57.55 41.95 15.05
C VAL F 109 -57.95 42.71 16.31
N GLU F 110 -57.96 44.05 16.24
CA GLU F 110 -58.29 44.86 17.41
C GLU F 110 -59.77 44.81 17.79
N SER F 111 -60.66 44.33 16.91
CA SER F 111 -62.06 44.18 17.26
C SER F 111 -62.28 43.13 18.38
N PHE F 112 -61.27 42.29 18.68
CA PHE F 112 -61.34 41.29 19.75
C PHE F 112 -60.55 41.69 21.01
N ALA F 113 -59.89 42.88 21.02
CA ALA F 113 -59.07 43.36 22.14
C ALA F 113 -59.82 43.70 23.42
N GLY F 114 -61.15 43.83 23.32
CA GLY F 114 -62.02 44.13 24.44
C GLY F 114 -61.95 43.09 25.54
N SER F 115 -61.60 41.85 25.17
CA SER F 115 -61.45 40.77 26.14
C SER F 115 -60.01 40.29 26.05
N PRO F 116 -59.14 40.84 26.90
CA PRO F 116 -57.72 40.45 26.86
C PRO F 116 -57.42 38.97 27.13
N LEU F 117 -58.26 38.29 27.91
CA LEU F 117 -58.06 36.87 28.20
C LEU F 117 -58.34 35.97 26.98
N SER F 118 -58.97 36.48 25.91
CA SER F 118 -59.26 35.65 24.74
C SER F 118 -58.73 36.25 23.40
N TYR F 119 -58.14 37.47 23.43
CA TYR F 119 -57.61 38.19 22.27
C TYR F 119 -56.61 37.36 21.41
N ARG F 120 -56.72 37.47 20.04
CA ARG F 120 -55.82 36.76 19.12
C ARG F 120 -54.81 37.64 18.35
N PRO F 121 -53.53 37.63 18.78
CA PRO F 121 -52.52 38.37 18.03
C PRO F 121 -52.34 37.74 16.64
N VAL F 122 -52.24 38.60 15.61
CA VAL F 122 -52.05 38.10 14.25
C VAL F 122 -50.82 38.80 13.69
N ALA F 123 -49.82 38.04 13.25
CA ALA F 123 -48.62 38.64 12.69
C ALA F 123 -48.85 39.12 11.25
N ILE F 124 -48.08 40.12 10.80
CA ILE F 124 -48.19 40.59 9.42
C ILE F 124 -46.84 40.35 8.77
N ALA F 125 -46.85 39.59 7.66
CA ALA F 125 -45.64 39.22 6.95
C ALA F 125 -45.62 39.82 5.56
N LEU F 126 -44.48 40.37 5.16
CA LEU F 126 -44.33 40.98 3.85
C LEU F 126 -43.55 40.00 2.99
N ASP F 127 -44.14 39.54 1.90
CA ASP F 127 -43.47 38.59 1.01
C ASP F 127 -42.96 39.39 -0.21
N THR F 128 -41.63 39.49 -0.36
CA THR F 128 -41.03 40.31 -1.41
C THR F 128 -41.23 39.77 -2.83
N LYS F 129 -41.19 40.69 -3.80
CA LYS F 129 -41.33 40.39 -5.23
C LYS F 129 -40.15 39.53 -5.71
N GLY F 130 -38.95 39.85 -5.24
CA GLY F 130 -37.77 39.07 -5.59
C GLY F 130 -36.77 39.77 -6.49
N PRO F 131 -35.66 39.10 -6.79
CA PRO F 131 -34.61 39.71 -7.61
C PRO F 131 -34.91 39.68 -9.11
N PRO F 135 -29.14 39.50 -9.82
CA PRO F 135 -28.01 39.01 -9.01
C PRO F 135 -28.23 39.14 -7.50
N GLY F 136 -28.93 40.18 -7.08
CA GLY F 136 -29.18 40.41 -5.66
C GLY F 136 -30.45 41.22 -5.42
N LEU F 137 -30.46 41.98 -4.31
CA LEU F 137 -31.60 42.80 -3.92
C LEU F 137 -31.98 43.85 -4.95
N SER F 138 -33.21 43.74 -5.50
CA SER F 138 -33.72 44.67 -6.49
C SER F 138 -34.12 46.01 -5.86
N GLU F 139 -34.24 47.07 -6.69
CA GLU F 139 -34.62 48.39 -6.21
C GLU F 139 -36.05 48.40 -5.68
N GLN F 140 -36.96 47.63 -6.29
CA GLN F 140 -38.33 47.54 -5.82
C GLN F 140 -38.37 46.87 -4.43
N ASP F 141 -37.54 45.85 -4.22
CA ASP F 141 -37.46 45.18 -2.92
C ASP F 141 -36.98 46.14 -1.85
N VAL F 142 -36.00 47.00 -2.16
CA VAL F 142 -35.53 48.01 -1.19
C VAL F 142 -36.66 48.95 -0.77
N ARG F 143 -37.47 49.39 -1.75
CA ARG F 143 -38.60 50.27 -1.46
C ARG F 143 -39.71 49.55 -0.67
N ASP F 144 -39.99 48.28 -1.01
CA ASP F 144 -41.01 47.49 -0.34
C ASP F 144 -40.59 47.15 1.09
N LEU F 145 -39.31 46.89 1.30
CA LEU F 145 -38.79 46.61 2.64
C LEU F 145 -38.86 47.84 3.51
N ARG F 146 -38.58 49.03 2.94
CA ARG F 146 -38.71 50.31 3.65
C ARG F 146 -40.18 50.53 4.03
N PHE F 147 -41.12 50.20 3.12
CA PHE F 147 -42.55 50.29 3.37
C PHE F 147 -42.92 49.40 4.57
N GLY F 148 -42.38 48.18 4.62
CA GLY F 148 -42.62 47.24 5.69
C GLY F 148 -42.21 47.77 7.05
N VAL F 149 -41.01 48.35 7.12
CA VAL F 149 -40.52 48.95 8.36
C VAL F 149 -41.41 50.11 8.79
N GLU F 150 -41.77 50.99 7.83
CA GLU F 150 -42.62 52.14 8.13
C GLU F 150 -44.02 51.73 8.59
N HIS F 151 -44.54 50.62 8.07
CA HIS F 151 -45.85 50.14 8.46
C HIS F 151 -45.85 49.11 9.60
N GLY F 152 -44.69 48.86 10.21
CA GLY F 152 -44.56 47.96 11.34
C GLY F 152 -44.83 46.48 11.10
N VAL F 153 -44.39 45.93 9.94
CA VAL F 153 -44.58 44.50 9.69
C VAL F 153 -43.72 43.70 10.67
N ASP F 154 -44.13 42.49 10.98
CA ASP F 154 -43.42 41.65 11.93
C ASP F 154 -42.40 40.75 11.27
N ILE F 155 -42.69 40.29 10.05
CA ILE F 155 -41.88 39.30 9.36
C ILE F 155 -41.68 39.67 7.90
N VAL F 156 -40.54 39.29 7.35
CA VAL F 156 -40.28 39.41 5.94
C VAL F 156 -40.05 37.99 5.39
N PHE F 157 -40.77 37.60 4.34
CA PHE F 157 -40.52 36.34 3.64
C PHE F 157 -39.68 36.80 2.45
N ALA F 158 -38.34 36.63 2.52
CA ALA F 158 -37.44 37.12 1.47
C ALA F 158 -37.36 36.15 0.29
N SER F 159 -37.85 36.58 -0.88
CA SER F 159 -37.85 35.74 -2.08
C SER F 159 -36.46 35.44 -2.65
N PHE F 160 -36.33 34.25 -3.25
CA PHE F 160 -35.15 33.74 -3.92
C PHE F 160 -33.82 33.98 -3.18
N VAL F 161 -33.74 33.54 -1.92
CA VAL F 161 -32.48 33.67 -1.17
C VAL F 161 -31.56 32.56 -1.66
N ARG F 162 -30.35 32.93 -2.12
CA ARG F 162 -29.39 31.97 -2.67
C ARG F 162 -28.10 31.82 -1.85
N LYS F 163 -27.83 32.76 -0.95
CA LYS F 163 -26.60 32.76 -0.17
C LYS F 163 -26.75 33.69 1.05
N ALA F 164 -25.82 33.60 2.00
CA ALA F 164 -25.86 34.41 3.21
C ALA F 164 -25.86 35.94 2.93
N SER F 165 -25.17 36.39 1.85
CA SER F 165 -25.14 37.82 1.54
C SER F 165 -26.50 38.36 1.09
N ASP F 166 -27.39 37.50 0.57
CA ASP F 166 -28.74 37.93 0.21
C ASP F 166 -29.51 38.31 1.48
N VAL F 167 -29.32 37.56 2.58
CA VAL F 167 -29.98 37.84 3.85
C VAL F 167 -29.41 39.15 4.45
N ALA F 168 -28.09 39.34 4.37
CA ALA F 168 -27.45 40.56 4.86
C ALA F 168 -27.98 41.79 4.10
N ALA F 169 -28.22 41.66 2.79
CA ALA F 169 -28.76 42.76 1.99
C ALA F 169 -30.18 43.11 2.45
N VAL F 170 -31.01 42.09 2.75
CA VAL F 170 -32.37 42.34 3.24
C VAL F 170 -32.31 43.02 4.61
N ARG F 171 -31.41 42.54 5.48
CA ARG F 171 -31.23 43.10 6.82
CA ARG F 171 -31.24 43.11 6.82
C ARG F 171 -30.79 44.58 6.73
N ALA F 172 -29.90 44.91 5.78
CA ALA F 172 -29.42 46.27 5.58
C ALA F 172 -30.55 47.16 5.07
N ALA F 173 -31.36 46.67 4.11
CA ALA F 173 -32.49 47.44 3.59
C ALA F 173 -33.56 47.74 4.66
N LEU F 174 -33.66 46.90 5.70
CA LEU F 174 -34.60 47.15 6.79
C LEU F 174 -34.10 48.30 7.73
N GLY F 175 -32.80 48.56 7.72
CA GLY F 175 -32.19 49.65 8.49
C GLY F 175 -32.20 49.49 9.99
N PRO F 176 -31.85 50.57 10.71
CA PRO F 176 -31.81 50.49 12.18
C PRO F 176 -33.18 50.34 12.84
N GLU F 177 -34.23 50.87 12.20
CA GLU F 177 -35.59 50.75 12.77
C GLU F 177 -36.25 49.39 12.57
N GLY F 178 -35.71 48.56 11.66
CA GLY F 178 -36.28 47.25 11.40
C GLY F 178 -35.47 46.10 11.97
N HIS F 179 -34.69 46.35 13.02
CA HIS F 179 -33.85 45.33 13.63
C HIS F 179 -34.65 44.18 14.27
N GLY F 180 -35.86 44.46 14.74
CA GLY F 180 -36.71 43.46 15.37
C GLY F 180 -37.53 42.60 14.42
N ILE F 181 -37.55 42.93 13.14
CA ILE F 181 -38.30 42.18 12.14
C ILE F 181 -37.64 40.82 11.86
N LYS F 182 -38.44 39.74 11.82
CA LYS F 182 -37.90 38.40 11.54
C LYS F 182 -37.70 38.20 10.05
N ILE F 183 -36.55 37.70 9.64
CA ILE F 183 -36.31 37.40 8.23
C ILE F 183 -36.41 35.89 8.00
N ILE F 184 -37.40 35.48 7.22
CA ILE F 184 -37.61 34.08 6.85
C ILE F 184 -37.14 33.98 5.40
N SER F 185 -36.02 33.28 5.15
CA SER F 185 -35.51 33.14 3.80
C SER F 185 -36.29 32.10 2.99
N LYS F 186 -36.77 32.48 1.81
CA LYS F 186 -37.47 31.54 0.94
C LYS F 186 -36.45 30.80 0.08
N ILE F 187 -36.44 29.45 0.15
CA ILE F 187 -35.51 28.65 -0.63
C ILE F 187 -36.29 28.24 -1.85
N GLU F 188 -35.90 28.77 -3.03
CA GLU F 188 -36.67 28.55 -4.25
C GLU F 188 -35.88 27.97 -5.42
N ASN F 189 -34.59 27.68 -5.25
CA ASN F 189 -33.81 27.15 -6.38
C ASN F 189 -32.69 26.22 -5.91
N HIS F 190 -31.95 25.62 -6.87
CA HIS F 190 -30.86 24.70 -6.54
C HIS F 190 -29.79 25.32 -5.66
N GLU F 191 -29.40 26.57 -5.95
CA GLU F 191 -28.34 27.22 -5.15
C GLU F 191 -28.74 27.42 -3.69
N GLY F 192 -30.00 27.81 -3.45
CA GLY F 192 -30.52 27.99 -2.10
C GLY F 192 -30.49 26.69 -1.32
N VAL F 193 -30.82 25.57 -2.00
CA VAL F 193 -30.79 24.24 -1.35
C VAL F 193 -29.35 23.85 -1.03
N LYS F 194 -28.44 24.02 -1.97
CA LYS F 194 -27.04 23.68 -1.79
C LYS F 194 -26.32 24.54 -0.74
N ARG F 195 -26.65 25.82 -0.66
CA ARG F 195 -26.07 26.75 0.31
C ARG F 195 -26.97 26.91 1.56
N PHE F 196 -27.91 25.96 1.80
CA PHE F 196 -28.86 26.01 2.90
C PHE F 196 -28.25 26.31 4.27
N ASP F 197 -27.18 25.60 4.66
CA ASP F 197 -26.59 25.78 5.98
C ASP F 197 -26.12 27.20 6.24
N GLU F 198 -25.50 27.86 5.23
CA GLU F 198 -25.05 29.22 5.41
C GLU F 198 -26.22 30.21 5.47
N ILE F 199 -27.33 29.91 4.76
CA ILE F 199 -28.51 30.75 4.75
C ILE F 199 -29.24 30.64 6.10
N LEU F 200 -29.43 29.42 6.60
CA LEU F 200 -30.13 29.21 7.87
C LEU F 200 -29.36 29.86 9.03
N GLU F 201 -28.03 29.78 9.01
CA GLU F 201 -27.20 30.37 10.06
C GLU F 201 -27.47 31.85 10.28
N VAL F 202 -27.72 32.62 9.20
CA VAL F 202 -27.97 34.05 9.31
C VAL F 202 -29.46 34.44 9.26
N SER F 203 -30.37 33.48 8.99
CA SER F 203 -31.79 33.79 8.90
C SER F 203 -32.49 33.47 10.22
N ASP F 204 -33.70 34.05 10.42
CA ASP F 204 -34.50 33.67 11.59
C ASP F 204 -35.26 32.33 11.36
N GLY F 205 -35.48 31.99 10.09
CA GLY F 205 -36.19 30.80 9.68
C GLY F 205 -36.21 30.63 8.19
N ILE F 206 -36.92 29.62 7.71
CA ILE F 206 -36.93 29.28 6.29
C ILE F 206 -38.32 29.01 5.79
N MET F 207 -38.58 29.31 4.50
CA MET F 207 -39.81 28.93 3.87
C MET F 207 -39.42 27.99 2.71
N VAL F 208 -40.06 26.80 2.65
CA VAL F 208 -39.88 25.88 1.54
C VAL F 208 -40.88 26.34 0.49
N ALA F 209 -40.42 27.17 -0.45
CA ALA F 209 -41.25 27.77 -1.48
C ALA F 209 -41.32 26.80 -2.63
N ARG F 210 -42.24 25.84 -2.54
CA ARG F 210 -42.35 24.74 -3.46
C ARG F 210 -42.73 25.09 -4.89
N GLY F 211 -43.41 26.22 -5.09
CA GLY F 211 -43.80 26.67 -6.42
C GLY F 211 -42.62 26.85 -7.35
N ASP F 212 -41.74 27.80 -7.02
CA ASP F 212 -40.53 28.04 -7.81
C ASP F 212 -39.54 26.89 -7.69
N LEU F 213 -39.40 26.29 -6.49
CA LEU F 213 -38.49 25.15 -6.31
C LEU F 213 -38.82 23.99 -7.28
N GLY F 214 -40.11 23.74 -7.48
CA GLY F 214 -40.60 22.72 -8.40
C GLY F 214 -40.40 23.00 -9.88
N ILE F 215 -40.03 24.22 -10.22
CA ILE F 215 -39.70 24.65 -11.59
C ILE F 215 -38.16 24.69 -11.75
N GLU F 216 -37.45 25.11 -10.71
CA GLU F 216 -35.99 25.20 -10.70
C GLU F 216 -35.29 23.85 -10.63
N ILE F 217 -35.88 22.89 -9.90
CA ILE F 217 -35.34 21.53 -9.79
C ILE F 217 -36.43 20.56 -10.26
N PRO F 218 -36.10 19.29 -10.61
CA PRO F 218 -37.16 18.34 -11.01
C PRO F 218 -38.25 18.23 -9.96
N ALA F 219 -39.51 18.26 -10.40
CA ALA F 219 -40.66 18.22 -9.50
C ALA F 219 -40.65 17.02 -8.54
N GLU F 220 -40.17 15.89 -9.02
CA GLU F 220 -40.10 14.65 -8.22
C GLU F 220 -39.03 14.71 -7.10
N LYS F 221 -38.23 15.78 -7.04
CA LYS F 221 -37.20 15.95 -6.01
C LYS F 221 -37.60 16.96 -4.93
N VAL F 222 -38.71 17.72 -5.11
CA VAL F 222 -39.11 18.72 -4.14
C VAL F 222 -39.34 18.16 -2.73
N PHE F 223 -39.96 16.97 -2.62
CA PHE F 223 -40.18 16.37 -1.30
C PHE F 223 -38.87 16.13 -0.54
N LEU F 224 -37.76 15.83 -1.25
CA LEU F 224 -36.46 15.60 -0.61
C LEU F 224 -35.95 16.92 -0.04
N ALA F 225 -36.10 18.02 -0.81
CA ALA F 225 -35.66 19.33 -0.35
C ALA F 225 -36.51 19.75 0.84
N GLN F 226 -37.84 19.55 0.76
CA GLN F 226 -38.75 19.89 1.87
C GLN F 226 -38.39 19.14 3.16
N LYS F 227 -38.24 17.79 3.08
CA LYS F 227 -37.92 17.02 4.26
C LYS F 227 -36.55 17.33 4.84
N MET F 228 -35.56 17.58 3.98
CA MET F 228 -34.22 17.92 4.43
C MET F 228 -34.23 19.28 5.17
N MET F 229 -34.86 20.29 4.57
CA MET F 229 -34.89 21.63 5.15
C MET F 229 -35.68 21.68 6.43
N ILE F 230 -36.79 20.94 6.51
CA ILE F 230 -37.56 20.89 7.75
C ILE F 230 -36.73 20.21 8.85
N GLY F 231 -36.07 19.11 8.51
CA GLY F 231 -35.21 18.41 9.46
C GLY F 231 -34.09 19.28 9.98
N ARG F 232 -33.40 20.04 9.07
CA ARG F 232 -32.32 20.91 9.49
C ARG F 232 -32.81 22.10 10.32
N CYS F 233 -34.00 22.62 10.02
CA CYS F 233 -34.58 23.71 10.82
C CYS F 233 -34.97 23.20 12.19
N ASN F 234 -35.53 21.99 12.28
CA ASN F 234 -35.87 21.38 13.57
C ASN F 234 -34.61 21.16 14.40
N LEU F 235 -33.53 20.70 13.76
CA LEU F 235 -32.26 20.48 14.43
C LEU F 235 -31.70 21.83 14.97
N ALA F 236 -31.78 22.90 14.17
CA ALA F 236 -31.32 24.25 14.54
C ALA F 236 -32.24 24.97 15.52
N GLY F 237 -33.47 24.51 15.69
CA GLY F 237 -34.45 25.14 16.55
C GLY F 237 -34.97 26.44 15.96
N LYS F 238 -35.06 26.51 14.61
CA LYS F 238 -35.54 27.70 13.91
C LYS F 238 -36.81 27.38 13.12
N PRO F 239 -37.75 28.34 13.06
CA PRO F 239 -39.00 28.07 12.34
C PRO F 239 -38.87 27.74 10.85
N VAL F 240 -39.75 26.86 10.37
CA VAL F 240 -39.78 26.47 8.98
C VAL F 240 -41.23 26.46 8.51
N VAL F 241 -41.48 27.06 7.35
CA VAL F 241 -42.81 27.16 6.75
C VAL F 241 -42.90 26.24 5.53
N CYS F 242 -44.01 25.49 5.41
CA CYS F 242 -44.24 24.73 4.18
C CYS F 242 -45.23 25.54 3.37
N ALA F 243 -44.94 25.76 2.07
CA ALA F 243 -45.80 26.61 1.27
C ALA F 243 -46.11 26.07 -0.12
N THR F 244 -47.23 26.54 -0.72
CA THR F 244 -47.70 26.44 -2.11
C THR F 244 -48.47 25.18 -2.49
N GLN F 245 -49.71 25.39 -2.97
CA GLN F 245 -50.64 24.40 -3.49
C GLN F 245 -51.04 23.34 -2.50
N MET F 246 -50.97 23.65 -1.18
CA MET F 246 -51.34 22.69 -0.16
C MET F 246 -52.81 22.27 -0.25
N LEU F 247 -53.71 23.21 -0.54
CA LEU F 247 -55.14 22.90 -0.70
C LEU F 247 -55.67 23.59 -1.99
N GLU F 248 -54.85 23.62 -3.04
CA GLU F 248 -55.11 24.29 -4.31
C GLU F 248 -56.54 24.14 -4.85
N SER F 249 -57.10 22.92 -4.89
CA SER F 249 -58.45 22.71 -5.42
C SER F 249 -59.54 23.47 -4.65
N MET F 250 -59.27 23.84 -3.38
CA MET F 250 -60.23 24.62 -2.60
C MET F 250 -60.38 26.08 -3.10
N ILE F 251 -59.65 26.47 -4.17
CA ILE F 251 -59.85 27.78 -4.79
C ILE F 251 -61.29 27.79 -5.40
N THR F 252 -61.77 26.66 -5.96
CA THR F 252 -63.11 26.59 -6.54
C THR F 252 -64.01 25.55 -5.88
N LYS F 253 -63.43 24.56 -5.18
CA LYS F 253 -64.24 23.51 -4.57
C LYS F 253 -64.33 23.60 -3.05
N PRO F 254 -65.47 23.20 -2.45
CA PRO F 254 -65.63 23.33 -0.99
C PRO F 254 -64.80 22.33 -0.17
N ARG F 255 -64.41 21.18 -0.79
CA ARG F 255 -63.60 20.16 -0.14
C ARG F 255 -62.33 19.91 -0.97
N PRO F 256 -61.21 19.60 -0.32
CA PRO F 256 -59.96 19.37 -1.07
C PRO F 256 -59.83 17.93 -1.62
N THR F 257 -58.80 17.67 -2.43
CA THR F 257 -58.55 16.31 -2.93
C THR F 257 -57.87 15.48 -1.83
N ARG F 258 -57.78 14.15 -2.03
CA ARG F 258 -57.13 13.27 -1.08
C ARG F 258 -55.63 13.54 -0.98
N ALA F 259 -55.01 13.97 -2.09
CA ALA F 259 -53.58 14.29 -2.10
C ALA F 259 -53.31 15.56 -1.28
N GLU F 260 -54.22 16.55 -1.35
CA GLU F 260 -54.10 17.80 -0.62
C GLU F 260 -54.17 17.64 0.89
N THR F 261 -55.13 16.87 1.40
CA THR F 261 -55.20 16.66 2.87
C THR F 261 -53.96 15.91 3.36
N SER F 262 -53.51 14.92 2.55
CA SER F 262 -52.31 14.15 2.81
C SER F 262 -51.09 15.07 2.87
N ASP F 263 -50.97 16.01 1.94
CA ASP F 263 -49.85 16.96 1.87
C ASP F 263 -49.77 17.83 3.11
N VAL F 264 -50.92 18.33 3.60
CA VAL F 264 -50.97 19.15 4.80
C VAL F 264 -50.56 18.32 5.99
N ALA F 265 -51.11 17.11 6.11
CA ALA F 265 -50.79 16.23 7.25
C ALA F 265 -49.31 15.87 7.25
N ASN F 266 -48.73 15.55 6.07
CA ASN F 266 -47.35 15.16 5.96
C ASN F 266 -46.40 16.33 6.21
N ALA F 267 -46.79 17.57 5.90
CA ALA F 267 -45.94 18.73 6.20
C ALA F 267 -45.83 18.90 7.73
N VAL F 268 -46.93 18.71 8.44
CA VAL F 268 -46.95 18.76 9.91
C VAL F 268 -46.15 17.61 10.48
N LEU F 269 -46.35 16.38 9.96
CA LEU F 269 -45.57 15.23 10.44
C LEU F 269 -44.07 15.39 10.13
N ASP F 270 -43.72 16.06 9.02
CA ASP F 270 -42.31 16.32 8.67
C ASP F 270 -41.64 17.19 9.75
N GLY F 271 -42.41 18.10 10.36
CA GLY F 271 -41.93 18.99 11.42
C GLY F 271 -42.09 20.46 11.13
N ALA F 272 -42.96 20.83 10.16
CA ALA F 272 -43.13 22.25 9.81
C ALA F 272 -43.77 23.03 10.94
N ASP F 273 -43.23 24.21 11.22
CA ASP F 273 -43.79 25.08 12.27
C ASP F 273 -45.04 25.76 11.76
N CYS F 274 -45.07 26.15 10.46
CA CYS F 274 -46.19 26.84 9.82
C CYS F 274 -46.56 26.18 8.53
N ILE F 275 -47.82 26.29 8.16
CA ILE F 275 -48.33 25.85 6.86
C ILE F 275 -48.97 27.08 6.22
N MET F 276 -48.99 27.14 4.88
CA MET F 276 -49.44 28.34 4.20
C MET F 276 -50.52 28.11 3.18
N LEU F 277 -51.35 29.14 2.97
CA LEU F 277 -52.41 29.19 1.97
C LEU F 277 -52.09 30.40 1.09
N SER F 278 -52.15 30.24 -0.23
CA SER F 278 -51.85 31.33 -1.17
C SER F 278 -53.15 31.73 -1.90
N GLY F 279 -53.38 31.24 -3.13
CA GLY F 279 -54.60 31.50 -3.89
C GLY F 279 -55.86 31.06 -3.17
N GLU F 280 -55.75 29.99 -2.31
CA GLU F 280 -56.87 29.46 -1.55
C GLU F 280 -57.56 30.56 -0.71
N THR F 281 -56.77 31.48 -0.12
CA THR F 281 -57.36 32.57 0.65
C THR F 281 -57.30 33.93 -0.09
N ALA F 282 -56.27 34.14 -0.94
CA ALA F 282 -56.14 35.40 -1.66
C ALA F 282 -57.23 35.64 -2.69
N LYS F 283 -57.60 34.64 -3.48
CA LYS F 283 -58.57 34.81 -4.55
C LYS F 283 -59.68 33.76 -4.66
N GLY F 284 -59.62 32.69 -3.88
CA GLY F 284 -60.59 31.61 -4.02
C GLY F 284 -61.98 31.88 -3.46
N ASN F 285 -62.90 30.98 -3.75
CA ASN F 285 -64.28 31.08 -3.32
C ASN F 285 -64.52 30.59 -1.90
N PHE F 286 -63.55 29.90 -1.27
CA PHE F 286 -63.73 29.38 0.07
C PHE F 286 -62.54 29.71 0.99
N PRO F 287 -62.17 31.01 1.17
CA PRO F 287 -61.01 31.32 2.01
C PRO F 287 -61.13 30.86 3.46
N VAL F 288 -62.29 31.07 4.08
CA VAL F 288 -62.52 30.68 5.46
C VAL F 288 -62.50 29.15 5.59
N GLU F 289 -63.12 28.45 4.65
CA GLU F 289 -63.16 26.98 4.68
C GLU F 289 -61.76 26.37 4.46
N ALA F 290 -60.90 27.03 3.69
CA ALA F 290 -59.51 26.57 3.48
C ALA F 290 -58.74 26.68 4.80
N VAL F 291 -58.95 27.78 5.55
CA VAL F 291 -58.30 27.96 6.85
C VAL F 291 -58.82 26.89 7.82
N LYS F 292 -60.13 26.64 7.83
CA LYS F 292 -60.74 25.63 8.71
C LYS F 292 -60.22 24.22 8.38
N MET F 293 -60.01 23.92 7.10
CA MET F 293 -59.49 22.63 6.69
C MET F 293 -58.04 22.43 7.14
N GLN F 294 -57.18 23.44 6.97
CA GLN F 294 -55.80 23.34 7.47
C GLN F 294 -55.77 23.19 8.98
N HIS F 295 -56.68 23.89 9.69
CA HIS F 295 -56.78 23.79 11.14
C HIS F 295 -57.14 22.34 11.53
N ALA F 296 -58.17 21.77 10.89
CA ALA F 296 -58.63 20.42 11.19
C ALA F 296 -57.56 19.37 10.93
N ILE F 297 -56.85 19.46 9.78
CA ILE F 297 -55.81 18.51 9.44
C ILE F 297 -54.61 18.63 10.37
N ALA F 298 -54.13 19.86 10.64
CA ALA F 298 -52.98 20.07 11.53
C ALA F 298 -53.24 19.50 12.91
N ARG F 299 -54.47 19.62 13.45
CA ARG F 299 -54.77 19.05 14.78
C ARG F 299 -54.68 17.52 14.76
N GLU F 300 -55.18 16.89 13.69
CA GLU F 300 -55.10 15.44 13.58
C GLU F 300 -53.66 14.99 13.46
N ALA F 301 -52.87 15.70 12.65
CA ALA F 301 -51.48 15.35 12.38
C ALA F 301 -50.54 15.58 13.57
N GLU F 302 -50.79 16.63 14.36
CA GLU F 302 -49.96 16.90 15.53
C GLU F 302 -50.10 15.79 16.56
N ALA F 303 -51.33 15.25 16.72
CA ALA F 303 -51.54 14.16 17.67
C ALA F 303 -50.85 12.87 17.18
N ALA F 304 -50.69 12.70 15.84
CA ALA F 304 -50.05 11.51 15.23
C ALA F 304 -48.52 11.58 15.22
N VAL F 305 -47.92 12.65 15.74
CA VAL F 305 -46.45 12.77 15.80
C VAL F 305 -45.92 11.71 16.79
N TYR F 306 -44.85 11.00 16.44
CA TYR F 306 -44.29 9.98 17.30
C TYR F 306 -43.31 10.63 18.29
N HIS F 307 -43.85 11.29 19.32
CA HIS F 307 -43.03 12.03 20.30
C HIS F 307 -41.96 11.21 20.97
N ARG F 308 -42.21 9.92 21.25
CA ARG F 308 -41.21 9.08 21.91
C ARG F 308 -39.86 9.07 21.19
N GLN F 309 -39.85 8.88 19.86
CA GLN F 309 -38.61 8.89 19.12
C GLN F 309 -38.15 10.32 18.85
N LEU F 310 -39.09 11.21 18.48
CA LEU F 310 -38.79 12.60 18.18
C LEU F 310 -38.06 13.30 19.35
N PHE F 311 -38.60 13.22 20.58
CA PHE F 311 -37.97 13.83 21.74
C PHE F 311 -36.60 13.24 22.02
N GLU F 312 -36.45 11.90 21.94
CA GLU F 312 -35.17 11.23 22.13
C GLU F 312 -34.13 11.73 21.13
N GLU F 313 -34.51 11.87 19.84
CA GLU F 313 -33.58 12.33 18.83
C GLU F 313 -33.25 13.80 18.96
N LEU F 314 -34.23 14.65 19.32
CA LEU F 314 -33.99 16.08 19.50
C LEU F 314 -33.04 16.30 20.68
N ARG F 315 -33.26 15.55 21.76
CA ARG F 315 -32.44 15.56 22.96
C ARG F 315 -31.00 15.18 22.63
N ARG F 316 -30.80 14.06 21.90
CA ARG F 316 -29.49 13.56 21.56
C ARG F 316 -28.76 14.47 20.57
N ALA F 317 -29.49 15.08 19.64
CA ALA F 317 -28.86 15.93 18.63
C ALA F 317 -28.55 17.34 19.14
N ALA F 318 -29.33 17.83 20.12
CA ALA F 318 -29.09 19.16 20.66
C ALA F 318 -27.79 19.14 21.46
N PRO F 319 -26.88 20.06 21.14
CA PRO F 319 -25.59 20.07 21.84
C PRO F 319 -25.73 20.36 23.32
N LEU F 320 -24.72 19.96 24.13
CA LEU F 320 -24.70 20.28 25.54
C LEU F 320 -24.64 21.79 25.69
N SER F 321 -25.29 22.33 26.72
CA SER F 321 -25.37 23.78 26.84
C SER F 321 -25.17 24.26 28.22
N ARG F 322 -24.51 25.39 28.35
CA ARG F 322 -24.37 26.04 29.66
C ARG F 322 -25.28 27.28 29.77
N ASP F 323 -26.19 27.48 28.80
CA ASP F 323 -27.15 28.58 28.80
C ASP F 323 -28.32 28.15 29.68
N PRO F 324 -28.59 28.87 30.76
CA PRO F 324 -29.68 28.45 31.66
C PRO F 324 -31.07 28.39 31.03
N THR F 325 -31.34 29.22 30.01
CA THR F 325 -32.64 29.18 29.33
C THR F 325 -32.78 27.84 28.60
N GLU F 326 -31.71 27.42 27.92
CA GLU F 326 -31.67 26.18 27.17
C GLU F 326 -31.79 24.97 28.12
N VAL F 327 -31.08 25.02 29.26
CA VAL F 327 -31.11 23.98 30.28
C VAL F 327 -32.50 23.86 30.92
N THR F 328 -33.11 25.01 31.25
CA THR F 328 -34.45 25.02 31.84
C THR F 328 -35.47 24.49 30.84
N ALA F 329 -35.34 24.87 29.56
CA ALA F 329 -36.27 24.43 28.54
C ALA F 329 -36.36 22.90 28.40
N ILE F 330 -35.23 22.21 28.36
CA ILE F 330 -35.23 20.76 28.22
C ILE F 330 -35.75 20.07 29.51
N GLY F 331 -35.42 20.65 30.67
CA GLY F 331 -35.94 20.16 31.94
C GLY F 331 -37.45 20.31 32.02
N ALA F 332 -37.98 21.46 31.55
CA ALA F 332 -39.43 21.72 31.55
C ALA F 332 -40.19 20.81 30.58
N VAL F 333 -39.65 20.56 29.39
CA VAL F 333 -40.28 19.69 28.41
C VAL F 333 -40.27 18.24 28.93
N GLU F 334 -39.18 17.82 29.56
CA GLU F 334 -39.08 16.49 30.14
CA GLU F 334 -39.07 16.49 30.14
C GLU F 334 -40.12 16.33 31.26
N ALA F 335 -40.23 17.35 32.14
CA ALA F 335 -41.21 17.34 33.23
C ALA F 335 -42.65 17.29 32.68
N ALA F 336 -42.92 18.05 31.60
CA ALA F 336 -44.24 18.06 30.98
C ALA F 336 -44.64 16.66 30.46
N PHE F 337 -43.71 15.93 29.82
CA PHE F 337 -44.00 14.59 29.32
C PHE F 337 -44.24 13.61 30.47
N LYS F 338 -43.47 13.74 31.56
CA LYS F 338 -43.58 12.87 32.74
C LYS F 338 -44.97 12.87 33.37
N CYS F 339 -45.63 14.02 33.40
CA CYS F 339 -46.94 14.13 34.03
C CYS F 339 -48.09 14.36 33.07
N CYS F 340 -47.85 14.28 31.74
CA CYS F 340 -48.88 14.58 30.73
C CYS F 340 -49.40 16.00 30.94
N ALA F 341 -48.50 16.95 31.25
CA ALA F 341 -48.92 18.35 31.51
C ALA F 341 -49.75 18.93 30.36
N ALA F 342 -50.77 19.69 30.69
CA ALA F 342 -51.64 20.32 29.71
C ALA F 342 -50.96 21.53 29.04
N ALA F 343 -50.06 22.20 29.78
CA ALA F 343 -49.41 23.40 29.28
C ALA F 343 -48.10 23.69 30.03
N ILE F 344 -47.23 24.45 29.37
CA ILE F 344 -46.01 24.98 29.91
C ILE F 344 -46.24 26.49 29.81
N ILE F 345 -46.32 27.20 30.94
CA ILE F 345 -46.54 28.64 30.94
C ILE F 345 -45.19 29.29 31.06
N VAL F 346 -44.81 30.12 30.11
CA VAL F 346 -43.50 30.76 30.14
C VAL F 346 -43.62 32.28 30.03
N LEU F 347 -42.82 32.99 30.82
CA LEU F 347 -42.77 34.44 30.76
C LEU F 347 -41.64 34.77 29.79
N THR F 348 -41.90 35.63 28.78
CA THR F 348 -40.89 35.94 27.79
C THR F 348 -40.98 37.37 27.31
N THR F 349 -39.83 38.01 27.07
CA THR F 349 -39.79 39.38 26.59
C THR F 349 -39.70 39.40 25.06
N THR F 350 -38.77 38.60 24.52
CA THR F 350 -38.53 38.56 23.08
C THR F 350 -39.16 37.35 22.37
N GLY F 351 -39.64 36.38 23.14
CA GLY F 351 -40.16 35.13 22.60
C GLY F 351 -39.14 34.00 22.69
N ARG F 352 -37.84 34.30 22.97
CA ARG F 352 -36.77 33.31 22.98
C ARG F 352 -36.99 32.13 23.95
N SER F 353 -37.42 32.37 25.21
CA SER F 353 -37.66 31.26 26.14
C SER F 353 -38.75 30.32 25.60
N ALA F 354 -39.76 30.86 24.92
CA ALA F 354 -40.84 30.05 24.35
C ALA F 354 -40.31 29.26 23.13
N GLN F 355 -39.44 29.88 22.30
CA GLN F 355 -38.82 29.24 21.15
C GLN F 355 -37.95 28.05 21.59
N LEU F 356 -37.19 28.19 22.68
CA LEU F 356 -36.36 27.11 23.19
C LEU F 356 -37.19 25.94 23.76
N LEU F 357 -38.41 26.22 24.24
CA LEU F 357 -39.30 25.16 24.71
C LEU F 357 -39.87 24.42 23.46
N SER F 358 -40.31 25.20 22.46
CA SER F 358 -40.87 24.76 21.20
C SER F 358 -39.95 23.84 20.39
N ARG F 359 -38.63 24.08 20.44
CA ARG F 359 -37.67 23.28 19.69
C ARG F 359 -37.65 21.80 20.14
N TYR F 360 -38.06 21.50 21.39
CA TYR F 360 -38.11 20.13 21.87
C TYR F 360 -39.44 19.44 21.56
N ARG F 361 -40.34 20.12 20.85
CA ARG F 361 -41.64 19.62 20.43
C ARG F 361 -42.46 18.97 21.56
N PRO F 362 -42.75 19.70 22.64
CA PRO F 362 -43.60 19.12 23.68
C PRO F 362 -45.02 18.92 23.15
N ARG F 363 -45.72 17.97 23.73
CA ARG F 363 -47.13 17.76 23.44
C ARG F 363 -47.94 18.88 24.19
N ALA F 364 -47.44 19.35 25.37
CA ALA F 364 -48.07 20.41 26.15
C ALA F 364 -48.01 21.75 25.41
N ALA F 365 -49.11 22.50 25.38
CA ALA F 365 -49.16 23.83 24.77
C ALA F 365 -48.18 24.77 25.50
N VAL F 366 -47.43 25.58 24.78
CA VAL F 366 -46.52 26.53 25.40
C VAL F 366 -47.25 27.87 25.42
N ILE F 367 -47.77 28.27 26.60
CA ILE F 367 -48.49 29.53 26.74
C ILE F 367 -47.48 30.60 27.08
N ALA F 368 -47.22 31.50 26.12
CA ALA F 368 -46.19 32.53 26.31
C ALA F 368 -46.81 33.86 26.72
N VAL F 369 -46.52 34.29 27.97
CA VAL F 369 -47.03 35.55 28.50
C VAL F 369 -46.01 36.64 28.26
N THR F 370 -46.37 37.64 27.48
CA THR F 370 -45.43 38.70 27.13
C THR F 370 -46.11 40.06 27.13
N ARG F 371 -45.32 41.11 27.41
CA ARG F 371 -45.80 42.50 27.31
C ARG F 371 -45.54 43.06 25.90
N SER F 372 -44.64 42.44 25.12
CA SER F 372 -44.31 42.90 23.79
C SER F 372 -45.35 42.46 22.78
N ALA F 373 -46.07 43.41 22.17
CA ALA F 373 -47.08 43.12 21.15
C ALA F 373 -46.43 42.49 19.91
N GLN F 374 -45.22 42.96 19.55
CA GLN F 374 -44.49 42.40 18.41
C GLN F 374 -44.06 40.96 18.68
N ALA F 375 -43.49 40.66 19.86
CA ALA F 375 -43.08 39.29 20.19
C ALA F 375 -44.30 38.38 20.22
N ALA F 376 -45.45 38.87 20.71
CA ALA F 376 -46.68 38.09 20.75
C ALA F 376 -47.09 37.69 19.31
N ARG F 377 -46.93 38.59 18.34
CA ARG F 377 -47.25 38.29 16.94
C ARG F 377 -46.20 37.34 16.32
N GLN F 378 -44.92 37.59 16.58
CA GLN F 378 -43.84 36.81 15.99
C GLN F 378 -43.72 35.38 16.51
N VAL F 379 -44.13 35.08 17.77
CA VAL F 379 -44.00 33.71 18.28
C VAL F 379 -44.92 32.72 17.58
N HIS F 380 -45.87 33.20 16.73
CA HIS F 380 -46.68 32.34 15.90
C HIS F 380 -45.78 31.53 14.91
N LEU F 381 -44.53 32.00 14.68
CA LEU F 381 -43.63 31.27 13.81
C LEU F 381 -43.19 29.94 14.46
N CYS F 382 -43.25 29.81 15.80
CA CYS F 382 -42.80 28.62 16.52
C CYS F 382 -43.94 27.70 16.87
N ARG F 383 -43.84 26.43 16.42
CA ARG F 383 -44.90 25.47 16.69
C ARG F 383 -45.25 25.33 18.17
N GLY F 384 -46.54 25.36 18.47
CA GLY F 384 -47.02 25.11 19.82
C GLY F 384 -46.92 26.26 20.79
N VAL F 385 -46.61 27.47 20.30
CA VAL F 385 -46.53 28.64 21.16
C VAL F 385 -47.81 29.47 21.00
N PHE F 386 -48.54 29.65 22.11
CA PHE F 386 -49.80 30.39 22.18
C PHE F 386 -49.55 31.70 22.93
N PRO F 387 -49.46 32.81 22.16
CA PRO F 387 -49.12 34.10 22.80
C PRO F 387 -50.26 34.76 23.57
N LEU F 388 -49.98 35.25 24.77
CA LEU F 388 -50.94 36.01 25.57
C LEU F 388 -50.31 37.37 25.82
N LEU F 389 -50.94 38.42 25.30
CA LEU F 389 -50.43 39.76 25.46
C LEU F 389 -50.90 40.36 26.79
N TYR F 390 -49.98 40.60 27.73
CA TYR F 390 -50.24 41.16 29.05
C TYR F 390 -50.22 42.68 28.95
N ARG F 391 -51.35 43.34 29.24
CA ARG F 391 -51.44 44.79 29.10
C ARG F 391 -51.28 45.57 30.43
N GLU F 392 -51.31 44.89 31.58
CA GLU F 392 -51.22 45.54 32.90
C GLU F 392 -49.87 46.20 33.20
N PRO F 393 -49.89 47.36 33.89
CA PRO F 393 -48.62 48.02 34.25
C PRO F 393 -47.89 47.29 35.37
N PRO F 394 -46.55 47.39 35.40
CA PRO F 394 -45.79 46.65 36.41
C PRO F 394 -46.13 46.93 37.87
N GLU F 395 -46.17 45.86 38.68
CA GLU F 395 -46.36 45.93 40.12
C GLU F 395 -45.10 46.57 40.74
N ALA F 396 -45.21 47.11 41.95
CA ALA F 396 -44.06 47.73 42.62
C ALA F 396 -42.99 46.67 42.93
N ILE F 397 -43.44 45.50 43.41
CA ILE F 397 -42.53 44.41 43.72
C ILE F 397 -42.44 43.47 42.51
N TRP F 398 -41.25 43.33 41.91
CA TRP F 398 -41.03 42.49 40.74
C TRP F 398 -41.54 41.07 40.91
N ALA F 399 -41.27 40.42 42.07
CA ALA F 399 -41.75 39.06 42.32
C ALA F 399 -43.28 38.97 42.24
N ASP F 400 -44.00 40.02 42.68
CA ASP F 400 -45.46 40.03 42.59
C ASP F 400 -45.92 40.20 41.14
N ASP F 401 -45.16 40.96 40.35
CA ASP F 401 -45.48 41.19 38.95
C ASP F 401 -45.36 39.88 38.17
N VAL F 402 -44.29 39.09 38.47
CA VAL F 402 -44.05 37.78 37.88
C VAL F 402 -45.20 36.86 38.22
N ASP F 403 -45.60 36.79 39.51
CA ASP F 403 -46.71 35.96 39.96
C ASP F 403 -48.01 36.34 39.31
N ARG F 404 -48.26 37.64 39.12
CA ARG F 404 -49.48 38.10 38.46
C ARG F 404 -49.53 37.63 37.01
N ARG F 405 -48.38 37.68 36.31
CA ARG F 405 -48.30 37.25 34.92
C ARG F 405 -48.53 35.75 34.78
N VAL F 406 -48.01 34.95 35.74
CA VAL F 406 -48.20 33.50 35.75
C VAL F 406 -49.68 33.19 35.97
N GLN F 407 -50.31 33.91 36.94
CA GLN F 407 -51.72 33.74 37.25
C GLN F 407 -52.60 34.15 36.08
N PHE F 408 -52.20 35.18 35.32
CA PHE F 408 -52.91 35.63 34.12
C PHE F 408 -52.88 34.49 33.09
N GLY F 409 -51.74 33.80 32.95
CA GLY F 409 -51.58 32.67 32.04
C GLY F 409 -52.47 31.52 32.43
N ILE F 410 -52.56 31.22 33.76
CA ILE F 410 -53.42 30.15 34.28
C ILE F 410 -54.88 30.46 34.09
N GLU F 411 -55.30 31.69 34.44
CA GLU F 411 -56.69 32.11 34.28
C GLU F 411 -57.09 32.18 32.83
N SER F 412 -56.21 32.67 31.95
CA SER F 412 -56.52 32.68 30.51
C SER F 412 -56.58 31.26 29.96
N GLY F 413 -55.67 30.40 30.41
CA GLY F 413 -55.63 29.00 30.01
C GLY F 413 -56.90 28.26 30.39
N LYS F 414 -57.44 28.56 31.57
CA LYS F 414 -58.69 27.96 32.03
C LYS F 414 -59.84 28.48 31.18
N LEU F 415 -59.86 29.79 30.93
CA LEU F 415 -60.87 30.46 30.12
C LEU F 415 -60.91 29.92 28.71
N ARG F 416 -59.74 29.70 28.08
CA ARG F 416 -59.70 29.20 26.70
C ARG F 416 -59.84 27.68 26.55
N GLY F 417 -59.90 26.94 27.66
CA GLY F 417 -60.03 25.49 27.59
C GLY F 417 -58.71 24.72 27.54
N PHE F 418 -57.57 25.42 27.63
CA PHE F 418 -56.26 24.78 27.67
C PHE F 418 -56.04 24.01 28.97
N LEU F 419 -56.57 24.56 30.08
CA LEU F 419 -56.34 24.00 31.40
C LEU F 419 -57.65 23.77 32.11
N ARG F 420 -57.69 22.69 32.84
CA ARG F 420 -58.82 22.25 33.62
C ARG F 420 -58.29 22.13 35.09
N VAL F 421 -59.18 22.30 36.11
CA VAL F 421 -58.75 22.12 37.50
C VAL F 421 -58.30 20.66 37.69
N GLY F 422 -57.18 20.47 38.35
CA GLY F 422 -56.61 19.13 38.52
C GLY F 422 -55.45 18.86 37.57
N ASP F 423 -55.31 19.68 36.51
CA ASP F 423 -54.20 19.53 35.58
C ASP F 423 -52.90 19.93 36.22
N LEU F 424 -51.79 19.39 35.68
CA LEU F 424 -50.48 19.81 36.11
C LEU F 424 -49.94 20.73 35.05
N VAL F 425 -49.31 21.80 35.47
CA VAL F 425 -48.73 22.78 34.57
C VAL F 425 -47.25 22.97 34.94
N ILE F 426 -46.42 23.28 33.95
CA ILE F 426 -45.01 23.54 34.18
C ILE F 426 -44.86 25.03 33.97
N VAL F 427 -44.26 25.75 34.93
CA VAL F 427 -44.11 27.21 34.84
C VAL F 427 -42.65 27.58 34.72
N VAL F 428 -42.31 28.33 33.67
CA VAL F 428 -40.94 28.71 33.38
C VAL F 428 -40.76 30.23 33.53
N THR F 429 -39.88 30.62 34.46
CA THR F 429 -39.59 32.02 34.80
C THR F 429 -38.06 32.23 34.98
N GLY F 430 -37.63 33.47 35.24
CA GLY F 430 -36.23 33.80 35.47
C GLY F 430 -35.98 34.41 36.84
N TRP F 431 -34.71 34.59 37.19
CA TRP F 431 -34.33 35.08 38.51
C TRP F 431 -34.26 36.61 38.64
N ARG F 432 -34.25 37.34 37.53
CA ARG F 432 -34.20 38.80 37.52
C ARG F 432 -34.91 39.38 36.28
N PRO F 433 -35.33 40.68 36.29
CA PRO F 433 -35.99 41.25 35.10
C PRO F 433 -35.07 41.32 33.87
N GLY F 434 -35.66 41.49 32.70
CA GLY F 434 -34.91 41.58 31.45
C GLY F 434 -34.77 40.23 30.76
N SER F 435 -34.58 40.27 29.44
CA SER F 435 -34.40 39.07 28.63
C SER F 435 -33.10 38.35 28.96
N GLY F 436 -33.10 37.04 28.82
CA GLY F 436 -31.90 36.24 28.97
C GLY F 436 -31.64 35.58 30.31
N TYR F 437 -32.57 35.72 31.27
CA TYR F 437 -32.31 35.16 32.62
C TYR F 437 -33.26 34.05 33.05
N THR F 438 -33.97 33.40 32.11
CA THR F 438 -34.85 32.26 32.43
C THR F 438 -34.00 31.16 33.05
N ASN F 439 -34.37 30.66 34.23
CA ASN F 439 -33.59 29.61 34.90
C ASN F 439 -34.42 28.78 35.88
N ILE F 440 -35.75 28.98 35.92
CA ILE F 440 -36.58 28.30 36.90
C ILE F 440 -37.73 27.54 36.26
N MET F 441 -37.95 26.33 36.75
CA MET F 441 -39.07 25.51 36.31
CA MET F 441 -39.03 25.45 36.32
C MET F 441 -39.82 25.05 37.57
N ARG F 442 -41.13 25.23 37.57
CA ARG F 442 -41.97 24.86 38.71
C ARG F 442 -43.12 23.93 38.26
N VAL F 443 -43.45 22.94 39.09
CA VAL F 443 -44.58 22.05 38.79
C VAL F 443 -45.75 22.53 39.65
N LEU F 444 -46.84 22.96 39.01
CA LEU F 444 -48.00 23.49 39.71
CA LEU F 444 -48.00 23.50 39.71
C LEU F 444 -49.28 22.72 39.41
N SER F 445 -50.08 22.45 40.44
CA SER F 445 -51.37 21.76 40.26
C SER F 445 -52.42 22.86 40.11
N ILE F 446 -53.24 22.80 39.05
CA ILE F 446 -54.23 23.82 38.80
CA ILE F 446 -54.23 23.81 38.78
C ILE F 446 -55.44 23.70 39.73
N SER F 447 -55.77 24.80 40.43
CA SER F 447 -56.90 24.81 41.35
C SER F 447 -58.01 25.73 40.87
N ALA G 25 -42.64 -24.62 27.44
CA ALA G 25 -41.43 -25.05 28.16
C ALA G 25 -40.14 -24.61 27.45
N PHE G 26 -40.12 -24.71 26.11
CA PHE G 26 -38.97 -24.29 25.29
C PHE G 26 -38.66 -22.81 25.53
N PHE G 27 -39.69 -21.96 25.56
CA PHE G 27 -39.52 -20.53 25.72
C PHE G 27 -39.27 -20.07 27.15
N GLN G 28 -39.26 -20.99 28.14
CA GLN G 28 -38.92 -20.61 29.50
C GLN G 28 -37.42 -20.92 29.81
N GLN G 29 -36.82 -21.88 29.08
CA GLN G 29 -35.42 -22.28 29.20
C GLN G 29 -34.46 -21.27 28.56
N GLN G 30 -33.12 -21.47 28.78
CA GLN G 30 -31.97 -20.70 28.27
C GLN G 30 -32.18 -19.17 28.28
N GLN G 31 -32.84 -18.66 29.34
CA GLN G 31 -33.13 -17.24 29.54
C GLN G 31 -33.82 -16.60 28.34
N LEU G 32 -34.67 -17.38 27.63
CA LEU G 32 -35.37 -16.84 26.46
C LEU G 32 -36.29 -15.66 26.81
N PRO G 33 -37.03 -15.60 27.94
CA PRO G 33 -37.79 -14.37 28.25
C PRO G 33 -36.87 -13.14 28.36
N ALA G 34 -35.69 -13.29 29.02
CA ALA G 34 -34.72 -12.18 29.14
C ALA G 34 -34.09 -11.80 27.80
N ALA G 35 -33.95 -12.79 26.90
CA ALA G 35 -33.39 -12.58 25.58
C ALA G 35 -34.32 -11.75 24.68
N MET G 36 -35.64 -11.92 24.83
CA MET G 36 -36.62 -11.18 24.04
C MET G 36 -36.92 -9.76 24.57
N ALA G 37 -36.30 -9.35 25.69
CA ALA G 37 -36.59 -8.05 26.29
C ALA G 37 -36.27 -6.87 25.38
N ASP G 38 -37.05 -5.78 25.50
CA ASP G 38 -36.87 -4.59 24.67
C ASP G 38 -35.76 -3.66 25.13
N THR G 39 -35.37 -3.75 26.40
CA THR G 39 -34.28 -2.93 26.93
C THR G 39 -33.33 -3.81 27.76
N PHE G 40 -32.11 -3.34 27.98
CA PHE G 40 -31.14 -4.05 28.80
C PHE G 40 -31.65 -4.14 30.26
N LEU G 41 -32.28 -3.07 30.77
CA LEU G 41 -32.85 -3.07 32.11
C LEU G 41 -33.90 -4.18 32.27
N GLU G 42 -34.83 -4.29 31.29
CA GLU G 42 -35.86 -5.34 31.30
CA GLU G 42 -35.85 -5.33 31.31
C GLU G 42 -35.21 -6.71 31.18
N HIS G 43 -34.13 -6.83 30.38
CA HIS G 43 -33.39 -8.07 30.22
C HIS G 43 -32.86 -8.55 31.57
N LEU G 44 -32.26 -7.64 32.36
CA LEU G 44 -31.75 -7.99 33.71
C LEU G 44 -32.90 -8.44 34.61
N CYS G 45 -34.02 -7.68 34.61
CA CYS G 45 -35.20 -7.98 35.43
C CYS G 45 -35.80 -9.34 35.13
N LEU G 46 -35.65 -9.82 33.90
CA LEU G 46 -36.21 -11.11 33.48
C LEU G 46 -35.27 -12.31 33.66
N LEU G 47 -34.04 -12.09 34.15
CA LEU G 47 -33.11 -13.21 34.37
C LEU G 47 -33.68 -14.12 35.45
N ASP G 48 -33.65 -15.43 35.20
CA ASP G 48 -34.31 -16.40 36.06
C ASP G 48 -33.39 -17.55 36.47
N ILE G 49 -33.16 -17.75 37.77
CA ILE G 49 -32.35 -18.87 38.24
C ILE G 49 -32.95 -20.25 37.93
N ASP G 50 -34.27 -20.31 37.66
CA ASP G 50 -34.93 -21.56 37.29
C ASP G 50 -34.91 -21.81 35.77
N SER G 51 -34.42 -20.87 34.97
CA SER G 51 -34.34 -21.03 33.53
C SER G 51 -33.05 -21.78 33.24
N GLU G 52 -33.16 -23.07 32.91
CA GLU G 52 -32.00 -23.90 32.71
C GLU G 52 -31.29 -23.71 31.38
N PRO G 53 -29.95 -23.69 31.40
CA PRO G 53 -29.21 -23.61 30.14
C PRO G 53 -29.39 -24.92 29.37
N VAL G 54 -29.61 -24.81 28.07
CA VAL G 54 -29.78 -26.01 27.25
C VAL G 54 -28.65 -26.13 26.24
N ALA G 55 -28.22 -25.00 25.67
CA ALA G 55 -27.12 -24.96 24.71
C ALA G 55 -25.81 -25.48 25.31
N ALA G 56 -24.95 -26.03 24.46
CA ALA G 56 -23.65 -26.48 24.91
C ALA G 56 -22.80 -25.26 25.28
N ARG G 57 -21.87 -25.45 26.21
CA ARG G 57 -21.00 -24.38 26.69
C ARG G 57 -20.09 -23.91 25.56
N SER G 58 -20.19 -22.64 25.21
CA SER G 58 -19.50 -22.07 24.07
C SER G 58 -18.14 -21.36 24.37
N THR G 59 -17.90 -20.90 25.60
CA THR G 59 -16.64 -20.25 25.96
C THR G 59 -15.60 -21.33 26.25
N SER G 60 -14.48 -21.39 25.50
CA SER G 60 -13.47 -22.42 25.75
C SER G 60 -12.75 -22.26 27.05
N ILE G 61 -12.32 -23.39 27.61
CA ILE G 61 -11.58 -23.39 28.85
C ILE G 61 -10.14 -23.74 28.54
N ILE G 62 -9.22 -22.87 28.97
CA ILE G 62 -7.80 -23.14 28.85
C ILE G 62 -7.32 -23.60 30.23
N ALA G 63 -6.69 -24.78 30.31
CA ALA G 63 -6.18 -25.27 31.59
C ALA G 63 -4.67 -25.37 31.51
N THR G 64 -3.98 -24.79 32.50
CA THR G 64 -2.52 -24.84 32.52
C THR G 64 -2.06 -26.20 33.02
N ILE G 65 -1.15 -26.85 32.30
CA ILE G 65 -0.62 -28.15 32.65
C ILE G 65 0.54 -28.00 33.61
N GLY G 66 0.53 -28.83 34.64
CA GLY G 66 1.60 -28.84 35.63
C GLY G 66 1.58 -30.12 36.44
N PRO G 67 2.31 -30.16 37.58
CA PRO G 67 2.31 -31.38 38.41
C PRO G 67 0.94 -31.91 38.81
N ALA G 68 -0.04 -31.02 39.03
CA ALA G 68 -1.40 -31.46 39.40
C ALA G 68 -2.24 -31.99 38.23
N SER G 69 -1.79 -31.79 36.99
CA SER G 69 -2.59 -32.15 35.83
C SER G 69 -1.76 -32.71 34.69
N ARG G 70 -0.74 -33.48 35.00
CA ARG G 70 0.17 -34.01 33.99
C ARG G 70 -0.02 -35.48 33.60
N SER G 71 -0.56 -36.32 34.49
CA SER G 71 -0.73 -37.74 34.16
C SER G 71 -1.81 -37.95 33.11
N VAL G 72 -1.71 -39.04 32.39
CA VAL G 72 -2.65 -39.38 31.35
C VAL G 72 -4.06 -39.59 31.91
N GLU G 73 -4.16 -40.26 33.07
CA GLU G 73 -5.47 -40.49 33.69
C GLU G 73 -6.12 -39.20 34.18
N ARG G 74 -5.31 -38.26 34.70
CA ARG G 74 -5.83 -36.98 35.18
C ARG G 74 -6.29 -36.12 33.98
N LEU G 75 -5.49 -36.13 32.89
CA LEU G 75 -5.81 -35.41 31.68
C LEU G 75 -7.11 -35.91 31.03
N LYS G 76 -7.39 -37.23 31.09
CA LYS G 76 -8.65 -37.79 30.58
C LYS G 76 -9.83 -37.22 31.35
N GLU G 77 -9.70 -37.06 32.67
CA GLU G 77 -10.75 -36.50 33.49
C GLU G 77 -10.95 -35.01 33.18
N MET G 78 -9.86 -34.28 32.90
CA MET G 78 -9.96 -32.86 32.57
CA MET G 78 -9.96 -32.86 32.57
C MET G 78 -10.59 -32.65 31.19
N ILE G 79 -10.36 -33.57 30.24
CA ILE G 79 -10.97 -33.48 28.93
C ILE G 79 -12.49 -33.71 29.09
N LYS G 80 -12.87 -34.70 29.92
CA LYS G 80 -14.28 -34.98 30.20
C LYS G 80 -14.96 -33.85 30.95
N ALA G 81 -14.22 -33.13 31.81
CA ALA G 81 -14.74 -31.98 32.55
C ALA G 81 -14.94 -30.74 31.65
N GLY G 82 -14.26 -30.68 30.50
CA GLY G 82 -14.44 -29.58 29.58
C GLY G 82 -13.20 -28.82 29.11
N MET G 83 -11.99 -29.29 29.44
CA MET G 83 -10.77 -28.60 28.99
C MET G 83 -10.69 -28.67 27.46
N ASN G 84 -10.55 -27.49 26.81
CA ASN G 84 -10.44 -27.43 25.36
C ASN G 84 -9.02 -27.13 24.89
N ILE G 85 -8.26 -26.38 25.69
CA ILE G 85 -6.91 -25.97 25.34
C ILE G 85 -5.99 -26.26 26.53
N ALA G 86 -4.88 -26.95 26.27
CA ALA G 86 -3.88 -27.26 27.30
C ALA G 86 -2.78 -26.22 27.17
N ARG G 87 -2.52 -25.47 28.23
CA ARG G 87 -1.49 -24.44 28.21
C ARG G 87 -0.20 -24.93 28.87
N LEU G 88 0.91 -24.81 28.16
CA LEU G 88 2.23 -25.15 28.67
C LEU G 88 2.91 -23.86 29.05
N ASN G 89 3.18 -23.65 30.34
CA ASN G 89 3.82 -22.42 30.81
C ASN G 89 5.33 -22.58 30.75
N PHE G 90 5.97 -21.99 29.72
CA PHE G 90 7.41 -22.09 29.55
C PHE G 90 8.21 -21.21 30.52
N SER G 91 7.54 -20.56 31.50
CA SER G 91 8.26 -19.87 32.56
C SER G 91 8.89 -20.91 33.52
N HIS G 92 8.40 -22.16 33.54
CA HIS G 92 8.92 -23.22 34.40
C HIS G 92 9.11 -24.51 33.59
N GLY G 93 10.04 -25.35 34.02
CA GLY G 93 10.25 -26.65 33.38
C GLY G 93 11.11 -26.63 32.15
N SER G 94 11.77 -27.76 31.89
CA SER G 94 12.66 -27.87 30.74
C SER G 94 11.90 -28.32 29.48
N HIS G 95 12.57 -28.32 28.33
CA HIS G 95 11.99 -28.80 27.07
C HIS G 95 11.60 -30.28 27.21
N GLU G 96 12.38 -31.07 27.94
CA GLU G 96 12.09 -32.48 28.17
C GLU G 96 10.78 -32.63 28.96
N TYR G 97 10.58 -31.79 29.98
CA TYR G 97 9.39 -31.78 30.81
C TYR G 97 8.15 -31.44 29.95
N HIS G 98 8.23 -30.39 29.12
CA HIS G 98 7.12 -29.98 28.27
C HIS G 98 6.81 -30.97 27.16
N ALA G 99 7.84 -31.65 26.60
CA ALA G 99 7.60 -32.69 25.58
C ALA G 99 6.81 -33.85 26.19
N GLU G 100 7.07 -34.17 27.48
CA GLU G 100 6.34 -35.24 28.17
CA GLU G 100 6.34 -35.23 28.15
C GLU G 100 4.89 -34.80 28.39
N SER G 101 4.68 -33.53 28.76
CA SER G 101 3.33 -32.98 28.96
C SER G 101 2.53 -33.07 27.65
N ILE G 102 3.15 -32.68 26.51
CA ILE G 102 2.53 -32.75 25.19
C ILE G 102 2.16 -34.20 24.86
N ALA G 103 3.11 -35.15 25.05
CA ALA G 103 2.85 -36.57 24.76
C ALA G 103 1.70 -37.11 25.61
N ASN G 104 1.62 -36.73 26.90
CA ASN G 104 0.56 -37.17 27.78
C ASN G 104 -0.79 -36.59 27.38
N VAL G 105 -0.82 -35.30 26.95
CA VAL G 105 -2.05 -34.67 26.48
C VAL G 105 -2.53 -35.41 25.23
N ARG G 106 -1.64 -35.63 24.26
CA ARG G 106 -1.99 -36.35 23.04
C ARG G 106 -2.47 -37.78 23.30
N GLU G 107 -1.84 -38.48 24.26
CA GLU G 107 -2.27 -39.84 24.60
C GLU G 107 -3.68 -39.81 25.20
N ALA G 108 -3.94 -38.88 26.13
CA ALA G 108 -5.27 -38.75 26.74
C ALA G 108 -6.33 -38.36 25.69
N VAL G 109 -6.00 -37.43 24.77
CA VAL G 109 -6.94 -37.00 23.72
C VAL G 109 -7.24 -38.16 22.77
N GLU G 110 -6.20 -38.88 22.33
CA GLU G 110 -6.39 -39.98 21.39
C GLU G 110 -7.05 -41.21 21.99
N SER G 111 -7.12 -41.31 23.32
CA SER G 111 -7.81 -42.43 23.96
C SER G 111 -9.33 -42.42 23.65
N PHE G 112 -9.88 -41.30 23.17
CA PHE G 112 -11.30 -41.17 22.82
C PHE G 112 -11.54 -41.21 21.28
N ALA G 113 -10.49 -41.39 20.46
CA ALA G 113 -10.61 -41.38 19.00
C ALA G 113 -11.36 -42.58 18.38
N GLY G 114 -11.54 -43.64 19.17
CA GLY G 114 -12.27 -44.83 18.75
C GLY G 114 -13.75 -44.57 18.48
N SER G 115 -14.29 -43.46 19.00
CA SER G 115 -15.66 -43.05 18.73
C SER G 115 -15.58 -41.68 18.04
N PRO G 116 -15.52 -41.65 16.70
CA PRO G 116 -15.38 -40.36 15.99
C PRO G 116 -16.54 -39.37 16.15
N LEU G 117 -17.77 -39.87 16.40
CA LEU G 117 -18.92 -38.97 16.58
C LEU G 117 -18.88 -38.18 17.91
N SER G 118 -18.03 -38.59 18.88
CA SER G 118 -17.96 -37.89 20.16
C SER G 118 -16.52 -37.38 20.49
N TYR G 119 -15.51 -37.71 19.66
CA TYR G 119 -14.13 -37.31 19.89
C TYR G 119 -13.98 -35.80 20.04
N ARG G 120 -13.31 -35.36 21.11
CA ARG G 120 -13.07 -33.94 21.34
C ARG G 120 -11.63 -33.54 21.10
N PRO G 121 -11.37 -32.72 20.06
CA PRO G 121 -10.00 -32.22 19.85
C PRO G 121 -9.57 -31.29 20.99
N VAL G 122 -8.27 -31.27 21.32
CA VAL G 122 -7.78 -30.39 22.40
C VAL G 122 -6.55 -29.67 21.87
N ALA G 123 -6.56 -28.33 21.88
CA ALA G 123 -5.44 -27.56 21.37
C ALA G 123 -4.28 -27.55 22.37
N ILE G 124 -3.06 -27.31 21.89
CA ILE G 124 -1.89 -27.18 22.75
C ILE G 124 -1.32 -25.80 22.53
N ALA G 125 -1.26 -25.01 23.60
CA ALA G 125 -0.77 -23.64 23.56
C ALA G 125 0.54 -23.50 24.33
N LEU G 126 1.50 -22.80 23.75
CA LEU G 126 2.78 -22.57 24.38
C LEU G 126 2.78 -21.15 24.91
N ASP G 127 2.93 -20.97 26.23
CA ASP G 127 2.96 -19.64 26.81
C ASP G 127 4.44 -19.29 27.10
N THR G 128 4.96 -18.27 26.42
CA THR G 128 6.37 -17.91 26.53
C THR G 128 6.77 -17.30 27.88
N LYS G 129 8.06 -17.47 28.22
CA LYS G 129 8.65 -16.92 29.45
C LYS G 129 8.64 -15.39 29.42
N GLY G 130 8.93 -14.81 28.28
CA GLY G 130 8.89 -13.36 28.13
C GLY G 130 10.23 -12.70 27.94
N PRO G 131 10.21 -11.37 27.77
CA PRO G 131 11.47 -10.64 27.52
C PRO G 131 12.32 -10.35 28.76
N GLY G 134 14.33 -6.94 29.36
CA GLY G 134 15.07 -6.98 28.11
C GLY G 134 14.32 -6.37 26.94
N PRO G 135 15.05 -6.11 25.84
CA PRO G 135 14.42 -5.50 24.66
C PRO G 135 13.96 -6.52 23.61
N GLY G 136 12.65 -6.70 23.53
CA GLY G 136 12.09 -7.64 22.57
C GLY G 136 12.39 -9.10 22.85
N LEU G 137 12.27 -9.92 21.82
CA LEU G 137 12.38 -11.35 21.89
C LEU G 137 13.69 -11.89 22.50
N SER G 138 13.56 -12.54 23.66
CA SER G 138 14.70 -13.13 24.34
C SER G 138 15.20 -14.39 23.64
N GLU G 139 16.44 -14.80 23.95
CA GLU G 139 17.05 -15.99 23.37
C GLU G 139 16.31 -17.25 23.78
N GLN G 140 15.84 -17.31 25.03
CA GLN G 140 15.08 -18.46 25.52
C GLN G 140 13.76 -18.57 24.77
N ASP G 141 13.10 -17.44 24.48
CA ASP G 141 11.85 -17.44 23.73
C ASP G 141 12.05 -17.95 22.33
N VAL G 142 13.17 -17.59 21.67
CA VAL G 142 13.47 -18.10 20.33
C VAL G 142 13.59 -19.63 20.37
N ARG G 143 14.26 -20.16 21.38
CA ARG G 143 14.45 -21.60 21.49
C ARG G 143 13.13 -22.31 21.83
N ASP G 144 12.32 -21.71 22.69
CA ASP G 144 11.04 -22.28 23.10
C ASP G 144 10.04 -22.25 21.94
N LEU G 145 10.04 -21.18 21.14
CA LEU G 145 9.18 -21.08 19.97
C LEU G 145 9.57 -22.12 18.94
N ARG G 146 10.89 -22.38 18.75
CA ARG G 146 11.39 -23.42 17.85
C ARG G 146 10.91 -24.80 18.36
N PHE G 147 10.95 -25.01 19.69
CA PHE G 147 10.48 -26.25 20.29
C PHE G 147 8.96 -26.44 19.96
N GLY G 148 8.18 -25.36 20.06
CA GLY G 148 6.76 -25.40 19.75
C GLY G 148 6.48 -25.81 18.33
N VAL G 149 7.21 -25.23 17.36
CA VAL G 149 7.07 -25.60 15.95
C VAL G 149 7.44 -27.06 15.74
N GLU G 150 8.56 -27.51 16.36
CA GLU G 150 8.99 -28.91 16.20
C GLU G 150 8.02 -29.90 16.82
N HIS G 151 7.35 -29.51 17.91
CA HIS G 151 6.39 -30.38 18.57
C HIS G 151 4.93 -30.18 18.11
N GLY G 152 4.72 -29.35 17.10
CA GLY G 152 3.40 -29.10 16.50
C GLY G 152 2.38 -28.42 17.39
N VAL G 153 2.78 -27.40 18.16
CA VAL G 153 1.81 -26.67 18.98
C VAL G 153 0.88 -25.88 18.06
N ASP G 154 -0.32 -25.61 18.56
CA ASP G 154 -1.32 -24.92 17.76
C ASP G 154 -1.33 -23.43 17.99
N ILE G 155 -1.02 -23.00 19.21
CA ILE G 155 -1.13 -21.61 19.61
C ILE G 155 0.08 -21.16 20.40
N VAL G 156 0.41 -19.87 20.32
CA VAL G 156 1.45 -19.27 21.13
C VAL G 156 0.80 -18.13 21.91
N PHE G 157 0.94 -18.13 23.23
CA PHE G 157 0.50 -17.01 24.05
C PHE G 157 1.80 -16.21 24.27
N ALA G 158 2.00 -15.11 23.52
CA ALA G 158 3.25 -14.34 23.58
C ALA G 158 3.26 -13.37 24.75
N SER G 159 4.15 -13.59 25.73
CA SER G 159 4.24 -12.74 26.90
C SER G 159 4.74 -11.34 26.64
N PHE G 160 4.25 -10.38 27.45
CA PHE G 160 4.62 -8.97 27.43
C PHE G 160 4.75 -8.35 26.03
N VAL G 161 3.69 -8.45 25.21
CA VAL G 161 3.68 -7.80 23.91
C VAL G 161 3.39 -6.29 24.18
N ARG G 162 4.28 -5.41 23.70
CA ARG G 162 4.15 -3.97 23.91
C ARG G 162 3.91 -3.17 22.64
N LYS G 163 4.15 -3.75 21.48
CA LYS G 163 4.03 -3.05 20.20
C LYS G 163 3.97 -4.06 19.07
N ALA G 164 3.59 -3.62 17.87
CA ALA G 164 3.47 -4.48 16.70
C ALA G 164 4.74 -5.21 16.34
N SER G 165 5.92 -4.58 16.56
CA SER G 165 7.19 -5.25 16.22
C SER G 165 7.48 -6.45 17.10
N ASP G 166 6.92 -6.50 18.32
CA ASP G 166 7.09 -7.66 19.20
C ASP G 166 6.40 -8.87 18.57
N VAL G 167 5.21 -8.65 17.95
CA VAL G 167 4.46 -9.73 17.28
C VAL G 167 5.20 -10.19 16.04
N ALA G 168 5.77 -9.24 15.27
CA ALA G 168 6.57 -9.57 14.07
C ALA G 168 7.76 -10.42 14.44
N ALA G 169 8.40 -10.15 15.60
CA ALA G 169 9.53 -10.95 16.06
C ALA G 169 9.09 -12.37 16.39
N VAL G 170 7.93 -12.53 17.04
CA VAL G 170 7.40 -13.87 17.33
C VAL G 170 7.06 -14.63 16.03
N ARG G 171 6.38 -13.94 15.08
CA ARG G 171 6.00 -14.49 13.75
C ARG G 171 7.23 -14.98 13.02
N ALA G 172 8.28 -14.14 12.97
CA ALA G 172 9.55 -14.45 12.32
C ALA G 172 10.20 -15.65 12.96
N ALA G 173 10.12 -15.76 14.30
CA ALA G 173 10.68 -16.88 15.06
C ALA G 173 9.93 -18.21 14.92
N LEU G 174 8.71 -18.20 14.35
CA LEU G 174 7.99 -19.45 14.13
C LEU G 174 8.52 -20.19 12.87
N GLY G 175 9.83 -20.04 12.63
CA GLY G 175 10.64 -20.70 11.59
C GLY G 175 9.94 -20.82 10.28
N PRO G 176 10.39 -21.74 9.41
CA PRO G 176 9.69 -21.90 8.13
C PRO G 176 8.38 -22.71 8.24
N GLU G 177 8.30 -23.65 9.19
CA GLU G 177 7.12 -24.51 9.28
C GLU G 177 6.05 -24.12 10.31
N GLY G 178 6.13 -22.94 10.94
CA GLY G 178 5.14 -22.56 11.95
C GLY G 178 4.23 -21.38 11.65
N HIS G 179 4.06 -21.03 10.38
CA HIS G 179 3.23 -19.89 10.01
C HIS G 179 1.71 -20.12 10.29
N GLY G 180 1.28 -21.37 10.36
CA GLY G 180 -0.09 -21.69 10.69
C GLY G 180 -0.42 -21.58 12.18
N ILE G 181 0.58 -21.44 13.03
CA ILE G 181 0.38 -21.33 14.47
C ILE G 181 -0.27 -19.99 14.83
N LYS G 182 -1.28 -19.99 15.69
CA LYS G 182 -1.97 -18.75 16.06
C LYS G 182 -1.19 -18.00 17.10
N ILE G 183 -1.00 -16.69 16.92
CA ILE G 183 -0.30 -15.88 17.91
C ILE G 183 -1.30 -15.06 18.69
N ILE G 184 -1.43 -15.33 19.98
CA ILE G 184 -2.29 -14.57 20.87
C ILE G 184 -1.36 -13.68 21.69
N SER G 185 -1.43 -12.35 21.50
CA SER G 185 -0.57 -11.44 22.23
C SER G 185 -1.08 -11.19 23.64
N LYS G 186 -0.22 -11.36 24.64
CA LYS G 186 -0.60 -11.09 26.02
C LYS G 186 -0.35 -9.62 26.32
N ILE G 187 -1.39 -8.89 26.75
CA ILE G 187 -1.25 -7.49 27.10
C ILE G 187 -1.06 -7.45 28.61
N GLU G 188 0.13 -7.05 29.05
CA GLU G 188 0.49 -7.14 30.47
C GLU G 188 0.97 -5.85 31.11
N ASN G 189 1.02 -4.74 30.36
CA ASN G 189 1.51 -3.48 30.93
C ASN G 189 0.84 -2.26 30.28
N HIS G 190 1.15 -1.05 30.77
CA HIS G 190 0.58 0.19 30.26
C HIS G 190 0.84 0.38 28.78
N GLU G 191 2.07 0.12 28.32
CA GLU G 191 2.39 0.29 26.90
C GLU G 191 1.55 -0.62 25.98
N GLY G 192 1.36 -1.88 26.38
CA GLY G 192 0.53 -2.81 25.61
C GLY G 192 -0.90 -2.33 25.49
N VAL G 193 -1.43 -1.75 26.57
CA VAL G 193 -2.79 -1.20 26.55
C VAL G 193 -2.86 0.01 25.63
N LYS G 194 -1.89 0.92 25.74
CA LYS G 194 -1.86 2.14 24.92
C LYS G 194 -1.62 1.86 23.44
N ARG G 195 -0.85 0.83 23.13
CA ARG G 195 -0.60 0.46 21.72
C ARG G 195 -1.46 -0.73 21.29
N PHE G 196 -2.59 -0.97 21.97
CA PHE G 196 -3.48 -2.10 21.70
C PHE G 196 -3.89 -2.23 20.25
N ASP G 197 -4.35 -1.15 19.62
CA ASP G 197 -4.82 -1.23 18.24
C ASP G 197 -3.79 -1.75 17.27
N GLU G 198 -2.52 -1.29 17.41
CA GLU G 198 -1.48 -1.76 16.51
C GLU G 198 -1.10 -3.21 16.78
N ILE G 199 -1.21 -3.66 18.05
CA ILE G 199 -0.91 -5.03 18.43
C ILE G 199 -2.01 -5.97 17.88
N LEU G 200 -3.29 -5.62 18.09
CA LEU G 200 -4.41 -6.44 17.62
C LEU G 200 -4.39 -6.61 16.10
N GLU G 201 -4.07 -5.54 15.38
CA GLU G 201 -4.01 -5.58 13.92
C GLU G 201 -3.09 -6.67 13.37
N VAL G 202 -1.96 -6.93 14.03
CA VAL G 202 -1.01 -7.95 13.56
C VAL G 202 -1.11 -9.28 14.32
N SER G 203 -1.90 -9.37 15.38
CA SER G 203 -2.03 -10.61 16.14
C SER G 203 -3.26 -11.41 15.69
N ASP G 204 -3.31 -12.71 16.01
CA ASP G 204 -4.52 -13.50 15.74
C ASP G 204 -5.57 -13.29 16.85
N GLY G 205 -5.13 -12.83 18.02
CA GLY G 205 -6.00 -12.58 19.16
C GLY G 205 -5.24 -12.02 20.33
N ILE G 206 -5.93 -11.83 21.46
CA ILE G 206 -5.34 -11.20 22.63
C ILE G 206 -5.62 -11.98 23.90
N MET G 207 -4.71 -11.90 24.88
CA MET G 207 -4.96 -12.42 26.20
C MET G 207 -4.88 -11.22 27.15
N VAL G 208 -5.89 -11.05 28.01
CA VAL G 208 -5.86 -10.01 29.02
C VAL G 208 -5.19 -10.69 30.20
N ALA G 209 -3.86 -10.49 30.31
CA ALA G 209 -3.02 -11.13 31.34
C ALA G 209 -3.09 -10.28 32.59
N ARG G 210 -4.15 -10.47 33.38
CA ARG G 210 -4.44 -9.62 34.53
C ARG G 210 -3.44 -9.66 35.66
N GLY G 211 -2.67 -10.72 35.79
CA GLY G 211 -1.65 -10.84 36.84
C GLY G 211 -0.62 -9.73 36.77
N ASP G 212 0.16 -9.69 35.67
CA ASP G 212 1.15 -8.63 35.48
C ASP G 212 0.48 -7.29 35.25
N LEU G 213 -0.65 -7.25 34.51
CA LEU G 213 -1.35 -5.99 34.27
C LEU G 213 -1.74 -5.29 35.59
N GLY G 214 -2.19 -6.06 36.57
CA GLY G 214 -2.57 -5.57 37.90
C GLY G 214 -1.43 -5.08 38.77
N ILE G 215 -0.17 -5.36 38.36
CA ILE G 215 1.05 -4.90 39.03
C ILE G 215 1.60 -3.69 38.25
N GLU G 216 1.53 -3.72 36.90
CA GLU G 216 2.01 -2.65 36.03
C GLU G 216 1.13 -1.40 36.06
N ILE G 217 -0.18 -1.56 36.24
CA ILE G 217 -1.12 -0.44 36.33
C ILE G 217 -1.87 -0.56 37.67
N PRO G 218 -2.53 0.50 38.16
CA PRO G 218 -3.30 0.35 39.42
C PRO G 218 -4.32 -0.78 39.34
N ALA G 219 -4.41 -1.62 40.37
CA ALA G 219 -5.29 -2.78 40.39
C ALA G 219 -6.75 -2.43 40.12
N GLU G 220 -7.21 -1.27 40.59
CA GLU G 220 -8.56 -0.80 40.39
C GLU G 220 -8.87 -0.38 38.94
N LYS G 221 -7.88 -0.36 38.05
CA LYS G 221 -8.09 -0.01 36.65
C LYS G 221 -8.08 -1.25 35.72
N VAL G 222 -7.74 -2.46 36.24
CA VAL G 222 -7.67 -3.64 35.39
C VAL G 222 -8.99 -3.96 34.69
N PHE G 223 -10.12 -3.78 35.38
CA PHE G 223 -11.42 -4.06 34.77
C PHE G 223 -11.69 -3.17 33.53
N LEU G 224 -11.16 -1.92 33.53
CA LEU G 224 -11.34 -1.03 32.39
C LEU G 224 -10.55 -1.56 31.21
N ALA G 225 -9.30 -2.01 31.44
CA ALA G 225 -8.46 -2.54 30.39
C ALA G 225 -9.09 -3.84 29.85
N GLN G 226 -9.60 -4.71 30.74
CA GLN G 226 -10.24 -5.96 30.34
C GLN G 226 -11.47 -5.70 29.46
N LYS G 227 -12.38 -4.83 29.91
CA LYS G 227 -13.60 -4.55 29.16
C LYS G 227 -13.32 -3.88 27.81
N MET G 228 -12.33 -2.98 27.78
CA MET G 228 -11.95 -2.30 26.55
C MET G 228 -11.36 -3.29 25.53
N MET G 229 -10.44 -4.13 25.97
CA MET G 229 -9.79 -5.07 25.08
C MET G 229 -10.74 -6.14 24.56
N ILE G 230 -11.65 -6.61 25.42
CA ILE G 230 -12.66 -7.57 24.98
C ILE G 230 -13.58 -6.93 23.94
N GLY G 231 -14.04 -5.70 24.21
CA GLY G 231 -14.88 -4.99 23.27
C GLY G 231 -14.21 -4.77 21.93
N ARG G 232 -12.92 -4.37 21.93
CA ARG G 232 -12.21 -4.14 20.68
C ARG G 232 -11.96 -5.44 19.91
N CYS G 233 -11.72 -6.54 20.63
CA CYS G 233 -11.52 -7.84 19.98
C CYS G 233 -12.82 -8.33 19.38
N ASN G 234 -13.95 -8.13 20.08
CA ASN G 234 -15.26 -8.51 19.56
C ASN G 234 -15.57 -7.69 18.29
N LEU G 235 -15.23 -6.39 18.30
CA LEU G 235 -15.43 -5.53 17.14
C LEU G 235 -14.58 -6.01 15.95
N ALA G 236 -13.33 -6.41 16.21
CA ALA G 236 -12.41 -6.91 15.19
C ALA G 236 -12.69 -8.34 14.75
N GLY G 237 -13.50 -9.08 15.50
CA GLY G 237 -13.77 -10.48 15.19
C GLY G 237 -12.59 -11.39 15.48
N LYS G 238 -11.79 -11.03 16.50
CA LYS G 238 -10.61 -11.81 16.86
C LYS G 238 -10.72 -12.34 18.27
N PRO G 239 -10.24 -13.56 18.52
CA PRO G 239 -10.38 -14.13 19.86
C PRO G 239 -9.72 -13.35 21.00
N VAL G 240 -10.37 -13.38 22.16
CA VAL G 240 -9.85 -12.73 23.34
C VAL G 240 -9.99 -13.68 24.54
N VAL G 241 -8.90 -13.82 25.31
CA VAL G 241 -8.85 -14.69 26.47
C VAL G 241 -8.83 -13.86 27.73
N CYS G 242 -9.64 -14.24 28.73
CA CYS G 242 -9.55 -13.59 30.03
C CYS G 242 -8.73 -14.54 30.91
N ALA G 243 -7.71 -14.01 31.58
CA ALA G 243 -6.81 -14.86 32.35
C ALA G 243 -6.48 -14.33 33.73
N THR G 244 -6.05 -15.25 34.63
CA THR G 244 -5.43 -15.07 35.95
C THR G 244 -6.36 -14.79 37.11
N GLN G 245 -6.25 -15.67 38.13
CA GLN G 245 -6.94 -15.62 39.41
C GLN G 245 -8.47 -15.69 39.29
N MET G 246 -8.98 -16.29 38.21
CA MET G 246 -10.43 -16.39 38.04
C MET G 246 -11.10 -17.23 39.13
N LEU G 247 -10.45 -18.34 39.53
CA LEU G 247 -10.95 -19.21 40.60
C LEU G 247 -9.78 -19.50 41.58
N GLU G 248 -8.94 -18.50 41.86
CA GLU G 248 -7.72 -18.60 42.68
C GLU G 248 -7.85 -19.42 43.95
N SER G 249 -8.89 -19.18 44.75
CA SER G 249 -9.10 -19.92 46.00
C SER G 249 -9.21 -21.44 45.79
N MET G 250 -9.61 -21.89 44.58
CA MET G 250 -9.71 -23.32 44.31
C MET G 250 -8.35 -24.03 44.19
N ILE G 251 -7.24 -23.30 44.35
CA ILE G 251 -5.92 -23.93 44.40
C ILE G 251 -5.87 -24.82 45.69
N THR G 252 -6.48 -24.34 46.82
CA THR G 252 -6.51 -25.11 48.05
C THR G 252 -7.93 -25.51 48.49
N LYS G 253 -8.97 -24.78 48.04
CA LYS G 253 -10.35 -25.07 48.48
C LYS G 253 -11.21 -25.76 47.41
N PRO G 254 -12.14 -26.64 47.82
CA PRO G 254 -12.96 -27.35 46.82
C PRO G 254 -14.03 -26.50 46.13
N ARG G 255 -14.41 -25.36 46.73
CA ARG G 255 -15.39 -24.46 46.16
C ARG G 255 -14.81 -23.04 46.06
N PRO G 256 -15.20 -22.27 45.04
CA PRO G 256 -14.65 -20.90 44.92
C PRO G 256 -15.45 -19.88 45.73
N THR G 257 -14.93 -18.65 45.84
CA THR G 257 -15.61 -17.58 46.54
C THR G 257 -16.72 -16.98 45.64
N ARG G 258 -17.60 -16.15 46.22
CA ARG G 258 -18.65 -15.48 45.47
C ARG G 258 -18.08 -14.49 44.44
N ALA G 259 -16.93 -13.88 44.73
CA ALA G 259 -16.31 -12.95 43.80
C ALA G 259 -15.73 -13.68 42.58
N GLU G 260 -15.22 -14.91 42.79
CA GLU G 260 -14.64 -15.72 41.74
C GLU G 260 -15.68 -16.22 40.74
N THR G 261 -16.85 -16.70 41.20
CA THR G 261 -17.89 -17.14 40.27
C THR G 261 -18.41 -15.94 39.47
N SER G 262 -18.55 -14.80 40.14
CA SER G 262 -18.98 -13.55 39.53
C SER G 262 -17.99 -13.12 38.44
N ASP G 263 -16.69 -13.23 38.72
CA ASP G 263 -15.63 -12.86 37.77
C ASP G 263 -15.69 -13.71 36.50
N VAL G 264 -15.91 -15.02 36.65
CA VAL G 264 -16.01 -15.91 35.49
C VAL G 264 -17.24 -15.54 34.67
N ALA G 265 -18.38 -15.33 35.35
CA ALA G 265 -19.61 -14.99 34.66
C ALA G 265 -19.49 -13.67 33.93
N ASN G 266 -18.85 -12.67 34.57
CA ASN G 266 -18.68 -11.35 33.99
C ASN G 266 -17.69 -11.33 32.83
N ALA G 267 -16.67 -12.20 32.84
CA ALA G 267 -15.74 -12.28 31.72
C ALA G 267 -16.52 -12.79 30.47
N VAL G 268 -17.40 -13.77 30.66
CA VAL G 268 -18.23 -14.32 29.59
C VAL G 268 -19.23 -13.24 29.12
N LEU G 269 -19.89 -12.54 30.04
CA LEU G 269 -20.81 -11.47 29.68
C LEU G 269 -20.11 -10.31 28.97
N ASP G 270 -18.83 -10.02 29.32
CA ASP G 270 -18.02 -8.99 28.67
C ASP G 270 -17.82 -9.32 27.20
N GLY G 271 -17.70 -10.60 26.87
CA GLY G 271 -17.51 -11.06 25.50
C GLY G 271 -16.28 -11.89 25.27
N ALA G 272 -15.66 -12.42 26.35
CA ALA G 272 -14.46 -13.24 26.20
C ALA G 272 -14.73 -14.52 25.45
N ASP G 273 -13.86 -14.87 24.51
CA ASP G 273 -13.96 -16.12 23.77
C ASP G 273 -13.50 -17.29 24.61
N CYS G 274 -12.45 -17.09 25.43
CA CYS G 274 -11.88 -18.12 26.28
C CYS G 274 -11.71 -17.60 27.70
N ILE G 275 -11.77 -18.52 28.65
CA ILE G 275 -11.46 -18.24 30.05
C ILE G 275 -10.33 -19.21 30.44
N MET G 276 -9.49 -18.80 31.39
CA MET G 276 -8.30 -19.56 31.71
C MET G 276 -8.16 -19.91 33.18
N LEU G 277 -7.48 -21.03 33.43
CA LEU G 277 -7.10 -21.53 34.74
C LEU G 277 -5.58 -21.66 34.72
N SER G 278 -4.91 -21.13 35.74
CA SER G 278 -3.47 -21.20 35.82
CA SER G 278 -3.46 -21.20 35.83
C SER G 278 -3.05 -22.13 36.99
N GLY G 279 -2.74 -21.58 38.17
CA GLY G 279 -2.37 -22.40 39.32
C GLY G 279 -3.48 -23.34 39.73
N GLU G 280 -4.77 -22.96 39.46
CA GLU G 280 -5.92 -23.80 39.75
C GLU G 280 -5.79 -25.19 39.13
N THR G 281 -5.21 -25.32 37.92
CA THR G 281 -5.02 -26.65 37.33
C THR G 281 -3.55 -27.10 37.29
N ALA G 282 -2.60 -26.16 37.27
CA ALA G 282 -1.19 -26.52 37.20
C ALA G 282 -0.65 -27.12 38.50
N LYS G 283 -1.01 -26.53 39.62
CA LYS G 283 -0.49 -26.97 40.91
C LYS G 283 -1.58 -27.10 41.99
N GLY G 284 -2.84 -26.90 41.64
CA GLY G 284 -3.93 -26.94 42.61
C GLY G 284 -4.29 -28.33 43.11
N ASN G 285 -5.08 -28.35 44.19
CA ASN G 285 -5.56 -29.59 44.79
C ASN G 285 -6.84 -30.11 44.09
N PHE G 286 -7.56 -29.23 43.37
CA PHE G 286 -8.81 -29.61 42.72
C PHE G 286 -8.82 -29.18 41.24
N PRO G 287 -7.87 -29.65 40.40
CA PRO G 287 -7.85 -29.23 38.99
C PRO G 287 -9.09 -29.58 38.20
N VAL G 288 -9.63 -30.81 38.36
CA VAL G 288 -10.83 -31.25 37.63
C VAL G 288 -12.04 -30.44 38.06
N GLU G 289 -12.17 -30.18 39.37
CA GLU G 289 -13.28 -29.41 39.90
C GLU G 289 -13.24 -27.95 39.43
N ALA G 290 -12.05 -27.38 39.24
CA ALA G 290 -11.89 -26.01 38.75
C ALA G 290 -12.40 -25.93 37.30
N VAL G 291 -12.07 -26.95 36.48
CA VAL G 291 -12.54 -27.01 35.10
C VAL G 291 -14.08 -27.12 35.09
N LYS G 292 -14.63 -28.00 35.95
CA LYS G 292 -16.08 -28.21 36.05
C LYS G 292 -16.80 -26.93 36.47
N MET G 293 -16.19 -26.17 37.38
CA MET G 293 -16.79 -24.92 37.86
C MET G 293 -16.82 -23.86 36.74
N GLN G 294 -15.73 -23.70 35.97
CA GLN G 294 -15.72 -22.77 34.86
C GLN G 294 -16.76 -23.17 33.81
N HIS G 295 -16.88 -24.49 33.55
CA HIS G 295 -17.87 -25.02 32.61
C HIS G 295 -19.29 -24.64 33.07
N ALA G 296 -19.62 -24.90 34.35
CA ALA G 296 -20.94 -24.62 34.90
C ALA G 296 -21.30 -23.14 34.83
N ILE G 297 -20.36 -22.26 35.20
CA ILE G 297 -20.62 -20.83 35.20
C ILE G 297 -20.76 -20.28 33.78
N ALA G 298 -19.86 -20.66 32.86
CA ALA G 298 -19.89 -20.18 31.48
C ALA G 298 -21.21 -20.53 30.81
N ARG G 299 -21.72 -21.73 31.04
CA ARG G 299 -23.02 -22.15 30.48
C ARG G 299 -24.16 -21.23 30.95
N GLU G 300 -24.19 -20.89 32.24
CA GLU G 300 -25.21 -20.02 32.78
C GLU G 300 -25.08 -18.60 32.21
N ALA G 301 -23.83 -18.11 32.10
CA ALA G 301 -23.58 -16.75 31.63
C ALA G 301 -23.84 -16.58 30.14
N GLU G 302 -23.57 -17.59 29.33
CA GLU G 302 -23.82 -17.52 27.89
C GLU G 302 -25.32 -17.38 27.59
N ALA G 303 -26.18 -18.06 28.37
CA ALA G 303 -27.62 -17.92 28.19
C ALA G 303 -28.10 -16.52 28.61
N ALA G 304 -27.41 -15.87 29.54
CA ALA G 304 -27.74 -14.53 30.03
C ALA G 304 -27.21 -13.39 29.15
N VAL G 305 -26.54 -13.69 28.04
CA VAL G 305 -26.07 -12.66 27.12
C VAL G 305 -27.29 -12.00 26.44
N TYR G 306 -27.32 -10.68 26.33
CA TYR G 306 -28.43 -9.96 25.72
C TYR G 306 -28.20 -9.89 24.19
N HIS G 307 -28.45 -11.00 23.51
CA HIS G 307 -28.24 -11.10 22.08
C HIS G 307 -28.95 -10.07 21.24
N ARG G 308 -30.14 -9.61 21.63
CA ARG G 308 -30.90 -8.63 20.86
C ARG G 308 -30.10 -7.37 20.60
N GLN G 309 -29.48 -6.81 21.63
CA GLN G 309 -28.66 -5.62 21.46
C GLN G 309 -27.28 -5.96 20.89
N LEU G 310 -26.67 -7.03 21.39
CA LEU G 310 -25.35 -7.46 20.94
C LEU G 310 -25.30 -7.69 19.41
N PHE G 311 -26.25 -8.47 18.87
CA PHE G 311 -26.28 -8.72 17.43
C PHE G 311 -26.47 -7.43 16.64
N GLU G 312 -27.39 -6.56 17.09
CA GLU G 312 -27.64 -5.28 16.45
C GLU G 312 -26.36 -4.43 16.38
N GLU G 313 -25.61 -4.37 17.50
CA GLU G 313 -24.40 -3.58 17.54
C GLU G 313 -23.25 -4.18 16.71
N LEU G 314 -23.11 -5.51 16.73
CA LEU G 314 -22.07 -6.18 15.95
C LEU G 314 -22.35 -5.99 14.45
N ARG G 315 -23.63 -6.12 14.05
CA ARG G 315 -24.10 -5.93 12.69
C ARG G 315 -23.81 -4.52 12.24
N ARG G 316 -24.16 -3.51 13.04
CA ARG G 316 -23.95 -2.10 12.69
C ARG G 316 -22.48 -1.72 12.63
N ALA G 317 -21.65 -2.28 13.51
CA ALA G 317 -20.24 -1.94 13.56
C ALA G 317 -19.42 -2.65 12.50
N ALA G 318 -19.84 -3.85 12.08
CA ALA G 318 -19.11 -4.60 11.07
C ALA G 318 -19.27 -3.90 9.74
N PRO G 319 -18.15 -3.60 9.07
CA PRO G 319 -18.23 -2.88 7.80
C PRO G 319 -18.89 -3.71 6.70
N LEU G 320 -19.39 -3.03 5.67
CA LEU G 320 -19.94 -3.68 4.49
C LEU G 320 -18.83 -4.50 3.83
N SER G 321 -19.18 -5.64 3.25
CA SER G 321 -18.16 -6.50 2.71
C SER G 321 -18.57 -7.10 1.41
N ARG G 322 -17.62 -7.28 0.53
CA ARG G 322 -17.85 -7.99 -0.73
C ARG G 322 -17.25 -9.41 -0.68
N ASP G 323 -16.79 -9.88 0.50
CA ASP G 323 -16.25 -11.21 0.69
C ASP G 323 -17.45 -12.14 0.91
N PRO G 324 -17.63 -13.12 0.01
CA PRO G 324 -18.79 -14.02 0.15
C PRO G 324 -18.85 -14.80 1.46
N THR G 325 -17.70 -15.13 2.08
CA THR G 325 -17.71 -15.83 3.37
C THR G 325 -18.30 -14.93 4.45
N GLU G 326 -17.91 -13.65 4.45
CA GLU G 326 -18.43 -12.70 5.44
CA GLU G 326 -18.41 -12.68 5.42
C GLU G 326 -19.92 -12.44 5.19
N VAL G 327 -20.33 -12.32 3.94
CA VAL G 327 -21.74 -12.07 3.57
C VAL G 327 -22.61 -13.29 3.97
N THR G 328 -22.13 -14.50 3.69
CA THR G 328 -22.84 -15.73 4.04
C THR G 328 -22.94 -15.85 5.55
N ALA G 329 -21.86 -15.52 6.27
CA ALA G 329 -21.84 -15.63 7.73
C ALA G 329 -22.93 -14.81 8.40
N ILE G 330 -23.10 -13.53 8.01
CA ILE G 330 -24.12 -12.68 8.64
C ILE G 330 -25.53 -13.14 8.24
N GLY G 331 -25.70 -13.61 7.01
CA GLY G 331 -26.97 -14.17 6.54
C GLY G 331 -27.35 -15.39 7.35
N ALA G 332 -26.38 -16.28 7.61
CA ALA G 332 -26.58 -17.50 8.37
C ALA G 332 -26.92 -17.24 9.82
N VAL G 333 -26.24 -16.29 10.46
CA VAL G 333 -26.50 -15.95 11.86
C VAL G 333 -27.88 -15.28 11.99
N GLU G 334 -28.26 -14.43 11.03
CA GLU G 334 -29.59 -13.81 11.02
CA GLU G 334 -29.59 -13.81 11.01
C GLU G 334 -30.66 -14.90 10.88
N ALA G 335 -30.46 -15.87 9.93
CA ALA G 335 -31.38 -16.98 9.74
C ALA G 335 -31.49 -17.82 11.00
N ALA G 336 -30.36 -18.09 11.71
CA ALA G 336 -30.36 -18.88 12.93
C ALA G 336 -31.20 -18.23 14.03
N PHE G 337 -31.11 -16.91 14.19
CA PHE G 337 -31.92 -16.21 15.20
C PHE G 337 -33.42 -16.26 14.85
N LYS G 338 -33.76 -16.13 13.57
CA LYS G 338 -35.14 -16.13 13.10
C LYS G 338 -35.89 -17.41 13.47
N CYS G 339 -35.20 -18.58 13.38
CA CYS G 339 -35.86 -19.84 13.65
C CYS G 339 -35.44 -20.51 14.95
N CYS G 340 -34.61 -19.85 15.78
CA CYS G 340 -34.05 -20.44 17.00
C CYS G 340 -33.30 -21.73 16.64
N ALA G 341 -32.49 -21.70 15.54
CA ALA G 341 -31.75 -22.89 15.08
C ALA G 341 -30.97 -23.52 16.20
N ALA G 342 -31.00 -24.83 16.26
CA ALA G 342 -30.24 -25.54 17.29
C ALA G 342 -28.73 -25.42 17.01
N ALA G 343 -28.32 -25.24 15.72
CA ALA G 343 -26.92 -25.14 15.37
C ALA G 343 -26.75 -24.58 13.95
N ILE G 344 -25.52 -24.12 13.65
CA ILE G 344 -25.07 -23.71 12.35
C ILE G 344 -23.95 -24.71 12.04
N ILE G 345 -24.12 -25.57 11.05
CA ILE G 345 -23.11 -26.55 10.69
C ILE G 345 -22.30 -25.97 9.56
N VAL G 346 -20.98 -25.81 9.73
CA VAL G 346 -20.14 -25.20 8.72
C VAL G 346 -18.99 -26.11 8.33
N LEU G 347 -18.70 -26.19 7.04
CA LEU G 347 -17.57 -26.96 6.54
C LEU G 347 -16.42 -25.94 6.45
N THR G 348 -15.25 -26.29 7.02
CA THR G 348 -14.12 -25.37 7.04
C THR G 348 -12.79 -26.11 6.96
N THR G 349 -11.84 -25.59 6.18
CA THR G 349 -10.53 -26.21 6.09
C THR G 349 -9.57 -25.54 7.04
N THR G 350 -9.59 -24.21 7.08
CA THR G 350 -8.69 -23.42 7.93
C THR G 350 -9.33 -22.93 9.22
N GLY G 351 -10.64 -23.05 9.35
CA GLY G 351 -11.37 -22.52 10.50
C GLY G 351 -11.98 -21.15 10.25
N ARG G 352 -11.58 -20.47 9.15
CA ARG G 352 -12.03 -19.10 8.87
C ARG G 352 -13.56 -18.92 8.74
N SER G 353 -14.24 -19.82 8.02
CA SER G 353 -15.70 -19.70 7.88
C SER G 353 -16.41 -19.80 9.24
N ALA G 354 -15.87 -20.63 10.15
CA ALA G 354 -16.43 -20.78 11.50
C ALA G 354 -16.16 -19.53 12.33
N GLN G 355 -14.95 -18.95 12.18
CA GLN G 355 -14.59 -17.72 12.90
C GLN G 355 -15.50 -16.55 12.49
N LEU G 356 -15.79 -16.43 11.19
CA LEU G 356 -16.68 -15.36 10.72
C LEU G 356 -18.13 -15.52 11.21
N LEU G 357 -18.57 -16.76 11.48
CA LEU G 357 -19.89 -16.98 12.04
C LEU G 357 -19.87 -16.59 13.53
N SER G 358 -18.81 -17.02 14.24
CA SER G 358 -18.58 -16.76 15.66
C SER G 358 -18.55 -15.29 16.03
N ARG G 359 -18.00 -14.44 15.14
CA ARG G 359 -17.88 -13.00 15.41
C ARG G 359 -19.24 -12.30 15.57
N TYR G 360 -20.33 -12.86 14.98
CA TYR G 360 -21.68 -12.30 15.16
C TYR G 360 -22.40 -12.82 16.38
N ARG G 361 -21.73 -13.65 17.18
CA ARG G 361 -22.25 -14.19 18.44
C ARG G 361 -23.64 -14.82 18.33
N PRO G 362 -23.79 -15.83 17.45
CA PRO G 362 -25.09 -16.51 17.40
C PRO G 362 -25.34 -17.29 18.68
N ARG G 363 -26.61 -17.48 19.01
CA ARG G 363 -26.98 -18.33 20.14
C ARG G 363 -26.81 -19.80 19.70
N ALA G 364 -27.07 -20.11 18.42
CA ALA G 364 -26.92 -21.46 17.88
C ALA G 364 -25.45 -21.85 17.93
N ALA G 365 -25.17 -23.11 18.30
CA ALA G 365 -23.82 -23.64 18.35
C ALA G 365 -23.26 -23.67 16.91
N VAL G 366 -22.00 -23.31 16.71
CA VAL G 366 -21.40 -23.39 15.39
C VAL G 366 -20.63 -24.71 15.34
N ILE G 367 -21.17 -25.72 14.67
CA ILE G 367 -20.54 -27.01 14.57
C ILE G 367 -19.64 -26.98 13.36
N ALA G 368 -18.32 -26.99 13.57
CA ALA G 368 -17.37 -26.89 12.47
C ALA G 368 -16.81 -28.23 12.07
N VAL G 369 -17.10 -28.68 10.88
CA VAL G 369 -16.62 -29.96 10.39
C VAL G 369 -15.39 -29.73 9.50
N THR G 370 -14.28 -30.37 9.88
CA THR G 370 -13.03 -30.18 9.17
C THR G 370 -12.22 -31.44 9.11
N ARG G 371 -11.40 -31.57 8.06
CA ARG G 371 -10.43 -32.66 7.91
C ARG G 371 -9.07 -32.25 8.51
N SER G 372 -8.84 -30.96 8.76
CA SER G 372 -7.59 -30.48 9.32
C SER G 372 -7.63 -30.62 10.85
N ALA G 373 -6.78 -31.51 11.40
CA ALA G 373 -6.68 -31.72 12.84
C ALA G 373 -6.22 -30.42 13.52
N GLN G 374 -5.30 -29.67 12.88
CA GLN G 374 -4.86 -28.40 13.46
C GLN G 374 -5.98 -27.37 13.53
N ALA G 375 -6.74 -27.18 12.45
CA ALA G 375 -7.85 -26.23 12.45
C ALA G 375 -8.89 -26.62 13.49
N ALA G 376 -9.16 -27.93 13.65
CA ALA G 376 -10.09 -28.43 14.64
C ALA G 376 -9.64 -28.02 16.06
N ARG G 377 -8.33 -28.08 16.33
CA ARG G 377 -7.82 -27.66 17.64
C ARG G 377 -7.86 -26.13 17.80
N GLN G 378 -7.47 -25.40 16.74
CA GLN G 378 -7.39 -23.94 16.83
C GLN G 378 -8.72 -23.21 16.91
N VAL G 379 -9.82 -23.77 16.34
CA VAL G 379 -11.11 -23.07 16.42
C VAL G 379 -11.67 -23.00 17.82
N HIS G 380 -11.08 -23.72 18.80
CA HIS G 380 -11.49 -23.58 20.21
C HIS G 380 -11.24 -22.13 20.69
N LEU G 381 -10.39 -21.34 19.98
CA LEU G 381 -10.17 -19.94 20.35
C LEU G 381 -11.42 -19.09 20.10
N CYS G 382 -12.32 -19.51 19.20
CA CYS G 382 -13.51 -18.74 18.84
C CYS G 382 -14.73 -19.22 19.58
N ARG G 383 -15.39 -18.29 20.31
CA ARG G 383 -16.57 -18.66 21.10
C ARG G 383 -17.66 -19.32 20.26
N GLY G 384 -18.20 -20.40 20.78
CA GLY G 384 -19.31 -21.10 20.19
C GLY G 384 -18.97 -21.99 19.03
N VAL G 385 -17.69 -22.26 18.78
CA VAL G 385 -17.31 -23.16 17.68
C VAL G 385 -16.99 -24.51 18.30
N PHE G 386 -17.71 -25.57 17.86
CA PHE G 386 -17.56 -26.95 18.33
C PHE G 386 -16.94 -27.75 17.20
N PRO G 387 -15.63 -27.99 17.27
CA PRO G 387 -14.95 -28.68 16.17
C PRO G 387 -15.18 -30.18 16.10
N LEU G 388 -15.41 -30.69 14.88
CA LEU G 388 -15.57 -32.11 14.65
C LEU G 388 -14.54 -32.47 13.62
N LEU G 389 -13.67 -33.42 13.95
CA LEU G 389 -12.63 -33.85 13.03
C LEU G 389 -13.13 -35.03 12.21
N TYR G 390 -13.17 -34.86 10.90
CA TYR G 390 -13.68 -35.86 10.00
C TYR G 390 -12.51 -36.65 9.45
N ARG G 391 -12.54 -37.96 9.63
CA ARG G 391 -11.48 -38.86 9.18
C ARG G 391 -11.93 -39.92 8.19
N GLU G 392 -13.14 -39.82 7.65
CA GLU G 392 -13.62 -40.81 6.70
C GLU G 392 -12.88 -40.75 5.36
N PRO G 393 -12.83 -41.88 4.62
CA PRO G 393 -12.25 -41.83 3.26
C PRO G 393 -13.08 -40.89 2.35
N PRO G 394 -12.45 -40.34 1.29
CA PRO G 394 -13.15 -39.36 0.44
C PRO G 394 -14.14 -39.98 -0.54
N GLU G 395 -15.21 -39.23 -0.86
CA GLU G 395 -16.14 -39.71 -1.86
C GLU G 395 -15.61 -39.26 -3.22
N ALA G 396 -15.92 -40.03 -4.25
CA ALA G 396 -15.48 -39.71 -5.62
C ALA G 396 -16.14 -38.43 -6.12
N ILE G 397 -17.43 -38.25 -5.79
CA ILE G 397 -18.20 -37.09 -6.18
C ILE G 397 -18.16 -36.07 -5.05
N TRP G 398 -17.61 -34.88 -5.32
CA TRP G 398 -17.47 -33.82 -4.34
C TRP G 398 -18.78 -33.45 -3.61
N ALA G 399 -19.91 -33.27 -4.30
CA ALA G 399 -21.18 -32.96 -3.63
C ALA G 399 -21.56 -34.05 -2.63
N ASP G 400 -21.27 -35.32 -2.93
CA ASP G 400 -21.55 -36.43 -2.00
C ASP G 400 -20.66 -36.37 -0.77
N ASP G 401 -19.42 -35.96 -0.97
CA ASP G 401 -18.46 -35.81 0.11
C ASP G 401 -18.85 -34.66 1.05
N VAL G 402 -19.39 -33.57 0.49
CA VAL G 402 -19.88 -32.44 1.24
C VAL G 402 -21.08 -32.90 2.09
N ASP G 403 -22.04 -33.62 1.46
CA ASP G 403 -23.23 -34.10 2.15
C ASP G 403 -22.88 -35.06 3.27
N ARG G 404 -21.87 -35.90 3.08
CA ARG G 404 -21.44 -36.83 4.14
C ARG G 404 -20.90 -36.06 5.33
N ARG G 405 -20.16 -34.96 5.09
CA ARG G 405 -19.60 -34.15 6.17
C ARG G 405 -20.66 -33.40 6.93
N VAL G 406 -21.69 -32.91 6.23
CA VAL G 406 -22.83 -32.23 6.84
C VAL G 406 -23.58 -33.25 7.72
N GLN G 407 -23.80 -34.45 7.19
CA GLN G 407 -24.48 -35.49 7.96
C GLN G 407 -23.69 -35.95 9.16
N PHE G 408 -22.37 -35.98 9.05
CA PHE G 408 -21.50 -36.28 10.19
C PHE G 408 -21.66 -35.21 11.27
N GLY G 409 -21.86 -33.95 10.88
CA GLY G 409 -22.12 -32.90 11.83
C GLY G 409 -23.45 -33.08 12.51
N ILE G 410 -24.48 -33.46 11.76
CA ILE G 410 -25.82 -33.73 12.31
C ILE G 410 -25.80 -34.95 13.26
N GLU G 411 -25.17 -36.06 12.84
CA GLU G 411 -25.05 -37.29 13.65
C GLU G 411 -24.27 -37.03 14.92
N SER G 412 -23.16 -36.27 14.86
CA SER G 412 -22.39 -35.95 16.06
C SER G 412 -23.23 -35.02 16.97
N GLY G 413 -23.94 -34.06 16.38
CA GLY G 413 -24.79 -33.16 17.14
C GLY G 413 -25.91 -33.88 17.86
N LYS G 414 -26.49 -34.92 17.21
CA LYS G 414 -27.56 -35.71 17.82
C LYS G 414 -26.99 -36.52 18.98
N LEU G 415 -25.83 -37.16 18.78
CA LEU G 415 -25.19 -37.96 19.81
C LEU G 415 -24.83 -37.12 21.01
N ARG G 416 -24.30 -35.90 20.79
CA ARG G 416 -23.87 -35.04 21.89
C ARG G 416 -24.99 -34.22 22.54
N GLY G 417 -26.22 -34.31 22.03
CA GLY G 417 -27.34 -33.58 22.60
C GLY G 417 -27.58 -32.19 22.06
N PHE G 418 -26.81 -31.76 21.07
CA PHE G 418 -26.98 -30.44 20.44
C PHE G 418 -28.28 -30.40 19.61
N LEU G 419 -28.65 -31.53 18.98
CA LEU G 419 -29.76 -31.58 18.03
C LEU G 419 -30.67 -32.73 18.27
N ARG G 420 -31.92 -32.57 17.84
CA ARG G 420 -32.97 -33.58 17.90
C ARG G 420 -33.73 -33.53 16.55
N VAL G 421 -34.44 -34.59 16.21
CA VAL G 421 -35.31 -34.66 15.04
C VAL G 421 -36.38 -33.57 15.19
N GLY G 422 -36.64 -32.81 14.13
CA GLY G 422 -37.58 -31.69 14.23
C GLY G 422 -36.91 -30.35 14.40
N ASP G 423 -35.64 -30.33 14.84
CA ASP G 423 -34.90 -29.06 14.97
C ASP G 423 -34.60 -28.46 13.59
N LEU G 424 -34.39 -27.16 13.55
CA LEU G 424 -33.92 -26.50 12.34
C LEU G 424 -32.43 -26.20 12.55
N VAL G 425 -31.61 -26.40 11.51
CA VAL G 425 -30.21 -26.03 11.56
C VAL G 425 -29.89 -25.24 10.29
N ILE G 426 -28.87 -24.42 10.36
CA ILE G 426 -28.40 -23.65 9.22
C ILE G 426 -27.13 -24.34 8.75
N VAL G 427 -26.95 -24.59 7.46
CA VAL G 427 -25.78 -25.27 6.95
C VAL G 427 -25.01 -24.34 6.03
N VAL G 428 -23.71 -24.13 6.32
CA VAL G 428 -22.87 -23.22 5.59
C VAL G 428 -21.77 -23.98 4.84
N THR G 429 -21.78 -23.86 3.50
CA THR G 429 -20.84 -24.55 2.61
C THR G 429 -20.35 -23.58 1.48
N GLY G 430 -19.53 -24.08 0.55
CA GLY G 430 -19.05 -23.29 -0.57
C GLY G 430 -19.38 -23.93 -1.90
N TRP G 431 -19.14 -23.21 -3.02
CA TRP G 431 -19.51 -23.71 -4.35
C TRP G 431 -18.48 -24.65 -5.00
N ARG G 432 -17.27 -24.67 -4.49
CA ARG G 432 -16.22 -25.53 -5.03
C ARG G 432 -15.28 -25.95 -3.89
N PRO G 433 -14.50 -27.04 -4.11
CA PRO G 433 -13.55 -27.47 -3.08
C PRO G 433 -12.43 -26.46 -2.87
N GLY G 434 -11.82 -26.55 -1.71
CA GLY G 434 -10.77 -25.65 -1.32
C GLY G 434 -11.26 -24.56 -0.39
N SER G 435 -10.39 -24.08 0.42
CA SER G 435 -10.63 -22.99 1.34
C SER G 435 -10.83 -21.66 0.58
N GLY G 436 -11.63 -20.76 1.17
CA GLY G 436 -11.86 -19.43 0.63
C GLY G 436 -13.07 -19.22 -0.26
N TYR G 437 -13.90 -20.25 -0.43
CA TYR G 437 -15.06 -20.16 -1.31
C TYR G 437 -16.43 -20.32 -0.67
N THR G 438 -16.55 -20.22 0.66
CA THR G 438 -17.86 -20.31 1.33
C THR G 438 -18.81 -19.26 0.78
N ASN G 439 -19.99 -19.66 0.33
CA ASN G 439 -20.95 -18.71 -0.26
C ASN G 439 -22.40 -19.23 -0.19
N ILE G 440 -22.67 -20.33 0.52
CA ILE G 440 -24.00 -20.91 0.55
C ILE G 440 -24.50 -21.09 1.99
N MET G 441 -25.78 -20.76 2.20
CA MET G 441 -26.46 -20.94 3.45
C MET G 441 -27.75 -21.73 3.16
N ARG G 442 -27.99 -22.84 3.87
CA ARG G 442 -29.21 -23.65 3.68
C ARG G 442 -29.95 -23.82 4.99
N VAL G 443 -31.28 -23.91 4.94
CA VAL G 443 -32.10 -24.14 6.12
C VAL G 443 -32.54 -25.59 6.06
N LEU G 444 -32.10 -26.38 7.03
CA LEU G 444 -32.37 -27.80 7.03
C LEU G 444 -33.20 -28.23 8.25
N SER G 445 -34.22 -29.04 8.01
CA SER G 445 -35.03 -29.59 9.09
C SER G 445 -34.41 -30.96 9.44
N ILE G 446 -34.05 -31.20 10.70
CA ILE G 446 -33.41 -32.44 11.10
C ILE G 446 -34.38 -33.63 11.03
N SER G 447 -34.01 -34.67 10.28
CA SER G 447 -34.78 -35.90 10.17
C SER G 447 -34.03 -37.09 10.77
N GLY H 23 -16.15 2.52 -5.84
CA GLY H 23 -15.89 3.94 -5.97
C GLY H 23 -16.59 4.85 -4.97
N THR H 24 -16.05 6.05 -4.80
CA THR H 24 -16.63 7.05 -3.90
C THR H 24 -17.98 7.57 -4.45
N ALA H 25 -18.11 7.64 -5.78
CA ALA H 25 -19.34 8.07 -6.43
C ALA H 25 -20.50 7.15 -6.10
N PHE H 26 -20.24 5.83 -5.94
CA PHE H 26 -21.24 4.84 -5.57
C PHE H 26 -21.90 5.22 -4.24
N PHE H 27 -21.10 5.62 -3.25
CA PHE H 27 -21.61 5.96 -1.92
C PHE H 27 -22.27 7.34 -1.80
N GLN H 28 -22.28 8.13 -2.88
CA GLN H 28 -22.97 9.41 -2.88
C GLN H 28 -24.39 9.28 -3.51
N GLN H 29 -24.59 8.28 -4.40
CA GLN H 29 -25.85 7.97 -5.06
C GLN H 29 -26.87 7.27 -4.13
N GLN H 30 -28.14 7.11 -4.62
CA GLN H 30 -29.28 6.46 -3.99
C GLN H 30 -29.45 6.76 -2.49
N GLN H 31 -29.19 8.03 -2.10
CA GLN H 31 -29.29 8.52 -0.73
C GLN H 31 -28.52 7.68 0.28
N LEU H 32 -27.37 7.10 -0.16
CA LEU H 32 -26.57 6.26 0.74
C LEU H 32 -26.08 7.02 1.97
N PRO H 33 -25.64 8.30 1.92
CA PRO H 33 -25.28 8.99 3.18
C PRO H 33 -26.47 9.07 4.15
N ALA H 34 -27.69 9.37 3.65
CA ALA H 34 -28.89 9.42 4.50
C ALA H 34 -29.28 8.04 5.04
N ALA H 35 -28.98 6.98 4.25
CA ALA H 35 -29.29 5.60 4.64
C ALA H 35 -28.43 5.14 5.80
N MET H 36 -27.17 5.61 5.87
CA MET H 36 -26.23 5.24 6.94
C MET H 36 -26.43 6.04 8.24
N ALA H 37 -27.35 7.01 8.28
CA ALA H 37 -27.54 7.85 9.47
C ALA H 37 -27.94 7.08 10.71
N ASP H 38 -27.51 7.57 11.89
CA ASP H 38 -27.79 6.91 13.16
C ASP H 38 -29.16 7.24 13.72
N THR H 39 -29.78 8.34 13.27
CA THR H 39 -31.12 8.70 13.75
C THR H 39 -31.99 9.09 12.54
N PHE H 40 -33.32 9.04 12.70
CA PHE H 40 -34.23 9.46 11.64
C PHE H 40 -34.03 10.96 11.35
N LEU H 41 -33.82 11.79 12.39
CA LEU H 41 -33.59 13.22 12.20
C LEU H 41 -32.33 13.46 11.33
N GLU H 42 -31.22 12.77 11.61
CA GLU H 42 -29.99 12.90 10.83
C GLU H 42 -30.20 12.38 9.42
N HIS H 43 -31.03 11.32 9.26
CA HIS H 43 -31.39 10.76 7.95
C HIS H 43 -32.06 11.84 7.11
N LEU H 44 -33.01 12.58 7.69
CA LEU H 44 -33.69 13.66 6.97
C LEU H 44 -32.70 14.75 6.56
N CYS H 45 -31.83 15.17 7.52
CA CYS H 45 -30.82 16.21 7.30
C CYS H 45 -29.85 15.86 6.17
N LEU H 46 -29.62 14.56 5.93
CA LEU H 46 -28.69 14.12 4.90
C LEU H 46 -29.33 13.83 3.53
N LEU H 47 -30.67 13.99 3.40
CA LEU H 47 -31.32 13.78 2.11
C LEU H 47 -30.80 14.81 1.11
N ASP H 48 -30.47 14.36 -0.11
CA ASP H 48 -29.79 15.18 -1.08
C ASP H 48 -30.46 15.14 -2.46
N ILE H 49 -30.90 16.29 -2.98
CA ILE H 49 -31.50 16.37 -4.32
C ILE H 49 -30.51 16.00 -5.44
N ASP H 50 -29.19 16.06 -5.17
CA ASP H 50 -28.18 15.67 -6.16
C ASP H 50 -27.84 14.19 -6.08
N SER H 51 -28.37 13.43 -5.12
CA SER H 51 -28.09 12.01 -4.99
C SER H 51 -29.07 11.29 -5.89
N GLU H 52 -28.59 10.79 -7.04
CA GLU H 52 -29.43 10.16 -8.03
C GLU H 52 -29.86 8.75 -7.72
N PRO H 53 -31.13 8.42 -7.99
CA PRO H 53 -31.57 7.04 -7.75
C PRO H 53 -30.90 6.11 -8.78
N VAL H 54 -30.46 4.94 -8.34
CA VAL H 54 -29.80 3.98 -9.22
C VAL H 54 -30.62 2.70 -9.33
N ALA H 55 -31.21 2.26 -8.25
CA ALA H 55 -32.02 1.05 -8.23
C ALA H 55 -33.25 1.17 -9.13
N ALA H 56 -33.75 0.03 -9.62
CA ALA H 56 -34.96 0.04 -10.41
C ALA H 56 -36.15 0.39 -9.48
N ARG H 57 -37.18 1.02 -10.07
CA ARG H 57 -38.36 1.44 -9.33
C ARG H 57 -39.11 0.23 -8.84
N SER H 58 -39.30 0.12 -7.55
CA SER H 58 -39.88 -1.04 -6.92
C SER H 58 -41.39 -0.96 -6.59
N THR H 59 -41.98 0.23 -6.44
CA THR H 59 -43.43 0.33 -6.16
C THR H 59 -44.19 0.17 -7.45
N SER H 60 -45.14 -0.79 -7.50
CA SER H 60 -45.89 -1.00 -8.74
C SER H 60 -46.85 0.10 -9.06
N ILE H 61 -47.08 0.34 -10.34
CA ILE H 61 -48.06 1.31 -10.77
C ILE H 61 -49.29 0.60 -11.32
N ILE H 62 -50.45 0.91 -10.77
CA ILE H 62 -51.72 0.40 -11.28
C ILE H 62 -52.37 1.52 -12.12
N ALA H 63 -52.69 1.24 -13.40
CA ALA H 63 -53.31 2.25 -14.25
C ALA H 63 -54.71 1.77 -14.60
N THR H 64 -55.72 2.60 -14.38
CA THR H 64 -57.08 2.27 -14.73
C THR H 64 -57.27 2.44 -16.22
N ILE H 65 -57.83 1.42 -16.87
CA ILE H 65 -58.05 1.40 -18.30
C ILE H 65 -59.39 2.08 -18.60
N GLY H 66 -59.39 2.91 -19.61
CA GLY H 66 -60.57 3.61 -20.07
C GLY H 66 -60.38 4.15 -21.46
N PRO H 67 -61.26 5.07 -21.91
CA PRO H 67 -61.15 5.63 -23.27
C PRO H 67 -59.79 6.24 -23.61
N ALA H 68 -59.08 6.77 -22.62
CA ALA H 68 -57.75 7.35 -22.87
C ALA H 68 -56.62 6.34 -22.97
N SER H 69 -56.86 5.08 -22.62
CA SER H 69 -55.79 4.10 -22.56
C SER H 69 -56.16 2.74 -23.10
N ARG H 70 -57.13 2.67 -23.99
CA ARG H 70 -57.56 1.38 -24.56
C ARG H 70 -56.87 1.02 -25.85
N SER H 71 -56.31 2.00 -26.54
CA SER H 71 -55.62 1.75 -27.80
C SER H 71 -54.42 0.82 -27.56
N VAL H 72 -54.27 -0.24 -28.39
CA VAL H 72 -53.14 -1.16 -28.29
C VAL H 72 -51.80 -0.39 -28.37
N GLU H 73 -51.72 0.64 -29.24
CA GLU H 73 -50.50 1.43 -29.39
C GLU H 73 -50.22 2.29 -28.19
N ARG H 74 -51.26 2.82 -27.54
CA ARG H 74 -51.06 3.60 -26.33
C ARG H 74 -50.73 2.66 -25.14
N LEU H 75 -51.34 1.49 -25.08
CA LEU H 75 -51.03 0.50 -24.03
C LEU H 75 -49.57 0.07 -24.11
N LYS H 76 -48.99 0.01 -25.30
CA LYS H 76 -47.55 -0.33 -25.45
C LYS H 76 -46.70 0.75 -24.85
N GLU H 77 -47.10 2.04 -25.04
CA GLU H 77 -46.35 3.14 -24.46
C GLU H 77 -46.49 3.16 -22.92
N MET H 78 -47.65 2.81 -22.41
CA MET H 78 -47.88 2.77 -20.97
CA MET H 78 -47.88 2.77 -20.97
C MET H 78 -47.09 1.64 -20.30
N ILE H 79 -46.90 0.50 -21.01
CA ILE H 79 -46.10 -0.60 -20.49
C ILE H 79 -44.65 -0.15 -20.45
N LYS H 80 -44.18 0.53 -21.51
CA LYS H 80 -42.80 1.06 -21.54
C LYS H 80 -42.58 2.13 -20.47
N ALA H 81 -43.61 2.91 -20.15
CA ALA H 81 -43.51 3.97 -19.14
C ALA H 81 -43.50 3.43 -17.71
N GLY H 82 -43.97 2.20 -17.52
CA GLY H 82 -43.92 1.58 -16.22
C GLY H 82 -45.20 1.00 -15.64
N MET H 83 -46.31 0.94 -16.42
CA MET H 83 -47.55 0.36 -15.91
C MET H 83 -47.33 -1.14 -15.64
N ASN H 84 -47.67 -1.60 -14.42
CA ASN H 84 -47.50 -3.01 -14.06
C ASN H 84 -48.81 -3.75 -13.96
N ILE H 85 -49.88 -3.05 -13.59
CA ILE H 85 -51.19 -3.64 -13.39
C ILE H 85 -52.20 -2.78 -14.11
N ALA H 86 -53.06 -3.40 -14.93
CA ALA H 86 -54.13 -2.74 -15.63
C ALA H 86 -55.42 -2.98 -14.82
N ARG H 87 -56.05 -1.91 -14.36
CA ARG H 87 -57.27 -2.02 -13.58
C ARG H 87 -58.52 -1.78 -14.45
N LEU H 88 -59.47 -2.71 -14.39
CA LEU H 88 -60.75 -2.60 -15.09
C LEU H 88 -61.77 -2.19 -14.07
N ASN H 89 -62.32 -0.97 -14.19
CA ASN H 89 -63.28 -0.49 -13.23
C ASN H 89 -64.67 -0.91 -13.68
N PHE H 90 -65.24 -1.93 -13.01
CA PHE H 90 -66.57 -2.44 -13.38
C PHE H 90 -67.71 -1.53 -12.93
N SER H 91 -67.41 -0.33 -12.40
CA SER H 91 -68.43 0.68 -12.12
C SER H 91 -68.90 1.34 -13.43
N HIS H 92 -68.10 1.26 -14.51
CA HIS H 92 -68.42 1.80 -15.84
C HIS H 92 -68.25 0.72 -16.91
N GLY H 93 -69.04 0.80 -17.97
CA GLY H 93 -68.91 -0.11 -19.09
C GLY H 93 -69.56 -1.46 -18.93
N SER H 94 -69.85 -2.10 -20.03
CA SER H 94 -70.47 -3.41 -20.06
C SER H 94 -69.41 -4.53 -20.06
N HIS H 95 -69.85 -5.80 -19.96
CA HIS H 95 -68.96 -6.95 -20.07
C HIS H 95 -68.24 -6.96 -21.43
N GLU H 96 -68.93 -6.56 -22.48
CA GLU H 96 -68.35 -6.50 -23.83
C GLU H 96 -67.22 -5.47 -23.87
N TYR H 97 -67.42 -4.33 -23.22
CA TYR H 97 -66.43 -3.27 -23.17
C TYR H 97 -65.16 -3.77 -22.43
N HIS H 98 -65.33 -4.39 -21.26
CA HIS H 98 -64.20 -4.92 -20.48
C HIS H 98 -63.49 -6.06 -21.16
N ALA H 99 -64.20 -6.93 -21.91
CA ALA H 99 -63.55 -8.02 -22.67
C ALA H 99 -62.64 -7.44 -23.74
N GLU H 100 -63.02 -6.31 -24.35
CA GLU H 100 -62.22 -5.62 -25.37
C GLU H 100 -60.98 -5.02 -24.70
N SER H 101 -61.14 -4.42 -23.51
CA SER H 101 -60.03 -3.86 -22.75
C SER H 101 -58.99 -4.94 -22.43
N ILE H 102 -59.45 -6.11 -21.96
CA ILE H 102 -58.59 -7.25 -21.65
C ILE H 102 -57.84 -7.71 -22.89
N ALA H 103 -58.55 -7.87 -24.02
CA ALA H 103 -57.92 -8.29 -25.28
C ALA H 103 -56.85 -7.29 -25.74
N ASN H 104 -57.12 -5.98 -25.61
CA ASN H 104 -56.15 -4.95 -26.03
C ASN H 104 -54.93 -4.93 -25.11
N VAL H 105 -55.15 -5.12 -23.79
CA VAL H 105 -54.03 -5.18 -22.84
C VAL H 105 -53.14 -6.39 -23.18
N ARG H 106 -53.76 -7.56 -23.37
CA ARG H 106 -53.02 -8.76 -23.72
C ARG H 106 -52.29 -8.63 -25.04
N GLU H 107 -52.90 -7.99 -26.05
CA GLU H 107 -52.23 -7.79 -27.33
C GLU H 107 -51.01 -6.91 -27.16
N ALA H 108 -51.13 -5.80 -26.41
CA ALA H 108 -50.00 -4.91 -26.18
C ALA H 108 -48.90 -5.60 -25.37
N VAL H 109 -49.27 -6.35 -24.33
CA VAL H 109 -48.28 -7.07 -23.51
C VAL H 109 -47.55 -8.14 -24.35
N GLU H 110 -48.30 -8.93 -25.13
CA GLU H 110 -47.71 -10.00 -25.93
C GLU H 110 -46.91 -9.51 -27.12
N SER H 111 -47.06 -8.22 -27.51
CA SER H 111 -46.26 -7.68 -28.61
C SER H 111 -44.78 -7.63 -28.27
N PHE H 112 -44.41 -7.74 -26.97
CA PHE H 112 -43.03 -7.74 -26.53
C PHE H 112 -42.52 -9.16 -26.19
N ALA H 113 -43.33 -10.21 -26.35
CA ALA H 113 -42.93 -11.57 -26.02
C ALA H 113 -41.83 -12.15 -26.94
N GLY H 114 -41.62 -11.58 -28.12
CA GLY H 114 -40.58 -12.03 -29.04
C GLY H 114 -39.18 -11.80 -28.51
N SER H 115 -39.01 -10.94 -27.48
CA SER H 115 -37.72 -10.73 -26.81
C SER H 115 -37.92 -11.11 -25.34
N PRO H 116 -37.72 -12.40 -25.00
CA PRO H 116 -37.95 -12.85 -23.63
C PRO H 116 -37.11 -12.20 -22.54
N LEU H 117 -35.91 -11.72 -22.87
CA LEU H 117 -35.05 -11.09 -21.86
C LEU H 117 -35.57 -9.70 -21.40
N SER H 118 -36.50 -9.10 -22.16
CA SER H 118 -37.01 -7.78 -21.81
C SER H 118 -38.55 -7.75 -21.63
N TYR H 119 -39.24 -8.88 -21.88
CA TYR H 119 -40.69 -9.01 -21.76
C TYR H 119 -41.16 -8.64 -20.34
N ARG H 120 -42.14 -7.74 -20.23
CA ARG H 120 -42.67 -7.38 -18.92
C ARG H 120 -44.09 -7.91 -18.75
N PRO H 121 -44.29 -8.80 -17.77
CA PRO H 121 -45.67 -9.22 -17.46
C PRO H 121 -46.51 -8.00 -16.98
N VAL H 122 -47.81 -8.01 -17.26
CA VAL H 122 -48.71 -6.96 -16.77
C VAL H 122 -49.94 -7.66 -16.21
N ALA H 123 -50.28 -7.41 -14.94
CA ALA H 123 -51.45 -8.04 -14.34
C ALA H 123 -52.75 -7.38 -14.78
N ILE H 124 -53.87 -8.12 -14.71
CA ILE H 124 -55.17 -7.56 -15.00
C ILE H 124 -56.01 -7.68 -13.73
N ALA H 125 -56.47 -6.55 -13.21
CA ALA H 125 -57.25 -6.52 -12.00
C ALA H 125 -58.69 -6.08 -12.27
N LEU H 126 -59.66 -6.77 -11.67
CA LEU H 126 -61.07 -6.43 -11.84
C LEU H 126 -61.48 -5.69 -10.59
N ASP H 127 -61.94 -4.45 -10.72
CA ASP H 127 -62.40 -3.67 -9.59
C ASP H 127 -63.94 -3.68 -9.62
N THR H 128 -64.57 -4.29 -8.61
CA THR H 128 -66.02 -4.45 -8.59
C THR H 128 -66.81 -3.16 -8.36
N LYS H 129 -68.05 -3.15 -8.85
CA LYS H 129 -68.99 -2.05 -8.72
C LYS H 129 -69.34 -1.81 -7.25
N GLY H 130 -69.54 -2.88 -6.50
CA GLY H 130 -69.83 -2.77 -5.08
C GLY H 130 -71.24 -3.16 -4.67
N PRO H 131 -71.49 -3.12 -3.36
CA PRO H 131 -72.81 -3.53 -2.86
C PRO H 131 -73.92 -2.50 -3.00
N GLY H 132 -73.57 -1.23 -3.15
CA GLY H 132 -74.55 -0.16 -3.23
C GLY H 132 -75.31 -0.04 -1.92
N SER H 133 -76.64 -0.03 -1.99
CA SER H 133 -77.48 0.01 -0.79
C SER H 133 -77.63 -1.36 -0.09
N GLY H 134 -77.16 -2.43 -0.72
CA GLY H 134 -77.26 -3.78 -0.18
C GLY H 134 -76.34 -4.09 0.98
N PRO H 135 -76.66 -5.17 1.72
CA PRO H 135 -75.84 -5.53 2.89
C PRO H 135 -74.59 -6.38 2.59
N GLY H 136 -74.54 -6.98 1.42
CA GLY H 136 -73.41 -7.81 1.02
C GLY H 136 -73.22 -7.86 -0.49
N LEU H 137 -72.74 -9.01 -1.00
CA LEU H 137 -72.45 -9.19 -2.43
C LEU H 137 -73.68 -9.04 -3.32
N SER H 138 -73.65 -8.04 -4.20
CA SER H 138 -74.74 -7.76 -5.12
C SER H 138 -74.78 -8.80 -6.26
N GLU H 139 -75.93 -8.88 -6.97
CA GLU H 139 -76.08 -9.81 -8.09
C GLU H 139 -75.20 -9.42 -9.26
N GLN H 140 -75.00 -8.11 -9.49
CA GLN H 140 -74.12 -7.66 -10.56
C GLN H 140 -72.67 -8.05 -10.24
N ASP H 141 -72.25 -7.97 -8.96
CA ASP H 141 -70.90 -8.37 -8.57
C ASP H 141 -70.70 -9.86 -8.81
N VAL H 142 -71.70 -10.70 -8.51
CA VAL H 142 -71.60 -12.13 -8.78
C VAL H 142 -71.36 -12.40 -10.27
N ARG H 143 -72.08 -11.68 -11.14
CA ARG H 143 -71.92 -11.83 -12.58
C ARG H 143 -70.57 -11.32 -13.07
N ASP H 144 -70.12 -10.18 -12.52
CA ASP H 144 -68.82 -9.57 -12.88
C ASP H 144 -67.66 -10.44 -12.44
N LEU H 145 -67.77 -11.06 -11.26
CA LEU H 145 -66.74 -11.94 -10.74
C LEU H 145 -66.65 -13.21 -11.58
N ARG H 146 -67.81 -13.74 -12.03
CA ARG H 146 -67.84 -14.90 -12.92
C ARG H 146 -67.17 -14.53 -14.26
N PHE H 147 -67.41 -13.30 -14.76
CA PHE H 147 -66.79 -12.81 -15.99
C PHE H 147 -65.26 -12.77 -15.80
N GLY H 148 -64.79 -12.31 -14.64
CA GLY H 148 -63.36 -12.25 -14.35
C GLY H 148 -62.69 -13.61 -14.39
N VAL H 149 -63.32 -14.62 -13.77
CA VAL H 149 -62.79 -15.98 -13.81
C VAL H 149 -62.77 -16.50 -15.26
N GLU H 150 -63.85 -16.29 -16.01
CA GLU H 150 -63.91 -16.76 -17.39
C GLU H 150 -62.90 -16.09 -18.30
N HIS H 151 -62.55 -14.83 -18.01
CA HIS H 151 -61.55 -14.12 -18.81
C HIS H 151 -60.13 -14.15 -18.24
N GLY H 152 -59.91 -14.91 -17.17
CA GLY H 152 -58.60 -15.10 -16.57
C GLY H 152 -57.96 -13.90 -15.89
N VAL H 153 -58.76 -13.11 -15.14
CA VAL H 153 -58.16 -11.97 -14.43
C VAL H 153 -57.27 -12.49 -13.30
N ASP H 154 -56.27 -11.70 -12.92
CA ASP H 154 -55.30 -12.11 -11.90
C ASP H 154 -55.69 -11.69 -10.52
N ILE H 155 -56.34 -10.52 -10.41
CA ILE H 155 -56.64 -9.90 -9.14
C ILE H 155 -58.07 -9.35 -9.13
N VAL H 156 -58.69 -9.34 -7.97
CA VAL H 156 -59.97 -8.70 -7.77
C VAL H 156 -59.75 -7.62 -6.71
N PHE H 157 -60.15 -6.38 -7.00
CA PHE H 157 -60.15 -5.31 -6.02
C PHE H 157 -61.62 -5.30 -5.57
N ALA H 158 -61.93 -5.89 -4.42
CA ALA H 158 -63.31 -6.01 -3.93
C ALA H 158 -63.78 -4.74 -3.25
N SER H 159 -64.76 -4.05 -3.84
CA SER H 159 -65.30 -2.80 -3.29
C SER H 159 -66.08 -2.98 -1.98
N PHE H 160 -65.99 -1.95 -1.14
CA PHE H 160 -66.66 -1.80 0.14
C PHE H 160 -66.64 -3.04 1.02
N VAL H 161 -65.44 -3.58 1.30
CA VAL H 161 -65.32 -4.74 2.18
C VAL H 161 -65.46 -4.23 3.60
N ARG H 162 -66.43 -4.78 4.37
CA ARG H 162 -66.72 -4.32 5.73
C ARG H 162 -66.43 -5.35 6.82
N LYS H 163 -66.25 -6.63 6.44
CA LYS H 163 -66.04 -7.70 7.40
C LYS H 163 -65.49 -8.93 6.67
N ALA H 164 -65.00 -9.92 7.41
CA ALA H 164 -64.43 -11.13 6.84
C ALA H 164 -65.42 -11.91 5.96
N SER H 165 -66.73 -11.89 6.30
CA SER H 165 -67.72 -12.62 5.50
C SER H 165 -67.91 -12.01 4.10
N ASP H 166 -67.60 -10.73 3.92
CA ASP H 166 -67.66 -10.11 2.59
C ASP H 166 -66.57 -10.73 1.70
N VAL H 167 -65.39 -11.01 2.25
CA VAL H 167 -64.29 -11.63 1.51
C VAL H 167 -64.67 -13.07 1.14
N ALA H 168 -65.29 -13.80 2.08
CA ALA H 168 -65.72 -15.17 1.83
C ALA H 168 -66.75 -15.22 0.71
N ALA H 169 -67.67 -14.23 0.67
CA ALA H 169 -68.67 -14.15 -0.40
C ALA H 169 -68.00 -13.94 -1.76
N VAL H 170 -66.97 -13.08 -1.82
CA VAL H 170 -66.25 -12.83 -3.09
C VAL H 170 -65.52 -14.12 -3.50
N ARG H 171 -64.89 -14.79 -2.55
N ARG H 171 -64.89 -14.79 -2.55
CA ARG H 171 -64.16 -16.03 -2.80
CA ARG H 171 -64.17 -16.03 -2.82
C ARG H 171 -65.11 -17.12 -3.33
C ARG H 171 -65.13 -17.12 -3.35
N ALA H 172 -66.34 -17.20 -2.77
CA ALA H 172 -67.35 -18.16 -3.21
C ALA H 172 -67.85 -17.83 -4.63
N ALA H 173 -68.07 -16.54 -4.93
CA ALA H 173 -68.51 -16.15 -6.28
C ALA H 173 -67.45 -16.46 -7.35
N LEU H 174 -66.17 -16.50 -6.98
CA LEU H 174 -65.11 -16.85 -7.92
C LEU H 174 -65.13 -18.36 -8.27
N GLY H 175 -65.73 -19.18 -7.41
CA GLY H 175 -65.89 -20.62 -7.60
C GLY H 175 -64.61 -21.43 -7.57
N PRO H 176 -64.71 -22.71 -7.91
CA PRO H 176 -63.51 -23.57 -7.90
C PRO H 176 -62.46 -23.20 -8.94
N GLU H 177 -62.90 -22.63 -10.08
CA GLU H 177 -61.96 -22.25 -11.14
C GLU H 177 -61.17 -20.94 -10.85
N GLY H 178 -61.61 -20.15 -9.87
CA GLY H 178 -60.93 -18.90 -9.54
C GLY H 178 -60.17 -18.94 -8.22
N HIS H 179 -59.74 -20.13 -7.78
CA HIS H 179 -58.99 -20.28 -6.53
CA HIS H 179 -58.99 -20.27 -6.52
C HIS H 179 -57.63 -19.53 -6.53
N GLY H 180 -57.02 -19.39 -7.70
CA GLY H 180 -55.72 -18.74 -7.79
C GLY H 180 -55.76 -17.20 -7.89
N ILE H 181 -56.94 -16.62 -8.04
CA ILE H 181 -57.11 -15.18 -8.15
C ILE H 181 -56.85 -14.49 -6.79
N LYS H 182 -56.08 -13.39 -6.77
CA LYS H 182 -55.81 -12.68 -5.54
C LYS H 182 -56.95 -11.76 -5.19
N ILE H 183 -57.39 -11.75 -3.93
CA ILE H 183 -58.44 -10.85 -3.51
C ILE H 183 -57.83 -9.72 -2.68
N ILE H 184 -57.91 -8.50 -3.17
CA ILE H 184 -57.44 -7.30 -2.48
C ILE H 184 -58.71 -6.59 -1.99
N SER H 185 -58.92 -6.54 -0.68
CA SER H 185 -60.09 -5.89 -0.13
C SER H 185 -59.95 -4.39 -0.09
N LYS H 186 -60.92 -3.67 -0.66
CA LYS H 186 -60.91 -2.20 -0.62
C LYS H 186 -61.56 -1.74 0.69
N ILE H 187 -60.84 -0.94 1.49
CA ILE H 187 -61.38 -0.42 2.73
C ILE H 187 -61.88 0.97 2.39
N GLU H 188 -63.19 1.15 2.44
CA GLU H 188 -63.80 2.41 1.98
C GLU H 188 -64.71 3.10 3.00
N ASN H 189 -64.87 2.53 4.19
CA ASN H 189 -65.76 3.15 5.18
C ASN H 189 -65.29 2.86 6.60
N HIS H 190 -65.98 3.44 7.60
CA HIS H 190 -65.62 3.29 9.00
C HIS H 190 -65.60 1.84 9.44
N GLU H 191 -66.60 1.05 9.05
CA GLU H 191 -66.65 -0.35 9.47
C GLU H 191 -65.47 -1.16 8.98
N GLY H 192 -65.06 -0.94 7.73
CA GLY H 192 -63.91 -1.62 7.16
C GLY H 192 -62.63 -1.28 7.93
N VAL H 193 -62.49 -0.02 8.35
CA VAL H 193 -61.32 0.41 9.13
C VAL H 193 -61.34 -0.25 10.52
N LYS H 194 -62.49 -0.26 11.17
CA LYS H 194 -62.65 -0.87 12.49
C LYS H 194 -62.51 -2.39 12.50
N ARG H 195 -62.95 -3.05 11.43
CA ARG H 195 -62.81 -4.49 11.33
C ARG H 195 -61.62 -4.90 10.46
N PHE H 196 -60.64 -3.99 10.28
CA PHE H 196 -59.44 -4.19 9.47
C PHE H 196 -58.72 -5.50 9.74
N ASP H 197 -58.43 -5.83 11.01
CA ASP H 197 -57.66 -7.04 11.31
C ASP H 197 -58.32 -8.32 10.81
N GLU H 198 -59.64 -8.44 10.97
CA GLU H 198 -60.34 -9.62 10.50
C GLU H 198 -60.41 -9.68 8.97
N ILE H 199 -60.45 -8.51 8.31
CA ILE H 199 -60.48 -8.44 6.85
C ILE H 199 -59.11 -8.82 6.28
N LEU H 200 -58.03 -8.26 6.82
CA LEU H 200 -56.68 -8.54 6.36
C LEU H 200 -56.35 -10.02 6.50
N GLU H 201 -56.76 -10.63 7.62
CA GLU H 201 -56.50 -12.05 7.88
C GLU H 201 -56.96 -12.97 6.77
N VAL H 202 -58.12 -12.69 6.18
CA VAL H 202 -58.67 -13.54 5.11
C VAL H 202 -58.43 -13.01 3.70
N SER H 203 -57.85 -11.80 3.55
CA SER H 203 -57.59 -11.23 2.22
C SER H 203 -56.15 -11.47 1.80
N ASP H 204 -55.85 -11.37 0.51
CA ASP H 204 -54.47 -11.42 0.05
C ASP H 204 -53.76 -10.06 0.25
N GLY H 205 -54.53 -8.98 0.34
CA GLY H 205 -54.01 -7.63 0.49
C GLY H 205 -55.12 -6.62 0.65
N ILE H 206 -54.75 -5.33 0.69
CA ILE H 206 -55.70 -4.26 0.92
C ILE H 206 -55.51 -3.10 -0.03
N MET H 207 -56.59 -2.41 -0.35
CA MET H 207 -56.50 -1.15 -1.07
C MET H 207 -57.07 -0.07 -0.16
N VAL H 208 -56.32 1.02 0.04
CA VAL H 208 -56.80 2.17 0.79
C VAL H 208 -57.54 3.02 -0.26
N ALA H 209 -58.85 2.82 -0.35
CA ALA H 209 -59.71 3.49 -1.34
C ALA H 209 -60.11 4.84 -0.78
N ARG H 210 -59.24 5.83 -0.93
CA ARG H 210 -59.39 7.14 -0.32
C ARG H 210 -60.57 7.98 -0.79
N GLY H 211 -61.08 7.71 -2.00
CA GLY H 211 -62.23 8.43 -2.54
C GLY H 211 -63.46 8.29 -1.66
N ASP H 212 -63.97 7.07 -1.52
CA ASP H 212 -65.11 6.79 -0.67
C ASP H 212 -64.77 6.94 0.80
N LEU H 213 -63.57 6.53 1.23
CA LEU H 213 -63.15 6.67 2.61
C LEU H 213 -63.23 8.14 3.07
N GLY H 214 -62.83 9.06 2.22
CA GLY H 214 -62.87 10.50 2.47
C GLY H 214 -64.26 11.11 2.53
N ILE H 215 -65.28 10.35 2.10
CA ILE H 215 -66.67 10.77 2.18
C ILE H 215 -67.37 10.07 3.38
N GLU H 216 -66.96 8.82 3.68
CA GLU H 216 -67.52 8.04 4.77
C GLU H 216 -66.99 8.49 6.15
N ILE H 217 -65.75 8.93 6.21
CA ILE H 217 -65.15 9.44 7.44
C ILE H 217 -64.67 10.89 7.17
N PRO H 218 -64.43 11.72 8.19
CA PRO H 218 -63.95 13.09 7.93
C PRO H 218 -62.68 13.07 7.07
N ALA H 219 -62.60 13.96 6.08
CA ALA H 219 -61.49 14.01 5.14
C ALA H 219 -60.14 14.15 5.83
N GLU H 220 -60.09 14.90 6.92
CA GLU H 220 -58.87 15.15 7.68
C GLU H 220 -58.38 13.92 8.44
N LYS H 221 -59.14 12.81 8.45
CA LYS H 221 -58.72 11.59 9.14
C LYS H 221 -58.21 10.51 8.16
N VAL H 222 -58.36 10.70 6.84
CA VAL H 222 -57.97 9.67 5.88
C VAL H 222 -56.48 9.30 5.98
N PHE H 223 -55.60 10.28 6.20
CA PHE H 223 -54.17 9.99 6.35
C PHE H 223 -53.86 9.04 7.52
N LEU H 224 -54.67 9.10 8.61
CA LEU H 224 -54.46 8.21 9.74
C LEU H 224 -54.85 6.78 9.34
N ALA H 225 -55.96 6.62 8.60
CA ALA H 225 -56.40 5.31 8.16
C ALA H 225 -55.39 4.75 7.14
N GLN H 226 -54.89 5.59 6.23
CA GLN H 226 -53.89 5.18 5.25
C GLN H 226 -52.61 4.69 5.92
N LYS H 227 -52.03 5.51 6.83
CA LYS H 227 -50.80 5.13 7.50
C LYS H 227 -50.96 3.89 8.38
N MET H 228 -52.12 3.76 9.06
CA MET H 228 -52.38 2.59 9.91
C MET H 228 -52.44 1.33 9.05
N MET H 229 -53.25 1.36 7.98
CA MET H 229 -53.44 0.19 7.13
C MET H 229 -52.17 -0.21 6.43
N ILE H 230 -51.37 0.77 5.97
CA ILE H 230 -50.09 0.45 5.33
C ILE H 230 -49.15 -0.20 6.33
N GLY H 231 -49.07 0.36 7.55
CA GLY H 231 -48.24 -0.19 8.61
C GLY H 231 -48.64 -1.61 8.97
N ARG H 232 -49.96 -1.88 9.09
CA ARG H 232 -50.43 -3.22 9.43
C ARG H 232 -50.20 -4.22 8.30
N CYS H 233 -50.34 -3.77 7.05
CA CYS H 233 -50.05 -4.66 5.92
C CYS H 233 -48.58 -4.96 5.83
N ASN H 234 -47.71 -3.97 6.09
CA ASN H 234 -46.25 -4.19 6.10
C ASN H 234 -45.90 -5.18 7.23
N LEU H 235 -46.53 -5.04 8.39
CA LEU H 235 -46.30 -5.96 9.51
C LEU H 235 -46.74 -7.40 9.16
N ALA H 236 -47.91 -7.54 8.52
CA ALA H 236 -48.45 -8.81 8.06
C ALA H 236 -47.74 -9.40 6.83
N GLY H 237 -46.94 -8.59 6.11
CA GLY H 237 -46.29 -9.04 4.88
C GLY H 237 -47.24 -9.25 3.74
N LYS H 238 -48.31 -8.44 3.70
CA LYS H 238 -49.32 -8.53 2.64
C LYS H 238 -49.38 -7.24 1.86
N PRO H 239 -49.61 -7.31 0.54
CA PRO H 239 -49.63 -6.09 -0.27
C PRO H 239 -50.67 -5.04 0.10
N VAL H 240 -50.29 -3.77 -0.03
CA VAL H 240 -51.21 -2.66 0.22
C VAL H 240 -51.08 -1.65 -0.91
N VAL H 241 -52.23 -1.20 -1.42
CA VAL H 241 -52.31 -0.24 -2.52
C VAL H 241 -52.80 1.10 -2.01
N CYS H 242 -52.17 2.20 -2.44
CA CYS H 242 -52.67 3.52 -2.10
C CYS H 242 -53.38 4.02 -3.36
N ALA H 243 -54.64 4.47 -3.22
CA ALA H 243 -55.42 4.86 -4.36
C ALA H 243 -56.15 6.19 -4.24
N THR H 244 -56.50 6.81 -5.41
CA THR H 244 -57.40 7.94 -5.65
C THR H 244 -56.83 9.32 -5.47
N GLN H 245 -56.91 10.11 -6.56
CA GLN H 245 -56.53 11.52 -6.67
C GLN H 245 -55.07 11.79 -6.39
N MET H 246 -54.20 10.79 -6.60
CA MET H 246 -52.77 10.95 -6.38
C MET H 246 -52.16 11.98 -7.28
N LEU H 247 -52.55 12.02 -8.56
CA LEU H 247 -52.06 13.03 -9.54
C LEU H 247 -53.28 13.61 -10.29
N GLU H 248 -54.39 13.83 -9.59
CA GLU H 248 -55.66 14.30 -10.15
C GLU H 248 -55.57 15.43 -11.19
N SER H 249 -54.79 16.48 -10.90
CA SER H 249 -54.66 17.61 -11.82
C SER H 249 -54.07 17.20 -13.19
N MET H 250 -53.34 16.06 -13.28
CA MET H 250 -52.81 15.58 -14.57
C MET H 250 -53.87 14.98 -15.48
N ILE H 251 -55.15 14.98 -15.07
CA ILE H 251 -56.23 14.59 -15.97
C ILE H 251 -56.31 15.69 -17.09
N THR H 252 -56.06 16.97 -16.74
CA THR H 252 -56.17 18.11 -17.68
C THR H 252 -54.87 18.87 -17.86
N LYS H 253 -53.92 18.77 -16.90
CA LYS H 253 -52.66 19.50 -16.98
C LYS H 253 -51.43 18.61 -17.18
N PRO H 254 -50.40 19.10 -17.89
CA PRO H 254 -49.22 18.26 -18.16
C PRO H 254 -48.31 17.97 -16.95
N ARG H 255 -48.38 18.81 -15.91
CA ARG H 255 -47.58 18.63 -14.71
C ARG H 255 -48.48 18.66 -13.48
N PRO H 256 -48.15 17.87 -12.44
CA PRO H 256 -49.01 17.83 -11.24
C PRO H 256 -48.71 18.97 -10.25
N THR H 257 -49.56 19.12 -9.22
CA THR H 257 -49.33 20.16 -8.21
C THR H 257 -48.27 19.68 -7.21
N ARG H 258 -47.78 20.58 -6.36
CA ARG H 258 -46.80 20.24 -5.34
C ARG H 258 -47.36 19.28 -4.29
N ALA H 259 -48.68 19.36 -4.00
CA ALA H 259 -49.33 18.44 -3.06
C ALA H 259 -49.42 17.03 -3.64
N GLU H 260 -49.64 16.92 -4.95
CA GLU H 260 -49.75 15.63 -5.62
C GLU H 260 -48.43 14.85 -5.66
N THR H 261 -47.30 15.53 -6.00
CA THR H 261 -46.01 14.81 -5.99
C THR H 261 -45.65 14.39 -4.57
N SER H 262 -45.97 15.24 -3.59
CA SER H 262 -45.74 14.98 -2.20
C SER H 262 -46.55 13.75 -1.75
N ASP H 263 -47.82 13.66 -2.17
CA ASP H 263 -48.72 12.56 -1.82
C ASP H 263 -48.16 11.23 -2.34
N VAL H 264 -47.65 11.21 -3.59
CA VAL H 264 -47.09 9.99 -4.17
C VAL H 264 -45.84 9.60 -3.41
N ALA H 265 -44.95 10.58 -3.14
CA ALA H 265 -43.72 10.29 -2.41
C ALA H 265 -44.00 9.79 -0.99
N ASN H 266 -44.97 10.41 -0.31
CA ASN H 266 -45.33 9.99 1.05
C ASN H 266 -46.03 8.64 1.09
N ALA H 267 -46.79 8.26 0.08
CA ALA H 267 -47.44 6.93 0.04
C ALA H 267 -46.33 5.86 -0.04
N VAL H 268 -45.26 6.12 -0.83
CA VAL H 268 -44.13 5.21 -0.95
C VAL H 268 -43.37 5.18 0.36
N LEU H 269 -43.09 6.35 0.97
CA LEU H 269 -42.39 6.39 2.25
C LEU H 269 -43.22 5.71 3.36
N ASP H 270 -44.56 5.78 3.30
CA ASP H 270 -45.46 5.13 4.27
C ASP H 270 -45.25 3.59 4.21
N GLY H 271 -44.99 3.05 3.02
CA GLY H 271 -44.73 1.63 2.82
C GLY H 271 -45.67 0.96 1.83
N ALA H 272 -46.36 1.75 0.99
CA ALA H 272 -47.30 1.17 0.01
C ALA H 272 -46.58 0.30 -0.99
N ASP H 273 -47.13 -0.88 -1.27
CA ASP H 273 -46.55 -1.75 -2.29
C ASP H 273 -46.87 -1.23 -3.68
N CYS H 274 -48.09 -0.68 -3.87
CA CYS H 274 -48.58 -0.19 -5.16
C CYS H 274 -49.15 1.20 -5.00
N ILE H 275 -49.08 1.98 -6.08
CA ILE H 275 -49.72 3.28 -6.15
C ILE H 275 -50.62 3.22 -7.39
N MET H 276 -51.72 3.97 -7.37
CA MET H 276 -52.72 3.86 -8.41
C MET H 276 -53.05 5.17 -9.11
N LEU H 277 -53.49 5.04 -10.37
CA LEU H 277 -53.97 6.13 -11.22
C LEU H 277 -55.39 5.72 -11.64
N SER H 278 -56.36 6.62 -11.52
CA SER H 278 -57.73 6.36 -11.90
C SER H 278 -58.07 7.20 -13.13
N GLY H 279 -58.64 8.38 -12.96
CA GLY H 279 -58.96 9.25 -14.09
C GLY H 279 -57.74 9.70 -14.86
N GLU H 280 -56.60 9.79 -14.21
CA GLU H 280 -55.33 10.17 -14.84
C GLU H 280 -54.98 9.27 -16.02
N THR H 281 -55.34 7.95 -15.98
CA THR H 281 -55.08 7.08 -17.11
C THR H 281 -56.35 6.63 -17.82
N ALA H 282 -57.48 6.62 -17.12
CA ALA H 282 -58.75 6.19 -17.71
C ALA H 282 -59.32 7.19 -18.68
N LYS H 283 -59.32 8.48 -18.33
CA LYS H 283 -60.00 9.46 -19.17
C LYS H 283 -59.26 10.74 -19.48
N GLY H 284 -58.14 10.97 -18.83
CA GLY H 284 -57.43 12.22 -19.00
C GLY H 284 -56.65 12.37 -20.28
N ASN H 285 -55.98 13.53 -20.44
CA ASN H 285 -55.20 13.78 -21.65
C ASN H 285 -53.72 13.41 -21.56
N PHE H 286 -53.27 12.98 -20.37
CA PHE H 286 -51.87 12.66 -20.15
C PHE H 286 -51.67 11.22 -19.52
N PRO H 287 -52.29 10.14 -20.04
CA PRO H 287 -52.14 8.83 -19.36
C PRO H 287 -50.70 8.36 -19.23
N VAL H 288 -49.90 8.49 -20.31
CA VAL H 288 -48.51 8.06 -20.34
C VAL H 288 -47.67 8.92 -19.40
N GLU H 289 -47.89 10.24 -19.43
CA GLU H 289 -47.10 11.14 -18.60
C GLU H 289 -47.45 10.94 -17.11
N ALA H 290 -48.71 10.54 -16.79
CA ALA H 290 -49.08 10.30 -15.40
C ALA H 290 -48.34 9.04 -14.89
N VAL H 291 -48.19 8.03 -15.74
CA VAL H 291 -47.45 6.81 -15.39
C VAL H 291 -45.97 7.18 -15.18
N LYS H 292 -45.39 7.99 -16.09
CA LYS H 292 -44.00 8.43 -16.00
C LYS H 292 -43.74 9.24 -14.76
N MET H 293 -44.69 10.07 -14.34
CA MET H 293 -44.54 10.89 -13.15
C MET H 293 -44.55 10.03 -11.89
N GLN H 294 -45.46 9.06 -11.79
CA GLN H 294 -45.49 8.15 -10.65
C GLN H 294 -44.21 7.34 -10.59
N HIS H 295 -43.69 6.91 -11.75
CA HIS H 295 -42.42 6.16 -11.83
C HIS H 295 -41.28 7.03 -11.29
N ALA H 296 -41.15 8.28 -11.77
CA ALA H 296 -40.08 9.18 -11.36
C ALA H 296 -40.11 9.48 -9.87
N ILE H 297 -41.30 9.75 -9.31
CA ILE H 297 -41.43 10.04 -7.88
C ILE H 297 -41.13 8.80 -7.02
N ALA H 298 -41.72 7.64 -7.35
CA ALA H 298 -41.51 6.42 -6.59
C ALA H 298 -40.03 6.05 -6.51
N ARG H 299 -39.28 6.23 -7.60
CA ARG H 299 -37.85 5.95 -7.60
C ARG H 299 -37.11 6.82 -6.61
N GLU H 300 -37.44 8.13 -6.58
CA GLU H 300 -36.79 9.05 -5.65
C GLU H 300 -37.15 8.69 -4.22
N ALA H 301 -38.42 8.39 -3.97
CA ALA H 301 -38.90 8.10 -2.62
C ALA H 301 -38.38 6.77 -2.06
N GLU H 302 -38.21 5.75 -2.93
CA GLU H 302 -37.69 4.46 -2.49
C GLU H 302 -36.24 4.59 -2.00
N ALA H 303 -35.44 5.42 -2.65
CA ALA H 303 -34.06 5.67 -2.20
C ALA H 303 -34.02 6.44 -0.86
N ALA H 304 -35.04 7.26 -0.58
CA ALA H 304 -35.14 8.04 0.65
C ALA H 304 -35.72 7.25 1.85
N VAL H 305 -36.06 5.98 1.67
CA VAL H 305 -36.57 5.15 2.76
C VAL H 305 -35.42 4.91 3.76
N TYR H 306 -35.70 5.06 5.06
CA TYR H 306 -34.69 4.86 6.09
C TYR H 306 -34.59 3.37 6.42
N HIS H 307 -33.92 2.60 5.55
CA HIS H 307 -33.79 1.15 5.69
C HIS H 307 -33.20 0.70 7.01
N ARG H 308 -32.26 1.46 7.58
CA ARG H 308 -31.63 1.09 8.85
C ARG H 308 -32.67 0.84 9.96
N GLN H 309 -33.61 1.77 10.15
CA GLN H 309 -34.64 1.59 11.17
C GLN H 309 -35.73 0.64 10.68
N LEU H 310 -36.16 0.77 9.42
CA LEU H 310 -37.20 -0.07 8.85
C LEU H 310 -36.85 -1.59 8.96
N PHE H 311 -35.66 -2.00 8.53
CA PHE H 311 -35.25 -3.41 8.60
C PHE H 311 -35.20 -3.90 10.04
N GLU H 312 -34.65 -3.08 10.95
CA GLU H 312 -34.57 -3.38 12.38
C GLU H 312 -35.98 -3.59 12.96
N GLU H 313 -36.94 -2.74 12.62
CA GLU H 313 -38.30 -2.87 13.13
C GLU H 313 -39.06 -4.02 12.51
N LEU H 314 -38.85 -4.28 11.20
CA LEU H 314 -39.52 -5.41 10.55
C LEU H 314 -39.05 -6.70 11.16
N ARG H 315 -37.75 -6.82 11.48
CA ARG H 315 -37.24 -8.05 12.04
C ARG H 315 -37.66 -8.20 13.53
N ARG H 316 -37.69 -7.11 14.29
CA ARG H 316 -38.12 -7.15 15.69
C ARG H 316 -39.62 -7.43 15.83
N ALA H 317 -40.42 -6.98 14.87
CA ALA H 317 -41.87 -7.19 14.92
C ALA H 317 -42.30 -8.51 14.33
N ALA H 318 -41.56 -9.02 13.35
CA ALA H 318 -41.90 -10.29 12.71
C ALA H 318 -41.68 -11.40 13.71
N PRO H 319 -42.69 -12.27 13.89
CA PRO H 319 -42.52 -13.37 14.84
C PRO H 319 -41.46 -14.37 14.37
N LEU H 320 -40.88 -15.13 15.32
CA LEU H 320 -39.96 -16.21 15.00
C LEU H 320 -40.65 -17.20 14.09
N SER H 321 -39.90 -17.81 13.17
CA SER H 321 -40.52 -18.70 12.21
C SER H 321 -39.77 -19.96 12.05
N ARG H 322 -40.49 -21.05 11.88
CA ARG H 322 -39.93 -22.34 11.57
C ARG H 322 -40.14 -22.72 10.08
N ASP H 323 -40.62 -21.77 9.26
CA ASP H 323 -40.81 -22.02 7.85
C ASP H 323 -39.49 -21.72 7.13
N PRO H 324 -38.90 -22.73 6.46
CA PRO H 324 -37.62 -22.49 5.78
C PRO H 324 -37.61 -21.40 4.72
N THR H 325 -38.74 -21.16 4.03
CA THR H 325 -38.81 -20.10 3.03
C THR H 325 -38.67 -18.75 3.74
N GLU H 326 -39.35 -18.58 4.87
CA GLU H 326 -39.31 -17.37 5.67
C GLU H 326 -37.90 -17.15 6.26
N VAL H 327 -37.27 -18.23 6.76
CA VAL H 327 -35.93 -18.16 7.33
C VAL H 327 -34.88 -17.84 6.25
N THR H 328 -35.00 -18.44 5.05
CA THR H 328 -34.09 -18.16 3.94
C THR H 328 -34.26 -16.70 3.50
N ALA H 329 -35.51 -16.22 3.43
CA ALA H 329 -35.79 -14.86 3.00
C ALA H 329 -35.09 -13.80 3.87
N ILE H 330 -35.16 -13.91 5.21
CA ILE H 330 -34.51 -12.94 6.08
C ILE H 330 -32.97 -13.06 5.98
N GLY H 331 -32.45 -14.27 5.83
CA GLY H 331 -31.02 -14.46 5.65
C GLY H 331 -30.53 -13.85 4.35
N ALA H 332 -31.32 -13.99 3.27
CA ALA H 332 -30.96 -13.44 1.97
C ALA H 332 -31.02 -11.90 1.97
N VAL H 333 -32.01 -11.30 2.63
CA VAL H 333 -32.14 -9.84 2.72
C VAL H 333 -31.01 -9.28 3.57
N GLU H 334 -30.63 -9.95 4.66
CA GLU H 334 -29.50 -9.54 5.50
C GLU H 334 -28.19 -9.63 4.68
N ALA H 335 -28.00 -10.72 3.92
CA ALA H 335 -26.83 -10.87 3.07
C ALA H 335 -26.78 -9.77 1.99
N ALA H 336 -27.92 -9.46 1.36
CA ALA H 336 -28.00 -8.42 0.34
C ALA H 336 -27.58 -7.03 0.87
N PHE H 337 -27.99 -6.69 2.10
CA PHE H 337 -27.61 -5.41 2.70
C PHE H 337 -26.09 -5.38 3.01
N LYS H 338 -25.53 -6.52 3.46
CA LYS H 338 -24.13 -6.61 3.81
C LYS H 338 -23.20 -6.30 2.67
N CYS H 339 -23.53 -6.73 1.46
CA CYS H 339 -22.67 -6.56 0.30
C CYS H 339 -23.17 -5.56 -0.70
N CYS H 340 -24.29 -4.83 -0.39
CA CYS H 340 -24.90 -3.88 -1.33
C CYS H 340 -25.26 -4.61 -2.63
N ALA H 341 -25.82 -5.84 -2.51
CA ALA H 341 -26.15 -6.67 -3.67
C ALA H 341 -27.00 -5.92 -4.68
N ALA H 342 -26.69 -6.06 -5.98
CA ALA H 342 -27.48 -5.41 -7.02
C ALA H 342 -28.89 -6.03 -7.12
N ALA H 343 -29.01 -7.34 -6.77
CA ALA H 343 -30.29 -8.06 -6.88
C ALA H 343 -30.29 -9.31 -6.01
N ILE H 344 -31.51 -9.80 -5.72
CA ILE H 344 -31.78 -11.09 -5.12
C ILE H 344 -32.55 -11.83 -6.23
N ILE H 345 -31.98 -12.87 -6.82
CA ILE H 345 -32.66 -13.64 -7.86
C ILE H 345 -33.33 -14.81 -7.20
N VAL H 346 -34.64 -14.95 -7.32
CA VAL H 346 -35.38 -16.03 -6.68
C VAL H 346 -36.19 -16.85 -7.69
N LEU H 347 -36.19 -18.16 -7.51
CA LEU H 347 -37.04 -19.03 -8.33
C LEU H 347 -38.34 -19.18 -7.53
N THR H 348 -39.48 -19.02 -8.21
CA THR H 348 -40.76 -19.12 -7.52
C THR H 348 -41.83 -19.70 -8.44
N THR H 349 -42.69 -20.57 -7.89
CA THR H 349 -43.76 -21.18 -8.67
C THR H 349 -45.03 -20.38 -8.47
N THR H 350 -45.34 -20.03 -7.21
CA THR H 350 -46.56 -19.31 -6.87
C THR H 350 -46.33 -17.81 -6.62
N GLY H 351 -45.09 -17.38 -6.45
CA GLY H 351 -44.75 -16.02 -6.08
C GLY H 351 -44.42 -15.88 -4.60
N ARG H 352 -44.74 -16.89 -3.77
CA ARG H 352 -44.57 -16.81 -2.33
C ARG H 352 -43.14 -16.55 -1.86
N SER H 353 -42.12 -17.22 -2.44
CA SER H 353 -40.73 -16.96 -2.01
C SER H 353 -40.33 -15.50 -2.27
N ALA H 354 -40.82 -14.92 -3.36
CA ALA H 354 -40.53 -13.52 -3.69
C ALA H 354 -41.26 -12.59 -2.72
N GLN H 355 -42.51 -12.92 -2.36
CA GLN H 355 -43.30 -12.13 -1.40
C GLN H 355 -42.62 -12.09 -0.03
N LEU H 356 -42.07 -13.23 0.41
CA LEU H 356 -41.39 -13.26 1.71
C LEU H 356 -40.08 -12.48 1.70
N LEU H 357 -39.43 -12.34 0.55
CA LEU H 357 -38.24 -11.49 0.44
C LEU H 357 -38.65 -10.02 0.50
N SER H 358 -39.70 -9.68 -0.24
CA SER H 358 -40.28 -8.34 -0.36
C SER H 358 -40.76 -7.76 0.98
N ARG H 359 -41.28 -8.60 1.88
CA ARG H 359 -41.78 -8.13 3.18
C ARG H 359 -40.68 -7.53 4.07
N TYR H 360 -39.39 -7.90 3.83
CA TYR H 360 -38.28 -7.31 4.59
C TYR H 360 -37.72 -6.05 3.98
N ARG H 361 -38.32 -5.58 2.87
CA ARG H 361 -37.96 -4.36 2.19
C ARG H 361 -36.48 -4.21 1.88
N PRO H 362 -35.89 -5.17 1.14
CA PRO H 362 -34.49 -5.01 0.75
C PRO H 362 -34.34 -3.83 -0.21
N ARG H 363 -33.15 -3.27 -0.24
CA ARG H 363 -32.82 -2.24 -1.21
C ARG H 363 -32.54 -2.94 -2.58
N ALA H 364 -31.99 -4.16 -2.57
CA ALA H 364 -31.72 -4.92 -3.78
C ALA H 364 -33.05 -5.32 -4.44
N ALA H 365 -33.10 -5.26 -5.76
CA ALA H 365 -34.26 -5.66 -6.54
C ALA H 365 -34.47 -7.18 -6.35
N VAL H 366 -35.72 -7.63 -6.23
CA VAL H 366 -36.00 -9.08 -6.14
C VAL H 366 -36.41 -9.53 -7.53
N ILE H 367 -35.52 -10.17 -8.27
CA ILE H 367 -35.79 -10.66 -9.60
C ILE H 367 -36.39 -12.03 -9.50
N ALA H 368 -37.67 -12.18 -9.82
CA ALA H 368 -38.37 -13.44 -9.63
C ALA H 368 -38.53 -14.18 -10.94
N VAL H 369 -37.95 -15.35 -11.05
CA VAL H 369 -38.05 -16.13 -12.27
C VAL H 369 -39.06 -17.20 -12.05
N THR H 370 -40.11 -17.21 -12.89
CA THR H 370 -41.19 -18.17 -12.79
C THR H 370 -41.64 -18.65 -14.13
N ARG H 371 -42.19 -19.86 -14.18
CA ARG H 371 -42.83 -20.38 -15.40
C ARG H 371 -44.32 -20.06 -15.42
N SER H 372 -44.91 -19.72 -14.28
CA SER H 372 -46.32 -19.44 -14.19
C SER H 372 -46.57 -18.01 -14.66
N ALA H 373 -47.29 -17.85 -15.77
CA ALA H 373 -47.63 -16.55 -16.31
C ALA H 373 -48.52 -15.78 -15.30
N GLN H 374 -49.43 -16.49 -14.61
CA GLN H 374 -50.27 -15.85 -13.60
C GLN H 374 -49.48 -15.34 -12.40
N ALA H 375 -48.58 -16.17 -11.84
CA ALA H 375 -47.74 -15.75 -10.72
C ALA H 375 -46.87 -14.56 -11.12
N ALA H 376 -46.33 -14.58 -12.34
CA ALA H 376 -45.50 -13.47 -12.83
C ALA H 376 -46.31 -12.16 -12.84
N ARG H 377 -47.60 -12.23 -13.21
CA ARG H 377 -48.44 -11.04 -13.18
C ARG H 377 -48.80 -10.62 -11.74
N GLN H 378 -49.15 -11.58 -10.90
CA GLN H 378 -49.56 -11.30 -9.53
C GLN H 378 -48.47 -10.78 -8.60
N VAL H 379 -47.18 -11.14 -8.81
CA VAL H 379 -46.12 -10.64 -7.91
C VAL H 379 -45.88 -9.13 -8.03
N HIS H 380 -46.47 -8.48 -9.03
CA HIS H 380 -46.40 -7.01 -9.11
C HIS H 380 -47.09 -6.37 -7.87
N LEU H 381 -47.95 -7.13 -7.16
CA LEU H 381 -48.57 -6.61 -5.94
C LEU H 381 -47.54 -6.39 -4.84
N CYS H 382 -46.36 -7.08 -4.89
CA CYS H 382 -45.34 -6.96 -3.85
C CYS H 382 -44.23 -6.04 -4.23
N ARG H 383 -43.96 -5.03 -3.38
CA ARG H 383 -42.90 -4.07 -3.69
C ARG H 383 -41.55 -4.69 -3.95
N GLY H 384 -40.90 -4.24 -5.00
CA GLY H 384 -39.53 -4.64 -5.27
C GLY H 384 -39.40 -5.97 -5.96
N VAL H 385 -40.49 -6.59 -6.41
CA VAL H 385 -40.43 -7.83 -7.13
C VAL H 385 -40.53 -7.53 -8.63
N PHE H 386 -39.52 -7.93 -9.41
CA PHE H 386 -39.45 -7.78 -10.85
C PHE H 386 -39.62 -9.16 -11.47
N PRO H 387 -40.83 -9.46 -11.95
CA PRO H 387 -41.08 -10.80 -12.48
C PRO H 387 -40.58 -11.06 -13.88
N LEU H 388 -39.97 -12.23 -14.05
CA LEU H 388 -39.49 -12.66 -15.35
C LEU H 388 -40.20 -13.94 -15.70
N LEU H 389 -40.82 -14.00 -16.88
CA LEU H 389 -41.52 -15.20 -17.30
C LEU H 389 -40.56 -16.12 -18.11
N TYR H 390 -40.26 -17.30 -17.59
CA TYR H 390 -39.37 -18.26 -18.23
C TYR H 390 -40.24 -19.21 -19.07
N ARG H 391 -39.90 -19.36 -20.35
CA ARG H 391 -40.74 -20.10 -21.28
C ARG H 391 -40.26 -21.47 -21.68
N GLU H 392 -38.99 -21.79 -21.44
CA GLU H 392 -38.44 -23.08 -21.82
C GLU H 392 -39.00 -24.22 -21.01
N PRO H 393 -39.31 -25.36 -21.66
CA PRO H 393 -39.75 -26.54 -20.91
C PRO H 393 -38.60 -27.08 -20.01
N PRO H 394 -38.94 -27.81 -18.95
CA PRO H 394 -37.88 -28.29 -18.03
C PRO H 394 -36.77 -29.12 -18.65
N GLU H 395 -35.53 -28.87 -18.22
CA GLU H 395 -34.36 -29.66 -18.57
C GLU H 395 -34.51 -31.06 -17.90
N ALA H 396 -33.82 -32.07 -18.42
CA ALA H 396 -33.89 -33.43 -17.88
C ALA H 396 -33.24 -33.46 -16.49
N ILE H 397 -32.14 -32.74 -16.31
CA ILE H 397 -31.47 -32.66 -15.03
C ILE H 397 -31.99 -31.43 -14.28
N TRP H 398 -32.65 -31.64 -13.13
CA TRP H 398 -33.26 -30.57 -12.36
C TRP H 398 -32.28 -29.49 -11.95
N ALA H 399 -31.08 -29.85 -11.50
CA ALA H 399 -30.06 -28.85 -11.18
C ALA H 399 -29.71 -27.95 -12.41
N ASP H 400 -29.70 -28.49 -13.64
CA ASP H 400 -29.45 -27.68 -14.83
C ASP H 400 -30.63 -26.78 -15.14
N ASP H 401 -31.87 -27.27 -14.93
CA ASP H 401 -33.07 -26.47 -15.13
C ASP H 401 -33.07 -25.27 -14.17
N VAL H 402 -32.62 -25.48 -12.92
CA VAL H 402 -32.51 -24.46 -11.92
C VAL H 402 -31.48 -23.41 -12.40
N ASP H 403 -30.26 -23.86 -12.79
CA ASP H 403 -29.17 -22.99 -13.25
C ASP H 403 -29.56 -22.19 -14.49
N ARG H 404 -30.29 -22.78 -15.44
CA ARG H 404 -30.73 -22.06 -16.64
C ARG H 404 -31.65 -20.92 -16.28
N ARG H 405 -32.54 -21.12 -15.31
CA ARG H 405 -33.44 -20.05 -14.87
C ARG H 405 -32.70 -18.94 -14.17
N VAL H 406 -31.68 -19.29 -13.36
CA VAL H 406 -30.87 -18.29 -12.66
C VAL H 406 -30.10 -17.46 -13.72
N GLN H 407 -29.55 -18.14 -14.75
CA GLN H 407 -28.85 -17.45 -15.86
C GLN H 407 -29.81 -16.57 -16.65
N PHE H 408 -31.05 -17.01 -16.81
CA PHE H 408 -32.07 -16.22 -17.46
C PHE H 408 -32.33 -14.91 -16.65
N GLY H 409 -32.35 -15.00 -15.33
CA GLY H 409 -32.47 -13.85 -14.44
C GLY H 409 -31.30 -12.90 -14.57
N ILE H 410 -30.08 -13.44 -14.65
CA ILE H 410 -28.88 -12.63 -14.82
C ILE H 410 -28.84 -11.93 -16.18
N GLU H 411 -29.12 -12.64 -17.26
CA GLU H 411 -29.09 -12.07 -18.60
C GLU H 411 -30.18 -11.01 -18.78
N SER H 412 -31.37 -11.23 -18.19
CA SER H 412 -32.45 -10.24 -18.21
C SER H 412 -32.00 -9.02 -17.44
N GLY H 413 -31.42 -9.23 -16.25
CA GLY H 413 -30.94 -8.17 -15.38
C GLY H 413 -29.88 -7.32 -16.04
N LYS H 414 -28.97 -7.95 -16.79
CA LYS H 414 -27.90 -7.23 -17.50
C LYS H 414 -28.51 -6.39 -18.62
N LEU H 415 -29.43 -6.96 -19.40
CA LEU H 415 -30.09 -6.26 -20.48
C LEU H 415 -30.88 -5.06 -19.98
N ARG H 416 -31.58 -5.22 -18.85
CA ARG H 416 -32.41 -4.15 -18.31
C ARG H 416 -31.67 -3.14 -17.45
N GLY H 417 -30.37 -3.33 -17.22
CA GLY H 417 -29.58 -2.39 -16.43
C GLY H 417 -29.55 -2.64 -14.94
N PHE H 418 -30.16 -3.73 -14.46
CA PHE H 418 -30.15 -4.08 -13.04
C PHE H 418 -28.75 -4.54 -12.60
N LEU H 419 -28.01 -5.22 -13.48
CA LEU H 419 -26.76 -5.87 -13.15
C LEU H 419 -25.70 -5.59 -14.18
N ARG H 420 -24.47 -5.71 -13.75
CA ARG H 420 -23.28 -5.56 -14.58
C ARG H 420 -22.19 -6.50 -14.01
N VAL H 421 -21.21 -6.84 -14.83
CA VAL H 421 -20.08 -7.68 -14.44
C VAL H 421 -19.38 -7.11 -13.21
N GLY H 422 -19.12 -7.95 -12.22
CA GLY H 422 -18.51 -7.50 -10.97
C GLY H 422 -19.50 -7.31 -9.84
N ASP H 423 -20.80 -7.19 -10.15
CA ASP H 423 -21.82 -7.05 -9.12
C ASP H 423 -21.98 -8.34 -8.31
N LEU H 424 -22.46 -8.21 -7.07
CA LEU H 424 -22.79 -9.36 -6.26
C LEU H 424 -24.31 -9.51 -6.29
N VAL H 425 -24.81 -10.74 -6.40
CA VAL H 425 -26.23 -11.04 -6.30
C VAL H 425 -26.42 -12.17 -5.30
N ILE H 426 -27.59 -12.20 -4.67
CA ILE H 426 -27.98 -13.26 -3.76
C ILE H 426 -28.95 -14.13 -4.57
N VAL H 427 -28.75 -15.45 -4.62
CA VAL H 427 -29.62 -16.35 -5.37
C VAL H 427 -30.39 -17.25 -4.39
N VAL H 428 -31.74 -17.24 -4.49
CA VAL H 428 -32.62 -17.98 -3.61
C VAL H 428 -33.34 -19.11 -4.36
N THR H 429 -33.07 -20.36 -3.93
CA THR H 429 -33.61 -21.55 -4.54
C THR H 429 -34.08 -22.56 -3.44
N GLY H 430 -34.58 -23.72 -3.87
CA GLY H 430 -35.04 -24.76 -2.96
C GLY H 430 -34.32 -26.08 -3.20
N TRP H 431 -34.61 -27.07 -2.38
CA TRP H 431 -33.92 -28.34 -2.42
C TRP H 431 -34.59 -29.39 -3.29
N ARG H 432 -35.81 -29.15 -3.77
CA ARG H 432 -36.49 -30.09 -4.66
C ARG H 432 -37.48 -29.31 -5.54
N PRO H 433 -37.95 -29.94 -6.65
CA PRO H 433 -38.97 -29.27 -7.48
C PRO H 433 -40.31 -29.12 -6.75
N GLY H 434 -41.13 -28.20 -7.25
CA GLY H 434 -42.42 -27.93 -6.65
C GLY H 434 -42.34 -26.80 -5.66
N SER H 435 -43.48 -26.17 -5.43
CA SER H 435 -43.66 -25.04 -4.56
C SER H 435 -43.52 -25.43 -3.07
N GLY H 436 -43.01 -24.51 -2.27
CA GLY H 436 -42.89 -24.65 -0.82
C GLY H 436 -41.59 -25.19 -0.27
N TYR H 437 -40.57 -25.39 -1.10
CA TYR H 437 -39.31 -25.96 -0.64
C TYR H 437 -38.10 -25.05 -0.70
N THR H 438 -38.31 -23.71 -0.77
CA THR H 438 -37.19 -22.77 -0.77
C THR H 438 -36.44 -22.88 0.55
N ASN H 439 -35.11 -23.03 0.48
CA ASN H 439 -34.32 -23.17 1.70
C ASN H 439 -32.83 -22.84 1.46
N ILE H 440 -32.45 -22.30 0.29
CA ILE H 440 -31.04 -22.03 0.00
C ILE H 440 -30.82 -20.61 -0.44
N MET H 441 -29.76 -19.99 0.06
CA MET H 441 -29.32 -18.69 -0.41
C MET H 441 -27.80 -18.78 -0.75
N ARG H 442 -27.41 -18.25 -1.91
CA ARG H 442 -26.03 -18.29 -2.41
CA ARG H 442 -26.01 -18.25 -2.30
C ARG H 442 -25.56 -16.88 -2.77
N VAL H 443 -24.29 -16.56 -2.49
CA VAL H 443 -23.71 -15.26 -2.88
C VAL H 443 -22.96 -15.49 -4.18
N LEU H 444 -23.38 -14.83 -5.25
CA LEU H 444 -22.84 -15.04 -6.59
C LEU H 444 -22.24 -13.77 -7.18
N SER H 445 -21.06 -13.88 -7.78
CA SER H 445 -20.41 -12.74 -8.42
C SER H 445 -20.78 -12.77 -9.90
N ILE H 446 -21.28 -11.66 -10.45
CA ILE H 446 -21.68 -11.59 -11.85
C ILE H 446 -20.48 -11.58 -12.80
N SER H 447 -20.44 -12.51 -13.74
CA SER H 447 -19.37 -12.60 -14.74
C SER H 447 -19.92 -12.36 -16.17
P1 FBP I . 35.77 -6.20 -60.85
O1P FBP I . 37.02 -6.84 -61.32
O2P FBP I . 34.61 -7.20 -60.64
O3P FBP I . 35.19 -5.05 -61.72
O1 FBP I . 36.08 -5.47 -59.43
C1 FBP I . 35.08 -4.84 -58.62
C2 FBP I . 35.65 -4.80 -57.18
O2 FBP I . 34.76 -4.02 -56.42
C3 FBP I . 37.11 -4.28 -57.13
O3 FBP I . 37.17 -2.86 -57.20
C4 FBP I . 37.58 -4.85 -55.82
O4 FBP I . 39.01 -4.88 -55.75
C5 FBP I . 37.01 -6.26 -55.92
O5 FBP I . 35.76 -6.11 -56.60
C6 FBP I . 36.81 -6.95 -54.59
O6 FBP I . 37.06 -8.36 -54.75
P2 FBP I . 37.65 -9.20 -53.50
O4P FBP I . 38.91 -8.50 -53.05
O5P FBP I . 37.99 -10.57 -54.01
O6P FBP I . 36.58 -9.23 -52.45
C1 OXL J . 31.61 -36.57 -36.91
C2 OXL J . 31.64 -36.21 -38.44
O1 OXL J . 32.22 -37.55 -36.50
O2 OXL J . 32.34 -36.99 -39.21
O3 OXL J . 30.90 -35.81 -36.11
O4 OXL J . 31.01 -35.22 -38.85
MG MG K . 33.68 -38.10 -38.15
K K L . 32.99 -38.71 -43.75
C2 OD5 M . 24.30 -13.82 -17.31
C2 OD5 M . 31.07 -12.30 -27.69
C3 OD5 M . 24.25 -12.52 -16.78
C3 OD5 M . 30.91 -13.58 -28.27
C4 OD5 M . 25.37 -11.71 -16.85
C4 OD5 M . 29.66 -14.18 -28.27
C5 OD5 M . 26.53 -12.15 -17.44
C5 OD5 M . 28.58 -13.56 -27.66
C6 OD5 M . 27.66 -13.97 -20.45
C6 OD5 M . 27.36 -12.39 -24.65
C9 OD5 M . 27.11 -13.89 -23.16
C9 OD5 M . 27.38 -13.75 -22.23
C8 OD5 M . 26.84 -15.04 -22.42
C8 OD5 M . 27.85 -12.44 -22.31
C10 OD5 M . 27.66 -12.77 -22.52
C10 OD5 M . 26.89 -14.37 -23.38
C11 OD5 M . 27.93 -12.82 -21.16
C11 OD5 M . 26.88 -13.70 -24.59
O5 OD5 M . 28.23 -15.40 -18.35
O5 OD5 M . 26.21 -11.88 -26.93
S OD5 M . 28.04 -14.02 -18.72
S OD5 M . 27.42 -11.57 -26.21
O OD5 M . 29.09 -13.07 -18.47
O OD5 M . 27.76 -10.19 -25.98
O4 OD5 M . 27.91 -11.63 -23.21
O4 OD5 M . 26.40 -15.64 -23.31
O3 OD5 M . 26.88 -13.88 -24.50
O3 OD5 M . 27.41 -14.40 -21.04
C7 OD5 M . 27.10 -15.08 -21.07
C7 OD5 M . 27.85 -11.77 -23.52
C OD5 M . 26.58 -13.44 -17.95
C OD5 M . 28.76 -12.32 -27.06
O2 OD5 M . 23.16 -12.10 -16.09
O2 OD5 M . 31.98 -14.22 -28.81
O1 OD5 M . 23.21 -14.62 -17.30
O1 OD5 M . 32.22 -11.60 -27.85
C1 OD5 M . 25.48 -14.28 -17.88
C1 OD5 M . 29.99 -11.69 -27.07
H3 OD5 M . 25.36 -10.69 -16.44
H3 OD5 M . 29.50 -15.16 -28.73
H4 OD5 M . 27.38 -11.48 -17.53
H4 OD5 M . 27.60 -14.04 -27.67
H6 OD5 M . 26.40 -15.90 -22.93
H6 OD5 M . 28.24 -11.96 -21.41
H9 OD5 M . 28.32 -11.93 -20.67
H9 OD5 M . 26.50 -14.18 -25.49
H8 OD5 M . 28.63 -11.86 -23.87
H8 OD5 M . 27.15 -16.21 -23.01
H7 OD5 M . 27.14 -13.00 -24.89
H7 OD5 M . 27.06 -15.32 -21.14
H5 OD5 M . 26.86 -15.99 -20.50
H5 OD5 M . 28.23 -10.75 -23.55
H2 OD5 M . 23.32 -11.20 -15.70
H2 OD5 M . 31.70 -15.11 -29.15
H1 OD5 M . 22.45 -14.07 -17.61
H1 OD5 M . 32.55 -11.39 -26.94
H OD5 M . 25.50 -15.30 -18.26
H OD5 M . 30.16 -10.73 -26.60
P1 FBP N . 31.13 21.26 -54.07
O1P FBP N . 32.21 22.06 -53.33
O2P FBP N . 29.88 22.14 -54.04
O3P FBP N . 31.59 20.75 -55.41
O1 FBP N . 30.78 19.94 -53.21
C1 FBP N . 31.76 19.00 -52.79
C2 FBP N . 31.19 18.29 -51.53
O2 FBP N . 32.07 17.23 -51.21
C3 FBP N . 29.74 17.81 -51.77
O3 FBP N . 29.67 16.58 -52.49
C4 FBP N . 29.23 17.72 -50.36
O4 FBP N . 27.81 17.72 -50.30
C5 FBP N . 29.80 19.00 -49.76
O5 FBP N . 31.07 19.17 -50.42
C6 FBP N . 29.96 18.98 -48.27
O6 FBP N . 29.73 20.30 -47.74
P2 FBP N . 29.04 20.49 -46.29
O4P FBP N . 30.06 19.93 -45.30
O5P FBP N . 28.73 21.89 -46.02
O6P FBP N . 27.80 19.62 -46.23
C1 OXL O . 34.11 36.23 -18.23
C2 OXL O . 33.95 36.89 -19.64
O1 OXL O . 34.95 35.38 -18.03
O2 OXL O . 34.76 36.51 -20.62
O3 OXL O . 33.29 36.63 -17.30
O4 OXL O . 33.11 37.76 -19.78
MG MG P . 31.40 38.30 -18.99
K K Q . 32.98 41.55 -23.38
P1 FBP R . 19.52 -19.01 15.67
O1P FBP R . 20.54 -19.19 16.75
O2P FBP R . 19.46 -20.24 14.77
O3P FBP R . 18.19 -18.65 16.20
O1 FBP R . 20.11 -17.84 14.75
C1 FBP R . 21.38 -17.87 14.07
C2 FBP R . 21.25 -16.88 12.90
O2 FBP R . 22.55 -16.68 12.39
C3 FBP R . 20.57 -15.56 13.31
O3 FBP R . 21.41 -14.66 14.00
C4 FBP R . 20.09 -15.09 11.97
O4 FBP R . 19.11 -14.07 12.03
C5 FBP R . 19.48 -16.39 11.45
O5 FBP R . 20.39 -17.40 11.88
C6 FBP R . 19.31 -16.42 9.96
O6 FBP R . 18.14 -17.19 9.61
P2 FBP R . 17.42 -16.83 8.21
O4P FBP R . 18.26 -17.13 7.02
O5P FBP R . 16.17 -17.68 8.21
O6P FBP R . 17.05 -15.37 8.26
C1 OXL S . 6.06 -29.96 -19.14
C2 OXL S . 6.01 -30.53 -17.68
O1 OXL S . 7.23 -29.82 -19.68
O2 OXL S . 7.05 -30.76 -17.07
O3 OXL S . 5.01 -29.70 -19.72
O4 OXL S . 4.81 -30.73 -17.16
MG MG T . 3.26 -29.73 -18.36
K K U . 2.10 -33.37 -13.53
P1 FBP V . 42.77 -3.90 20.39
O1P FBP V . 44.15 -4.37 20.74
O2P FBP V . 42.68 -2.37 20.17
O3P FBP V . 41.67 -4.28 21.37
O1 FBP V . 42.33 -4.49 19.02
C1 FBP V . 41.10 -4.19 18.36
C2 FBP V . 41.27 -4.56 16.88
O2 FBP V . 40.01 -4.43 16.27
C3 FBP V . 41.88 -5.95 16.68
O3 FBP V . 40.94 -7.02 16.76
C4 FBP V . 42.45 -5.83 15.29
O4 FBP V . 43.42 -6.83 15.03
C5 FBP V . 43.10 -4.47 15.36
O5 FBP V . 42.22 -3.70 16.21
C6 FBP V . 43.29 -3.78 14.03
O6 FBP V . 44.50 -3.00 14.06
P2 FBP V . 45.36 -2.82 12.72
O4P FBP V . 46.60 -2.08 13.16
O5P FBP V . 45.75 -4.09 12.07
O6P FBP V . 44.46 -2.04 11.75
C1 OXL W . 58.30 21.07 -2.80
C2 OXL W . 58.24 21.36 -4.39
O1 OXL W . 59.40 20.83 -2.28
O2 OXL W . 59.35 21.33 -5.09
O3 OXL W . 57.16 21.11 -2.12
O4 OXL W . 57.15 21.56 -4.91
MG MG X . 61.19 20.88 -3.75
K K Y . 61.97 21.37 2.02
C2 OD5 Z . 34.04 10.68 -22.05
C2 OD5 Z . 40.24 7.38 -11.43
C3 OD5 Z . 34.24 12.06 -21.96
C3 OD5 Z . 40.63 6.04 -11.59
C4 OD5 Z . 35.48 12.57 -21.58
C4 OD5 Z . 39.79 5.17 -12.26
C5 OD5 Z . 36.51 11.70 -21.27
C5 OD5 Z . 38.57 5.59 -12.74
C6 OD5 Z . 37.54 9.21 -19.09
C6 OD5 Z . 36.92 8.26 -14.66
C9 OD5 Z . 37.38 9.26 -16.33
C9 OD5 Z . 37.52 9.47 -17.06
C8 OD5 Z . 36.92 8.16 -17.05
C8 OD5 Z . 36.93 8.21 -17.04
C10 OD5 Z . 37.94 10.35 -17.02
C10 OD5 Z . 37.79 10.13 -15.86
C11 OD5 Z . 38.01 10.31 -18.40
C11 OD5 Z . 37.48 9.52 -14.65
O5 OD5 Z . 37.23 7.92 -21.32
O5 OD5 Z . 35.80 6.29 -13.36
S OD5 Z . 37.57 9.23 -20.85
S OD5 Z . 36.61 7.45 -13.12
O OD5 Z . 38.83 9.80 -21.27
O OD5 Z . 36.14 8.44 -12.19
O4 OD5 Z . 38.41 11.44 -16.39
O4 OD5 Z . 38.37 11.36 -15.84
O3 OD5 Z . 37.28 9.26 -14.97
O3 OD5 Z . 37.89 10.01 -18.25
C7 OD5 Z . 37.01 8.13 -18.42
C7 OD5 Z . 36.63 7.60 -15.84
C OD5 Z . 36.29 10.33 -21.32
C OD5 Z . 38.19 6.90 -12.56
O2 OD5 Z . 33.23 12.92 -22.27
O2 OD5 Z . 41.79 5.62 -11.04
O1 OD5 Z . 32.93 10.18 -22.65
O1 OD5 Z . 41.06 8.29 -10.86
C1 OD5 Z . 35.07 9.82 -21.70
C1 OD5 Z . 39.02 7.80 -11.91
H3 OD5 Z . 35.65 13.64 -21.53
H3 OD5 Z . 40.10 4.13 -12.42
H4 OD5 Z . 37.49 12.10 -21.02
H4 OD5 Z . 37.93 4.89 -13.27
H6 OD5 Z . 36.49 7.32 -16.50
H6 OD5 Z . 36.70 7.72 -17.98
H9 OD5 Z . 38.45 11.16 -18.95
H9 OD5 Z . 37.69 10.04 -13.71
H8 OD5 Z . 39.37 11.50 -16.63
H8 OD5 Z . 37.75 11.94 -15.33
H7 OD5 Z . 37.64 10.10 -14.60
H7 OD5 Z . 38.36 10.88 -18.11
H5 OD5 Z . 36.64 7.25 -18.95
H5 OD5 Z . 36.16 6.62 -15.85
H2 OD5 Z . 32.42 12.39 -22.52
H2 OD5 Z . 42.26 6.39 -10.61
H1 OD5 Z . 32.33 9.88 -21.92
H1 OD5 Z . 40.56 8.67 -10.09
H OD5 Z . 34.87 8.74 -21.74
H OD5 Z . 38.73 8.84 -11.76
P1 FBP AA . -38.58 22.42 55.50
O1P FBP AA . -37.29 21.71 55.83
O2P FBP AA . -39.66 21.69 56.33
O3P FBP AA . -38.53 23.91 55.58
O1 FBP AA . -38.92 22.10 53.94
C1 FBP AA . -38.00 22.39 52.88
C2 FBP AA . -38.40 21.49 51.68
O2 FBP AA . -37.63 21.90 50.57
C3 FBP AA . -39.91 21.51 51.41
O3 FBP AA . -40.31 22.64 50.64
C4 FBP AA . -40.09 20.18 50.72
O4 FBP AA . -41.43 19.75 50.74
C5 FBP AA . -39.22 19.27 51.58
O5 FBP AA . -38.12 20.11 51.98
C6 FBP AA . -38.73 18.02 50.91
O6 FBP AA . -38.64 16.95 51.87
P2 FBP AA . -38.90 15.43 51.41
O4P FBP AA . -37.78 15.03 50.53
O5P FBP AA . -38.96 14.56 52.67
O6P FBP AA . -40.23 15.40 50.69
C1 OXL BA . -25.19 -12.68 54.74
C2 OXL BA . -24.79 -13.72 53.61
O1 OXL BA . -24.84 -11.42 54.55
O2 OXL BA . -24.22 -13.32 52.62
O3 OXL BA . -25.79 -13.06 55.74
O4 OXL BA . -25.10 -14.97 53.78
MG MG CA . -26.54 -14.86 55.60
K K DA . -26.53 -11.75 60.75
P1 FBP EA . -39.50 40.91 32.95
O1P FBP EA . -38.50 41.90 32.45
O2P FBP EA . -40.73 40.85 32.02
O3P FBP EA . -40.06 41.12 34.37
O1 FBP EA . -38.79 39.49 33.02
C1 FBP EA . -39.51 38.28 33.34
C2 FBP EA . -38.69 37.11 32.76
O2 FBP EA . -39.27 35.91 33.22
C3 FBP EA . -37.20 37.22 33.15
O3 FBP EA . -36.93 36.73 34.46
C4 FBP EA . -36.56 36.40 32.05
O4 FBP EA . -35.17 36.69 31.91
C5 FBP EA . -37.34 36.89 30.83
O5 FBP EA . -38.67 37.14 31.33
C6 FBP EA . -37.37 35.93 29.67
O6 FBP EA . -37.41 36.70 28.44
P2 FBP EA . -36.71 36.08 27.11
O4P FBP EA . -35.28 35.72 27.50
O5P FBP EA . -36.76 37.19 26.07
O6P FBP EA . -37.50 34.86 26.70
C1 OXL FA . -43.35 29.84 -4.18
C2 OXL FA . -43.67 31.15 -3.30
O1 OXL FA . -42.55 29.96 -5.21
O2 OXL FA . -43.13 32.29 -3.70
O3 OXL FA . -43.83 28.79 -3.86
O4 OXL FA . -44.38 31.06 -2.29
MG MG GA . -41.58 32.10 -5.41
K K HA . -43.83 37.36 -3.51
C2 OD5 IA . -39.42 7.53 11.59
C2 OD5 IA . -39.63 7.56 11.50
C3 OD5 IA . -40.19 7.90 10.48
C3 OD5 IA . -40.49 8.34 10.72
C4 OD5 IA . -41.03 9.01 10.58
C4 OD5 IA . -40.73 7.99 9.40
C5 OD5 IA . -41.10 9.73 11.75
C5 OD5 IA . -40.15 6.86 8.85
C6 OD5 IA . -39.43 11.68 14.03
C6 OD5 IA . -39.93 3.42 9.03
C9 OD5 IA . -37.79 13.76 13.24
C9 OD5 IA . -42.06 1.65 9.12
C8 OD5 IA . -37.29 12.76 14.08
C8 OD5 IA . -40.98 1.51 10.00
C10 OD5 IA . -39.10 13.70 12.80
C10 OD5 IA . -42.05 2.68 8.18
C11 OD5 IA . -39.94 12.68 13.22
C11 OD5 IA . -40.98 3.57 8.14
O5 OD5 IA . -41.77 10.71 14.52
O5 OD5 IA . -38.27 4.83 7.62
S OD5 IA . -40.42 10.26 14.35
S OD5 IA . -38.62 4.59 9.00
O OD5 IA . -39.79 9.49 15.38
O OD5 IA . -37.60 4.15 9.91
O4 OD5 IA . -39.55 14.54 11.83
O4 OD5 IA . -43.06 2.84 7.30
O3 OD5 IA . -37.03 14.85 12.95
O3 OD5 IA . -43.10 0.78 9.17
C7 OD5 IA . -38.11 11.72 14.47
C7 OD5 IA . -39.91 2.39 9.95
C OD5 IA . -40.34 9.34 12.85
C OD5 IA . -39.30 6.08 9.64
O2 OD5 IA . -40.13 7.17 9.33
O2 OD5 IA . -41.09 9.43 11.28
O1 OD5 IA . -38.57 6.46 11.52
O1 OD5 IA . -39.42 7.83 12.82
C1 OD5 IA . -39.50 8.24 12.77
C1 OD5 IA . -39.04 6.44 10.95
H3 OD5 IA . -41.64 9.33 9.73
H3 OD5 IA . -41.38 8.60 8.76
H4 OD5 IA . -41.76 10.60 11.82
H4 OD5 IA . -40.35 6.59 7.82
H6 OD5 IA . -36.26 12.81 14.42
H6 OD5 IA . -40.99 0.68 10.72
H9 OD5 IA . -40.98 12.68 12.92
H9 OD5 IA . -40.98 4.38 7.41
H8 OD5 IA . -39.74 15.40 12.28
H8 OD5 IA . -42.89 2.18 6.58
H7 OD5 IA . -37.56 15.50 12.42
H7 OD5 IA . -43.77 1.03 8.48
H5 OD5 IA . -37.71 10.94 15.12
H5 OD5 IA . -39.09 2.26 10.66
H2 OD5 IA . -40.74 7.57 8.65
H2 OD5 IA . -41.69 9.87 10.61
H1 OD5 IA . -37.65 6.81 11.64
H1 OD5 IA . -39.91 7.14 13.34
H OD5 IA . -38.89 7.92 13.61
H OD5 IA . -38.36 5.86 11.58
C2 OD5 JA . -24.62 -4.24 28.94
C2 OD5 JA . -24.70 -3.47 29.52
C3 OD5 JA . -25.25 -2.98 28.80
C3 OD5 JA . -25.20 -3.76 28.25
C4 OD5 JA . -25.96 -2.70 27.64
C4 OD5 JA . -25.98 -2.83 27.57
C5 OD5 JA . -26.05 -3.63 26.62
C5 OD5 JA . -26.27 -1.62 28.16
C6 OD5 JA . -23.85 -5.87 24.68
C6 OD5 JA . -27.39 -0.22 31.43
C9 OD5 JA . -21.33 -5.58 23.58
C9 OD5 JA . -29.26 -1.05 33.30
C8 OD5 JA . -22.44 -4.99 22.98
C8 OD5 JA . -29.68 -0.46 32.12
C10 OD5 JA . -21.51 -6.33 24.74
C10 OD5 JA . -27.89 -1.22 33.56
C11 OD5 JA . -22.76 -6.49 25.29
C11 OD5 JA . -26.97 -0.79 32.62
O5 OD5 JA . -25.55 -7.33 26.00
O5 OD5 JA . -25.02 0.66 30.89
S OD5 JA . -25.44 -6.01 25.44
S OD5 JA . -26.20 0.19 30.22
O OD5 JA . -26.42 -5.58 24.48
O OD5 JA . -26.82 1.04 29.24
O4 OD5 JA . -20.44 -6.85 25.41
O4 OD5 JA . -27.45 -1.89 34.65
O3 OD5 JA . -20.11 -5.49 23.00
O3 OD5 JA . -30.18 -1.46 34.22
C7 OD5 JA . -23.69 -5.11 23.54
C7 OD5 JA . -28.75 -0.05 31.18
C OD5 JA . -25.41 -4.86 26.76
C OD5 JA . -25.78 -1.34 29.43
O2 OD5 JA . -25.13 -2.04 29.76
O2 OD5 JA . -24.95 -4.98 27.65
O1 OD5 JA . -23.93 -4.56 30.07
O1 OD5 JA . -23.92 -4.34 30.21
C1 OD5 JA . -24.71 -5.17 27.91
C1 OD5 JA . -25.00 -2.25 30.10
H3 OD5 JA . -26.45 -1.74 27.52
H3 OD5 JA . -26.36 -3.04 26.58
H4 OD5 JA . -26.61 -3.39 25.73
H4 OD5 JA . -26.88 -0.90 27.63
H6 OD5 JA . -22.30 -4.41 22.07
H6 OD5 JA . -30.74 -0.31 31.94
H9 OD5 JA . -22.90 -7.11 26.17
H9 OD5 JA . -25.90 -0.89 32.84
H8 OD5 JA . -20.01 -7.48 24.77
H8 OD5 JA . -27.05 -1.19 35.24
H7 OD5 JA . -19.44 -6.00 23.53
H7 OD5 JA . -29.72 -1.85 35.01
H5 OD5 JA . -24.53 -4.61 23.06
H5 OD5 JA . -29.10 0.40 30.25
H2 OD5 JA . -24.59 -2.40 30.52
H2 OD5 JA . -24.38 -5.52 28.26
H1 OD5 JA . -24.45 -5.26 30.53
H1 OD5 JA . -23.06 -4.41 29.73
H OD5 JA . -24.22 -6.13 28.04
H OD5 JA . -24.59 -2.02 31.10
P1 FBP KA . -13.58 -29.00 0.68
O1P FBP KA . -12.27 -28.77 -0.04
O2P FBP KA . -13.31 -29.31 2.14
O3P FBP KA . -14.47 -30.05 -0.07
O1 FBP KA . -14.34 -27.62 0.73
C1 FBP KA . -15.65 -27.50 1.31
C2 FBP KA . -15.83 -26.02 1.64
O2 FBP KA . -17.16 -25.87 2.07
C3 FBP KA . -15.49 -25.11 0.45
O3 FBP KA . -16.44 -25.12 -0.63
C4 FBP KA . -15.20 -23.81 1.16
O4 FBP KA . -14.42 -22.91 0.38
C5 FBP KA . -14.36 -24.31 2.33
O5 FBP KA . -14.92 -25.60 2.67
C6 FBP KA . -14.39 -23.38 3.52
O6 FBP KA . -13.12 -23.50 4.22
P2 FBP KA . -12.48 -22.18 4.88
O4P FBP KA . -11.10 -22.54 5.33
O5P FBP KA . -13.32 -21.82 6.09
O6P FBP KA . -12.45 -21.09 3.84
C1 OXL LA . -0.24 -12.91 33.64
C2 OXL LA . 0.19 -14.12 32.72
O1 OXL LA . 0.66 -12.04 33.97
O2 OXL LA . 1.38 -14.23 32.38
O3 OXL LA . -1.41 -12.82 34.00
O4 OXL LA . -0.74 -14.98 32.36
MG MG MA . 2.44 -12.42 32.82
K K NA . 4.78 -17.53 30.73
P1 FBP OA . -39.32 -25.93 -9.83
O1P FBP OA . -38.16 -26.63 -10.51
O2P FBP OA . -39.74 -24.70 -10.58
O3P FBP OA . -40.47 -26.88 -9.62
O1 FBP OA . -38.83 -25.48 -8.45
C1 FBP OA . -37.77 -24.53 -8.25
C2 FBP OA . -37.99 -23.93 -6.83
O2 FBP OA . -36.84 -23.19 -6.54
C3 FBP OA . -38.25 -25.01 -5.76
O3 FBP OA . -37.07 -25.64 -5.28
C4 FBP OA . -38.91 -24.20 -4.69
O4 FBP OA . -39.62 -25.03 -3.79
C5 FBP OA . -39.86 -23.36 -5.53
O5 FBP OA . -39.15 -23.08 -6.74
C6 FBP OA . -40.32 -22.08 -4.87
O6 FBP OA . -41.68 -21.79 -5.27
P2 FBP OA . -42.68 -21.05 -4.25
O4P FBP OA . -42.15 -19.62 -4.10
O5P FBP OA . -42.75 -21.71 -2.93
O6P FBP OA . -43.99 -21.01 -4.98
C1 OXL PA . -62.23 3.58 -5.12
C2 OXL PA . -62.32 4.79 -4.09
O1 OXL PA . -61.14 3.33 -5.68
O2 OXL PA . -61.22 5.44 -3.87
O3 OXL PA . -63.35 2.88 -5.35
O4 OXL PA . -63.37 5.06 -3.54
MG MG QA . -64.74 3.52 -3.81
K K RA . -65.26 0.08 -8.82
#